data_7Q4L
#
_entry.id   7Q4L
#
_cell.length_a   1.000
_cell.length_b   1.000
_cell.length_c   1.000
_cell.angle_alpha   90.00
_cell.angle_beta   90.00
_cell.angle_gamma   90.00
#
_symmetry.space_group_name_H-M   'P 1'
#
loop_
_entity.id
_entity.type
_entity.pdbx_description
1 polymer 'Dead end protein homolog 1'
2 polymer "RNA (5'-R(*CP*UP*UP*AP*UP*UP*UP*G)-3')"
#
loop_
_entity_poly.entity_id
_entity_poly.type
_entity_poly.pdbx_seq_one_letter_code
_entity_poly.pdbx_strand_id
1 'polypeptide(L)'
;GAMERVNPENKAALEAWVRETGIRLVQVNGQRKYGGPPPGWVGSPPPAGSEVFIGRLPQDVYEHQLIPLFQRVGRLYEFR
LMMTFSGLNRGFAYARYSSRRGAQAAIATLHNHPLRPSCPLLVCRSTEKCELSVDGLPPNLTRSALLLALQPLGPGLQEA
RLLPSPGPAPGQIALLKFSSHRAAAMAKKALVEGQSHLCGEQVAVEWLKPDLKQRLRQQLVGPFLRS
;
A
2 'polyribonucleotide' CUUAUUUG B
#
loop_
_chem_comp.id
_chem_comp.type
_chem_comp.name
_chem_comp.formula
A RNA linking ADENOSINE-5'-MONOPHOSPHATE 'C10 H14 N5 O7 P'
C RNA linking CYTIDINE-5'-MONOPHOSPHATE 'C9 H14 N3 O8 P'
G RNA linking GUANOSINE-5'-MONOPHOSPHATE 'C10 H14 N5 O8 P'
U RNA linking URIDINE-5'-MONOPHOSPHATE 'C9 H13 N2 O9 P'
#
# COMPACT_ATOMS: atom_id res chain seq x y z
N GLY A 1 -34.67 -22.93 -11.79
CA GLY A 1 -34.72 -21.56 -11.25
C GLY A 1 -33.39 -20.84 -11.42
N ALA A 2 -33.15 -19.82 -10.61
CA ALA A 2 -31.93 -19.01 -10.67
C ALA A 2 -31.69 -18.49 -12.09
N MET A 3 -30.42 -18.22 -12.42
CA MET A 3 -30.02 -17.59 -13.67
C MET A 3 -30.58 -16.16 -13.77
N GLU A 4 -31.20 -15.70 -12.69
CA GLU A 4 -31.75 -14.36 -12.59
C GLU A 4 -31.59 -13.84 -11.16
N ARG A 5 -30.73 -14.51 -10.39
CA ARG A 5 -30.47 -14.20 -8.98
C ARG A 5 -28.98 -14.29 -8.69
N VAL A 6 -28.57 -13.78 -7.52
CA VAL A 6 -27.19 -13.81 -7.08
C VAL A 6 -26.74 -15.24 -6.78
N ASN A 7 -25.42 -15.43 -6.66
CA ASN A 7 -24.84 -16.74 -6.40
C ASN A 7 -24.04 -16.70 -5.09
N PRO A 8 -24.70 -17.01 -3.97
CA PRO A 8 -24.08 -16.97 -2.65
C PRO A 8 -23.08 -18.11 -2.47
N GLU A 9 -23.17 -19.14 -3.32
CA GLU A 9 -22.24 -20.26 -3.29
C GLU A 9 -20.78 -19.79 -3.43
N ASN A 10 -20.56 -18.63 -4.04
CA ASN A 10 -19.22 -18.09 -4.21
C ASN A 10 -18.65 -17.61 -2.87
N LYS A 11 -19.36 -16.69 -2.20
CA LYS A 11 -18.93 -16.19 -0.90
C LYS A 11 -19.02 -17.29 0.15
N ALA A 12 -19.88 -18.29 -0.06
CA ALA A 12 -19.96 -19.43 0.83
C ALA A 12 -18.77 -20.37 0.63
N ALA A 13 -18.21 -20.40 -0.59
CA ALA A 13 -17.10 -21.30 -0.88
C ALA A 13 -15.84 -20.88 -0.12
N LEU A 14 -15.55 -19.57 -0.08
CA LEU A 14 -14.39 -19.08 0.65
C LEU A 14 -14.62 -19.20 2.16
N GLU A 15 -15.88 -19.15 2.62
CA GLU A 15 -16.16 -19.32 4.04
C GLU A 15 -15.80 -20.74 4.46
N ALA A 16 -16.22 -21.73 3.66
CA ALA A 16 -15.85 -23.12 3.87
C ALA A 16 -14.33 -23.32 3.78
N TRP A 17 -13.60 -22.41 3.12
CA TRP A 17 -12.16 -22.51 3.04
C TRP A 17 -11.45 -21.88 4.22
N VAL A 18 -11.73 -20.61 4.53
CA VAL A 18 -11.07 -19.96 5.66
C VAL A 18 -11.22 -20.76 6.94
N ARG A 19 -12.30 -21.54 7.07
CA ARG A 19 -12.54 -22.32 8.27
C ARG A 19 -11.62 -23.53 8.33
N GLU A 20 -11.15 -24.00 7.17
CA GLU A 20 -10.34 -25.21 7.11
C GLU A 20 -8.85 -24.88 7.30
N THR A 21 -8.50 -23.60 7.23
CA THR A 21 -7.12 -23.15 7.46
C THR A 21 -7.08 -22.40 8.80
N GLY A 22 -8.23 -21.89 9.27
CA GLY A 22 -8.32 -21.22 10.56
C GLY A 22 -7.92 -19.75 10.45
N ILE A 23 -7.97 -19.18 9.24
CA ILE A 23 -7.55 -17.80 9.02
C ILE A 23 -8.65 -16.84 9.44
N ARG A 24 -9.91 -17.23 9.23
CA ARG A 24 -11.09 -16.43 9.55
C ARG A 24 -10.91 -14.95 9.15
N LEU A 25 -11.24 -14.65 7.89
CA LEU A 25 -11.06 -13.31 7.33
C LEU A 25 -11.62 -12.26 8.27
N VAL A 26 -10.79 -11.28 8.65
CA VAL A 26 -11.24 -10.20 9.52
C VAL A 26 -11.91 -9.13 8.68
N GLN A 27 -13.17 -8.82 9.02
CA GLN A 27 -13.94 -7.82 8.31
C GLN A 27 -13.53 -6.40 8.76
N VAL A 28 -13.65 -5.45 7.83
CA VAL A 28 -13.38 -4.05 8.10
C VAL A 28 -14.51 -3.18 7.57
N ASN A 29 -15.61 -3.10 8.34
CA ASN A 29 -16.83 -2.41 7.93
C ASN A 29 -17.42 -2.95 6.63
N GLY A 30 -16.87 -4.05 6.10
CA GLY A 30 -17.35 -4.65 4.86
C GLY A 30 -16.19 -5.14 3.99
N GLN A 31 -15.00 -4.59 4.20
CA GLN A 31 -13.80 -5.06 3.50
C GLN A 31 -13.35 -6.37 4.15
N ARG A 32 -12.31 -7.01 3.60
CA ARG A 32 -11.83 -8.28 4.12
C ARG A 32 -10.33 -8.41 3.95
N LYS A 33 -9.67 -9.04 4.93
CA LYS A 33 -8.24 -9.28 4.87
C LYS A 33 -7.87 -10.66 5.42
N TYR A 34 -6.90 -11.30 4.74
CA TYR A 34 -6.41 -12.63 5.11
C TYR A 34 -5.12 -12.61 5.92
N GLY A 35 -4.97 -13.55 6.86
CA GLY A 35 -3.78 -13.64 7.68
C GLY A 35 -3.66 -14.99 8.38
N GLY A 36 -2.62 -15.15 9.20
CA GLY A 36 -2.38 -16.40 9.91
C GLY A 36 -2.13 -17.54 8.91
N PRO A 37 -1.07 -17.39 8.08
CA PRO A 37 -0.77 -18.33 7.02
C PRO A 37 -0.45 -19.72 7.58
N PRO A 38 -0.54 -20.76 6.73
CA PRO A 38 -0.38 -22.15 7.13
C PRO A 38 1.05 -22.44 7.62
N PRO A 39 1.22 -23.53 8.38
CA PRO A 39 2.50 -23.96 8.92
C PRO A 39 3.44 -24.42 7.80
N GLY A 40 4.65 -24.81 8.19
CA GLY A 40 5.67 -25.24 7.24
C GLY A 40 6.80 -24.21 7.12
N TRP A 41 6.61 -23.05 7.77
CA TRP A 41 7.62 -22.00 7.80
C TRP A 41 7.42 -21.11 9.03
N VAL A 42 8.51 -20.46 9.47
CA VAL A 42 8.49 -19.59 10.64
C VAL A 42 9.39 -18.38 10.42
N GLY A 43 8.89 -17.20 10.77
CA GLY A 43 9.66 -15.97 10.64
C GLY A 43 8.73 -14.77 10.48
N SER A 44 9.29 -13.64 10.07
CA SER A 44 8.54 -12.43 9.80
C SER A 44 9.28 -11.59 8.76
N PRO A 45 8.56 -10.92 7.84
CA PRO A 45 9.16 -10.15 6.77
C PRO A 45 10.15 -9.11 7.30
N PRO A 46 11.42 -9.19 6.90
CA PRO A 46 12.44 -8.21 7.22
C PRO A 46 12.24 -6.97 6.35
N PRO A 47 12.99 -5.88 6.63
CA PRO A 47 13.02 -4.70 5.78
C PRO A 47 13.36 -5.10 4.35
N ALA A 48 12.36 -5.09 3.46
CA ALA A 48 12.50 -5.59 2.11
C ALA A 48 11.38 -5.05 1.22
N GLY A 49 11.58 -5.13 -0.10
CA GLY A 49 10.58 -4.72 -1.08
C GLY A 49 9.52 -5.80 -1.26
N SER A 50 9.16 -6.48 -0.16
CA SER A 50 8.26 -7.63 -0.21
C SER A 50 6.80 -7.24 -0.39
N GLU A 51 6.52 -6.02 -0.83
CA GLU A 51 5.15 -5.54 -0.99
C GLU A 51 4.71 -5.72 -2.44
N VAL A 52 3.46 -6.17 -2.64
CA VAL A 52 2.95 -6.42 -3.99
C VAL A 52 1.46 -6.08 -4.05
N PHE A 53 1.03 -5.50 -5.18
CA PHE A 53 -0.35 -5.07 -5.38
C PHE A 53 -0.92 -5.34 -6.75
N ILE A 54 -1.97 -6.17 -6.83
CA ILE A 54 -2.69 -6.37 -8.08
C ILE A 54 -3.77 -5.31 -8.27
N GLY A 55 -4.18 -5.07 -9.52
CA GLY A 55 -5.20 -4.09 -9.84
C GLY A 55 -5.86 -4.40 -11.18
N ARG A 56 -6.93 -3.65 -11.52
CA ARG A 56 -7.72 -3.87 -12.73
C ARG A 56 -8.30 -5.29 -12.79
N LEU A 57 -8.56 -5.88 -11.61
CA LEU A 57 -9.12 -7.21 -11.52
C LEU A 57 -10.64 -7.15 -11.74
N PRO A 58 -11.28 -8.30 -11.95
CA PRO A 58 -12.74 -8.37 -12.03
C PRO A 58 -13.37 -7.89 -10.73
N GLN A 59 -14.58 -7.33 -10.83
CA GLN A 59 -15.30 -6.83 -9.67
C GLN A 59 -16.05 -7.97 -8.96
N ASP A 60 -15.99 -9.19 -9.51
CA ASP A 60 -16.74 -10.32 -8.97
C ASP A 60 -15.84 -11.45 -8.48
N VAL A 61 -14.53 -11.36 -8.68
CA VAL A 61 -13.59 -12.37 -8.22
C VAL A 61 -13.37 -12.31 -6.71
N TYR A 62 -13.22 -13.47 -6.07
CA TYR A 62 -12.91 -13.54 -4.65
C TYR A 62 -11.47 -13.94 -4.34
N GLU A 63 -10.97 -13.44 -3.21
CA GLU A 63 -9.70 -13.86 -2.64
C GLU A 63 -9.48 -15.38 -2.65
N HIS A 64 -10.52 -16.22 -2.81
CA HIS A 64 -10.28 -17.66 -2.89
C HIS A 64 -9.58 -18.01 -4.21
N GLN A 65 -9.34 -16.98 -5.04
CA GLN A 65 -8.63 -17.13 -6.30
C GLN A 65 -7.33 -16.33 -6.26
N LEU A 66 -7.40 -15.11 -5.73
CA LEU A 66 -6.24 -14.23 -5.69
C LEU A 66 -5.25 -14.71 -4.63
N ILE A 67 -5.73 -15.29 -3.53
CA ILE A 67 -4.84 -15.63 -2.45
C ILE A 67 -3.95 -16.83 -2.80
N PRO A 68 -4.51 -17.95 -3.28
CA PRO A 68 -3.72 -19.09 -3.72
C PRO A 68 -2.75 -18.71 -4.83
N LEU A 69 -3.17 -17.77 -5.69
CA LEU A 69 -2.33 -17.24 -6.75
C LEU A 69 -1.12 -16.51 -6.17
N PHE A 70 -1.25 -16.03 -4.93
CA PHE A 70 -0.12 -15.46 -4.20
C PHE A 70 0.72 -16.49 -3.45
N GLN A 71 0.08 -17.53 -2.93
CA GLN A 71 0.78 -18.54 -2.14
C GLN A 71 1.57 -19.48 -3.02
N ARG A 72 1.40 -19.39 -4.35
CA ARG A 72 2.12 -20.24 -5.28
C ARG A 72 3.40 -19.59 -5.78
N VAL A 73 3.42 -18.26 -5.91
CA VAL A 73 4.62 -17.54 -6.35
C VAL A 73 5.57 -17.28 -5.19
N GLY A 74 5.05 -17.29 -3.96
CA GLY A 74 5.87 -17.08 -2.77
C GLY A 74 5.08 -17.22 -1.48
N ARG A 75 5.81 -17.22 -0.35
CA ARG A 75 5.20 -17.29 0.97
C ARG A 75 4.43 -16.01 1.26
N LEU A 76 3.11 -16.13 1.45
CA LEU A 76 2.26 -15.02 1.80
C LEU A 76 2.34 -14.77 3.30
N TYR A 77 2.56 -13.52 3.72
CA TYR A 77 2.47 -13.16 5.12
C TYR A 77 1.12 -12.55 5.50
N GLU A 78 0.57 -11.70 4.63
CA GLU A 78 -0.76 -11.13 4.82
C GLU A 78 -1.29 -10.56 3.52
N PHE A 79 -2.49 -11.00 3.11
CA PHE A 79 -3.16 -10.48 1.91
C PHE A 79 -4.34 -9.62 2.38
N ARG A 80 -4.75 -8.64 1.56
CA ARG A 80 -5.92 -7.83 1.84
C ARG A 80 -6.66 -7.51 0.54
N LEU A 81 -7.99 -7.40 0.60
CA LEU A 81 -8.81 -7.24 -0.60
C LEU A 81 -9.98 -6.31 -0.34
N MET A 82 -10.10 -5.25 -1.14
CA MET A 82 -11.09 -4.21 -0.92
C MET A 82 -11.96 -3.92 -2.14
N MET A 83 -13.16 -3.41 -1.85
CA MET A 83 -14.20 -3.03 -2.82
C MET A 83 -14.94 -1.78 -2.34
N THR A 84 -15.77 -1.22 -3.22
CA THR A 84 -16.58 -0.04 -2.91
C THR A 84 -18.06 -0.25 -3.20
N PHE A 85 -18.90 0.72 -2.80
CA PHE A 85 -20.33 0.58 -2.96
C PHE A 85 -20.99 1.89 -3.41
N SER A 86 -20.19 2.80 -3.97
CA SER A 86 -20.70 4.07 -4.48
C SER A 86 -21.53 3.87 -5.75
N GLY A 87 -21.51 2.65 -6.31
CA GLY A 87 -22.30 2.31 -7.48
C GLY A 87 -21.95 0.93 -8.02
N LEU A 88 -20.70 0.49 -7.79
CA LEU A 88 -20.24 -0.84 -8.17
C LEU A 88 -18.98 -1.19 -7.38
N ASN A 89 -18.77 -2.48 -7.13
CA ASN A 89 -17.59 -2.97 -6.46
C ASN A 89 -16.36 -2.69 -7.30
N ARG A 90 -15.25 -2.34 -6.63
CA ARG A 90 -13.95 -2.25 -7.27
C ARG A 90 -13.30 -3.62 -7.27
N GLY A 91 -12.08 -3.70 -7.81
CA GLY A 91 -11.30 -4.92 -7.74
C GLY A 91 -9.83 -4.58 -7.60
N PHE A 92 -9.34 -4.46 -6.36
CA PHE A 92 -7.91 -4.24 -6.14
C PHE A 92 -7.54 -4.84 -4.79
N ALA A 93 -6.30 -5.30 -4.68
CA ALA A 93 -5.81 -5.94 -3.49
C ALA A 93 -4.28 -5.89 -3.44
N TYR A 94 -3.70 -6.22 -2.29
CA TYR A 94 -2.26 -6.24 -2.13
C TYR A 94 -1.90 -7.30 -1.10
N ALA A 95 -0.61 -7.61 -1.02
CA ALA A 95 -0.10 -8.61 -0.11
C ALA A 95 1.36 -8.34 0.23
N ARG A 96 1.80 -8.82 1.39
CA ARG A 96 3.19 -8.74 1.77
C ARG A 96 3.77 -10.15 1.82
N TYR A 97 4.93 -10.34 1.17
CA TYR A 97 5.61 -11.61 1.13
C TYR A 97 6.64 -11.79 2.24
N SER A 98 6.99 -13.03 2.57
CA SER A 98 8.03 -13.31 3.55
C SER A 98 9.34 -12.61 3.18
N SER A 99 9.57 -12.39 1.90
CA SER A 99 10.75 -11.69 1.41
C SER A 99 10.52 -11.07 0.04
N ARG A 100 11.41 -10.17 -0.37
CA ARG A 100 11.30 -9.47 -1.64
C ARG A 100 11.40 -10.45 -2.81
N ARG A 101 12.13 -11.55 -2.64
CA ARG A 101 12.27 -12.53 -3.72
C ARG A 101 10.91 -13.16 -4.06
N GLY A 102 10.01 -13.24 -3.09
CA GLY A 102 8.66 -13.74 -3.32
C GLY A 102 7.82 -12.67 -4.02
N ALA A 103 8.05 -11.41 -3.64
CA ALA A 103 7.33 -10.29 -4.22
C ALA A 103 7.76 -10.04 -5.66
N GLN A 104 9.04 -10.26 -5.96
CA GLN A 104 9.57 -10.05 -7.30
C GLN A 104 9.06 -11.12 -8.26
N ALA A 105 8.91 -12.34 -7.76
CA ALA A 105 8.35 -13.43 -8.55
C ALA A 105 6.86 -13.18 -8.78
N ALA A 106 6.15 -12.69 -7.76
CA ALA A 106 4.71 -12.49 -7.84
C ALA A 106 4.37 -11.55 -8.99
N ILE A 107 4.93 -10.35 -9.02
CA ILE A 107 4.68 -9.41 -10.12
C ILE A 107 5.06 -10.03 -11.45
N ALA A 108 6.27 -10.59 -11.56
CA ALA A 108 6.75 -11.16 -12.80
C ALA A 108 5.92 -12.38 -13.25
N THR A 109 4.96 -12.80 -12.44
CA THR A 109 4.17 -14.00 -12.71
C THR A 109 2.68 -13.65 -12.84
N LEU A 110 2.19 -12.72 -12.01
CA LEU A 110 0.78 -12.38 -11.99
C LEU A 110 0.48 -11.27 -12.98
N HIS A 111 1.40 -10.32 -13.17
CA HIS A 111 1.24 -9.29 -14.17
C HIS A 111 1.13 -9.92 -15.56
N ASN A 112 1.93 -10.95 -15.82
CA ASN A 112 1.85 -11.72 -17.05
C ASN A 112 0.74 -12.80 -17.00
N HIS A 113 -0.22 -12.68 -16.07
CA HIS A 113 -1.30 -13.66 -15.95
C HIS A 113 -2.64 -13.08 -16.40
N PRO A 114 -3.09 -13.46 -17.60
CA PRO A 114 -4.38 -13.07 -18.14
C PRO A 114 -5.48 -13.92 -17.53
N LEU A 115 -5.92 -13.56 -16.32
CA LEU A 115 -7.03 -14.25 -15.65
C LEU A 115 -8.24 -14.36 -16.58
N ARG A 116 -8.43 -13.39 -17.49
CA ARG A 116 -9.50 -13.42 -18.47
C ARG A 116 -9.02 -12.76 -19.77
N PRO A 117 -9.66 -13.07 -20.91
CA PRO A 117 -9.36 -12.48 -22.20
C PRO A 117 -9.59 -10.96 -22.21
N SER A 118 -10.11 -10.41 -21.12
CA SER A 118 -10.41 -8.99 -21.00
C SER A 118 -9.94 -8.45 -19.66
N CYS A 119 -8.91 -9.08 -19.07
CA CYS A 119 -8.39 -8.68 -17.78
C CYS A 119 -6.87 -8.85 -17.77
N PRO A 120 -6.14 -7.86 -18.30
CA PRO A 120 -4.69 -7.78 -18.23
C PRO A 120 -4.26 -7.44 -16.80
N LEU A 121 -4.46 -8.39 -15.89
CA LEU A 121 -4.13 -8.24 -14.48
C LEU A 121 -2.83 -7.44 -14.26
N LEU A 122 -2.97 -6.20 -13.81
CA LEU A 122 -1.85 -5.32 -13.52
C LEU A 122 -1.30 -5.59 -12.11
N VAL A 123 0.02 -5.54 -11.93
CA VAL A 123 0.62 -5.65 -10.60
C VAL A 123 1.68 -4.57 -10.35
N CYS A 124 2.09 -4.40 -9.09
CA CYS A 124 3.05 -3.36 -8.71
C CYS A 124 3.69 -3.69 -7.36
N ARG A 125 4.65 -2.85 -6.93
CA ARG A 125 5.38 -3.07 -5.69
C ARG A 125 5.87 -1.73 -5.14
N SER A 126 6.72 -1.79 -4.10
CA SER A 126 7.42 -0.62 -3.55
C SER A 126 6.52 0.41 -2.86
N THR A 127 5.20 0.21 -2.88
CA THR A 127 4.29 1.05 -2.12
C THR A 127 4.19 0.63 -0.64
N GLU A 128 5.32 0.70 0.07
CA GLU A 128 5.48 0.14 1.40
C GLU A 128 4.60 0.82 2.46
N LYS A 129 4.02 1.98 2.14
CA LYS A 129 3.29 2.82 3.09
C LYS A 129 4.15 3.32 4.27
N CYS A 130 5.30 2.68 4.51
CA CYS A 130 6.18 3.06 5.60
C CYS A 130 6.63 4.52 5.52
N GLU A 131 6.48 5.15 4.35
CA GLU A 131 6.95 6.50 4.15
C GLU A 131 5.89 7.34 3.44
N LEU A 132 5.89 8.63 3.75
CA LEU A 132 4.91 9.57 3.24
C LEU A 132 5.65 10.62 2.41
N SER A 133 4.97 11.26 1.45
CA SER A 133 5.58 12.28 0.62
C SER A 133 4.69 13.51 0.54
N VAL A 134 5.29 14.70 0.48
CA VAL A 134 4.55 15.95 0.40
C VAL A 134 5.12 16.84 -0.69
N ASP A 135 4.35 17.82 -1.19
CA ASP A 135 4.76 18.66 -2.29
C ASP A 135 4.12 20.04 -2.13
N GLY A 136 4.72 21.06 -2.74
CA GLY A 136 4.25 22.44 -2.62
C GLY A 136 4.80 23.08 -1.34
N LEU A 137 4.29 22.63 -0.19
CA LEU A 137 4.71 23.08 1.12
C LEU A 137 4.53 24.60 1.29
N PRO A 138 4.85 25.14 2.49
CA PRO A 138 4.90 26.57 2.78
C PRO A 138 5.98 27.28 1.94
N PRO A 139 5.97 28.62 1.94
CA PRO A 139 6.88 29.44 1.15
C PRO A 139 8.32 29.33 1.64
N ASN A 140 8.54 29.57 2.94
CA ASN A 140 9.87 29.67 3.51
C ASN A 140 9.92 29.05 4.90
N LEU A 141 8.80 28.51 5.37
CA LEU A 141 8.71 27.93 6.70
C LEU A 141 9.77 26.84 6.88
N THR A 142 10.30 26.71 8.10
CA THR A 142 11.35 25.74 8.40
C THR A 142 10.81 24.33 8.54
N ARG A 143 11.65 23.35 8.23
CA ARG A 143 11.29 21.95 8.31
C ARG A 143 10.78 21.57 9.70
N SER A 144 11.26 22.27 10.75
CA SER A 144 10.88 21.96 12.12
C SER A 144 9.40 22.23 12.36
N ALA A 145 8.86 23.29 11.74
CA ALA A 145 7.47 23.66 11.89
C ALA A 145 6.56 22.78 11.03
N LEU A 146 7.06 22.33 9.88
CA LEU A 146 6.33 21.39 9.04
C LEU A 146 5.92 20.16 9.85
N LEU A 147 6.87 19.54 10.56
CA LEU A 147 6.57 18.33 11.32
C LEU A 147 5.60 18.64 12.44
N LEU A 148 5.89 19.69 13.21
CA LEU A 148 5.06 20.10 14.33
C LEU A 148 3.63 20.33 13.87
N ALA A 149 3.45 20.97 12.71
CA ALA A 149 2.13 21.23 12.16
C ALA A 149 1.33 19.95 11.93
N LEU A 150 2.01 18.82 11.72
CA LEU A 150 1.33 17.54 11.51
C LEU A 150 1.66 16.51 12.59
N GLN A 151 2.36 16.93 13.67
CA GLN A 151 2.79 16.00 14.70
C GLN A 151 1.63 15.55 15.62
N PRO A 152 0.63 16.38 15.92
CA PRO A 152 -0.47 15.98 16.79
C PRO A 152 -1.42 15.04 16.06
N LEU A 153 -1.44 15.10 14.72
CA LEU A 153 -2.29 14.23 13.92
C LEU A 153 -1.51 13.02 13.41
N GLY A 154 -0.19 13.00 13.59
CA GLY A 154 0.64 11.87 13.21
C GLY A 154 1.81 11.70 14.17
N PRO A 155 1.53 11.34 15.44
CA PRO A 155 2.52 11.18 16.48
C PRO A 155 3.41 9.95 16.24
N GLY A 156 3.10 9.15 15.21
CA GLY A 156 3.86 7.96 14.88
C GLY A 156 5.11 8.29 14.05
N LEU A 157 5.31 9.56 13.73
CA LEU A 157 6.41 9.98 12.88
C LEU A 157 7.74 9.83 13.63
N GLN A 158 8.65 9.03 13.06
CA GLN A 158 9.96 8.79 13.66
C GLN A 158 10.97 9.83 13.17
N GLU A 159 10.91 10.18 11.88
CA GLU A 159 11.86 11.11 11.30
C GLU A 159 11.31 11.66 9.98
N ALA A 160 11.79 12.85 9.61
CA ALA A 160 11.40 13.46 8.35
C ALA A 160 12.52 14.38 7.83
N ARG A 161 12.62 14.49 6.51
CA ARG A 161 13.62 15.31 5.87
C ARG A 161 13.03 16.01 4.65
N LEU A 162 13.45 17.26 4.40
CA LEU A 162 12.92 18.03 3.28
C LEU A 162 14.08 18.53 2.43
N LEU A 163 14.15 18.04 1.18
CA LEU A 163 15.09 18.54 0.19
C LEU A 163 14.77 17.99 -1.22
N PRO A 164 14.99 16.69 -1.48
CA PRO A 164 15.00 16.12 -2.82
C PRO A 164 13.68 16.26 -3.58
N SER A 165 13.47 17.42 -4.21
CA SER A 165 12.27 17.66 -4.99
C SER A 165 12.24 16.73 -6.21
N PRO A 166 11.05 16.37 -6.70
CA PRO A 166 10.87 15.56 -7.88
C PRO A 166 11.40 16.30 -9.12
N GLY A 167 11.47 17.62 -9.06
CA GLY A 167 11.96 18.45 -10.16
C GLY A 167 10.92 18.56 -11.26
N PRO A 168 11.28 19.28 -12.32
CA PRO A 168 12.52 20.01 -12.48
C PRO A 168 12.50 21.31 -11.67
N ALA A 169 11.30 21.76 -11.31
CA ALA A 169 11.12 23.00 -10.56
C ALA A 169 11.49 22.80 -9.08
N PRO A 170 11.91 23.87 -8.40
CA PRO A 170 12.22 23.85 -6.98
C PRO A 170 10.94 23.76 -6.15
N GLY A 171 11.08 23.67 -4.82
CA GLY A 171 9.95 23.56 -3.91
C GLY A 171 10.16 22.45 -2.88
N GLN A 172 11.29 21.74 -2.97
CA GLN A 172 11.61 20.62 -2.09
C GLN A 172 10.53 19.53 -2.08
N ILE A 173 10.80 18.46 -1.34
CA ILE A 173 9.79 17.43 -1.05
C ILE A 173 9.98 16.99 0.40
N ALA A 174 8.88 16.65 1.10
CA ALA A 174 8.98 16.17 2.47
C ALA A 174 8.78 14.66 2.53
N LEU A 175 9.77 13.93 3.05
CA LEU A 175 9.67 12.48 3.15
C LEU A 175 9.66 12.04 4.62
N LEU A 176 8.45 11.69 5.11
CA LEU A 176 8.25 11.27 6.48
C LEU A 176 8.32 9.74 6.63
N LYS A 177 9.02 9.26 7.66
CA LYS A 177 9.00 7.85 8.03
C LYS A 177 8.19 7.62 9.29
N PHE A 178 7.03 6.97 9.16
CA PHE A 178 6.15 6.70 10.30
C PHE A 178 6.45 5.36 10.96
N SER A 179 5.81 5.10 12.11
CA SER A 179 6.01 3.85 12.85
C SER A 179 5.27 2.68 12.20
N SER A 180 4.24 2.97 11.38
CA SER A 180 3.42 1.93 10.76
C SER A 180 2.73 2.46 9.51
N HIS A 181 2.17 1.56 8.71
CA HIS A 181 1.41 1.95 7.52
C HIS A 181 0.28 2.88 7.94
N ARG A 182 -0.65 2.38 8.76
CA ARG A 182 -1.79 3.17 9.22
C ARG A 182 -1.34 4.46 9.87
N ALA A 183 -0.19 4.46 10.57
CA ALA A 183 0.29 5.68 11.22
C ALA A 183 0.50 6.79 10.18
N ALA A 184 1.09 6.45 9.04
CA ALA A 184 1.25 7.39 7.94
C ALA A 184 -0.11 7.71 7.33
N ALA A 185 -1.04 6.74 7.28
CA ALA A 185 -2.36 6.96 6.70
C ALA A 185 -3.21 7.89 7.56
N MET A 186 -3.07 7.84 8.89
CA MET A 186 -3.83 8.72 9.77
C MET A 186 -3.41 10.17 9.53
N ALA A 187 -2.10 10.39 9.37
CA ALA A 187 -1.59 11.72 9.08
C ALA A 187 -1.96 12.11 7.65
N LYS A 188 -1.74 11.20 6.71
CA LYS A 188 -2.01 11.44 5.29
C LYS A 188 -3.47 11.79 5.08
N LYS A 189 -4.37 11.07 5.76
CA LYS A 189 -5.80 11.29 5.63
C LYS A 189 -6.18 12.66 6.14
N ALA A 190 -5.56 13.12 7.22
CA ALA A 190 -5.91 14.41 7.78
C ALA A 190 -5.55 15.53 6.81
N LEU A 191 -4.49 15.34 6.01
CA LEU A 191 -4.02 16.36 5.11
C LEU A 191 -4.97 16.51 3.92
N VAL A 192 -5.48 15.38 3.41
CA VAL A 192 -6.42 15.39 2.31
C VAL A 192 -7.81 15.78 2.80
N GLU A 193 -8.08 15.53 4.09
CA GLU A 193 -9.34 15.94 4.72
C GLU A 193 -9.44 17.46 4.86
N GLY A 194 -8.31 18.16 4.91
CA GLY A 194 -8.32 19.62 4.92
C GLY A 194 -7.35 20.24 5.93
N GLN A 195 -6.33 19.49 6.38
CA GLN A 195 -5.30 20.04 7.25
C GLN A 195 -4.13 20.57 6.42
N SER A 196 -4.29 20.54 5.09
CA SER A 196 -3.31 21.07 4.14
C SER A 196 -3.33 22.60 4.15
N HIS A 197 -2.66 23.23 3.17
CA HIS A 197 -2.56 24.68 3.08
C HIS A 197 -1.91 25.27 4.33
N LEU A 198 -0.92 24.57 4.89
CA LEU A 198 -0.19 25.01 6.08
C LEU A 198 0.49 26.34 5.79
N CYS A 199 0.49 27.25 6.78
CA CYS A 199 1.02 28.60 6.64
C CYS A 199 0.28 29.38 5.54
N GLY A 200 -0.91 28.92 5.16
CA GLY A 200 -1.73 29.61 4.17
C GLY A 200 -1.19 29.42 2.75
N GLU A 201 -0.25 28.48 2.57
CA GLU A 201 0.34 28.21 1.29
C GLU A 201 -0.38 27.02 0.67
N GLN A 202 0.36 26.06 0.11
CA GLN A 202 -0.26 24.92 -0.54
C GLN A 202 0.50 23.64 -0.27
N VAL A 203 -0.20 22.52 -0.34
CA VAL A 203 0.38 21.21 -0.08
C VAL A 203 -0.33 20.20 -0.98
N ALA A 204 0.37 19.13 -1.35
CA ALA A 204 -0.24 17.98 -2.00
C ALA A 204 0.25 16.72 -1.32
N VAL A 205 -0.70 15.91 -0.85
CA VAL A 205 -0.38 14.69 -0.13
C VAL A 205 -0.39 13.46 -1.04
N GLU A 206 0.75 12.78 -1.13
CA GLU A 206 0.86 11.56 -1.93
C GLU A 206 1.91 10.62 -1.35
N TRP A 207 1.84 9.34 -1.70
CA TRP A 207 2.81 8.33 -1.24
C TRP A 207 4.04 8.30 -2.14
N LEU A 208 5.01 7.45 -1.79
CA LEU A 208 6.17 7.23 -2.64
C LEU A 208 5.75 6.55 -3.95
N LYS A 209 6.60 6.67 -4.97
CA LYS A 209 6.39 6.05 -6.28
C LYS A 209 7.70 5.43 -6.73
N PRO A 210 7.65 4.38 -7.56
CA PRO A 210 8.84 3.69 -8.01
C PRO A 210 9.69 4.59 -8.90
N ASP A 211 9.09 5.58 -9.54
CA ASP A 211 9.82 6.56 -10.35
C ASP A 211 10.27 7.76 -9.51
N LEU A 212 9.48 8.12 -8.49
CA LEU A 212 9.81 9.20 -7.58
C LEU A 212 11.02 8.80 -6.73
N LYS A 213 11.02 7.56 -6.25
CA LYS A 213 11.99 7.10 -5.28
C LYS A 213 13.39 7.00 -5.90
N GLN A 214 13.48 6.59 -7.17
CA GLN A 214 14.77 6.51 -7.84
C GLN A 214 15.33 7.92 -8.09
N ARG A 215 14.45 8.89 -8.36
CA ARG A 215 14.89 10.27 -8.56
C ARG A 215 15.28 10.90 -7.23
N LEU A 216 14.51 10.58 -6.19
CA LEU A 216 14.80 10.98 -4.83
C LEU A 216 16.19 10.48 -4.44
N ARG A 217 16.45 9.20 -4.72
CA ARG A 217 17.66 8.54 -4.28
C ARG A 217 18.88 9.02 -5.06
N GLN A 218 18.72 9.27 -6.37
CA GLN A 218 19.83 9.70 -7.21
C GLN A 218 20.41 11.04 -6.75
N GLN A 219 19.60 11.90 -6.15
CA GLN A 219 20.09 13.17 -5.63
C GLN A 219 20.34 13.11 -4.12
N LEU A 220 19.74 12.13 -3.43
CA LEU A 220 19.97 11.93 -2.00
C LEU A 220 21.36 11.31 -1.79
N VAL A 221 21.80 10.47 -2.73
CA VAL A 221 23.13 9.87 -2.68
C VAL A 221 24.18 10.97 -2.74
N GLY A 222 23.81 12.15 -3.23
CA GLY A 222 24.73 13.24 -3.44
C GLY A 222 25.49 13.60 -2.17
N PRO A 223 24.82 14.15 -1.16
CA PRO A 223 25.44 14.50 0.11
C PRO A 223 25.88 13.26 0.90
N PHE A 224 25.30 12.09 0.60
CA PHE A 224 25.61 10.87 1.32
C PHE A 224 26.84 10.10 0.84
N LEU A 225 27.41 10.48 -0.31
CA LEU A 225 28.58 9.81 -0.85
C LEU A 225 29.85 10.22 -0.09
N ARG A 226 29.72 11.20 0.81
CA ARG A 226 30.85 11.70 1.59
C ARG A 226 30.40 12.08 3.00
N SER A 227 31.37 12.39 3.86
CA SER A 227 31.10 12.86 5.22
C SER A 227 30.60 14.30 5.20
N GLY A 1 -21.24 -3.34 1.80
CA GLY A 1 -21.53 -4.19 0.63
C GLY A 1 -23.03 -4.37 0.45
N ALA A 2 -23.42 -5.16 -0.55
CA ALA A 2 -24.82 -5.44 -0.82
C ALA A 2 -25.43 -6.30 0.30
N MET A 3 -26.75 -6.23 0.47
CA MET A 3 -27.45 -6.99 1.49
C MET A 3 -27.58 -8.45 1.07
N GLU A 4 -27.68 -8.70 -0.24
CA GLU A 4 -27.80 -10.04 -0.79
C GLU A 4 -27.57 -9.98 -2.30
N ARG A 5 -26.91 -11.00 -2.83
CA ARG A 5 -26.65 -11.14 -4.26
C ARG A 5 -26.71 -12.61 -4.68
N VAL A 6 -26.79 -12.84 -5.98
CA VAL A 6 -26.84 -14.19 -6.55
C VAL A 6 -25.54 -14.95 -6.29
N ASN A 7 -25.61 -16.28 -6.47
CA ASN A 7 -24.46 -17.17 -6.30
C ASN A 7 -23.74 -16.94 -4.97
N PRO A 8 -24.46 -16.96 -3.84
CA PRO A 8 -23.89 -16.78 -2.52
C PRO A 8 -22.96 -17.94 -2.17
N GLU A 9 -23.09 -19.05 -2.89
CA GLU A 9 -22.23 -20.22 -2.71
C GLU A 9 -20.75 -19.85 -2.93
N ASN A 10 -20.48 -18.80 -3.69
CA ASN A 10 -19.11 -18.37 -3.94
C ASN A 10 -18.47 -17.83 -2.65
N LYS A 11 -19.12 -16.85 -2.01
CA LYS A 11 -18.62 -16.30 -0.76
C LYS A 11 -18.78 -17.32 0.38
N ALA A 12 -19.72 -18.25 0.24
CA ALA A 12 -19.86 -19.32 1.21
C ALA A 12 -18.71 -20.33 1.08
N ALA A 13 -18.14 -20.46 -0.11
CA ALA A 13 -17.04 -21.39 -0.33
C ALA A 13 -15.77 -20.91 0.37
N LEU A 14 -15.47 -19.60 0.29
CA LEU A 14 -14.30 -19.07 0.98
C LEU A 14 -14.52 -19.03 2.48
N GLU A 15 -15.76 -18.95 2.95
CA GLU A 15 -16.04 -18.99 4.38
C GLU A 15 -15.71 -20.38 4.93
N ALA A 16 -16.11 -21.42 4.19
CA ALA A 16 -15.74 -22.79 4.52
C ALA A 16 -14.23 -23.03 4.41
N TRP A 17 -13.51 -22.17 3.69
CA TRP A 17 -12.06 -22.28 3.60
C TRP A 17 -11.35 -21.58 4.74
N VAL A 18 -11.63 -20.30 4.98
CA VAL A 18 -10.97 -19.57 6.06
C VAL A 18 -11.14 -20.29 7.40
N ARG A 19 -12.22 -21.05 7.58
CA ARG A 19 -12.47 -21.76 8.82
C ARG A 19 -11.57 -22.98 8.95
N GLU A 20 -11.07 -23.52 7.83
CA GLU A 20 -10.26 -24.73 7.85
C GLU A 20 -8.77 -24.39 8.03
N THR A 21 -8.42 -23.12 7.87
CA THR A 21 -7.04 -22.66 8.09
C THR A 21 -7.03 -21.83 9.37
N GLY A 22 -8.17 -21.27 9.77
CA GLY A 22 -8.29 -20.52 11.02
C GLY A 22 -7.87 -19.06 10.84
N ILE A 23 -7.89 -18.56 9.60
CA ILE A 23 -7.47 -17.20 9.32
C ILE A 23 -8.57 -16.20 9.65
N ARG A 24 -9.82 -16.61 9.45
CA ARG A 24 -11.01 -15.78 9.70
C ARG A 24 -10.82 -14.35 9.19
N LEU A 25 -11.13 -14.13 7.91
CA LEU A 25 -10.95 -12.85 7.26
C LEU A 25 -11.52 -11.72 8.12
N VAL A 26 -10.71 -10.70 8.41
CA VAL A 26 -11.15 -9.57 9.21
C VAL A 26 -11.86 -8.57 8.29
N GLN A 27 -13.12 -8.28 8.61
CA GLN A 27 -13.89 -7.32 7.83
C GLN A 27 -13.49 -5.89 8.15
N VAL A 28 -13.56 -5.03 7.14
CA VAL A 28 -13.27 -3.60 7.29
C VAL A 28 -14.35 -2.77 6.59
N ASN A 29 -15.45 -2.52 7.30
CA ASN A 29 -16.59 -1.80 6.76
C ASN A 29 -17.19 -2.49 5.53
N GLY A 30 -16.86 -3.77 5.33
CA GLY A 30 -17.36 -4.56 4.21
C GLY A 30 -16.21 -5.09 3.35
N GLN A 31 -15.03 -4.48 3.45
CA GLN A 31 -13.83 -4.97 2.80
C GLN A 31 -13.32 -6.18 3.58
N ARG A 32 -12.25 -6.82 3.12
CA ARG A 32 -11.72 -8.00 3.81
C ARG A 32 -10.21 -8.14 3.61
N LYS A 33 -9.56 -8.73 4.61
CA LYS A 33 -8.12 -8.98 4.56
C LYS A 33 -7.76 -10.31 5.24
N TYR A 34 -6.79 -11.00 4.63
CA TYR A 34 -6.30 -12.29 5.13
C TYR A 34 -5.02 -12.18 5.95
N GLY A 35 -4.84 -13.08 6.92
CA GLY A 35 -3.64 -13.11 7.75
C GLY A 35 -3.58 -14.34 8.64
N GLY A 36 -2.58 -14.38 9.52
CA GLY A 36 -2.39 -15.48 10.45
C GLY A 36 -2.08 -16.76 9.69
N PRO A 37 -0.99 -16.78 8.92
CA PRO A 37 -0.62 -17.90 8.08
C PRO A 37 -0.32 -19.13 8.94
N PRO A 38 -0.49 -20.33 8.36
CA PRO A 38 -0.31 -21.59 9.07
C PRO A 38 1.16 -21.82 9.42
N PRO A 39 1.44 -22.75 10.35
CA PRO A 39 2.79 -23.13 10.75
C PRO A 39 3.60 -23.78 9.63
N GLY A 40 3.04 -23.83 8.41
CA GLY A 40 3.67 -24.48 7.27
C GLY A 40 4.91 -23.72 6.79
N TRP A 41 5.20 -22.55 7.37
CA TRP A 41 6.37 -21.77 7.02
C TRP A 41 6.88 -20.95 8.20
N VAL A 42 8.19 -20.71 8.21
CA VAL A 42 8.84 -19.88 9.23
C VAL A 42 10.17 -19.38 8.67
N GLY A 43 10.60 -18.18 9.09
CA GLY A 43 11.86 -17.63 8.65
C GLY A 43 12.06 -16.21 9.17
N SER A 44 13.22 -15.62 8.86
CA SER A 44 13.57 -14.26 9.27
C SER A 44 14.61 -13.68 8.30
N PRO A 45 14.21 -13.48 7.03
CA PRO A 45 15.09 -12.97 5.99
C PRO A 45 15.47 -11.51 6.25
N PRO A 46 16.49 -11.00 5.53
CA PRO A 46 16.93 -9.62 5.61
C PRO A 46 15.78 -8.64 5.29
N PRO A 47 15.97 -7.36 5.61
CA PRO A 47 14.97 -6.33 5.38
C PRO A 47 14.50 -6.29 3.94
N ALA A 48 13.23 -5.93 3.74
CA ALA A 48 12.61 -5.92 2.41
C ALA A 48 11.35 -5.06 2.44
N GLY A 49 10.97 -4.51 1.28
CA GLY A 49 9.72 -3.77 1.14
C GLY A 49 8.55 -4.76 1.05
N SER A 50 8.76 -5.87 0.33
CA SER A 50 7.81 -6.97 0.24
C SER A 50 6.40 -6.52 -0.18
N GLU A 51 6.29 -5.36 -0.83
CA GLU A 51 4.99 -4.79 -1.17
C GLU A 51 4.60 -5.17 -2.59
N VAL A 52 3.35 -5.60 -2.81
CA VAL A 52 2.87 -5.96 -4.14
C VAL A 52 1.38 -5.61 -4.25
N PHE A 53 0.98 -5.11 -5.43
CA PHE A 53 -0.39 -4.68 -5.68
C PHE A 53 -0.93 -5.06 -7.04
N ILE A 54 -1.97 -5.92 -7.09
CA ILE A 54 -2.67 -6.24 -8.33
C ILE A 54 -3.76 -5.22 -8.62
N GLY A 55 -4.18 -5.12 -9.88
CA GLY A 55 -5.23 -4.21 -10.31
C GLY A 55 -5.82 -4.62 -11.66
N ARG A 56 -6.88 -3.92 -12.09
CA ARG A 56 -7.60 -4.23 -13.33
C ARG A 56 -8.11 -5.68 -13.34
N LEU A 57 -8.43 -6.21 -12.16
CA LEU A 57 -8.93 -7.57 -12.03
C LEU A 57 -10.43 -7.63 -12.36
N PRO A 58 -10.97 -8.82 -12.63
CA PRO A 58 -12.39 -9.02 -12.80
C PRO A 58 -13.14 -8.56 -11.55
N GLN A 59 -14.32 -7.96 -11.74
CA GLN A 59 -15.10 -7.44 -10.62
C GLN A 59 -15.81 -8.56 -9.85
N ASP A 60 -15.78 -9.79 -10.39
CA ASP A 60 -16.47 -10.92 -9.76
C ASP A 60 -15.52 -11.87 -9.01
N VAL A 61 -14.20 -11.64 -9.12
CA VAL A 61 -13.22 -12.52 -8.49
C VAL A 61 -13.12 -12.30 -6.99
N TYR A 62 -13.02 -13.40 -6.22
CA TYR A 62 -12.88 -13.32 -4.77
C TYR A 62 -11.45 -13.44 -4.24
N GLU A 63 -11.34 -13.57 -2.92
CA GLU A 63 -10.05 -13.66 -2.26
C GLU A 63 -9.56 -15.11 -2.34
N HIS A 64 -10.47 -16.07 -2.54
CA HIS A 64 -10.09 -17.48 -2.65
C HIS A 64 -9.38 -17.75 -3.97
N GLN A 65 -9.17 -16.70 -4.78
CA GLN A 65 -8.49 -16.83 -6.06
C GLN A 65 -7.19 -16.04 -6.03
N LEU A 66 -7.26 -14.80 -5.57
CA LEU A 66 -6.10 -13.92 -5.53
C LEU A 66 -5.13 -14.34 -4.43
N ILE A 67 -5.64 -14.94 -3.35
CA ILE A 67 -4.78 -15.29 -2.24
C ILE A 67 -3.87 -16.48 -2.57
N PRO A 68 -4.39 -17.62 -3.04
CA PRO A 68 -3.55 -18.76 -3.37
C PRO A 68 -2.63 -18.44 -4.54
N LEU A 69 -3.07 -17.56 -5.44
CA LEU A 69 -2.25 -17.07 -6.54
C LEU A 69 -1.02 -16.33 -5.99
N PHE A 70 -1.15 -15.79 -4.77
CA PHE A 70 -0.03 -15.18 -4.06
C PHE A 70 0.81 -16.17 -3.25
N GLN A 71 0.17 -17.20 -2.71
CA GLN A 71 0.87 -18.18 -1.89
C GLN A 71 1.67 -19.17 -2.74
N ARG A 72 1.45 -19.15 -4.06
CA ARG A 72 2.18 -20.04 -4.95
C ARG A 72 3.47 -19.39 -5.46
N VAL A 73 3.45 -18.07 -5.68
CA VAL A 73 4.64 -17.36 -6.16
C VAL A 73 5.62 -17.06 -5.04
N GLY A 74 5.14 -17.00 -3.80
CA GLY A 74 5.98 -16.68 -2.67
C GLY A 74 5.40 -17.18 -1.36
N ARG A 75 4.99 -16.25 -0.50
CA ARG A 75 4.57 -16.53 0.85
C ARG A 75 3.87 -15.29 1.41
N LEU A 76 2.58 -15.42 1.73
CA LEU A 76 1.80 -14.29 2.21
C LEU A 76 2.03 -14.07 3.69
N TYR A 77 2.38 -12.83 4.07
CA TYR A 77 2.36 -12.41 5.46
C TYR A 77 1.00 -11.84 5.82
N GLU A 78 0.37 -11.14 4.86
CA GLU A 78 -1.01 -10.72 4.95
C GLU A 78 -1.50 -10.19 3.61
N PHE A 79 -2.71 -10.61 3.20
CA PHE A 79 -3.35 -10.12 1.99
C PHE A 79 -4.48 -9.16 2.33
N ARG A 80 -4.81 -8.24 1.43
CA ARG A 80 -5.92 -7.31 1.62
C ARG A 80 -6.58 -6.97 0.29
N LEU A 81 -7.91 -6.80 0.30
CA LEU A 81 -8.68 -6.69 -0.93
C LEU A 81 -9.88 -5.77 -0.75
N MET A 82 -10.03 -4.79 -1.65
CA MET A 82 -11.10 -3.80 -1.56
C MET A 82 -11.94 -3.73 -2.84
N MET A 83 -13.17 -3.24 -2.66
CA MET A 83 -14.15 -3.09 -3.74
C MET A 83 -15.27 -2.15 -3.29
N THR A 84 -16.03 -1.60 -4.26
CA THR A 84 -17.09 -0.63 -3.98
C THR A 84 -18.45 -1.09 -4.47
N PHE A 85 -19.49 -0.35 -4.08
CA PHE A 85 -20.88 -0.78 -4.27
C PHE A 85 -21.66 0.46 -4.70
N SER A 86 -22.99 0.34 -4.80
CA SER A 86 -23.82 1.37 -5.44
C SER A 86 -23.30 1.61 -6.86
N GLY A 87 -22.70 0.56 -7.44
CA GLY A 87 -22.00 0.58 -8.70
C GLY A 87 -21.44 -0.81 -8.95
N LEU A 88 -20.11 -0.92 -9.05
CA LEU A 88 -19.44 -2.21 -9.20
C LEU A 88 -18.16 -2.25 -8.37
N ASN A 89 -17.82 -3.45 -7.88
CA ASN A 89 -16.57 -3.75 -7.21
C ASN A 89 -15.39 -3.10 -7.93
N ARG A 90 -14.40 -2.67 -7.13
CA ARG A 90 -13.28 -1.88 -7.62
C ARG A 90 -12.14 -2.77 -8.13
N GLY A 91 -12.27 -4.09 -7.97
CA GLY A 91 -11.29 -5.05 -8.44
C GLY A 91 -9.83 -4.62 -8.21
N PHE A 92 -9.41 -4.38 -6.96
CA PHE A 92 -8.01 -4.11 -6.69
C PHE A 92 -7.68 -4.65 -5.30
N ALA A 93 -6.44 -5.12 -5.14
CA ALA A 93 -5.99 -5.71 -3.89
C ALA A 93 -4.46 -5.61 -3.79
N TYR A 94 -3.93 -5.89 -2.59
CA TYR A 94 -2.49 -5.94 -2.38
C TYR A 94 -2.10 -6.91 -1.28
N ALA A 95 -0.80 -7.19 -1.17
CA ALA A 95 -0.29 -8.12 -0.18
C ALA A 95 1.14 -7.80 0.21
N ARG A 96 1.52 -8.18 1.43
CA ARG A 96 2.90 -8.13 1.87
C ARG A 96 3.47 -9.52 1.94
N TYR A 97 4.61 -9.72 1.28
CA TYR A 97 5.32 -10.99 1.27
C TYR A 97 6.30 -11.16 2.44
N SER A 98 6.62 -12.40 2.80
CA SER A 98 7.66 -12.67 3.79
C SER A 98 9.03 -12.14 3.35
N SER A 99 9.21 -11.87 2.06
CA SER A 99 10.46 -11.34 1.55
C SER A 99 10.25 -10.69 0.17
N ARG A 100 11.24 -9.90 -0.26
CA ARG A 100 11.21 -9.27 -1.57
C ARG A 100 11.25 -10.33 -2.66
N ARG A 101 11.89 -11.47 -2.38
CA ARG A 101 11.98 -12.57 -3.34
C ARG A 101 10.59 -13.06 -3.71
N GLY A 102 9.66 -13.04 -2.76
CA GLY A 102 8.28 -13.42 -3.01
C GLY A 102 7.56 -12.32 -3.79
N ALA A 103 7.88 -11.07 -3.46
CA ALA A 103 7.25 -9.92 -4.09
C ALA A 103 7.70 -9.75 -5.54
N GLN A 104 8.95 -10.07 -5.83
CA GLN A 104 9.52 -9.90 -7.16
C GLN A 104 9.03 -11.01 -8.09
N ALA A 105 8.88 -12.22 -7.55
CA ALA A 105 8.35 -13.34 -8.31
C ALA A 105 6.86 -13.09 -8.61
N ALA A 106 6.13 -12.54 -7.64
CA ALA A 106 4.70 -12.35 -7.78
C ALA A 106 4.38 -11.47 -8.99
N ILE A 107 4.95 -10.27 -9.04
CA ILE A 107 4.74 -9.38 -10.17
C ILE A 107 5.17 -10.05 -11.47
N ALA A 108 6.38 -10.62 -11.50
CA ALA A 108 6.89 -11.27 -12.70
C ALA A 108 6.08 -12.49 -13.12
N THR A 109 5.08 -12.87 -12.31
CA THR A 109 4.29 -14.07 -12.56
C THR A 109 2.80 -13.73 -12.77
N LEU A 110 2.30 -12.74 -12.03
CA LEU A 110 0.90 -12.38 -12.08
C LEU A 110 0.63 -11.29 -13.11
N HIS A 111 1.59 -10.39 -13.31
CA HIS A 111 1.48 -9.31 -14.28
C HIS A 111 1.47 -9.81 -15.72
N ASN A 112 1.27 -11.10 -15.94
CA ASN A 112 1.15 -11.67 -17.28
C ASN A 112 0.21 -12.89 -17.23
N HIS A 113 -0.65 -12.94 -16.21
CA HIS A 113 -1.55 -14.06 -15.99
C HIS A 113 -2.99 -13.66 -16.35
N PRO A 114 -3.51 -14.16 -17.47
CA PRO A 114 -4.85 -13.88 -17.95
C PRO A 114 -5.88 -14.70 -17.19
N LEU A 115 -6.19 -14.28 -15.96
CA LEU A 115 -7.27 -14.90 -15.18
C LEU A 115 -8.56 -14.93 -15.99
N ARG A 116 -8.77 -13.90 -16.82
CA ARG A 116 -9.96 -13.76 -17.67
C ARG A 116 -9.57 -13.04 -18.96
N PRO A 117 -10.35 -13.21 -20.04
CA PRO A 117 -10.16 -12.47 -21.27
C PRO A 117 -10.44 -10.99 -21.04
N SER A 118 -9.80 -10.13 -21.82
CA SER A 118 -9.93 -8.68 -21.70
C SER A 118 -9.60 -8.20 -20.28
N CYS A 119 -8.82 -8.99 -19.53
CA CYS A 119 -8.44 -8.66 -18.17
C CYS A 119 -6.95 -8.93 -17.96
N PRO A 120 -6.08 -8.13 -18.57
CA PRO A 120 -4.64 -8.22 -18.44
C PRO A 120 -4.21 -7.82 -17.02
N LEU A 121 -4.30 -8.78 -16.09
CA LEU A 121 -3.94 -8.58 -14.69
C LEU A 121 -2.68 -7.72 -14.53
N LEU A 122 -2.88 -6.47 -14.10
CA LEU A 122 -1.78 -5.54 -13.84
C LEU A 122 -1.26 -5.73 -12.42
N VAL A 123 0.06 -5.64 -12.22
CA VAL A 123 0.65 -5.68 -10.88
C VAL A 123 1.73 -4.61 -10.67
N CYS A 124 2.14 -4.41 -9.43
CA CYS A 124 3.12 -3.41 -9.06
C CYS A 124 3.77 -3.78 -7.73
N ARG A 125 4.84 -3.07 -7.35
CA ARG A 125 5.53 -3.31 -6.09
C ARG A 125 5.96 -2.00 -5.44
N SER A 126 5.37 -0.89 -5.89
CA SER A 126 5.71 0.44 -5.39
C SER A 126 4.52 1.01 -4.63
N THR A 127 4.55 2.31 -4.33
CA THR A 127 3.48 2.98 -3.59
C THR A 127 3.26 2.43 -2.18
N GLU A 128 4.31 1.85 -1.58
CA GLU A 128 4.22 1.28 -0.26
C GLU A 128 3.88 2.36 0.77
N LYS A 129 2.93 2.07 1.66
CA LYS A 129 2.38 3.06 2.59
C LYS A 129 3.30 3.28 3.79
N CYS A 130 4.34 2.47 3.95
CA CYS A 130 5.31 2.62 5.04
C CYS A 130 5.91 4.02 5.09
N GLU A 131 5.71 4.84 4.04
CA GLU A 131 6.25 6.19 4.00
C GLU A 131 5.24 7.15 3.37
N LEU A 132 5.42 8.44 3.66
CA LEU A 132 4.51 9.50 3.20
C LEU A 132 5.34 10.53 2.41
N SER A 133 4.70 11.24 1.49
CA SER A 133 5.35 12.30 0.72
C SER A 133 4.49 13.55 0.74
N VAL A 134 5.12 14.72 0.87
CA VAL A 134 4.42 15.99 0.91
C VAL A 134 4.96 16.93 -0.18
N ASP A 135 4.21 17.95 -0.57
CA ASP A 135 4.59 18.82 -1.67
C ASP A 135 4.05 20.23 -1.40
N GLY A 136 4.67 21.25 -2.00
CA GLY A 136 4.29 22.64 -1.82
C GLY A 136 4.88 23.20 -0.54
N LEU A 137 4.40 22.69 0.61
CA LEU A 137 4.84 23.07 1.94
C LEU A 137 4.64 24.57 2.23
N PRO A 138 4.91 25.00 3.46
CA PRO A 138 4.88 26.40 3.88
C PRO A 138 5.90 27.24 3.11
N PRO A 139 5.85 28.57 3.28
CA PRO A 139 6.65 29.51 2.50
C PRO A 139 8.13 29.44 2.83
N ASN A 140 8.47 29.51 4.12
CA ASN A 140 9.85 29.58 4.58
C ASN A 140 10.02 28.81 5.89
N LEU A 141 8.94 28.18 6.36
CA LEU A 141 8.93 27.50 7.65
C LEU A 141 10.00 26.41 7.70
N THR A 142 10.62 26.23 8.87
CA THR A 142 11.65 25.22 9.07
C THR A 142 11.07 23.83 9.23
N ARG A 143 11.88 22.81 8.91
CA ARG A 143 11.46 21.42 9.00
C ARG A 143 10.98 21.05 10.40
N SER A 144 11.57 21.67 11.42
CA SER A 144 11.21 21.35 12.80
C SER A 144 9.73 21.64 13.07
N ALA A 145 9.20 22.69 12.45
CA ALA A 145 7.81 23.06 12.64
C ALA A 145 6.88 22.25 11.72
N LEU A 146 7.39 21.81 10.56
CA LEU A 146 6.64 20.92 9.68
C LEU A 146 6.21 19.68 10.46
N LEU A 147 7.14 19.02 11.16
CA LEU A 147 6.82 17.82 11.91
C LEU A 147 5.83 18.15 13.02
N LEU A 148 6.11 19.20 13.77
CA LEU A 148 5.27 19.63 14.87
C LEU A 148 3.84 19.90 14.37
N ALA A 149 3.71 20.49 13.18
CA ALA A 149 2.41 20.79 12.61
C ALA A 149 1.58 19.52 12.36
N LEU A 150 2.23 18.37 12.17
CA LEU A 150 1.52 17.11 11.95
C LEU A 150 1.76 16.11 13.08
N GLN A 151 2.44 16.52 14.15
CA GLN A 151 2.78 15.62 15.24
C GLN A 151 1.57 15.25 16.10
N PRO A 152 0.59 16.15 16.35
CA PRO A 152 -0.56 15.84 17.17
C PRO A 152 -1.55 14.94 16.43
N LEU A 153 -1.44 14.88 15.10
CA LEU A 153 -2.34 14.05 14.28
C LEU A 153 -1.61 12.82 13.74
N GLY A 154 -0.28 12.75 13.92
CA GLY A 154 0.49 11.58 13.54
C GLY A 154 1.73 11.45 14.42
N PRO A 155 1.54 11.18 15.72
CA PRO A 155 2.61 11.06 16.70
C PRO A 155 3.43 9.79 16.50
N GLY A 156 3.04 8.95 15.53
CA GLY A 156 3.74 7.71 15.26
C GLY A 156 4.98 7.94 14.39
N LEU A 157 5.23 9.19 13.99
CA LEU A 157 6.32 9.50 13.08
C LEU A 157 7.67 9.14 13.71
N GLN A 158 8.48 8.36 13.00
CA GLN A 158 9.80 7.95 13.47
C GLN A 158 10.86 8.96 13.04
N GLU A 159 10.81 9.40 11.78
CA GLU A 159 11.82 10.30 11.23
C GLU A 159 11.30 10.98 9.97
N ALA A 160 12.00 12.04 9.54
CA ALA A 160 11.62 12.81 8.37
C ALA A 160 12.84 13.44 7.70
N ARG A 161 12.74 13.61 6.38
CA ARG A 161 13.76 14.28 5.58
C ARG A 161 13.06 15.21 4.60
N LEU A 162 13.52 16.47 4.50
CA LEU A 162 12.90 17.44 3.62
C LEU A 162 13.96 18.05 2.71
N LEU A 163 13.97 17.62 1.45
CA LEU A 163 14.85 18.17 0.43
C LEU A 163 14.47 17.65 -0.96
N PRO A 164 14.69 16.36 -1.26
CA PRO A 164 14.58 15.81 -2.60
C PRO A 164 13.16 15.89 -3.13
N SER A 165 13.00 16.35 -4.37
CA SER A 165 11.70 16.55 -4.98
C SER A 165 11.73 16.09 -6.44
N PRO A 166 10.57 15.71 -7.00
CA PRO A 166 10.46 15.25 -8.38
C PRO A 166 10.71 16.40 -9.36
N GLY A 167 11.25 16.07 -10.53
CA GLY A 167 11.51 17.03 -11.59
C GLY A 167 10.31 17.20 -12.50
N PRO A 168 10.52 17.80 -13.67
CA PRO A 168 11.78 18.40 -14.10
C PRO A 168 12.03 19.74 -13.42
N ALA A 169 10.97 20.38 -12.91
CA ALA A 169 11.07 21.67 -12.26
C ALA A 169 11.69 21.51 -10.86
N PRO A 170 12.37 22.54 -10.35
CA PRO A 170 12.94 22.55 -9.03
C PRO A 170 11.85 22.67 -7.96
N GLY A 171 12.24 22.54 -6.70
CA GLY A 171 11.31 22.61 -5.58
C GLY A 171 11.85 21.82 -4.39
N GLN A 172 11.02 21.66 -3.35
CA GLN A 172 11.38 20.90 -2.17
C GLN A 172 10.23 19.98 -1.77
N ILE A 173 10.54 18.89 -1.08
CA ILE A 173 9.55 17.88 -0.69
C ILE A 173 9.84 17.37 0.71
N ALA A 174 8.81 16.82 1.37
CA ALA A 174 8.98 16.16 2.65
C ALA A 174 8.70 14.66 2.53
N LEU A 175 9.60 13.84 3.05
CA LEU A 175 9.38 12.40 3.14
C LEU A 175 9.38 11.95 4.60
N LEU A 176 8.34 11.20 4.93
CA LEU A 176 8.03 10.84 6.30
C LEU A 176 8.01 9.32 6.53
N LYS A 177 8.68 8.86 7.60
CA LYS A 177 8.55 7.48 8.07
C LYS A 177 7.66 7.43 9.30
N PHE A 178 6.59 6.63 9.24
CA PHE A 178 5.67 6.47 10.36
C PHE A 178 5.84 5.14 11.10
N SER A 179 5.14 4.98 12.23
CA SER A 179 5.23 3.76 13.03
C SER A 179 4.48 2.59 12.36
N SER A 180 3.49 2.90 11.52
CA SER A 180 2.71 1.89 10.83
C SER A 180 2.09 2.49 9.57
N HIS A 181 1.59 1.64 8.67
CA HIS A 181 0.97 2.10 7.44
C HIS A 181 -0.20 3.04 7.78
N ARG A 182 -1.16 2.56 8.58
CA ARG A 182 -2.32 3.35 8.94
C ARG A 182 -1.94 4.64 9.63
N ALA A 183 -0.84 4.65 10.39
CA ALA A 183 -0.41 5.88 11.05
C ALA A 183 -0.12 6.96 10.01
N ALA A 184 0.44 6.58 8.86
CA ALA A 184 0.67 7.52 7.77
C ALA A 184 -0.65 7.89 7.09
N ALA A 185 -1.62 6.95 7.03
CA ALA A 185 -2.91 7.23 6.43
C ALA A 185 -3.73 8.18 7.30
N MET A 186 -3.82 7.93 8.62
CA MET A 186 -4.60 8.80 9.50
C MET A 186 -4.10 10.23 9.43
N ALA A 187 -2.78 10.40 9.36
CA ALA A 187 -2.19 11.73 9.25
C ALA A 187 -2.48 12.31 7.87
N LYS A 188 -2.21 11.55 6.80
CA LYS A 188 -2.44 12.02 5.45
C LYS A 188 -3.91 12.36 5.26
N LYS A 189 -4.79 11.57 5.87
CA LYS A 189 -6.23 11.73 5.71
C LYS A 189 -6.66 13.08 6.25
N ALA A 190 -6.08 13.50 7.38
CA ALA A 190 -6.41 14.77 7.97
C ALA A 190 -5.90 15.93 7.12
N LEU A 191 -4.68 15.80 6.58
CA LEU A 191 -4.07 16.83 5.78
C LEU A 191 -4.81 16.96 4.44
N VAL A 192 -5.24 15.82 3.88
CA VAL A 192 -5.91 15.79 2.60
C VAL A 192 -7.39 16.15 2.71
N GLU A 193 -7.99 15.93 3.88
CA GLU A 193 -9.37 16.35 4.15
C GLU A 193 -9.50 17.88 4.12
N GLY A 194 -8.50 18.59 4.62
CA GLY A 194 -8.53 20.06 4.57
C GLY A 194 -7.69 20.74 5.66
N GLN A 195 -6.79 20.01 6.33
CA GLN A 195 -5.91 20.62 7.33
C GLN A 195 -4.65 21.18 6.67
N SER A 196 -4.60 21.12 5.34
CA SER A 196 -3.57 21.77 4.52
C SER A 196 -3.62 23.29 4.68
N HIS A 197 -2.83 24.01 3.86
CA HIS A 197 -2.66 25.46 3.98
C HIS A 197 -2.18 25.82 5.38
N LEU A 198 -0.95 25.42 5.71
CA LEU A 198 -0.40 25.56 7.06
C LEU A 198 -0.30 27.03 7.46
N CYS A 199 0.36 27.84 6.63
CA CYS A 199 0.46 29.26 6.88
C CYS A 199 0.86 30.03 5.62
N GLY A 200 -0.11 30.71 4.99
CA GLY A 200 0.15 31.64 3.90
C GLY A 200 0.67 30.98 2.64
N GLU A 201 0.63 29.64 2.55
CA GLU A 201 1.13 28.90 1.40
C GLU A 201 0.25 27.68 1.22
N GLN A 202 0.80 26.58 0.69
CA GLN A 202 -0.01 25.44 0.28
C GLN A 202 0.76 24.14 0.47
N VAL A 203 0.03 23.06 0.75
CA VAL A 203 0.65 21.77 0.99
C VAL A 203 -0.26 20.65 0.51
N ALA A 204 0.34 19.56 0.02
CA ALA A 204 -0.40 18.44 -0.52
C ALA A 204 0.27 17.14 -0.09
N VAL A 205 -0.54 16.10 0.12
CA VAL A 205 -0.06 14.86 0.69
C VAL A 205 -0.37 13.71 -0.27
N GLU A 206 0.66 12.93 -0.58
CA GLU A 206 0.57 11.76 -1.46
C GLU A 206 1.55 10.69 -1.01
N TRP A 207 1.33 9.45 -1.40
CA TRP A 207 2.25 8.36 -1.10
C TRP A 207 3.45 8.40 -2.04
N LEU A 208 4.44 7.53 -1.80
CA LEU A 208 5.59 7.41 -2.68
C LEU A 208 5.16 6.93 -4.07
N LYS A 209 6.07 7.08 -5.05
CA LYS A 209 5.82 6.66 -6.43
C LYS A 209 7.08 5.97 -6.96
N PRO A 210 6.93 5.07 -7.94
CA PRO A 210 8.05 4.34 -8.52
C PRO A 210 8.97 5.30 -9.27
N ASP A 211 8.40 6.34 -9.88
CA ASP A 211 9.18 7.34 -10.60
C ASP A 211 9.78 8.37 -9.66
N LEU A 212 9.11 8.62 -8.53
CA LEU A 212 9.64 9.56 -7.55
C LEU A 212 10.82 8.92 -6.83
N LYS A 213 10.72 7.64 -6.47
CA LYS A 213 11.71 6.99 -5.64
C LYS A 213 13.09 7.04 -6.30
N GLN A 214 13.13 6.79 -7.61
CA GLN A 214 14.38 6.85 -8.35
C GLN A 214 14.92 8.27 -8.42
N ARG A 215 14.03 9.28 -8.53
CA ARG A 215 14.47 10.67 -8.61
C ARG A 215 14.85 11.21 -7.23
N LEU A 216 14.08 10.85 -6.21
CA LEU A 216 14.30 11.26 -4.84
C LEU A 216 15.65 10.81 -4.33
N ARG A 217 16.06 9.57 -4.63
CA ARG A 217 17.31 9.03 -4.11
C ARG A 217 18.51 9.53 -4.91
N GLN A 218 18.32 9.82 -6.21
CA GLN A 218 19.43 10.23 -7.07
C GLN A 218 19.93 11.64 -6.72
N GLN A 219 19.06 12.49 -6.16
CA GLN A 219 19.47 13.83 -5.76
C GLN A 219 19.75 13.89 -4.26
N LEU A 220 19.23 12.92 -3.49
CA LEU A 220 19.49 12.85 -2.06
C LEU A 220 20.90 12.30 -1.82
N VAL A 221 21.31 11.30 -2.61
CA VAL A 221 22.62 10.69 -2.47
C VAL A 221 23.76 11.66 -2.82
N GLY A 222 23.42 12.84 -3.33
CA GLY A 222 24.40 13.86 -3.69
C GLY A 222 25.21 14.30 -2.47
N PRO A 223 24.61 15.08 -1.57
CA PRO A 223 25.27 15.55 -0.35
C PRO A 223 25.59 14.40 0.59
N PHE A 224 24.83 13.30 0.53
CA PHE A 224 25.06 12.14 1.38
C PHE A 224 26.24 11.26 0.95
N LEU A 225 26.89 11.61 -0.16
CA LEU A 225 28.06 10.90 -0.65
C LEU A 225 29.28 11.17 0.25
N ARG A 226 29.15 12.14 1.16
CA ARG A 226 30.23 12.55 2.04
C ARG A 226 29.66 13.00 3.40
N SER A 227 30.54 13.13 4.39
CA SER A 227 30.16 13.56 5.72
C SER A 227 29.73 15.03 5.70
N GLY A 1 -25.90 -19.84 -9.75
CA GLY A 1 -27.32 -19.52 -9.53
C GLY A 1 -28.05 -19.34 -10.85
N ALA A 2 -28.30 -18.08 -11.23
CA ALA A 2 -28.97 -17.76 -12.47
C ALA A 2 -28.57 -16.37 -12.94
N MET A 3 -28.84 -16.06 -14.23
CA MET A 3 -28.50 -14.78 -14.82
C MET A 3 -29.45 -13.67 -14.36
N GLU A 4 -30.35 -13.98 -13.44
CA GLU A 4 -31.34 -13.02 -12.95
C GLU A 4 -31.57 -13.18 -11.45
N ARG A 5 -30.62 -13.83 -10.76
CA ARG A 5 -30.68 -14.06 -9.32
C ARG A 5 -29.33 -13.79 -8.68
N VAL A 6 -29.31 -13.70 -7.35
CA VAL A 6 -28.08 -13.54 -6.59
C VAL A 6 -27.29 -14.85 -6.65
N ASN A 7 -26.01 -14.77 -6.27
CA ASN A 7 -25.11 -15.92 -6.31
C ASN A 7 -24.27 -15.95 -5.03
N PRO A 8 -24.92 -16.12 -3.87
CA PRO A 8 -24.27 -16.09 -2.57
C PRO A 8 -23.35 -17.29 -2.38
N GLU A 9 -23.53 -18.33 -3.19
CA GLU A 9 -22.67 -19.50 -3.17
C GLU A 9 -21.20 -19.14 -3.40
N ASN A 10 -20.94 -18.00 -4.04
CA ASN A 10 -19.58 -17.56 -4.29
C ASN A 10 -18.92 -17.10 -3.00
N LYS A 11 -19.51 -16.11 -2.32
CA LYS A 11 -18.97 -15.63 -1.05
C LYS A 11 -19.06 -16.72 0.01
N ALA A 12 -20.01 -17.65 -0.13
CA ALA A 12 -20.13 -18.75 0.80
C ALA A 12 -19.03 -19.78 0.55
N ALA A 13 -18.53 -19.87 -0.68
CA ALA A 13 -17.49 -20.84 -1.01
C ALA A 13 -16.18 -20.50 -0.28
N LEU A 14 -15.80 -19.22 -0.25
CA LEU A 14 -14.59 -18.83 0.47
C LEU A 14 -14.82 -18.89 1.98
N GLU A 15 -16.07 -18.75 2.44
CA GLU A 15 -16.34 -18.87 3.87
C GLU A 15 -16.16 -20.31 4.33
N ALA A 16 -16.65 -21.26 3.55
CA ALA A 16 -16.43 -22.68 3.81
C ALA A 16 -14.94 -23.04 3.69
N TRP A 17 -14.14 -22.20 3.01
CA TRP A 17 -12.71 -22.41 2.93
C TRP A 17 -11.97 -21.86 4.15
N VAL A 18 -12.16 -20.59 4.49
CA VAL A 18 -11.46 -20.00 5.63
C VAL A 18 -11.69 -20.81 6.91
N ARG A 19 -12.84 -21.49 7.02
CA ARG A 19 -13.16 -22.28 8.21
C ARG A 19 -12.35 -23.57 8.24
N GLU A 20 -11.90 -24.06 7.07
CA GLU A 20 -11.18 -25.32 7.00
C GLU A 20 -9.67 -25.10 7.21
N THR A 21 -9.22 -23.85 7.17
CA THR A 21 -7.82 -23.52 7.43
C THR A 21 -7.74 -22.80 8.79
N GLY A 22 -8.85 -22.23 9.25
CA GLY A 22 -8.91 -21.55 10.54
C GLY A 22 -8.37 -20.13 10.45
N ILE A 23 -8.36 -19.54 9.25
CA ILE A 23 -7.82 -18.21 9.05
C ILE A 23 -8.86 -17.15 9.43
N ARG A 24 -10.14 -17.46 9.18
CA ARG A 24 -11.26 -16.56 9.47
C ARG A 24 -10.97 -15.11 9.05
N LEU A 25 -11.29 -14.79 7.79
CA LEU A 25 -11.02 -13.47 7.22
C LEU A 25 -11.52 -12.39 8.17
N VAL A 26 -10.64 -11.45 8.53
CA VAL A 26 -11.01 -10.37 9.44
C VAL A 26 -11.70 -9.27 8.66
N GLN A 27 -12.93 -8.95 9.05
CA GLN A 27 -13.70 -7.90 8.41
C GLN A 27 -13.21 -6.53 8.86
N VAL A 28 -13.27 -5.55 7.94
CA VAL A 28 -12.88 -4.18 8.22
C VAL A 28 -13.93 -3.23 7.67
N ASN A 29 -14.96 -2.98 8.49
CA ASN A 29 -16.12 -2.17 8.10
C ASN A 29 -16.85 -2.71 6.85
N GLY A 30 -16.41 -3.86 6.32
CA GLY A 30 -17.01 -4.48 5.15
C GLY A 30 -15.93 -5.02 4.21
N GLN A 31 -14.70 -4.50 4.33
CA GLN A 31 -13.56 -5.02 3.58
C GLN A 31 -13.09 -6.31 4.24
N ARG A 32 -12.09 -6.99 3.65
CA ARG A 32 -11.64 -8.28 4.15
C ARG A 32 -10.15 -8.49 3.94
N LYS A 33 -9.51 -9.22 4.86
CA LYS A 33 -8.09 -9.53 4.76
C LYS A 33 -7.79 -10.94 5.28
N TYR A 34 -6.87 -11.62 4.60
CA TYR A 34 -6.42 -12.97 4.97
C TYR A 34 -5.18 -12.99 5.86
N GLY A 35 -5.10 -13.98 6.75
CA GLY A 35 -3.92 -14.18 7.59
C GLY A 35 -4.03 -15.44 8.41
N GLY A 36 -3.33 -16.50 7.98
CA GLY A 36 -3.29 -17.77 8.67
C GLY A 36 -2.61 -18.83 7.81
N PRO A 37 -1.33 -18.65 7.49
CA PRO A 37 -0.59 -19.52 6.59
C PRO A 37 -0.58 -20.98 7.08
N PRO A 38 -0.49 -21.94 6.16
CA PRO A 38 -0.41 -23.35 6.48
C PRO A 38 0.96 -23.68 7.10
N PRO A 39 1.14 -24.91 7.60
CA PRO A 39 2.41 -25.39 8.12
C PRO A 39 3.51 -25.34 7.06
N GLY A 40 4.74 -25.66 7.46
CA GLY A 40 5.87 -25.76 6.55
C GLY A 40 6.80 -24.55 6.63
N TRP A 41 6.38 -23.49 7.32
CA TRP A 41 7.23 -22.33 7.55
C TRP A 41 6.85 -21.57 8.82
N VAL A 42 7.87 -21.07 9.53
CA VAL A 42 7.73 -20.31 10.76
C VAL A 42 8.91 -19.33 10.90
N GLY A 43 8.71 -18.25 11.65
CA GLY A 43 9.76 -17.29 11.94
C GLY A 43 9.55 -15.97 11.19
N SER A 44 10.33 -14.96 11.57
CA SER A 44 10.26 -13.64 10.95
C SER A 44 10.95 -13.66 9.59
N PRO A 45 10.53 -12.78 8.66
CA PRO A 45 11.10 -12.68 7.34
C PRO A 45 12.49 -12.02 7.38
N PRO A 46 13.32 -12.29 6.36
CA PRO A 46 14.61 -11.65 6.18
C PRO A 46 14.40 -10.18 5.79
N PRO A 47 15.48 -9.37 5.79
CA PRO A 47 15.42 -7.99 5.35
C PRO A 47 14.96 -7.93 3.89
N ALA A 48 13.74 -7.45 3.68
CA ALA A 48 13.12 -7.43 2.36
C ALA A 48 11.91 -6.48 2.37
N GLY A 49 11.51 -6.01 1.19
CA GLY A 49 10.25 -5.29 1.06
C GLY A 49 9.10 -6.29 1.03
N SER A 50 9.33 -7.42 0.35
CA SER A 50 8.43 -8.58 0.36
C SER A 50 6.95 -8.21 0.14
N GLU A 51 6.66 -7.08 -0.52
CA GLU A 51 5.30 -6.65 -0.73
C GLU A 51 4.94 -6.68 -2.21
N VAL A 52 3.68 -6.99 -2.51
CA VAL A 52 3.22 -7.17 -3.89
C VAL A 52 1.77 -6.72 -3.99
N PHE A 53 1.43 -6.08 -5.11
CA PHE A 53 0.10 -5.52 -5.33
C PHE A 53 -0.49 -5.80 -6.70
N ILE A 54 -1.52 -6.65 -6.76
CA ILE A 54 -2.29 -6.84 -7.98
C ILE A 54 -3.32 -5.73 -8.13
N GLY A 55 -3.77 -5.50 -9.37
CA GLY A 55 -4.74 -4.45 -9.66
C GLY A 55 -5.36 -4.67 -11.04
N ARG A 56 -6.30 -3.79 -11.41
CA ARG A 56 -7.02 -3.89 -12.69
C ARG A 56 -7.76 -5.23 -12.79
N LEU A 57 -8.06 -5.84 -11.65
CA LEU A 57 -8.70 -7.15 -11.59
C LEU A 57 -10.21 -7.01 -11.83
N PRO A 58 -10.91 -8.12 -12.09
CA PRO A 58 -12.35 -8.15 -12.18
C PRO A 58 -12.97 -7.63 -10.88
N GLN A 59 -14.14 -7.00 -10.98
CA GLN A 59 -14.83 -6.42 -9.84
C GLN A 59 -15.61 -7.49 -9.06
N ASP A 60 -15.62 -8.74 -9.54
CA ASP A 60 -16.39 -9.81 -8.94
C ASP A 60 -15.53 -10.97 -8.45
N VAL A 61 -14.22 -10.93 -8.68
CA VAL A 61 -13.33 -12.00 -8.24
C VAL A 61 -13.12 -11.98 -6.73
N TYR A 62 -13.14 -13.17 -6.11
CA TYR A 62 -13.03 -13.31 -4.66
C TYR A 62 -11.65 -13.72 -4.13
N GLU A 63 -11.63 -14.12 -2.86
CA GLU A 63 -10.43 -14.52 -2.17
C GLU A 63 -10.01 -15.88 -2.69
N HIS A 64 -10.99 -16.71 -3.03
CA HIS A 64 -10.73 -18.10 -3.40
C HIS A 64 -10.03 -18.21 -4.75
N GLN A 65 -9.69 -17.06 -5.36
CA GLN A 65 -8.98 -17.03 -6.62
C GLN A 65 -7.62 -16.36 -6.40
N LEU A 66 -7.63 -15.20 -5.75
CA LEU A 66 -6.42 -14.41 -5.55
C LEU A 66 -5.52 -15.04 -4.47
N ILE A 67 -6.12 -15.72 -3.50
CA ILE A 67 -5.37 -16.30 -2.40
C ILE A 67 -4.41 -17.39 -2.91
N PRO A 68 -4.92 -18.46 -3.56
CA PRO A 68 -4.08 -19.56 -4.01
C PRO A 68 -3.14 -19.12 -5.12
N LEU A 69 -3.54 -18.11 -5.89
CA LEU A 69 -2.72 -17.53 -6.93
C LEU A 69 -1.45 -16.91 -6.31
N PHE A 70 -1.55 -16.53 -5.04
CA PHE A 70 -0.39 -16.08 -4.28
C PHE A 70 0.39 -17.19 -3.58
N GLN A 71 -0.31 -18.23 -3.14
CA GLN A 71 0.33 -19.31 -2.41
C GLN A 71 1.05 -20.26 -3.36
N ARG A 72 0.84 -20.11 -4.67
CA ARG A 72 1.50 -20.96 -5.66
C ARG A 72 2.85 -20.37 -6.07
N VAL A 73 2.96 -19.04 -6.16
CA VAL A 73 4.21 -18.38 -6.55
C VAL A 73 5.17 -18.25 -5.37
N GLY A 74 4.65 -18.27 -4.15
CA GLY A 74 5.49 -18.15 -2.96
C GLY A 74 4.70 -18.28 -1.68
N ARG A 75 5.42 -18.38 -0.56
CA ARG A 75 4.82 -18.45 0.77
C ARG A 75 4.13 -17.13 1.12
N LEU A 76 2.81 -17.18 1.32
CA LEU A 76 2.05 -16.02 1.74
C LEU A 76 2.19 -15.83 3.25
N TYR A 77 2.32 -14.58 3.71
CA TYR A 77 2.26 -14.28 5.13
C TYR A 77 0.96 -13.58 5.53
N GLU A 78 0.46 -12.70 4.66
CA GLU A 78 -0.86 -12.09 4.82
C GLU A 78 -1.30 -11.42 3.52
N PHE A 79 -2.53 -11.69 3.09
CA PHE A 79 -3.10 -11.09 1.89
C PHE A 79 -4.25 -10.16 2.32
N ARG A 80 -4.58 -9.16 1.49
CA ARG A 80 -5.68 -8.24 1.78
C ARG A 80 -6.40 -7.86 0.50
N LEU A 81 -7.73 -7.69 0.55
CA LEU A 81 -8.55 -7.50 -0.64
C LEU A 81 -9.67 -6.50 -0.38
N MET A 82 -9.75 -5.46 -1.21
CA MET A 82 -10.72 -4.39 -1.03
C MET A 82 -11.41 -3.97 -2.34
N MET A 83 -12.58 -3.37 -2.17
CA MET A 83 -13.40 -2.85 -3.26
C MET A 83 -14.39 -1.81 -2.73
N THR A 84 -14.72 -0.81 -3.56
CA THR A 84 -15.64 0.27 -3.20
C THR A 84 -17.12 -0.08 -3.31
N PHE A 85 -17.98 0.85 -2.91
CA PHE A 85 -19.44 0.67 -2.95
C PHE A 85 -20.13 1.98 -3.30
N SER A 86 -21.48 1.98 -3.23
CA SER A 86 -22.30 3.14 -3.62
C SER A 86 -21.99 3.56 -5.05
N GLY A 87 -21.57 2.59 -5.88
CA GLY A 87 -21.19 2.82 -7.26
C GLY A 87 -20.91 1.49 -7.94
N LEU A 88 -19.64 1.07 -7.97
CA LEU A 88 -19.25 -0.21 -8.51
C LEU A 88 -17.97 -0.69 -7.82
N ASN A 89 -17.96 -1.96 -7.39
CA ASN A 89 -16.82 -2.55 -6.71
C ASN A 89 -15.54 -2.35 -7.52
N ARG A 90 -14.45 -2.01 -6.82
CA ARG A 90 -13.12 -1.98 -7.40
C ARG A 90 -12.56 -3.39 -7.40
N GLY A 91 -11.39 -3.57 -8.00
CA GLY A 91 -10.72 -4.85 -8.01
C GLY A 91 -9.23 -4.67 -7.82
N PHE A 92 -8.78 -4.63 -6.57
CA PHE A 92 -7.34 -4.57 -6.29
C PHE A 92 -7.08 -5.20 -4.94
N ALA A 93 -5.86 -5.72 -4.77
CA ALA A 93 -5.46 -6.38 -3.54
C ALA A 93 -3.94 -6.38 -3.42
N TYR A 94 -3.43 -6.70 -2.23
CA TYR A 94 -1.99 -6.84 -2.02
C TYR A 94 -1.65 -7.88 -0.97
N ALA A 95 -0.37 -8.25 -0.87
CA ALA A 95 0.06 -9.28 0.05
C ALA A 95 1.53 -9.12 0.43
N ARG A 96 1.87 -9.65 1.61
CA ARG A 96 3.26 -9.74 2.05
C ARG A 96 3.74 -11.19 1.96
N TYR A 97 4.86 -11.39 1.27
CA TYR A 97 5.50 -12.70 1.19
C TYR A 97 6.51 -12.93 2.31
N SER A 98 6.77 -14.19 2.67
CA SER A 98 7.77 -14.51 3.68
C SER A 98 9.17 -14.03 3.27
N SER A 99 9.38 -13.77 1.97
CA SER A 99 10.65 -13.23 1.48
C SER A 99 10.45 -12.50 0.15
N ARG A 100 11.47 -11.73 -0.26
CA ARG A 100 11.42 -11.02 -1.52
C ARG A 100 11.41 -12.00 -2.70
N ARG A 101 11.98 -13.20 -2.52
CA ARG A 101 12.00 -14.20 -3.57
C ARG A 101 10.57 -14.60 -3.93
N GLY A 102 9.66 -14.59 -2.95
CA GLY A 102 8.27 -14.89 -3.18
C GLY A 102 7.59 -13.71 -3.87
N ALA A 103 7.96 -12.49 -3.48
CA ALA A 103 7.37 -11.28 -4.01
C ALA A 103 7.81 -11.04 -5.45
N GLN A 104 9.05 -11.40 -5.79
CA GLN A 104 9.59 -11.18 -7.12
C GLN A 104 9.03 -12.18 -8.11
N ALA A 105 8.81 -13.42 -7.66
CA ALA A 105 8.21 -14.44 -8.50
C ALA A 105 6.74 -14.10 -8.76
N ALA A 106 6.04 -13.57 -7.74
CA ALA A 106 4.62 -13.29 -7.84
C ALA A 106 4.36 -12.31 -8.97
N ILE A 107 5.03 -11.16 -8.96
CA ILE A 107 4.86 -10.17 -10.02
C ILE A 107 5.20 -10.77 -11.37
N ALA A 108 6.36 -11.41 -11.49
CA ALA A 108 6.81 -12.00 -12.75
C ALA A 108 5.91 -13.14 -13.23
N THR A 109 4.91 -13.53 -12.42
CA THR A 109 4.04 -14.66 -12.74
C THR A 109 2.59 -14.22 -12.87
N LEU A 110 2.17 -13.22 -12.08
CA LEU A 110 0.78 -12.77 -12.08
C LEU A 110 0.59 -11.60 -13.05
N HIS A 111 1.61 -10.75 -13.21
CA HIS A 111 1.56 -9.60 -14.11
C HIS A 111 1.44 -9.98 -15.59
N ASN A 112 1.23 -11.26 -15.90
CA ASN A 112 0.99 -11.70 -17.26
C ASN A 112 -0.02 -12.85 -17.26
N HIS A 113 -0.72 -13.05 -16.14
CA HIS A 113 -1.66 -14.14 -15.97
C HIS A 113 -3.03 -13.77 -16.53
N PRO A 114 -3.48 -14.48 -17.58
CA PRO A 114 -4.73 -14.22 -18.27
C PRO A 114 -5.92 -14.80 -17.50
N LEU A 115 -6.29 -14.19 -16.37
CA LEU A 115 -7.50 -14.58 -15.65
C LEU A 115 -8.70 -14.54 -16.59
N ARG A 116 -8.73 -13.55 -17.49
CA ARG A 116 -9.78 -13.40 -18.50
C ARG A 116 -9.17 -12.72 -19.73
N PRO A 117 -9.75 -12.94 -20.91
CA PRO A 117 -9.28 -12.36 -22.17
C PRO A 117 -9.49 -10.85 -22.21
N SER A 118 -10.05 -10.27 -21.15
CA SER A 118 -10.33 -8.84 -21.07
C SER A 118 -9.85 -8.25 -19.74
N CYS A 119 -8.99 -8.97 -19.03
CA CYS A 119 -8.48 -8.56 -17.72
C CYS A 119 -6.98 -8.88 -17.61
N PRO A 120 -6.13 -8.06 -18.23
CA PRO A 120 -4.69 -8.18 -18.16
C PRO A 120 -4.20 -7.85 -16.75
N LEU A 121 -4.31 -8.82 -15.85
CA LEU A 121 -3.93 -8.68 -14.45
C LEU A 121 -2.61 -7.90 -14.28
N LEU A 122 -2.73 -6.65 -13.80
CA LEU A 122 -1.58 -5.80 -13.51
C LEU A 122 -1.05 -6.09 -12.10
N VAL A 123 0.28 -6.09 -11.93
CA VAL A 123 0.90 -6.27 -10.62
C VAL A 123 2.09 -5.34 -10.41
N CYS A 124 2.55 -5.22 -9.15
CA CYS A 124 3.64 -4.32 -8.80
C CYS A 124 4.16 -4.69 -7.42
N ARG A 125 5.22 -4.02 -6.96
CA ARG A 125 5.72 -4.15 -5.60
C ARG A 125 5.09 -3.06 -4.74
N SER A 126 5.66 -2.76 -3.58
CA SER A 126 5.18 -1.67 -2.75
C SER A 126 5.46 -0.33 -3.44
N THR A 127 4.56 0.63 -3.28
CA THR A 127 4.77 1.99 -3.78
C THR A 127 5.65 2.82 -2.85
N GLU A 128 6.49 2.15 -2.05
CA GLU A 128 7.26 2.78 -0.99
C GLU A 128 6.32 3.39 0.05
N LYS A 129 5.24 2.66 0.36
CA LYS A 129 4.26 3.08 1.35
C LYS A 129 4.80 2.87 2.76
N CYS A 130 5.92 3.52 3.08
CA CYS A 130 6.53 3.49 4.40
C CYS A 130 6.90 4.91 4.82
N GLU A 131 6.50 5.87 3.99
CA GLU A 131 6.89 7.27 4.14
C GLU A 131 5.78 8.14 3.57
N LEU A 132 5.82 9.44 3.86
CA LEU A 132 4.84 10.39 3.37
C LEU A 132 5.58 11.50 2.62
N SER A 133 4.92 12.15 1.66
CA SER A 133 5.55 13.18 0.84
C SER A 133 4.64 14.41 0.77
N VAL A 134 5.25 15.60 0.84
CA VAL A 134 4.53 16.86 0.82
C VAL A 134 5.06 17.77 -0.28
N ASP A 135 4.28 18.75 -0.72
CA ASP A 135 4.67 19.62 -1.83
C ASP A 135 3.97 20.97 -1.69
N GLY A 136 4.50 22.01 -2.33
CA GLY A 136 3.97 23.37 -2.24
C GLY A 136 4.45 24.05 -0.96
N LEU A 137 4.04 23.52 0.19
CA LEU A 137 4.41 23.98 1.52
C LEU A 137 4.01 25.45 1.77
N PRO A 138 4.22 25.94 3.01
CA PRO A 138 4.05 27.33 3.39
C PRO A 138 5.01 28.26 2.62
N PRO A 139 4.86 29.58 2.82
CA PRO A 139 5.59 30.57 2.04
C PRO A 139 7.07 30.62 2.42
N ASN A 140 7.35 30.73 3.71
CA ASN A 140 8.70 30.91 4.22
C ASN A 140 8.89 30.15 5.53
N LEU A 141 7.85 29.43 5.97
CA LEU A 141 7.88 28.73 7.25
C LEU A 141 9.06 27.75 7.30
N THR A 142 9.64 27.59 8.48
CA THR A 142 10.80 26.72 8.67
C THR A 142 10.42 25.27 8.84
N ARG A 143 11.33 24.38 8.45
CA ARG A 143 11.13 22.94 8.54
C ARG A 143 10.69 22.50 9.94
N SER A 144 11.13 23.20 10.98
CA SER A 144 10.82 22.82 12.35
C SER A 144 9.33 23.00 12.63
N ALA A 145 8.71 24.02 12.03
CA ALA A 145 7.30 24.30 12.23
C ALA A 145 6.42 23.45 11.31
N LEU A 146 6.96 23.03 10.15
CA LEU A 146 6.26 22.10 9.27
C LEU A 146 5.90 20.82 10.04
N LEU A 147 6.87 20.22 10.73
CA LEU A 147 6.62 19.01 11.49
C LEU A 147 5.63 19.28 12.61
N LEU A 148 5.86 20.37 13.34
CA LEU A 148 5.01 20.74 14.47
C LEU A 148 3.56 20.92 14.01
N ALA A 149 3.37 21.50 12.82
CA ALA A 149 2.04 21.69 12.27
C ALA A 149 1.29 20.38 12.09
N LEU A 150 2.00 19.28 11.78
CA LEU A 150 1.37 17.99 11.60
C LEU A 150 1.70 17.01 12.73
N GLN A 151 2.38 17.45 13.78
CA GLN A 151 2.79 16.58 14.86
C GLN A 151 1.62 16.12 15.76
N PRO A 152 0.60 16.97 16.02
CA PRO A 152 -0.51 16.57 16.85
C PRO A 152 -1.45 15.59 16.14
N LEU A 153 -1.40 15.57 14.80
CA LEU A 153 -2.24 14.67 14.00
C LEU A 153 -1.43 13.47 13.52
N GLY A 154 -0.11 13.47 13.70
CA GLY A 154 0.73 12.34 13.36
C GLY A 154 1.92 12.23 14.32
N PRO A 155 1.66 11.94 15.60
CA PRO A 155 2.68 11.85 16.63
C PRO A 155 3.55 10.59 16.47
N GLY A 156 3.23 9.75 15.47
CA GLY A 156 3.98 8.52 15.22
C GLY A 156 5.22 8.79 14.37
N LEU A 157 5.49 10.06 14.05
CA LEU A 157 6.58 10.41 13.15
C LEU A 157 7.94 10.15 13.80
N GLN A 158 8.82 9.42 13.09
CA GLN A 158 10.17 9.15 13.56
C GLN A 158 11.12 10.29 13.19
N GLU A 159 11.05 10.75 11.93
CA GLU A 159 11.95 11.78 11.43
C GLU A 159 11.40 12.41 10.15
N ALA A 160 12.01 13.52 9.72
CA ALA A 160 11.62 14.21 8.52
C ALA A 160 12.80 14.95 7.90
N ARG A 161 12.78 15.06 6.57
CA ARG A 161 13.82 15.77 5.82
C ARG A 161 13.16 16.66 4.77
N LEU A 162 13.63 17.91 4.64
CA LEU A 162 13.07 18.86 3.69
C LEU A 162 14.21 19.49 2.90
N LEU A 163 14.25 19.24 1.59
CA LEU A 163 15.22 19.88 0.71
C LEU A 163 14.89 19.60 -0.77
N PRO A 164 15.21 18.41 -1.31
CA PRO A 164 15.16 18.11 -2.74
C PRO A 164 13.77 18.35 -3.33
N SER A 165 13.68 18.30 -4.67
CA SER A 165 12.42 18.47 -5.37
C SER A 165 12.54 17.90 -6.79
N PRO A 166 11.48 17.24 -7.28
CA PRO A 166 11.43 16.68 -8.62
C PRO A 166 11.33 17.78 -9.67
N GLY A 167 11.44 17.40 -10.95
CA GLY A 167 11.31 18.33 -12.06
C GLY A 167 9.87 18.70 -12.31
N PRO A 168 9.61 19.49 -13.36
CA PRO A 168 10.60 20.04 -14.27
C PRO A 168 11.36 21.19 -13.61
N ALA A 169 10.83 21.71 -12.50
CA ALA A 169 11.48 22.77 -11.74
C ALA A 169 11.28 22.53 -10.24
N PRO A 170 12.27 22.91 -9.42
CA PRO A 170 12.28 22.66 -7.99
C PRO A 170 11.26 23.53 -7.26
N GLY A 171 11.07 23.22 -5.98
CA GLY A 171 10.13 23.93 -5.12
C GLY A 171 10.18 23.39 -3.69
N GLN A 172 11.30 22.75 -3.32
CA GLN A 172 11.46 22.02 -2.07
C GLN A 172 10.42 20.89 -1.91
N ILE A 173 10.78 19.84 -1.16
CA ILE A 173 9.83 18.77 -0.83
C ILE A 173 10.05 18.34 0.62
N ALA A 174 8.99 17.82 1.26
CA ALA A 174 9.13 17.24 2.59
C ALA A 174 8.90 15.72 2.52
N LEU A 175 9.80 14.95 3.15
CA LEU A 175 9.59 13.53 3.30
C LEU A 175 9.55 13.16 4.78
N LEU A 176 8.54 12.35 5.10
CA LEU A 176 8.20 11.99 6.46
C LEU A 176 8.33 10.48 6.70
N LYS A 177 9.09 10.09 7.73
CA LYS A 177 9.12 8.70 8.18
C LYS A 177 8.22 8.53 9.39
N PHE A 178 7.34 7.54 9.35
CA PHE A 178 6.43 7.27 10.47
C PHE A 178 6.73 5.92 11.13
N SER A 179 6.16 5.69 12.32
CA SER A 179 6.39 4.46 13.07
C SER A 179 5.65 3.27 12.46
N SER A 180 4.56 3.54 11.73
CA SER A 180 3.74 2.48 11.13
C SER A 180 3.11 2.98 9.84
N HIS A 181 2.59 2.06 9.02
CA HIS A 181 1.89 2.43 7.80
C HIS A 181 0.73 3.34 8.15
N ARG A 182 -0.23 2.82 8.93
CA ARG A 182 -1.40 3.59 9.31
C ARG A 182 -1.01 4.93 9.93
N ALA A 183 0.09 4.99 10.67
CA ALA A 183 0.52 6.25 11.29
C ALA A 183 0.74 7.32 10.23
N ALA A 184 1.31 6.95 9.08
CA ALA A 184 1.46 7.88 7.98
C ALA A 184 0.12 8.17 7.32
N ALA A 185 -0.75 7.16 7.22
CA ALA A 185 -2.07 7.33 6.61
C ALA A 185 -2.98 8.20 7.49
N MET A 186 -2.83 8.17 8.81
CA MET A 186 -3.66 8.98 9.69
C MET A 186 -3.31 10.44 9.50
N ALA A 187 -2.01 10.74 9.42
CA ALA A 187 -1.54 12.09 9.17
C ALA A 187 -1.91 12.51 7.76
N LYS A 188 -1.68 11.62 6.79
CA LYS A 188 -1.95 11.93 5.39
C LYS A 188 -3.43 12.19 5.17
N LYS A 189 -4.28 11.37 5.80
CA LYS A 189 -5.71 11.47 5.65
C LYS A 189 -6.21 12.81 6.17
N ALA A 190 -5.56 13.35 7.20
CA ALA A 190 -5.98 14.61 7.78
C ALA A 190 -5.67 15.77 6.83
N LEU A 191 -4.60 15.66 6.03
CA LEU A 191 -4.19 16.75 5.15
C LEU A 191 -5.13 16.88 3.96
N VAL A 192 -5.63 15.77 3.41
CA VAL A 192 -6.60 15.82 2.33
C VAL A 192 -7.97 16.17 2.93
N GLU A 193 -8.21 15.83 4.19
CA GLU A 193 -9.46 16.17 4.86
C GLU A 193 -9.64 17.67 5.05
N GLY A 194 -8.53 18.43 5.06
CA GLY A 194 -8.61 19.89 5.08
C GLY A 194 -7.67 20.53 6.11
N GLN A 195 -6.71 19.78 6.64
CA GLN A 195 -5.72 20.34 7.56
C GLN A 195 -4.60 21.02 6.77
N SER A 196 -4.71 21.03 5.44
CA SER A 196 -3.77 21.68 4.54
C SER A 196 -3.93 23.19 4.58
N HIS A 197 -3.35 23.90 3.59
CA HIS A 197 -3.37 25.35 3.49
C HIS A 197 -2.75 26.02 4.72
N LEU A 198 -1.67 25.43 5.25
CA LEU A 198 -0.95 26.00 6.37
C LEU A 198 -0.42 27.39 5.99
N CYS A 199 -0.45 28.33 6.94
CA CYS A 199 0.03 29.70 6.74
C CYS A 199 -0.72 30.39 5.59
N GLY A 200 -1.87 29.84 5.18
CA GLY A 200 -2.69 30.42 4.13
C GLY A 200 -2.07 30.20 2.74
N GLU A 201 -1.09 29.30 2.65
CA GLU A 201 -0.40 29.01 1.41
C GLU A 201 -1.03 27.75 0.82
N GLN A 202 -0.22 26.84 0.30
CA GLN A 202 -0.73 25.64 -0.35
C GLN A 202 0.18 24.45 -0.07
N VAL A 203 -0.42 23.29 0.19
CA VAL A 203 0.33 22.10 0.50
C VAL A 203 -0.40 20.85 0.02
N ALA A 204 0.24 20.08 -0.86
CA ALA A 204 -0.32 18.83 -1.36
C ALA A 204 0.18 17.66 -0.52
N VAL A 205 -0.56 16.55 -0.56
CA VAL A 205 -0.22 15.36 0.21
C VAL A 205 -0.36 14.11 -0.64
N GLU A 206 0.73 13.33 -0.75
CA GLU A 206 0.74 12.11 -1.55
C GLU A 206 1.85 11.17 -1.07
N TRP A 207 1.79 9.90 -1.48
CA TRP A 207 2.80 8.92 -1.11
C TRP A 207 4.06 9.07 -1.97
N LEU A 208 5.14 8.40 -1.56
CA LEU A 208 6.37 8.35 -2.31
C LEU A 208 6.20 7.44 -3.52
N LYS A 209 7.24 7.32 -4.34
CA LYS A 209 7.33 6.34 -5.40
C LYS A 209 8.68 5.65 -5.28
N PRO A 210 8.77 4.35 -5.59
CA PRO A 210 9.99 3.59 -5.41
C PRO A 210 11.09 4.08 -6.35
N ASP A 211 10.72 4.72 -7.46
CA ASP A 211 11.68 5.29 -8.39
C ASP A 211 12.07 6.72 -7.98
N LEU A 212 11.10 7.49 -7.51
CA LEU A 212 11.32 8.86 -7.08
C LEU A 212 12.21 8.87 -5.84
N LYS A 213 11.91 7.99 -4.89
CA LYS A 213 12.54 7.98 -3.59
C LYS A 213 14.00 7.58 -3.67
N GLN A 214 14.33 6.60 -4.52
CA GLN A 214 15.71 6.18 -4.69
C GLN A 214 16.54 7.30 -5.33
N ARG A 215 15.92 8.08 -6.22
CA ARG A 215 16.61 9.20 -6.85
C ARG A 215 16.70 10.38 -5.88
N LEU A 216 15.72 10.49 -4.99
CA LEU A 216 15.67 11.57 -4.01
C LEU A 216 16.77 11.39 -2.96
N ARG A 217 16.97 10.16 -2.49
CA ARG A 217 18.00 9.92 -1.47
C ARG A 217 19.40 10.00 -2.08
N GLN A 218 19.52 9.73 -3.38
CA GLN A 218 20.81 9.79 -4.06
C GLN A 218 21.29 11.23 -4.27
N GLN A 219 20.35 12.19 -4.33
CA GLN A 219 20.73 13.60 -4.46
C GLN A 219 20.67 14.30 -3.10
N LEU A 220 19.99 13.69 -2.12
CA LEU A 220 19.94 14.23 -0.76
C LEU A 220 21.26 13.92 -0.05
N VAL A 221 21.79 12.72 -0.24
CA VAL A 221 23.04 12.31 0.40
C VAL A 221 24.24 13.11 -0.10
N GLY A 222 24.07 13.89 -1.16
CA GLY A 222 25.13 14.70 -1.73
C GLY A 222 25.54 15.82 -0.75
N PRO A 223 24.69 16.82 -0.56
CA PRO A 223 24.94 17.93 0.35
C PRO A 223 25.18 17.44 1.78
N PHE A 224 24.58 16.31 2.16
CA PHE A 224 24.76 15.74 3.49
C PHE A 224 26.08 15.01 3.72
N LEU A 225 26.80 14.70 2.63
CA LEU A 225 28.12 14.07 2.72
C LEU A 225 29.18 15.14 2.97
N ARG A 226 28.86 16.39 2.68
CA ARG A 226 29.76 17.53 2.86
C ARG A 226 29.28 18.40 4.02
N SER A 227 28.68 17.76 5.04
CA SER A 227 28.16 18.44 6.21
C SER A 227 29.29 19.08 7.02
N GLY A 1 -24.73 -20.69 -10.06
CA GLY A 1 -26.21 -20.76 -10.02
C GLY A 1 -26.82 -20.30 -11.34
N ALA A 2 -28.10 -19.94 -11.31
CA ALA A 2 -28.80 -19.48 -12.50
C ALA A 2 -28.29 -18.10 -12.92
N MET A 3 -28.51 -17.75 -14.19
CA MET A 3 -28.08 -16.47 -14.75
C MET A 3 -28.99 -15.33 -14.30
N GLU A 4 -29.90 -15.59 -13.35
CA GLU A 4 -30.86 -14.60 -12.89
C GLU A 4 -31.09 -14.73 -11.38
N ARG A 5 -30.15 -15.36 -10.67
CA ARG A 5 -30.23 -15.56 -9.23
C ARG A 5 -28.88 -15.26 -8.57
N VAL A 6 -28.90 -15.11 -7.25
CA VAL A 6 -27.69 -14.89 -6.47
C VAL A 6 -26.85 -16.15 -6.48
N ASN A 7 -25.58 -16.02 -6.07
CA ASN A 7 -24.62 -17.12 -6.09
C ASN A 7 -23.84 -17.16 -4.78
N PRO A 8 -24.52 -17.45 -3.65
CA PRO A 8 -23.91 -17.46 -2.34
C PRO A 8 -22.90 -18.60 -2.20
N GLU A 9 -23.00 -19.60 -3.08
CA GLU A 9 -22.04 -20.70 -3.12
C GLU A 9 -20.61 -20.19 -3.28
N ASN A 10 -20.43 -19.00 -3.85
CA ASN A 10 -19.11 -18.42 -4.02
C ASN A 10 -18.50 -18.03 -2.67
N LYS A 11 -19.18 -17.15 -1.93
CA LYS A 11 -18.70 -16.73 -0.62
C LYS A 11 -18.74 -17.90 0.36
N ALA A 12 -19.62 -18.87 0.15
CA ALA A 12 -19.70 -20.03 1.02
C ALA A 12 -18.55 -21.00 0.76
N ALA A 13 -18.01 -21.03 -0.47
CA ALA A 13 -16.91 -21.91 -0.80
C ALA A 13 -15.63 -21.48 -0.09
N LEU A 14 -15.35 -20.17 -0.07
CA LEU A 14 -14.17 -19.65 0.60
C LEU A 14 -14.36 -19.72 2.12
N GLU A 15 -15.61 -19.71 2.61
CA GLU A 15 -15.85 -19.84 4.03
C GLU A 15 -15.48 -21.24 4.50
N ALA A 16 -15.88 -22.26 3.72
CA ALA A 16 -15.46 -23.64 3.98
C ALA A 16 -13.95 -23.79 3.88
N TRP A 17 -13.26 -22.87 3.19
CA TRP A 17 -11.80 -22.91 3.11
C TRP A 17 -11.12 -22.23 4.29
N VAL A 18 -11.44 -20.96 4.57
CA VAL A 18 -10.82 -20.26 5.68
C VAL A 18 -10.96 -21.02 6.99
N ARG A 19 -12.02 -21.83 7.13
CA ARG A 19 -12.25 -22.60 8.35
C ARG A 19 -11.28 -23.77 8.44
N GLU A 20 -10.78 -24.26 7.29
CA GLU A 20 -9.93 -25.44 7.26
C GLU A 20 -8.46 -25.05 7.46
N THR A 21 -8.16 -23.75 7.37
CA THR A 21 -6.80 -23.23 7.61
C THR A 21 -6.83 -22.45 8.92
N GLY A 22 -8.00 -21.96 9.33
CA GLY A 22 -8.15 -21.25 10.59
C GLY A 22 -7.80 -19.76 10.45
N ILE A 23 -7.84 -19.23 9.23
CA ILE A 23 -7.46 -17.84 8.97
C ILE A 23 -8.60 -16.89 9.31
N ARG A 24 -9.84 -17.34 9.08
CA ARG A 24 -11.05 -16.55 9.32
C ARG A 24 -10.90 -15.10 8.86
N LEU A 25 -11.23 -14.85 7.58
CA LEU A 25 -11.08 -13.54 6.96
C LEU A 25 -11.69 -12.45 7.84
N VAL A 26 -10.92 -11.40 8.13
CA VAL A 26 -11.40 -10.29 8.94
C VAL A 26 -12.10 -9.24 8.09
N GLN A 27 -13.34 -8.92 8.45
CA GLN A 27 -14.10 -7.88 7.77
C GLN A 27 -13.63 -6.49 8.21
N VAL A 28 -13.72 -5.54 7.27
CA VAL A 28 -13.41 -4.14 7.53
C VAL A 28 -14.57 -3.24 7.10
N ASN A 29 -15.62 -3.21 7.91
CA ASN A 29 -16.87 -2.51 7.58
C ASN A 29 -17.44 -2.97 6.23
N GLY A 30 -16.93 -4.07 5.67
CA GLY A 30 -17.43 -4.61 4.41
C GLY A 30 -16.31 -5.14 3.51
N GLN A 31 -15.05 -4.78 3.79
CA GLN A 31 -13.93 -5.34 3.04
C GLN A 31 -13.64 -6.75 3.54
N ARG A 32 -12.59 -7.39 2.99
CA ARG A 32 -12.12 -8.67 3.48
C ARG A 32 -10.60 -8.76 3.35
N LYS A 33 -9.95 -9.34 4.35
CA LYS A 33 -8.49 -9.53 4.33
C LYS A 33 -8.08 -10.87 4.94
N TYR A 34 -7.05 -11.47 4.36
CA TYR A 34 -6.51 -12.74 4.83
C TYR A 34 -5.22 -12.59 5.63
N GLY A 35 -5.05 -13.39 6.68
CA GLY A 35 -3.81 -13.36 7.46
C GLY A 35 -3.90 -14.25 8.70
N GLY A 36 -2.74 -14.56 9.29
CA GLY A 36 -2.66 -15.50 10.41
C GLY A 36 -2.70 -16.94 9.89
N PRO A 37 -1.68 -17.35 9.13
CA PRO A 37 -1.58 -18.68 8.57
C PRO A 37 -1.45 -19.73 9.68
N PRO A 38 -1.58 -21.01 9.33
CA PRO A 38 -1.48 -22.12 10.28
C PRO A 38 -0.17 -22.08 11.06
N PRO A 39 -0.13 -22.72 12.23
CA PRO A 39 1.03 -22.73 13.13
C PRO A 39 2.30 -23.30 12.49
N GLY A 40 2.20 -23.83 11.27
CA GLY A 40 3.34 -24.43 10.59
C GLY A 40 4.42 -23.39 10.28
N TRP A 41 4.03 -22.12 10.16
CA TRP A 41 4.98 -21.04 9.90
C TRP A 41 4.39 -19.67 10.23
N VAL A 42 5.27 -18.73 10.60
CA VAL A 42 4.88 -17.34 10.84
C VAL A 42 6.12 -16.44 10.75
N GLY A 43 5.95 -15.21 10.26
CA GLY A 43 7.04 -14.26 10.17
C GLY A 43 6.71 -13.13 9.20
N SER A 44 7.30 -11.95 9.43
CA SER A 44 7.12 -10.80 8.56
C SER A 44 8.25 -9.78 8.81
N PRO A 45 9.19 -9.65 7.87
CA PRO A 45 10.31 -8.73 8.01
C PRO A 45 9.85 -7.29 7.75
N PRO A 46 10.17 -6.35 8.65
CA PRO A 46 9.94 -4.93 8.43
C PRO A 46 10.61 -4.40 7.15
N PRO A 47 11.88 -4.75 6.87
CA PRO A 47 12.57 -4.32 5.67
C PRO A 47 12.13 -5.16 4.46
N ALA A 48 12.83 -5.00 3.34
CA ALA A 48 12.56 -5.68 2.08
C ALA A 48 11.20 -5.29 1.47
N GLY A 49 11.14 -5.31 0.14
CA GLY A 49 9.95 -4.94 -0.62
C GLY A 49 9.04 -6.14 -0.86
N SER A 50 8.82 -6.97 0.18
CA SER A 50 8.02 -8.17 0.05
C SER A 50 6.55 -7.88 -0.25
N GLU A 51 6.09 -6.65 -0.03
CA GLU A 51 4.75 -6.24 -0.42
C GLU A 51 4.57 -6.24 -1.94
N VAL A 52 3.35 -6.57 -2.39
CA VAL A 52 3.03 -6.74 -3.80
C VAL A 52 1.56 -6.39 -4.01
N PHE A 53 1.23 -5.83 -5.18
CA PHE A 53 -0.12 -5.37 -5.48
C PHE A 53 -0.59 -5.65 -6.89
N ILE A 54 -1.68 -6.42 -7.03
CA ILE A 54 -2.35 -6.64 -8.30
C ILE A 54 -3.39 -5.56 -8.60
N GLY A 55 -3.72 -5.37 -9.88
CA GLY A 55 -4.73 -4.41 -10.30
C GLY A 55 -5.34 -4.80 -11.65
N ARG A 56 -6.37 -4.06 -12.09
CA ARG A 56 -7.11 -4.33 -13.32
C ARG A 56 -7.77 -5.70 -13.29
N LEU A 57 -8.11 -6.19 -12.09
CA LEU A 57 -8.76 -7.48 -11.91
C LEU A 57 -10.26 -7.35 -12.17
N PRO A 58 -10.98 -8.47 -12.32
CA PRO A 58 -12.43 -8.47 -12.41
C PRO A 58 -13.02 -7.85 -11.14
N GLN A 59 -14.18 -7.21 -11.26
CA GLN A 59 -14.80 -6.54 -10.12
C GLN A 59 -15.42 -7.55 -9.14
N ASP A 60 -15.59 -8.80 -9.58
CA ASP A 60 -16.24 -9.83 -8.77
C ASP A 60 -15.32 -10.97 -8.35
N VAL A 61 -14.02 -10.88 -8.66
CA VAL A 61 -13.08 -11.94 -8.31
C VAL A 61 -12.86 -12.02 -6.80
N TYR A 62 -12.88 -13.25 -6.27
CA TYR A 62 -12.77 -13.49 -4.84
C TYR A 62 -11.40 -13.92 -4.32
N GLU A 63 -11.39 -14.32 -3.04
CA GLU A 63 -10.16 -14.67 -2.34
C GLU A 63 -9.66 -16.02 -2.84
N HIS A 64 -10.61 -16.88 -3.24
CA HIS A 64 -10.31 -18.25 -3.64
C HIS A 64 -9.65 -18.31 -5.01
N GLN A 65 -9.33 -17.13 -5.58
CA GLN A 65 -8.67 -17.06 -6.87
C GLN A 65 -7.29 -16.42 -6.71
N LEU A 66 -7.26 -15.23 -6.11
CA LEU A 66 -6.03 -14.45 -6.03
C LEU A 66 -5.17 -14.87 -4.86
N ILE A 67 -5.74 -15.41 -3.78
CA ILE A 67 -4.89 -15.81 -2.67
C ILE A 67 -4.07 -17.04 -3.04
N PRO A 68 -4.68 -18.10 -3.61
CA PRO A 68 -3.95 -19.24 -4.12
C PRO A 68 -2.94 -18.82 -5.20
N LEU A 69 -3.26 -17.78 -5.98
CA LEU A 69 -2.36 -17.25 -6.98
C LEU A 69 -1.14 -16.61 -6.32
N PHE A 70 -1.30 -16.16 -5.08
CA PHE A 70 -0.20 -15.65 -4.29
C PHE A 70 0.58 -16.72 -3.54
N GLN A 71 -0.12 -17.75 -3.04
CA GLN A 71 0.52 -18.79 -2.25
C GLN A 71 1.31 -19.75 -3.14
N ARG A 72 1.15 -19.66 -4.46
CA ARG A 72 1.86 -20.54 -5.38
C ARG A 72 3.21 -19.95 -5.80
N VAL A 73 3.31 -18.62 -5.90
CA VAL A 73 4.56 -17.97 -6.30
C VAL A 73 5.48 -17.76 -5.09
N GLY A 74 4.90 -17.73 -3.88
CA GLY A 74 5.69 -17.56 -2.67
C GLY A 74 4.85 -17.66 -1.41
N ARG A 75 5.52 -17.72 -0.26
CA ARG A 75 4.85 -17.76 1.04
C ARG A 75 4.11 -16.46 1.31
N LEU A 76 2.80 -16.55 1.46
CA LEU A 76 1.96 -15.41 1.78
C LEU A 76 1.95 -15.20 3.29
N TYR A 77 2.15 -13.96 3.74
CA TYR A 77 1.98 -13.61 5.15
C TYR A 77 0.64 -12.95 5.45
N GLU A 78 0.19 -12.04 4.56
CA GLU A 78 -1.08 -11.37 4.74
C GLU A 78 -1.54 -10.75 3.42
N PHE A 79 -2.76 -11.10 2.98
CA PHE A 79 -3.34 -10.59 1.75
C PHE A 79 -4.55 -9.71 2.13
N ARG A 80 -4.92 -8.75 1.28
CA ARG A 80 -6.13 -7.94 1.48
C ARG A 80 -6.80 -7.69 0.14
N LEU A 81 -8.14 -7.63 0.14
CA LEU A 81 -8.90 -7.52 -1.09
C LEU A 81 -10.07 -6.55 -0.91
N MET A 82 -10.13 -5.53 -1.78
CA MET A 82 -11.12 -4.47 -1.64
C MET A 82 -11.83 -4.15 -2.95
N MET A 83 -13.01 -3.52 -2.78
CA MET A 83 -13.90 -3.09 -3.83
C MET A 83 -14.26 -1.62 -3.64
N THR A 84 -15.03 -1.05 -4.56
CA THR A 84 -15.60 0.29 -4.42
C THR A 84 -17.07 0.31 -4.85
N PHE A 85 -17.82 1.30 -4.36
CA PHE A 85 -19.27 1.32 -4.55
C PHE A 85 -19.80 2.49 -5.36
N SER A 86 -19.01 2.92 -6.36
CA SER A 86 -19.43 3.95 -7.30
C SER A 86 -20.59 3.45 -8.17
N GLY A 87 -20.83 2.13 -8.18
CA GLY A 87 -21.94 1.57 -8.94
C GLY A 87 -22.04 0.04 -8.84
N LEU A 88 -20.96 -0.66 -8.44
CA LEU A 88 -21.00 -2.11 -8.36
C LEU A 88 -19.93 -2.66 -7.42
N ASN A 89 -18.66 -2.57 -7.82
CA ASN A 89 -17.52 -3.12 -7.12
C ASN A 89 -16.24 -2.55 -7.74
N ARG A 90 -15.08 -3.00 -7.25
CA ARG A 90 -13.79 -2.69 -7.85
C ARG A 90 -12.94 -3.96 -7.83
N GLY A 91 -11.77 -3.93 -8.47
CA GLY A 91 -10.93 -5.12 -8.53
C GLY A 91 -9.48 -4.75 -8.29
N PHE A 92 -9.07 -4.70 -7.02
CA PHE A 92 -7.66 -4.48 -6.70
C PHE A 92 -7.39 -5.10 -5.33
N ALA A 93 -6.16 -5.58 -5.15
CA ALA A 93 -5.74 -6.23 -3.92
C ALA A 93 -4.22 -6.18 -3.79
N TYR A 94 -3.70 -6.53 -2.60
CA TYR A 94 -2.26 -6.57 -2.39
C TYR A 94 -1.94 -7.58 -1.29
N ALA A 95 -0.67 -7.88 -1.11
CA ALA A 95 -0.22 -8.88 -0.15
C ALA A 95 1.22 -8.65 0.27
N ARG A 96 1.57 -9.13 1.47
CA ARG A 96 2.95 -9.18 1.93
C ARG A 96 3.49 -10.60 1.90
N TYR A 97 4.65 -10.78 1.28
CA TYR A 97 5.35 -12.06 1.26
C TYR A 97 6.33 -12.23 2.42
N SER A 98 6.68 -13.47 2.76
CA SER A 98 7.69 -13.74 3.77
C SER A 98 9.03 -13.10 3.42
N SER A 99 9.29 -12.92 2.11
CA SER A 99 10.51 -12.28 1.64
C SER A 99 10.28 -11.65 0.27
N ARG A 100 11.19 -10.75 -0.13
CA ARG A 100 11.11 -10.08 -1.41
C ARG A 100 11.27 -11.08 -2.55
N ARG A 101 11.98 -12.19 -2.32
CA ARG A 101 12.13 -13.22 -3.34
C ARG A 101 10.78 -13.80 -3.74
N GLY A 102 9.83 -13.83 -2.80
CA GLY A 102 8.49 -14.30 -3.08
C GLY A 102 7.71 -13.21 -3.81
N ALA A 103 8.01 -11.95 -3.48
CA ALA A 103 7.35 -10.80 -4.07
C ALA A 103 7.80 -10.58 -5.50
N GLN A 104 9.08 -10.84 -5.79
CA GLN A 104 9.65 -10.62 -7.11
C GLN A 104 9.14 -11.67 -8.08
N ALA A 105 8.95 -12.90 -7.60
CA ALA A 105 8.37 -13.96 -8.40
C ALA A 105 6.89 -13.66 -8.68
N ALA A 106 6.18 -13.11 -7.69
CA ALA A 106 4.76 -12.86 -7.80
C ALA A 106 4.47 -11.91 -8.96
N ILE A 107 5.12 -10.74 -8.98
CA ILE A 107 4.92 -9.79 -10.07
C ILE A 107 5.33 -10.40 -11.40
N ALA A 108 6.52 -10.99 -11.47
CA ALA A 108 7.03 -11.60 -12.68
C ALA A 108 6.19 -12.79 -13.16
N THR A 109 5.18 -13.19 -12.37
CA THR A 109 4.39 -14.37 -12.69
C THR A 109 2.92 -14.03 -12.88
N LEU A 110 2.41 -13.06 -12.10
CA LEU A 110 1.00 -12.70 -12.13
C LEU A 110 0.74 -11.62 -13.15
N HIS A 111 1.71 -10.74 -13.41
CA HIS A 111 1.53 -9.71 -14.41
C HIS A 111 1.34 -10.35 -15.79
N ASN A 112 2.21 -11.30 -16.12
CA ASN A 112 2.11 -12.06 -17.36
C ASN A 112 1.16 -13.25 -17.17
N HIS A 113 -0.03 -13.03 -16.60
CA HIS A 113 -1.00 -14.10 -16.37
C HIS A 113 -2.42 -13.62 -16.68
N PRO A 114 -2.97 -14.05 -17.83
CA PRO A 114 -4.31 -13.72 -18.25
C PRO A 114 -5.32 -14.64 -17.54
N LEU A 115 -5.64 -14.32 -16.29
CA LEU A 115 -6.67 -15.06 -15.55
C LEU A 115 -7.93 -15.21 -16.39
N ARG A 116 -8.26 -14.18 -17.18
CA ARG A 116 -9.44 -14.16 -18.04
C ARG A 116 -9.13 -13.31 -19.28
N PRO A 117 -9.91 -13.48 -20.35
CA PRO A 117 -9.84 -12.61 -21.52
C PRO A 117 -10.10 -11.16 -21.13
N SER A 118 -9.50 -10.23 -21.86
CA SER A 118 -9.67 -8.79 -21.61
C SER A 118 -9.39 -8.44 -20.14
N CYS A 119 -8.42 -9.14 -19.53
CA CYS A 119 -8.05 -8.91 -18.14
C CYS A 119 -6.53 -8.95 -18.01
N PRO A 120 -5.84 -7.88 -18.46
CA PRO A 120 -4.40 -7.73 -18.35
C PRO A 120 -4.01 -7.46 -16.90
N LEU A 121 -4.14 -8.48 -16.05
CA LEU A 121 -3.80 -8.41 -14.64
C LEU A 121 -2.48 -7.67 -14.40
N LEU A 122 -2.55 -6.42 -13.96
CA LEU A 122 -1.37 -5.62 -13.63
C LEU A 122 -0.83 -6.04 -12.26
N VAL A 123 0.50 -6.02 -12.07
CA VAL A 123 1.09 -6.21 -10.75
C VAL A 123 2.24 -5.23 -10.49
N CYS A 124 2.59 -5.06 -9.21
CA CYS A 124 3.59 -4.10 -8.79
C CYS A 124 4.05 -4.45 -7.38
N ARG A 125 5.08 -3.74 -6.88
CA ARG A 125 5.46 -3.82 -5.48
C ARG A 125 4.50 -2.94 -4.67
N SER A 126 4.93 -2.50 -3.50
CA SER A 126 4.17 -1.51 -2.73
C SER A 126 4.26 -0.16 -3.44
N THR A 127 3.32 0.74 -3.15
CA THR A 127 3.43 2.13 -3.61
C THR A 127 4.29 2.98 -2.67
N GLU A 128 5.19 2.31 -1.94
CA GLU A 128 6.08 2.95 -0.98
C GLU A 128 5.28 3.65 0.13
N LYS A 129 4.26 2.97 0.66
CA LYS A 129 3.43 3.50 1.74
C LYS A 129 4.29 3.95 2.93
N CYS A 130 5.41 3.26 3.16
CA CYS A 130 6.29 3.56 4.27
C CYS A 130 6.81 4.99 4.26
N GLU A 131 6.53 5.73 3.19
CA GLU A 131 6.99 7.10 3.06
C GLU A 131 5.86 8.01 2.57
N LEU A 132 5.90 9.27 3.00
CA LEU A 132 4.86 10.24 2.69
C LEU A 132 5.56 11.46 2.09
N SER A 133 4.92 12.15 1.14
CA SER A 133 5.51 13.34 0.53
C SER A 133 4.56 14.52 0.65
N VAL A 134 5.13 15.71 0.83
CA VAL A 134 4.36 16.95 0.95
C VAL A 134 4.73 17.94 -0.14
N ASP A 135 3.84 18.88 -0.45
CA ASP A 135 4.05 19.81 -1.57
C ASP A 135 3.50 21.18 -1.17
N GLY A 136 4.00 22.25 -1.81
CA GLY A 136 3.61 23.63 -1.53
C GLY A 136 4.36 24.16 -0.31
N LEU A 137 4.05 23.60 0.87
CA LEU A 137 4.67 23.95 2.14
C LEU A 137 4.52 25.43 2.50
N PRO A 138 4.98 25.82 3.70
CA PRO A 138 5.10 27.20 4.14
C PRO A 138 6.10 28.00 3.30
N PRO A 139 6.05 29.34 3.40
CA PRO A 139 6.90 30.25 2.65
C PRO A 139 8.37 30.12 3.03
N ASN A 140 8.68 30.23 4.33
CA ASN A 140 10.04 30.30 4.82
C ASN A 140 10.21 29.54 6.12
N LEU A 141 9.13 28.93 6.62
CA LEU A 141 9.15 28.22 7.89
C LEU A 141 10.21 27.13 7.88
N THR A 142 10.79 26.85 9.06
CA THR A 142 11.83 25.84 9.19
C THR A 142 11.27 24.43 9.20
N ARG A 143 12.08 23.46 8.78
CA ARG A 143 11.69 22.06 8.73
C ARG A 143 11.24 21.57 10.10
N SER A 144 11.83 22.10 11.18
CA SER A 144 11.50 21.66 12.53
C SER A 144 10.02 21.88 12.83
N ALA A 145 9.46 22.97 12.30
CA ALA A 145 8.06 23.31 12.55
C ALA A 145 7.12 22.48 11.64
N LEU A 146 7.59 22.16 10.42
CA LEU A 146 6.83 21.29 9.52
C LEU A 146 6.51 19.96 10.20
N LEU A 147 7.52 19.30 10.78
CA LEU A 147 7.31 18.01 11.44
C LEU A 147 6.36 18.19 12.61
N LEU A 148 6.63 19.19 13.44
CA LEU A 148 5.82 19.46 14.62
C LEU A 148 4.36 19.68 14.24
N ALA A 149 4.12 20.37 13.11
CA ALA A 149 2.78 20.64 12.64
C ALA A 149 2.00 19.34 12.37
N LEU A 150 2.69 18.25 12.03
CA LEU A 150 2.03 16.98 11.77
C LEU A 150 2.44 15.88 12.77
N GLN A 151 3.19 16.22 13.81
CA GLN A 151 3.69 15.24 14.75
C GLN A 151 2.60 14.68 15.69
N PRO A 152 1.61 15.46 16.12
CA PRO A 152 0.59 14.96 17.04
C PRO A 152 -0.40 14.05 16.31
N LEU A 153 -0.53 14.20 15.00
CA LEU A 153 -1.45 13.41 14.19
C LEU A 153 -0.70 12.30 13.44
N GLY A 154 0.63 12.40 13.38
CA GLY A 154 1.45 11.40 12.69
C GLY A 154 2.54 10.85 13.60
N PRO A 155 2.15 10.12 14.65
CA PRO A 155 3.08 9.51 15.57
C PRO A 155 3.84 8.38 14.88
N GLY A 156 5.00 8.03 15.44
CA GLY A 156 5.82 6.94 14.92
C GLY A 156 6.82 7.43 13.88
N LEU A 157 6.84 8.73 13.57
CA LEU A 157 7.74 9.27 12.57
C LEU A 157 9.19 8.97 12.93
N GLN A 158 9.92 8.35 12.00
CA GLN A 158 11.32 7.97 12.23
C GLN A 158 12.25 9.11 11.82
N GLU A 159 12.00 9.71 10.65
CA GLU A 159 12.85 10.77 10.14
C GLU A 159 12.14 11.57 9.04
N ALA A 160 12.70 12.74 8.72
CA ALA A 160 12.17 13.58 7.66
C ALA A 160 13.27 14.43 7.04
N ARG A 161 13.12 14.73 5.74
CA ARG A 161 14.08 15.55 5.01
C ARG A 161 13.34 16.38 3.97
N LEU A 162 13.64 17.68 3.88
CA LEU A 162 12.96 18.58 2.97
C LEU A 162 13.97 19.18 2.01
N LEU A 163 13.91 18.77 0.74
CA LEU A 163 14.77 19.34 -0.31
C LEU A 163 14.27 18.95 -1.71
N PRO A 164 14.37 17.67 -2.13
CA PRO A 164 14.17 17.23 -3.50
C PRO A 164 12.80 17.59 -4.05
N SER A 165 12.60 17.40 -5.35
CA SER A 165 11.32 17.64 -6.01
C SER A 165 11.30 16.96 -7.38
N PRO A 166 10.13 16.45 -7.81
CA PRO A 166 9.97 15.88 -9.13
C PRO A 166 10.09 16.95 -10.21
N GLY A 167 10.62 16.58 -11.38
CA GLY A 167 10.78 17.49 -12.50
C GLY A 167 9.48 17.64 -13.28
N PRO A 168 9.58 18.32 -14.43
CA PRO A 168 10.76 19.03 -14.90
C PRO A 168 10.94 20.36 -14.17
N ALA A 169 9.88 20.89 -13.57
CA ALA A 169 9.92 22.17 -12.89
C ALA A 169 10.65 22.04 -11.54
N PRO A 170 11.29 23.12 -11.08
CA PRO A 170 11.93 23.18 -9.79
C PRO A 170 10.91 23.25 -8.66
N GLY A 171 11.38 23.17 -7.42
CA GLY A 171 10.52 23.22 -6.24
C GLY A 171 11.15 22.46 -5.09
N GLN A 172 10.44 22.39 -3.95
CA GLN A 172 10.91 21.67 -2.78
C GLN A 172 9.83 20.68 -2.32
N ILE A 173 10.25 19.57 -1.70
CA ILE A 173 9.31 18.57 -1.21
C ILE A 173 9.71 18.15 0.20
N ALA A 174 8.74 17.73 1.01
CA ALA A 174 9.03 17.12 2.30
C ALA A 174 8.87 15.61 2.17
N LEU A 175 9.85 14.85 2.65
CA LEU A 175 9.72 13.40 2.72
C LEU A 175 9.73 12.93 4.17
N LEU A 176 8.77 12.06 4.46
CA LEU A 176 8.52 11.57 5.80
C LEU A 176 8.63 10.04 5.88
N LYS A 177 9.45 9.53 6.80
CA LYS A 177 9.47 8.11 7.12
C LYS A 177 8.68 7.86 8.39
N PHE A 178 7.72 6.93 8.36
CA PHE A 178 6.92 6.58 9.52
C PHE A 178 7.25 5.19 10.08
N SER A 179 6.78 4.89 11.30
CA SER A 179 7.04 3.61 11.94
C SER A 179 6.24 2.48 11.28
N SER A 180 5.10 2.80 10.67
CA SER A 180 4.24 1.79 10.07
C SER A 180 3.42 2.41 8.93
N HIS A 181 2.83 1.55 8.10
CA HIS A 181 1.99 1.99 7.00
C HIS A 181 0.88 2.90 7.53
N ARG A 182 0.05 2.37 8.43
CA ARG A 182 -1.05 3.13 9.00
C ARG A 182 -0.58 4.43 9.67
N ALA A 183 0.60 4.45 10.29
CA ALA A 183 1.10 5.66 10.94
C ALA A 183 1.22 6.78 9.90
N ALA A 184 1.75 6.47 8.71
CA ALA A 184 1.82 7.43 7.64
C ALA A 184 0.43 7.77 7.12
N ALA A 185 -0.49 6.79 7.13
CA ALA A 185 -1.84 6.99 6.64
C ALA A 185 -2.64 7.91 7.57
N MET A 186 -2.39 7.88 8.87
CA MET A 186 -3.09 8.76 9.80
C MET A 186 -2.69 10.21 9.54
N ALA A 187 -1.41 10.43 9.22
CA ALA A 187 -0.94 11.77 8.90
C ALA A 187 -1.40 12.17 7.49
N LYS A 188 -1.29 11.26 6.53
CA LYS A 188 -1.71 11.52 5.17
C LYS A 188 -3.19 11.85 5.11
N LYS A 189 -4.00 11.07 5.83
CA LYS A 189 -5.45 11.22 5.81
C LYS A 189 -5.89 12.52 6.48
N ALA A 190 -5.29 12.85 7.62
CA ALA A 190 -5.72 14.02 8.38
C ALA A 190 -5.40 15.32 7.62
N LEU A 191 -4.20 15.41 7.05
CA LEU A 191 -3.77 16.60 6.35
C LEU A 191 -4.61 16.78 5.08
N VAL A 192 -5.00 15.67 4.45
CA VAL A 192 -5.80 15.72 3.23
C VAL A 192 -7.28 15.97 3.51
N GLU A 193 -7.74 15.58 4.70
CA GLU A 193 -9.12 15.85 5.14
C GLU A 193 -9.34 17.34 5.42
N GLY A 194 -8.29 18.07 5.77
CA GLY A 194 -8.41 19.51 5.99
C GLY A 194 -7.55 20.02 7.15
N GLN A 195 -6.61 19.21 7.66
CA GLN A 195 -5.69 19.66 8.71
C GLN A 195 -4.52 20.43 8.07
N SER A 196 -4.62 20.67 6.75
CA SER A 196 -3.68 21.50 6.01
C SER A 196 -3.81 22.97 6.44
N HIS A 197 -3.12 23.88 5.74
CA HIS A 197 -3.11 25.30 6.08
C HIS A 197 -2.65 25.53 7.52
N LEU A 198 -1.33 25.41 7.74
CA LEU A 198 -0.73 25.51 9.06
C LEU A 198 -0.99 26.87 9.69
N CYS A 199 -0.89 27.96 8.92
CA CYS A 199 -1.07 29.29 9.48
C CYS A 199 -1.40 30.34 8.41
N GLY A 200 -0.91 30.16 7.19
CA GLY A 200 -1.08 31.18 6.14
C GLY A 200 -0.33 30.79 4.89
N GLU A 201 -0.34 29.50 4.55
CA GLU A 201 0.43 28.95 3.45
C GLU A 201 -0.41 27.88 2.76
N GLN A 202 0.20 27.12 1.84
CA GLN A 202 -0.52 26.09 1.13
C GLN A 202 0.27 24.80 1.13
N VAL A 203 -0.41 23.68 1.38
CA VAL A 203 0.26 22.41 1.55
C VAL A 203 -0.64 21.27 1.08
N ALA A 204 -0.03 20.21 0.55
CA ALA A 204 -0.74 19.05 0.05
C ALA A 204 0.04 17.78 0.35
N VAL A 205 -0.67 16.70 0.69
CA VAL A 205 -0.04 15.44 1.07
C VAL A 205 -0.38 14.39 0.03
N GLU A 206 0.65 13.69 -0.47
CA GLU A 206 0.51 12.62 -1.43
C GLU A 206 1.51 11.51 -1.13
N TRP A 207 1.18 10.27 -1.51
CA TRP A 207 2.12 9.16 -1.36
C TRP A 207 3.14 9.20 -2.49
N LEU A 208 4.17 8.36 -2.38
CA LEU A 208 5.17 8.24 -3.44
C LEU A 208 4.66 7.33 -4.55
N LYS A 209 5.51 7.16 -5.58
CA LYS A 209 5.31 6.17 -6.63
C LYS A 209 6.58 5.33 -6.69
N PRO A 210 6.50 4.07 -7.13
CA PRO A 210 7.64 3.18 -7.14
C PRO A 210 8.73 3.70 -8.09
N ASP A 211 8.37 4.48 -9.11
CA ASP A 211 9.33 5.11 -10.00
C ASP A 211 9.79 6.47 -9.48
N LEU A 212 8.87 7.21 -8.86
CA LEU A 212 9.17 8.52 -8.31
C LEU A 212 10.16 8.38 -7.16
N LYS A 213 9.94 7.38 -6.31
CA LYS A 213 10.70 7.19 -5.09
C LYS A 213 12.15 6.85 -5.39
N GLN A 214 12.40 5.99 -6.39
CA GLN A 214 13.77 5.66 -6.77
C GLN A 214 14.46 6.86 -7.43
N ARG A 215 13.71 7.66 -8.20
CA ARG A 215 14.28 8.83 -8.88
C ARG A 215 14.53 9.95 -7.88
N LEU A 216 13.67 10.06 -6.86
CA LEU A 216 13.86 11.01 -5.79
C LEU A 216 15.12 10.64 -4.99
N ARG A 217 15.37 9.35 -4.84
CA ARG A 217 16.55 8.85 -4.15
C ARG A 217 17.81 9.10 -4.98
N GLN A 218 17.70 8.99 -6.31
CA GLN A 218 18.84 9.20 -7.20
C GLN A 218 19.34 10.64 -7.15
N GLN A 219 18.47 11.61 -6.80
CA GLN A 219 18.89 12.99 -6.65
C GLN A 219 19.09 13.37 -5.17
N LEU A 220 18.51 12.59 -4.26
CA LEU A 220 18.67 12.82 -2.82
C LEU A 220 20.04 12.32 -2.37
N VAL A 221 20.52 11.22 -2.96
CA VAL A 221 21.81 10.64 -2.63
C VAL A 221 22.97 11.55 -3.04
N GLY A 222 22.69 12.63 -3.76
CA GLY A 222 23.70 13.58 -4.20
C GLY A 222 24.43 14.20 -3.01
N PRO A 223 23.75 15.07 -2.25
CA PRO A 223 24.33 15.72 -1.08
C PRO A 223 24.67 14.71 0.02
N PHE A 224 24.01 13.55 0.03
CA PHE A 224 24.27 12.51 1.02
C PHE A 224 25.46 11.61 0.71
N LEU A 225 26.09 11.81 -0.46
CA LEU A 225 27.27 11.04 -0.85
C LEU A 225 28.51 11.52 -0.07
N ARG A 226 28.42 12.71 0.54
CA ARG A 226 29.52 13.29 1.30
C ARG A 226 29.77 12.49 2.57
N SER A 227 30.97 12.67 3.13
CA SER A 227 31.42 11.99 4.35
C SER A 227 31.19 10.49 4.27
N GLY A 1 -26.00 -22.29 -8.13
CA GLY A 1 -26.94 -21.15 -8.17
C GLY A 1 -27.76 -21.15 -9.45
N ALA A 2 -28.12 -19.97 -9.95
CA ALA A 2 -28.90 -19.84 -11.17
C ALA A 2 -28.60 -18.49 -11.84
N MET A 3 -28.95 -18.37 -13.12
CA MET A 3 -28.69 -17.17 -13.90
C MET A 3 -29.68 -16.05 -13.55
N GLU A 4 -30.52 -16.25 -12.53
CA GLU A 4 -31.52 -15.27 -12.13
C GLU A 4 -31.65 -15.21 -10.60
N ARG A 5 -30.63 -15.69 -9.88
CA ARG A 5 -30.61 -15.70 -8.43
C ARG A 5 -29.26 -15.24 -7.92
N VAL A 6 -29.17 -14.97 -6.61
CA VAL A 6 -27.92 -14.60 -5.96
C VAL A 6 -26.98 -15.81 -5.93
N ASN A 7 -25.72 -15.58 -5.58
CA ASN A 7 -24.72 -16.64 -5.56
C ASN A 7 -23.89 -16.59 -4.27
N PRO A 8 -24.54 -16.81 -3.10
CA PRO A 8 -23.87 -16.85 -1.82
C PRO A 8 -22.93 -18.04 -1.75
N GLU A 9 -23.13 -19.02 -2.63
CA GLU A 9 -22.24 -20.17 -2.77
C GLU A 9 -20.79 -19.74 -2.99
N ASN A 10 -20.57 -18.55 -3.54
CA ASN A 10 -19.22 -18.04 -3.78
C ASN A 10 -18.53 -17.73 -2.46
N LYS A 11 -19.14 -16.90 -1.61
CA LYS A 11 -18.56 -16.57 -0.31
C LYS A 11 -18.62 -17.77 0.62
N ALA A 12 -19.58 -18.67 0.41
CA ALA A 12 -19.67 -19.88 1.22
C ALA A 12 -18.53 -20.84 0.87
N ALA A 13 -18.06 -20.82 -0.38
CA ALA A 13 -16.97 -21.70 -0.79
C ALA A 13 -15.67 -21.30 -0.11
N LEU A 14 -15.36 -20.00 -0.06
CA LEU A 14 -14.16 -19.51 0.61
C LEU A 14 -14.31 -19.63 2.13
N GLU A 15 -15.53 -19.64 2.65
CA GLU A 15 -15.74 -19.82 4.08
C GLU A 15 -15.35 -21.24 4.49
N ALA A 16 -15.74 -22.23 3.68
CA ALA A 16 -15.32 -23.60 3.88
C ALA A 16 -13.81 -23.78 3.70
N TRP A 17 -13.16 -22.85 3.00
CA TRP A 17 -11.70 -22.89 2.86
C TRP A 17 -10.99 -22.27 4.05
N VAL A 18 -11.31 -21.02 4.39
CA VAL A 18 -10.65 -20.34 5.51
C VAL A 18 -10.77 -21.15 6.80
N ARG A 19 -11.81 -21.98 6.94
CA ARG A 19 -12.00 -22.79 8.14
C ARG A 19 -11.05 -23.99 8.14
N GLU A 20 -10.60 -24.43 6.95
CA GLU A 20 -9.75 -25.62 6.85
C GLU A 20 -8.27 -25.25 7.01
N THR A 21 -7.97 -23.94 6.96
CA THR A 21 -6.62 -23.44 7.20
C THR A 21 -6.61 -22.72 8.56
N GLY A 22 -7.79 -22.29 9.03
CA GLY A 22 -7.91 -21.62 10.32
C GLY A 22 -7.50 -20.15 10.24
N ILE A 23 -7.58 -19.56 9.04
CA ILE A 23 -7.13 -18.19 8.83
C ILE A 23 -8.21 -17.20 9.22
N ARG A 24 -9.48 -17.59 9.02
CA ARG A 24 -10.65 -16.77 9.36
C ARG A 24 -10.51 -15.32 8.90
N LEU A 25 -10.90 -15.05 7.64
CA LEU A 25 -10.81 -13.72 7.04
C LEU A 25 -11.42 -12.69 7.99
N VAL A 26 -10.67 -11.61 8.24
CA VAL A 26 -11.15 -10.52 9.09
C VAL A 26 -12.00 -9.57 8.28
N GLN A 27 -13.27 -9.39 8.66
CA GLN A 27 -14.16 -8.46 7.99
C GLN A 27 -13.87 -7.03 8.45
N VAL A 28 -14.10 -6.07 7.55
CA VAL A 28 -13.91 -4.65 7.83
C VAL A 28 -15.04 -3.84 7.24
N ASN A 29 -16.16 -3.75 7.97
CA ASN A 29 -17.36 -3.04 7.53
C ASN A 29 -17.81 -3.47 6.13
N GLY A 30 -17.53 -4.74 5.76
CA GLY A 30 -17.94 -5.29 4.48
C GLY A 30 -16.74 -5.60 3.59
N GLN A 31 -15.59 -5.00 3.87
CA GLN A 31 -14.34 -5.33 3.19
C GLN A 31 -13.79 -6.62 3.79
N ARG A 32 -12.79 -7.23 3.13
CA ARG A 32 -12.27 -8.52 3.58
C ARG A 32 -10.75 -8.61 3.39
N LYS A 33 -10.06 -9.24 4.35
CA LYS A 33 -8.63 -9.42 4.27
C LYS A 33 -8.19 -10.76 4.83
N TYR A 34 -7.17 -11.35 4.20
CA TYR A 34 -6.59 -12.60 4.64
C TYR A 34 -5.37 -12.45 5.55
N GLY A 35 -5.22 -13.38 6.50
CA GLY A 35 -4.15 -13.33 7.48
C GLY A 35 -4.64 -12.73 8.79
N GLY A 36 -3.98 -13.08 9.89
CA GLY A 36 -4.34 -12.62 11.22
C GLY A 36 -3.68 -13.51 12.27
N PRO A 37 -4.22 -14.72 12.49
CA PRO A 37 -3.61 -15.72 13.33
C PRO A 37 -2.32 -16.22 12.67
N PRO A 38 -1.41 -16.83 13.44
CA PRO A 38 -0.14 -17.29 12.94
C PRO A 38 -0.35 -18.46 11.98
N PRO A 39 0.30 -18.41 10.80
CA PRO A 39 0.25 -19.48 9.81
C PRO A 39 1.12 -20.65 10.24
N GLY A 40 1.08 -21.74 9.46
CA GLY A 40 1.94 -22.89 9.71
C GLY A 40 3.41 -22.56 9.40
N TRP A 41 3.63 -21.47 8.63
CA TRP A 41 4.96 -20.99 8.32
C TRP A 41 5.53 -20.17 9.47
N VAL A 42 6.86 -20.08 9.56
CA VAL A 42 7.53 -19.33 10.62
C VAL A 42 8.72 -18.57 10.04
N GLY A 43 8.88 -17.31 10.45
CA GLY A 43 9.97 -16.46 9.99
C GLY A 43 9.61 -14.98 10.18
N SER A 44 10.40 -14.10 9.59
CA SER A 44 10.15 -12.67 9.64
C SER A 44 10.74 -12.00 8.40
N PRO A 45 10.02 -11.05 7.79
CA PRO A 45 10.44 -10.41 6.56
C PRO A 45 11.62 -9.47 6.83
N PRO A 46 12.67 -9.54 6.00
CA PRO A 46 13.81 -8.65 6.04
C PRO A 46 13.42 -7.29 5.46
N PRO A 47 14.29 -6.27 5.63
CA PRO A 47 14.10 -4.98 5.00
C PRO A 47 14.26 -5.14 3.49
N ALA A 48 13.12 -5.31 2.80
CA ALA A 48 13.10 -5.64 1.37
C ALA A 48 11.84 -5.11 0.69
N GLY A 49 11.02 -4.33 1.41
CA GLY A 49 9.74 -3.83 0.91
C GLY A 49 8.70 -4.95 0.89
N SER A 50 8.94 -5.96 0.04
CA SER A 50 8.12 -7.17 -0.01
C SER A 50 6.63 -6.88 -0.19
N GLU A 51 6.27 -5.76 -0.83
CA GLU A 51 4.88 -5.41 -1.06
C GLU A 51 4.53 -5.63 -2.53
N VAL A 52 3.27 -6.01 -2.81
CA VAL A 52 2.81 -6.23 -4.17
C VAL A 52 1.34 -5.84 -4.26
N PHE A 53 0.96 -5.23 -5.39
CA PHE A 53 -0.40 -4.74 -5.59
C PHE A 53 -0.98 -4.99 -6.98
N ILE A 54 -2.00 -5.83 -7.08
CA ILE A 54 -2.71 -6.06 -8.32
C ILE A 54 -3.82 -5.03 -8.53
N GLY A 55 -4.23 -4.84 -9.79
CA GLY A 55 -5.29 -3.90 -10.14
C GLY A 55 -5.90 -4.25 -11.50
N ARG A 56 -7.00 -3.57 -11.86
CA ARG A 56 -7.73 -3.82 -13.10
C ARG A 56 -8.20 -5.27 -13.22
N LEU A 57 -8.53 -5.88 -12.07
CA LEU A 57 -9.00 -7.25 -12.02
C LEU A 57 -10.46 -7.31 -12.46
N PRO A 58 -10.99 -8.51 -12.76
CA PRO A 58 -12.41 -8.72 -12.96
C PRO A 58 -13.17 -8.27 -11.72
N GLN A 59 -14.32 -7.60 -11.91
CA GLN A 59 -15.05 -7.00 -10.80
C GLN A 59 -15.74 -8.05 -9.94
N ASP A 60 -15.74 -9.31 -10.37
CA ASP A 60 -16.42 -10.38 -9.66
C ASP A 60 -15.48 -11.39 -9.00
N VAL A 61 -14.17 -11.21 -9.17
CA VAL A 61 -13.20 -12.15 -8.63
C VAL A 61 -13.07 -12.07 -7.11
N TYR A 62 -13.03 -13.25 -6.46
CA TYR A 62 -12.98 -13.35 -5.01
C TYR A 62 -11.60 -13.71 -4.42
N GLU A 63 -11.59 -14.03 -3.13
CA GLU A 63 -10.38 -14.31 -2.39
C GLU A 63 -9.80 -15.65 -2.87
N HIS A 64 -10.70 -16.57 -3.20
CA HIS A 64 -10.34 -17.95 -3.52
C HIS A 64 -9.65 -18.05 -4.89
N GLN A 65 -9.41 -16.92 -5.55
CA GLN A 65 -8.74 -16.89 -6.83
C GLN A 65 -7.43 -16.11 -6.71
N LEU A 66 -7.51 -14.93 -6.11
CA LEU A 66 -6.36 -14.03 -6.02
C LEU A 66 -5.38 -14.52 -4.97
N ILE A 67 -5.88 -15.13 -3.89
CA ILE A 67 -4.99 -15.51 -2.81
C ILE A 67 -4.09 -16.69 -3.19
N PRO A 68 -4.64 -17.79 -3.74
CA PRO A 68 -3.84 -18.92 -4.21
C PRO A 68 -2.84 -18.48 -5.29
N LEU A 69 -3.26 -17.53 -6.13
CA LEU A 69 -2.40 -16.96 -7.16
C LEU A 69 -1.19 -16.25 -6.53
N PHE A 70 -1.36 -15.80 -5.29
CA PHE A 70 -0.26 -15.25 -4.51
C PHE A 70 0.56 -16.28 -3.76
N GLN A 71 -0.10 -17.35 -3.28
CA GLN A 71 0.58 -18.37 -2.50
C GLN A 71 1.39 -19.31 -3.39
N ARG A 72 1.19 -19.24 -4.71
CA ARG A 72 1.93 -20.08 -5.64
C ARG A 72 3.24 -19.42 -6.09
N VAL A 73 3.24 -18.08 -6.22
CA VAL A 73 4.44 -17.34 -6.63
C VAL A 73 5.37 -17.11 -5.45
N GLY A 74 4.85 -17.14 -4.23
CA GLY A 74 5.68 -16.95 -3.04
C GLY A 74 4.88 -17.07 -1.75
N ARG A 75 5.60 -17.10 -0.62
CA ARG A 75 4.98 -17.15 0.70
C ARG A 75 4.22 -15.86 0.97
N LEU A 76 2.89 -15.98 1.12
CA LEU A 76 2.04 -14.85 1.44
C LEU A 76 2.05 -14.61 2.95
N TYR A 77 2.31 -13.37 3.37
CA TYR A 77 2.21 -13.00 4.77
C TYR A 77 0.86 -12.40 5.15
N GLU A 78 0.30 -11.57 4.26
CA GLU A 78 -1.02 -10.99 4.47
C GLU A 78 -1.57 -10.44 3.15
N PHE A 79 -2.77 -10.87 2.74
CA PHE A 79 -3.42 -10.38 1.54
C PHE A 79 -4.61 -9.50 1.96
N ARG A 80 -4.98 -8.54 1.09
CA ARG A 80 -6.06 -7.60 1.38
C ARG A 80 -6.86 -7.37 0.09
N LEU A 81 -8.19 -7.32 0.19
CA LEU A 81 -9.05 -7.22 -0.99
C LEU A 81 -10.24 -6.30 -0.72
N MET A 82 -10.40 -5.25 -1.55
CA MET A 82 -11.42 -4.24 -1.32
C MET A 82 -12.12 -3.80 -2.61
N MET A 83 -13.32 -3.23 -2.42
CA MET A 83 -14.17 -2.72 -3.47
C MET A 83 -15.29 -1.88 -2.86
N THR A 84 -15.78 -0.86 -3.59
CA THR A 84 -16.68 0.15 -3.03
C THR A 84 -18.15 -0.24 -2.93
N PHE A 85 -18.62 -1.15 -3.78
CA PHE A 85 -20.04 -1.48 -3.87
C PHE A 85 -20.91 -0.25 -4.10
N SER A 86 -22.23 -0.39 -3.94
CA SER A 86 -23.19 0.70 -4.14
C SER A 86 -23.07 1.28 -5.55
N GLY A 87 -22.57 0.49 -6.49
CA GLY A 87 -22.39 0.92 -7.87
C GLY A 87 -21.66 -0.17 -8.65
N LEU A 88 -20.35 -0.26 -8.44
CA LEU A 88 -19.52 -1.29 -9.07
C LEU A 88 -18.26 -1.51 -8.24
N ASN A 89 -17.88 -2.78 -8.06
CA ASN A 89 -16.69 -3.15 -7.32
C ASN A 89 -15.45 -2.52 -7.96
N ARG A 90 -14.46 -2.21 -7.13
CA ARG A 90 -13.28 -1.47 -7.58
C ARG A 90 -12.16 -2.41 -8.01
N GLY A 91 -12.38 -3.72 -7.90
CA GLY A 91 -11.43 -4.74 -8.31
C GLY A 91 -9.97 -4.36 -8.08
N PHE A 92 -9.53 -4.23 -6.82
CA PHE A 92 -8.11 -4.02 -6.55
C PHE A 92 -7.78 -4.69 -5.22
N ALA A 93 -6.54 -5.16 -5.10
CA ALA A 93 -6.07 -5.84 -3.91
C ALA A 93 -4.55 -5.74 -3.80
N TYR A 94 -4.01 -6.04 -2.62
CA TYR A 94 -2.57 -6.10 -2.42
C TYR A 94 -2.16 -7.14 -1.39
N ALA A 95 -0.86 -7.39 -1.30
CA ALA A 95 -0.33 -8.37 -0.37
C ALA A 95 1.12 -8.07 -0.05
N ARG A 96 1.57 -8.53 1.11
CA ARG A 96 2.98 -8.47 1.47
C ARG A 96 3.53 -9.90 1.55
N TYR A 97 4.69 -10.10 0.92
CA TYR A 97 5.37 -11.39 0.92
C TYR A 97 6.39 -11.51 2.04
N SER A 98 6.79 -12.74 2.38
CA SER A 98 7.85 -12.96 3.37
C SER A 98 9.18 -12.38 2.90
N SER A 99 9.33 -12.15 1.59
CA SER A 99 10.53 -11.51 1.04
C SER A 99 10.25 -10.91 -0.33
N ARG A 100 11.16 -10.04 -0.79
CA ARG A 100 11.03 -9.42 -2.10
C ARG A 100 11.09 -10.47 -3.20
N ARG A 101 11.79 -11.58 -2.94
CA ARG A 101 11.91 -12.65 -3.93
C ARG A 101 10.53 -13.20 -4.29
N GLY A 102 9.61 -13.22 -3.32
CA GLY A 102 8.24 -13.65 -3.56
C GLY A 102 7.48 -12.55 -4.30
N ALA A 103 7.78 -11.29 -3.95
CA ALA A 103 7.12 -10.14 -4.53
C ALA A 103 7.53 -9.92 -5.99
N GLN A 104 8.78 -10.24 -6.31
CA GLN A 104 9.32 -10.05 -7.66
C GLN A 104 8.78 -11.11 -8.61
N ALA A 105 8.59 -12.32 -8.09
CA ALA A 105 7.99 -13.40 -8.87
C ALA A 105 6.51 -13.12 -9.10
N ALA A 106 5.83 -12.57 -8.10
CA ALA A 106 4.39 -12.34 -8.18
C ALA A 106 4.07 -11.40 -9.33
N ILE A 107 4.71 -10.24 -9.39
CA ILE A 107 4.50 -9.31 -10.49
C ILE A 107 4.85 -9.96 -11.83
N ALA A 108 6.05 -10.55 -11.93
CA ALA A 108 6.50 -11.17 -13.16
C ALA A 108 5.62 -12.33 -13.61
N THR A 109 4.63 -12.72 -12.78
CA THR A 109 3.77 -13.86 -13.06
C THR A 109 2.31 -13.44 -13.20
N LEU A 110 1.89 -12.43 -12.42
CA LEU A 110 0.49 -12.01 -12.38
C LEU A 110 0.24 -10.87 -13.36
N HIS A 111 1.25 -10.03 -13.60
CA HIS A 111 1.12 -8.88 -14.47
C HIS A 111 0.85 -9.23 -15.93
N ASN A 112 0.59 -10.51 -16.24
CA ASN A 112 0.15 -10.91 -17.56
C ASN A 112 -0.73 -12.17 -17.46
N HIS A 113 -1.28 -12.44 -16.27
CA HIS A 113 -2.03 -13.67 -16.01
C HIS A 113 -3.50 -13.54 -16.42
N PRO A 114 -3.95 -14.44 -17.31
CA PRO A 114 -5.34 -14.51 -17.75
C PRO A 114 -6.19 -15.17 -16.67
N LEU A 115 -6.55 -14.41 -15.63
CA LEU A 115 -7.45 -14.87 -14.57
C LEU A 115 -8.68 -15.56 -15.15
N ARG A 116 -9.26 -15.00 -16.23
CA ARG A 116 -10.37 -15.63 -16.94
C ARG A 116 -10.45 -15.09 -18.37
N PRO A 117 -10.62 -13.77 -18.57
CA PRO A 117 -10.47 -13.14 -19.87
C PRO A 117 -8.97 -13.02 -20.19
N SER A 118 -8.62 -12.28 -21.24
CA SER A 118 -7.21 -12.00 -21.51
C SER A 118 -6.58 -11.26 -20.34
N CYS A 119 -7.44 -10.66 -19.52
CA CYS A 119 -7.15 -10.04 -18.23
C CYS A 119 -5.84 -9.24 -18.24
N PRO A 120 -5.93 -7.92 -18.47
CA PRO A 120 -4.80 -7.01 -18.44
C PRO A 120 -4.31 -6.78 -17.01
N LEU A 121 -4.47 -7.79 -16.14
CA LEU A 121 -4.09 -7.73 -14.74
C LEU A 121 -2.78 -6.96 -14.52
N LEU A 122 -2.90 -5.73 -14.02
CA LEU A 122 -1.75 -4.90 -13.70
C LEU A 122 -1.24 -5.23 -12.30
N VAL A 123 0.09 -5.26 -12.10
CA VAL A 123 0.67 -5.41 -10.78
C VAL A 123 1.80 -4.41 -10.51
N CYS A 124 2.16 -4.24 -9.24
CA CYS A 124 3.19 -3.30 -8.83
C CYS A 124 3.83 -3.80 -7.54
N ARG A 125 4.97 -3.21 -7.14
CA ARG A 125 5.70 -3.64 -5.94
C ARG A 125 6.45 -2.50 -5.27
N SER A 126 5.97 -1.26 -5.38
CA SER A 126 6.67 -0.12 -4.80
C SER A 126 5.71 0.95 -4.27
N THR A 127 5.67 1.09 -2.95
CA THR A 127 4.90 2.11 -2.22
C THR A 127 5.35 1.99 -0.77
N GLU A 128 5.37 0.75 -0.25
CA GLU A 128 5.76 0.39 1.11
C GLU A 128 4.88 1.00 2.21
N LYS A 129 4.35 2.21 1.99
CA LYS A 129 3.58 2.99 2.96
C LYS A 129 4.35 3.30 4.26
N CYS A 130 5.42 2.57 4.55
CA CYS A 130 6.28 2.86 5.69
C CYS A 130 6.91 4.25 5.60
N GLU A 131 6.70 4.95 4.49
CA GLU A 131 7.25 6.29 4.31
C GLU A 131 6.23 7.14 3.56
N LEU A 132 6.27 8.46 3.79
CA LEU A 132 5.32 9.39 3.21
C LEU A 132 6.07 10.38 2.32
N SER A 133 5.38 10.97 1.34
CA SER A 133 5.95 11.98 0.47
C SER A 133 5.03 13.22 0.47
N VAL A 134 5.62 14.42 0.50
CA VAL A 134 4.86 15.66 0.53
C VAL A 134 5.47 16.66 -0.44
N ASP A 135 4.71 17.66 -0.88
CA ASP A 135 5.15 18.57 -1.93
C ASP A 135 4.49 19.94 -1.74
N GLY A 136 5.11 20.99 -2.30
CA GLY A 136 4.64 22.36 -2.17
C GLY A 136 5.01 22.94 -0.81
N LEU A 137 4.47 22.35 0.26
CA LEU A 137 4.75 22.70 1.65
C LEU A 137 4.34 24.14 2.00
N PRO A 138 4.34 24.46 3.30
CA PRO A 138 4.09 25.80 3.81
C PRO A 138 5.13 26.81 3.29
N PRO A 139 4.92 28.11 3.55
CA PRO A 139 5.70 29.18 2.96
C PRO A 139 7.04 29.35 3.69
N ASN A 140 7.11 30.31 4.61
CA ASN A 140 8.33 30.65 5.32
C ASN A 140 8.66 29.65 6.43
N LEU A 141 7.81 28.64 6.61
CA LEU A 141 7.99 27.66 7.68
C LEU A 141 9.29 26.89 7.49
N THR A 142 9.84 26.39 8.60
CA THR A 142 11.08 25.61 8.58
C THR A 142 10.80 24.12 8.80
N ARG A 143 11.74 23.28 8.38
CA ARG A 143 11.60 21.83 8.49
C ARG A 143 11.27 21.40 9.92
N SER A 144 11.80 22.11 10.91
CA SER A 144 11.63 21.72 12.31
C SER A 144 10.18 21.91 12.72
N ALA A 145 9.58 23.03 12.31
CA ALA A 145 8.22 23.35 12.65
C ALA A 145 7.24 22.57 11.77
N LEU A 146 7.70 22.19 10.57
CA LEU A 146 6.90 21.43 9.65
C LEU A 146 6.50 20.07 10.23
N LEU A 147 7.45 19.39 10.90
CA LEU A 147 7.14 18.12 11.55
C LEU A 147 6.18 18.37 12.69
N LEU A 148 6.47 19.37 13.52
CA LEU A 148 5.63 19.73 14.64
C LEU A 148 4.21 20.05 14.17
N ALA A 149 4.09 20.71 13.01
CA ALA A 149 2.80 21.07 12.44
C ALA A 149 1.98 19.82 12.10
N LEU A 150 2.63 18.70 11.75
CA LEU A 150 1.93 17.46 11.43
C LEU A 150 2.18 16.36 12.48
N GLN A 151 2.80 16.69 13.61
CA GLN A 151 3.11 15.70 14.63
C GLN A 151 1.88 15.28 15.45
N PRO A 152 0.91 16.17 15.74
CA PRO A 152 -0.24 15.81 16.55
C PRO A 152 -1.21 14.93 15.78
N LEU A 153 -1.16 14.96 14.43
CA LEU A 153 -2.02 14.14 13.60
C LEU A 153 -1.33 12.83 13.21
N GLY A 154 -0.04 12.67 13.55
CA GLY A 154 0.68 11.43 13.33
C GLY A 154 1.88 11.32 14.28
N PRO A 155 1.63 11.04 15.56
CA PRO A 155 2.66 10.92 16.59
C PRO A 155 3.62 9.75 16.35
N GLY A 156 3.32 8.90 15.35
CA GLY A 156 4.12 7.71 15.08
C GLY A 156 5.37 8.04 14.27
N LEU A 157 5.61 9.33 13.98
CA LEU A 157 6.71 9.72 13.10
C LEU A 157 8.06 9.49 13.78
N GLN A 158 8.95 8.77 13.09
CA GLN A 158 10.29 8.48 13.59
C GLN A 158 11.29 9.54 13.15
N GLU A 159 11.24 9.93 11.88
CA GLU A 159 12.19 10.89 11.32
C GLU A 159 11.68 11.49 10.01
N ALA A 160 12.30 12.57 9.57
CA ALA A 160 11.92 13.24 8.34
C ALA A 160 13.10 13.95 7.69
N ARG A 161 13.07 14.01 6.36
CA ARG A 161 14.06 14.70 5.55
C ARG A 161 13.34 15.39 4.40
N LEU A 162 13.64 16.67 4.16
CA LEU A 162 13.05 17.38 3.05
C LEU A 162 14.05 18.31 2.38
N LEU A 163 14.24 18.07 1.09
CA LEU A 163 15.12 18.85 0.23
C LEU A 163 14.96 18.37 -1.22
N PRO A 164 15.51 17.19 -1.59
CA PRO A 164 15.65 16.72 -2.96
C PRO A 164 14.31 16.53 -3.66
N SER A 165 13.78 17.61 -4.25
CA SER A 165 12.53 17.58 -4.99
C SER A 165 12.79 17.26 -6.46
N PRO A 166 11.77 16.78 -7.19
CA PRO A 166 11.82 16.57 -8.61
C PRO A 166 11.88 17.91 -9.35
N GLY A 167 12.04 17.87 -10.68
CA GLY A 167 12.11 19.07 -11.48
C GLY A 167 10.74 19.65 -11.75
N PRO A 168 10.70 20.74 -12.55
CA PRO A 168 11.86 21.42 -13.08
C PRO A 168 12.58 22.24 -12.01
N ALA A 169 11.81 22.92 -11.13
CA ALA A 169 12.36 23.72 -10.06
C ALA A 169 11.31 24.10 -9.01
N PRO A 170 10.48 23.15 -8.57
CA PRO A 170 9.51 23.35 -7.49
C PRO A 170 10.24 23.56 -6.17
N GLY A 171 9.46 23.73 -5.09
CA GLY A 171 10.00 23.81 -3.74
C GLY A 171 10.55 22.45 -3.31
N GLN A 172 10.84 22.28 -2.02
CA GLN A 172 11.36 21.03 -1.50
C GLN A 172 10.32 19.90 -1.59
N ILE A 173 10.78 18.67 -1.35
CA ILE A 173 9.89 17.54 -1.16
C ILE A 173 10.21 16.94 0.20
N ALA A 174 9.20 16.50 0.95
CA ALA A 174 9.42 15.97 2.28
C ALA A 174 9.13 14.47 2.31
N LEU A 175 10.10 13.71 2.81
CA LEU A 175 9.99 12.25 2.91
C LEU A 175 10.15 11.79 4.35
N LEU A 176 9.02 11.61 5.04
CA LEU A 176 9.01 11.24 6.46
C LEU A 176 8.82 9.74 6.66
N LYS A 177 9.58 9.16 7.59
CA LYS A 177 9.42 7.76 7.98
C LYS A 177 8.51 7.65 9.19
N PHE A 178 7.54 6.75 9.15
CA PHE A 178 6.59 6.55 10.23
C PHE A 178 6.81 5.21 10.95
N SER A 179 6.16 5.02 12.11
CA SER A 179 6.32 3.81 12.91
C SER A 179 5.65 2.61 12.24
N SER A 180 4.63 2.85 11.41
CA SER A 180 3.91 1.78 10.73
C SER A 180 3.23 2.34 9.48
N HIS A 181 2.73 1.45 8.61
CA HIS A 181 2.02 1.88 7.42
C HIS A 181 0.86 2.78 7.82
N ARG A 182 -0.05 2.26 8.65
CA ARG A 182 -1.22 3.02 9.08
C ARG A 182 -0.82 4.35 9.71
N ALA A 183 0.32 4.41 10.41
CA ALA A 183 0.73 5.66 11.04
C ALA A 183 0.93 6.74 9.98
N ALA A 184 1.50 6.40 8.83
CA ALA A 184 1.63 7.34 7.73
C ALA A 184 0.28 7.64 7.10
N ALA A 185 -0.61 6.64 7.01
CA ALA A 185 -1.93 6.85 6.45
C ALA A 185 -2.77 7.78 7.33
N MET A 186 -2.74 7.61 8.65
CA MET A 186 -3.49 8.47 9.55
C MET A 186 -3.05 9.92 9.37
N ALA A 187 -1.74 10.12 9.20
CA ALA A 187 -1.23 11.47 8.99
C ALA A 187 -1.63 11.97 7.61
N LYS A 188 -1.39 11.18 6.57
CA LYS A 188 -1.68 11.60 5.20
C LYS A 188 -3.17 11.87 5.03
N LYS A 189 -4.00 11.05 5.69
CA LYS A 189 -5.45 11.16 5.60
C LYS A 189 -5.90 12.47 6.23
N ALA A 190 -5.20 12.93 7.27
CA ALA A 190 -5.58 14.17 7.94
C ALA A 190 -5.23 15.38 7.09
N LEU A 191 -4.18 15.29 6.25
CA LEU A 191 -3.79 16.41 5.41
C LEU A 191 -4.81 16.59 4.30
N VAL A 192 -5.23 15.48 3.68
CA VAL A 192 -6.19 15.53 2.59
C VAL A 192 -7.58 15.84 3.14
N GLU A 193 -7.80 15.53 4.41
CA GLU A 193 -9.08 15.83 5.07
C GLU A 193 -9.26 17.32 5.33
N GLY A 194 -8.16 18.08 5.48
CA GLY A 194 -8.27 19.52 5.63
C GLY A 194 -7.16 20.15 6.47
N GLN A 195 -6.07 19.43 6.75
CA GLN A 195 -4.95 19.99 7.50
C GLN A 195 -3.91 20.58 6.54
N SER A 196 -4.20 20.56 5.24
CA SER A 196 -3.36 21.17 4.22
C SER A 196 -3.49 22.69 4.26
N HIS A 197 -2.82 23.38 3.32
CA HIS A 197 -2.82 24.84 3.24
C HIS A 197 -2.32 25.48 4.54
N LEU A 198 -1.40 24.82 5.23
CA LEU A 198 -0.84 25.31 6.49
C LEU A 198 -0.08 26.61 6.21
N CYS A 199 -0.27 27.60 7.09
CA CYS A 199 0.32 28.93 6.95
C CYS A 199 -0.09 29.64 5.64
N GLY A 200 -1.18 29.19 5.02
CA GLY A 200 -1.77 29.88 3.89
C GLY A 200 -1.07 29.58 2.55
N GLU A 201 -0.21 28.57 2.51
CA GLU A 201 0.46 28.17 1.28
C GLU A 201 -0.24 26.92 0.76
N GLN A 202 0.51 25.95 0.24
CA GLN A 202 -0.09 24.79 -0.39
C GLN A 202 0.76 23.55 -0.17
N VAL A 203 0.10 22.39 -0.04
CA VAL A 203 0.78 21.15 0.21
C VAL A 203 0.00 20.01 -0.45
N ALA A 204 0.72 18.95 -0.85
CA ALA A 204 0.11 17.79 -1.47
C ALA A 204 0.56 16.53 -0.72
N VAL A 205 -0.32 15.54 -0.66
CA VAL A 205 -0.07 14.32 0.11
C VAL A 205 -0.09 13.08 -0.77
N GLU A 206 1.06 12.40 -0.91
CA GLU A 206 1.16 11.20 -1.73
C GLU A 206 2.28 10.30 -1.21
N TRP A 207 2.28 9.03 -1.63
CA TRP A 207 3.29 8.07 -1.23
C TRP A 207 4.51 8.11 -2.14
N LEU A 208 5.50 7.26 -1.85
CA LEU A 208 6.72 7.16 -2.65
C LEU A 208 6.40 6.67 -4.06
N LYS A 209 7.34 6.90 -4.99
CA LYS A 209 7.26 6.40 -6.35
C LYS A 209 8.63 5.89 -6.74
N PRO A 210 8.71 4.84 -7.58
CA PRO A 210 9.96 4.21 -7.95
C PRO A 210 10.82 5.14 -8.80
N ASP A 211 10.19 6.07 -9.54
CA ASP A 211 10.91 7.03 -10.37
C ASP A 211 11.32 8.23 -9.53
N LEU A 212 10.46 8.62 -8.57
CA LEU A 212 10.72 9.75 -7.70
C LEU A 212 11.92 9.43 -6.80
N LYS A 213 11.95 8.22 -6.25
CA LYS A 213 12.91 7.85 -5.23
C LYS A 213 14.31 7.71 -5.81
N GLN A 214 14.42 7.17 -7.03
CA GLN A 214 15.73 7.04 -7.67
C GLN A 214 16.30 8.43 -7.96
N ARG A 215 15.44 9.41 -8.25
CA ARG A 215 15.91 10.77 -8.53
C ARG A 215 16.25 11.49 -7.23
N LEU A 216 15.50 11.23 -6.15
CA LEU A 216 15.75 11.90 -4.89
C LEU A 216 17.09 11.47 -4.32
N ARG A 217 17.41 10.16 -4.38
CA ARG A 217 18.66 9.66 -3.81
C ARG A 217 19.86 10.07 -4.68
N GLN A 218 19.65 10.25 -5.99
CA GLN A 218 20.75 10.59 -6.89
C GLN A 218 21.25 12.03 -6.65
N GLN A 219 20.38 12.92 -6.17
CA GLN A 219 20.81 14.29 -5.89
C GLN A 219 21.00 14.52 -4.39
N LEU A 220 20.46 13.64 -3.54
CA LEU A 220 20.66 13.72 -2.10
C LEU A 220 22.06 13.23 -1.75
N VAL A 221 22.52 12.17 -2.41
CA VAL A 221 23.84 11.61 -2.17
C VAL A 221 24.97 12.55 -2.60
N GLY A 222 24.62 13.64 -3.29
CA GLY A 222 25.60 14.63 -3.72
C GLY A 222 26.22 15.31 -2.50
N PRO A 223 25.48 16.18 -1.83
CA PRO A 223 25.94 16.88 -0.63
C PRO A 223 26.36 15.92 0.48
N PHE A 224 25.74 14.74 0.55
CA PHE A 224 26.08 13.75 1.58
C PHE A 224 27.38 12.98 1.35
N LEU A 225 27.96 13.11 0.15
CA LEU A 225 29.27 12.53 -0.14
C LEU A 225 30.38 13.57 0.04
N ARG A 226 30.01 14.75 0.57
CA ARG A 226 30.97 15.83 0.80
C ARG A 226 30.58 16.62 2.06
N SER A 227 29.99 15.93 3.03
CA SER A 227 29.56 16.53 4.29
C SER A 227 30.76 17.08 5.07
N GLY A 1 -39.50 -22.44 -11.66
CA GLY A 1 -39.27 -21.20 -10.91
C GLY A 1 -38.25 -20.31 -11.61
N ALA A 2 -37.51 -19.52 -10.84
CA ALA A 2 -36.49 -18.63 -11.38
C ALA A 2 -35.30 -19.44 -11.92
N MET A 3 -34.47 -18.81 -12.75
CA MET A 3 -33.33 -19.46 -13.36
C MET A 3 -32.21 -18.45 -13.63
N GLU A 4 -32.25 -17.29 -12.96
CA GLU A 4 -31.28 -16.22 -13.17
C GLU A 4 -30.92 -15.55 -11.85
N ARG A 5 -31.16 -16.23 -10.73
CA ARG A 5 -30.85 -15.71 -9.40
C ARG A 5 -29.35 -15.64 -9.16
N VAL A 6 -28.95 -14.98 -8.07
CA VAL A 6 -27.55 -14.83 -7.69
C VAL A 6 -26.96 -16.17 -7.24
N ASN A 7 -25.63 -16.21 -7.10
CA ASN A 7 -24.91 -17.40 -6.69
C ASN A 7 -24.26 -17.16 -5.32
N PRO A 8 -24.93 -17.57 -4.23
CA PRO A 8 -24.41 -17.42 -2.88
C PRO A 8 -23.26 -18.40 -2.64
N GLU A 9 -23.22 -19.47 -3.44
CA GLU A 9 -22.23 -20.52 -3.32
C GLU A 9 -20.80 -20.03 -3.51
N ASN A 10 -20.62 -18.89 -4.16
CA ASN A 10 -19.29 -18.34 -4.42
C ASN A 10 -18.58 -17.96 -3.13
N LYS A 11 -19.11 -16.95 -2.47
CA LYS A 11 -18.60 -16.50 -1.19
C LYS A 11 -18.73 -17.64 -0.17
N ALA A 12 -19.73 -18.50 -0.34
CA ALA A 12 -19.96 -19.59 0.57
C ALA A 12 -18.85 -20.63 0.41
N ALA A 13 -18.26 -20.71 -0.79
CA ALA A 13 -17.15 -21.62 -1.04
C ALA A 13 -15.91 -21.16 -0.27
N LEU A 14 -15.60 -19.87 -0.26
CA LEU A 14 -14.46 -19.36 0.49
C LEU A 14 -14.79 -19.32 1.98
N GLU A 15 -16.06 -19.25 2.35
CA GLU A 15 -16.45 -19.29 3.75
C GLU A 15 -16.13 -20.67 4.32
N ALA A 16 -16.51 -21.72 3.60
CA ALA A 16 -16.16 -23.09 3.96
C ALA A 16 -14.65 -23.32 3.94
N TRP A 17 -13.88 -22.49 3.22
CA TRP A 17 -12.43 -22.63 3.19
C TRP A 17 -11.76 -21.95 4.37
N VAL A 18 -12.02 -20.67 4.59
CA VAL A 18 -11.40 -19.95 5.70
C VAL A 18 -11.63 -20.65 7.03
N ARG A 19 -12.74 -21.39 7.16
CA ARG A 19 -13.06 -22.08 8.41
C ARG A 19 -12.18 -23.32 8.58
N GLU A 20 -11.69 -23.89 7.47
CA GLU A 20 -10.93 -25.14 7.52
C GLU A 20 -9.45 -24.84 7.77
N THR A 21 -9.04 -23.59 7.58
CA THR A 21 -7.67 -23.16 7.86
C THR A 21 -7.69 -22.34 9.16
N GLY A 22 -8.86 -21.79 9.52
CA GLY A 22 -9.01 -21.02 10.75
C GLY A 22 -8.53 -19.58 10.58
N ILE A 23 -8.49 -19.09 9.34
CA ILE A 23 -8.00 -17.74 9.05
C ILE A 23 -9.10 -16.71 9.33
N ARG A 24 -10.35 -17.09 9.05
CA ARG A 24 -11.53 -16.25 9.27
C ARG A 24 -11.31 -14.81 8.81
N LEU A 25 -11.57 -14.56 7.52
CA LEU A 25 -11.34 -13.25 6.91
C LEU A 25 -11.94 -12.14 7.78
N VAL A 26 -11.11 -11.16 8.14
CA VAL A 26 -11.56 -10.05 8.98
C VAL A 26 -12.24 -9.00 8.11
N GLN A 27 -13.51 -8.71 8.42
CA GLN A 27 -14.27 -7.69 7.72
C GLN A 27 -13.85 -6.29 8.14
N VAL A 28 -13.89 -5.35 7.20
CA VAL A 28 -13.53 -3.97 7.45
C VAL A 28 -14.49 -3.03 6.73
N ASN A 29 -15.64 -2.75 7.35
CA ASN A 29 -16.67 -1.92 6.75
C ASN A 29 -17.10 -2.44 5.37
N GLY A 30 -17.08 -3.77 5.20
CA GLY A 30 -17.48 -4.42 3.96
C GLY A 30 -16.27 -4.86 3.14
N GLN A 31 -15.09 -4.31 3.45
CA GLN A 31 -13.84 -4.77 2.85
C GLN A 31 -13.40 -6.04 3.56
N ARG A 32 -12.36 -6.72 3.07
CA ARG A 32 -11.96 -8.00 3.65
C ARG A 32 -10.46 -8.24 3.46
N LYS A 33 -9.85 -8.95 4.42
CA LYS A 33 -8.43 -9.24 4.39
C LYS A 33 -8.12 -10.63 4.94
N TYR A 34 -7.15 -11.30 4.31
CA TYR A 34 -6.68 -12.61 4.73
C TYR A 34 -5.40 -12.60 5.56
N GLY A 35 -5.27 -13.55 6.49
CA GLY A 35 -4.03 -13.74 7.23
C GLY A 35 -4.18 -14.81 8.30
N GLY A 36 -3.30 -15.81 8.29
CA GLY A 36 -3.34 -16.90 9.24
C GLY A 36 -2.16 -17.86 9.04
N PRO A 37 -0.92 -17.36 9.06
CA PRO A 37 0.27 -18.17 8.91
C PRO A 37 0.44 -19.13 10.09
N PRO A 38 1.28 -20.15 9.96
CA PRO A 38 1.55 -21.11 11.00
C PRO A 38 2.18 -20.43 12.21
N PRO A 39 2.00 -20.99 13.41
CA PRO A 39 2.50 -20.43 14.65
C PRO A 39 4.02 -20.50 14.71
N GLY A 40 4.64 -19.52 15.37
CA GLY A 40 6.09 -19.48 15.57
C GLY A 40 6.85 -19.10 14.30
N TRP A 41 6.17 -19.03 13.16
CA TRP A 41 6.82 -18.69 11.90
C TRP A 41 6.93 -17.19 11.71
N VAL A 42 8.00 -16.75 11.03
CA VAL A 42 8.22 -15.36 10.69
C VAL A 42 8.82 -15.19 9.30
N GLY A 43 8.64 -14.00 8.72
CA GLY A 43 9.20 -13.64 7.42
C GLY A 43 10.11 -12.44 7.55
N SER A 44 10.70 -12.00 6.43
CA SER A 44 11.62 -10.87 6.42
C SER A 44 10.86 -9.55 6.59
N PRO A 45 11.55 -8.48 7.02
CA PRO A 45 10.99 -7.16 7.19
C PRO A 45 10.40 -6.62 5.88
N PRO A 46 9.32 -5.82 5.96
CA PRO A 46 8.67 -5.22 4.81
C PRO A 46 9.59 -4.39 3.90
N PRO A 47 10.56 -3.63 4.43
CA PRO A 47 11.51 -2.86 3.65
C PRO A 47 12.30 -3.68 2.62
N ALA A 48 12.16 -5.02 2.65
CA ALA A 48 12.79 -5.89 1.65
C ALA A 48 12.15 -5.65 0.27
N GLY A 49 10.99 -5.00 0.23
CA GLY A 49 10.25 -4.81 -1.02
C GLY A 49 9.34 -6.00 -1.27
N SER A 50 9.06 -6.79 -0.23
CA SER A 50 8.21 -7.97 -0.32
C SER A 50 6.72 -7.61 -0.47
N GLU A 51 6.41 -6.40 -0.96
CA GLU A 51 5.03 -5.97 -1.11
C GLU A 51 4.63 -6.01 -2.59
N VAL A 52 3.38 -6.40 -2.87
CA VAL A 52 2.93 -6.60 -4.24
C VAL A 52 1.45 -6.20 -4.34
N PHE A 53 1.08 -5.61 -5.47
CA PHE A 53 -0.27 -5.13 -5.71
C PHE A 53 -0.81 -5.44 -7.11
N ILE A 54 -1.84 -6.27 -7.19
CA ILE A 54 -2.55 -6.51 -8.44
C ILE A 54 -3.63 -5.46 -8.67
N GLY A 55 -4.06 -5.33 -9.93
CA GLY A 55 -5.11 -4.40 -10.31
C GLY A 55 -5.79 -4.86 -11.60
N ARG A 56 -6.87 -4.16 -11.99
CA ARG A 56 -7.66 -4.50 -13.18
C ARG A 56 -8.20 -5.93 -13.10
N LEU A 57 -8.43 -6.43 -11.88
CA LEU A 57 -8.99 -7.77 -11.69
C LEU A 57 -10.45 -7.78 -12.11
N PRO A 58 -11.02 -8.96 -12.37
CA PRO A 58 -12.44 -9.12 -12.60
C PRO A 58 -13.22 -8.57 -11.41
N GLN A 59 -14.39 -7.97 -11.66
CA GLN A 59 -15.18 -7.35 -10.62
C GLN A 59 -16.10 -8.35 -9.91
N ASP A 60 -15.99 -9.64 -10.27
CA ASP A 60 -16.81 -10.67 -9.67
C ASP A 60 -15.99 -11.81 -9.05
N VAL A 61 -14.67 -11.76 -9.19
CA VAL A 61 -13.78 -12.79 -8.65
C VAL A 61 -13.59 -12.63 -7.15
N TYR A 62 -13.36 -13.73 -6.44
CA TYR A 62 -13.06 -13.71 -5.01
C TYR A 62 -11.63 -14.07 -4.66
N GLU A 63 -11.14 -13.52 -3.55
CA GLU A 63 -9.89 -13.94 -2.93
C GLU A 63 -9.62 -15.44 -2.97
N HIS A 64 -10.62 -16.32 -3.09
CA HIS A 64 -10.35 -17.76 -3.18
C HIS A 64 -9.68 -18.12 -4.51
N GLN A 65 -9.45 -17.11 -5.36
CA GLN A 65 -8.77 -17.28 -6.63
C GLN A 65 -7.46 -16.50 -6.61
N LEU A 66 -7.49 -15.28 -6.08
CA LEU A 66 -6.32 -14.44 -6.02
C LEU A 66 -5.35 -14.95 -4.97
N ILE A 67 -5.83 -15.56 -3.88
CA ILE A 67 -4.95 -15.96 -2.82
C ILE A 67 -4.08 -17.16 -3.22
N PRO A 68 -4.66 -18.25 -3.75
CA PRO A 68 -3.88 -19.38 -4.23
C PRO A 68 -2.89 -18.97 -5.31
N LEU A 69 -3.27 -18.01 -6.14
CA LEU A 69 -2.39 -17.46 -7.18
C LEU A 69 -1.19 -16.77 -6.54
N PHE A 70 -1.35 -16.29 -5.31
CA PHE A 70 -0.25 -15.75 -4.53
C PHE A 70 0.56 -16.80 -3.78
N GLN A 71 -0.10 -17.83 -3.26
CA GLN A 71 0.55 -18.85 -2.46
C GLN A 71 1.36 -19.80 -3.33
N ARG A 72 1.17 -19.74 -4.66
CA ARG A 72 1.90 -20.60 -5.57
C ARG A 72 3.23 -19.97 -6.00
N VAL A 73 3.28 -18.64 -6.13
CA VAL A 73 4.51 -17.94 -6.51
C VAL A 73 5.40 -17.69 -5.30
N GLY A 74 4.83 -17.68 -4.09
CA GLY A 74 5.60 -17.47 -2.88
C GLY A 74 4.74 -17.57 -1.62
N ARG A 75 5.42 -17.61 -0.46
CA ARG A 75 4.75 -17.65 0.83
C ARG A 75 4.03 -16.34 1.12
N LEU A 76 2.71 -16.40 1.29
CA LEU A 76 1.90 -15.24 1.63
C LEU A 76 2.02 -14.95 3.11
N TYR A 77 2.30 -13.70 3.49
CA TYR A 77 2.23 -13.28 4.88
C TYR A 77 0.85 -12.72 5.25
N GLU A 78 0.27 -11.93 4.33
CA GLU A 78 -1.10 -11.45 4.47
C GLU A 78 -1.59 -10.91 3.13
N PHE A 79 -2.80 -11.30 2.71
CA PHE A 79 -3.43 -10.77 1.51
C PHE A 79 -4.60 -9.88 1.91
N ARG A 80 -4.96 -8.89 1.08
CA ARG A 80 -6.08 -8.00 1.36
C ARG A 80 -6.77 -7.57 0.07
N LEU A 81 -8.09 -7.35 0.13
CA LEU A 81 -8.88 -7.07 -1.07
C LEU A 81 -9.93 -5.99 -0.82
N MET A 82 -9.95 -4.96 -1.68
CA MET A 82 -10.93 -3.89 -1.60
C MET A 82 -11.70 -3.70 -2.90
N MET A 83 -12.89 -3.13 -2.77
CA MET A 83 -13.80 -2.84 -3.88
C MET A 83 -14.76 -1.72 -3.50
N THR A 84 -15.07 -0.83 -4.45
CA THR A 84 -15.97 0.29 -4.26
C THR A 84 -17.42 -0.04 -4.54
N PHE A 85 -18.34 0.84 -4.12
CA PHE A 85 -19.77 0.65 -4.28
C PHE A 85 -20.36 1.98 -4.73
N SER A 86 -21.69 2.07 -4.82
CA SER A 86 -22.36 3.20 -5.46
C SER A 86 -21.82 3.36 -6.88
N GLY A 87 -21.42 2.24 -7.47
CA GLY A 87 -20.77 2.20 -8.77
C GLY A 87 -20.51 0.73 -9.13
N LEU A 88 -19.23 0.33 -9.10
CA LEU A 88 -18.85 -1.05 -9.37
C LEU A 88 -17.54 -1.37 -8.64
N ASN A 89 -17.42 -2.60 -8.13
CA ASN A 89 -16.20 -3.12 -7.54
C ASN A 89 -15.00 -2.69 -8.39
N ARG A 90 -14.07 -1.96 -7.77
CA ARG A 90 -12.98 -1.31 -8.47
C ARG A 90 -11.78 -2.25 -8.68
N GLY A 91 -12.00 -3.55 -8.43
CA GLY A 91 -11.01 -4.60 -8.63
C GLY A 91 -9.57 -4.18 -8.35
N PHE A 92 -9.17 -4.08 -7.08
CA PHE A 92 -7.77 -3.84 -6.76
C PHE A 92 -7.49 -4.51 -5.41
N ALA A 93 -6.27 -5.03 -5.26
CA ALA A 93 -5.88 -5.76 -4.06
C ALA A 93 -4.36 -5.79 -3.92
N TYR A 94 -3.89 -6.16 -2.74
CA TYR A 94 -2.45 -6.30 -2.48
C TYR A 94 -2.14 -7.36 -1.45
N ALA A 95 -0.85 -7.69 -1.33
CA ALA A 95 -0.39 -8.71 -0.40
C ALA A 95 1.08 -8.50 -0.07
N ARG A 96 1.51 -8.99 1.09
CA ARG A 96 2.92 -8.97 1.46
C ARG A 96 3.44 -10.40 1.50
N TYR A 97 4.61 -10.60 0.88
CA TYR A 97 5.28 -11.89 0.88
C TYR A 97 6.27 -12.03 2.04
N SER A 98 6.58 -13.28 2.41
CA SER A 98 7.57 -13.55 3.44
C SER A 98 8.94 -13.00 3.03
N SER A 99 9.17 -12.84 1.72
CA SER A 99 10.43 -12.30 1.21
C SER A 99 10.20 -11.57 -0.10
N ARG A 100 11.16 -10.72 -0.46
CA ARG A 100 11.12 -9.96 -1.70
C ARG A 100 11.19 -10.89 -2.91
N ARG A 101 11.85 -12.05 -2.75
CA ARG A 101 11.95 -13.03 -3.83
C ARG A 101 10.58 -13.59 -4.19
N GLY A 102 9.67 -13.65 -3.20
CA GLY A 102 8.31 -14.10 -3.43
C GLY A 102 7.52 -13.02 -4.16
N ALA A 103 7.81 -11.75 -3.80
CA ALA A 103 7.16 -10.60 -4.41
C ALA A 103 7.63 -10.40 -5.84
N GLN A 104 8.91 -10.70 -6.12
CA GLN A 104 9.48 -10.54 -7.45
C GLN A 104 8.97 -11.62 -8.40
N ALA A 105 8.76 -12.81 -7.88
CA ALA A 105 8.19 -13.91 -8.66
C ALA A 105 6.73 -13.64 -8.96
N ALA A 106 6.00 -13.08 -7.99
CA ALA A 106 4.57 -12.85 -8.13
C ALA A 106 4.28 -11.94 -9.31
N ILE A 107 4.93 -10.77 -9.37
CA ILE A 107 4.76 -9.85 -10.49
C ILE A 107 5.13 -10.52 -11.81
N ALA A 108 6.33 -11.10 -11.87
CA ALA A 108 6.82 -11.73 -13.09
C ALA A 108 5.97 -12.93 -13.53
N THR A 109 4.98 -13.31 -12.71
CA THR A 109 4.17 -14.50 -12.97
C THR A 109 2.70 -14.14 -13.15
N LEU A 110 2.20 -13.18 -12.37
CA LEU A 110 0.78 -12.83 -12.38
C LEU A 110 0.51 -11.75 -13.41
N HIS A 111 1.47 -10.84 -13.64
CA HIS A 111 1.31 -9.81 -14.65
C HIS A 111 1.21 -10.43 -16.04
N ASN A 112 2.02 -11.46 -16.29
CA ASN A 112 1.95 -12.22 -17.54
C ASN A 112 0.87 -13.31 -17.50
N HIS A 113 -0.04 -13.29 -16.52
CA HIS A 113 -1.04 -14.34 -16.37
C HIS A 113 -2.43 -13.84 -16.80
N PRO A 114 -2.97 -14.39 -17.90
CA PRO A 114 -4.32 -14.11 -18.33
C PRO A 114 -5.29 -14.92 -17.47
N LEU A 115 -5.46 -14.49 -16.21
CA LEU A 115 -6.29 -15.19 -15.26
C LEU A 115 -7.69 -15.41 -15.82
N ARG A 116 -8.24 -14.38 -16.48
CA ARG A 116 -9.56 -14.43 -17.11
C ARG A 116 -9.58 -13.52 -18.34
N PRO A 117 -10.49 -13.76 -19.28
CA PRO A 117 -10.61 -12.98 -20.50
C PRO A 117 -11.03 -11.54 -20.17
N SER A 118 -10.64 -10.60 -21.04
CA SER A 118 -10.93 -9.18 -20.88
C SER A 118 -10.43 -8.66 -19.52
N CYS A 119 -9.49 -9.37 -18.89
CA CYS A 119 -8.96 -9.01 -17.58
C CYS A 119 -7.45 -9.22 -17.53
N PRO A 120 -6.68 -8.36 -18.19
CA PRO A 120 -5.22 -8.40 -18.20
C PRO A 120 -4.69 -8.03 -16.80
N LEU A 121 -4.66 -9.02 -15.91
CA LEU A 121 -4.28 -8.84 -14.51
C LEU A 121 -2.95 -8.09 -14.38
N LEU A 122 -3.04 -6.79 -14.08
CA LEU A 122 -1.88 -5.92 -13.85
C LEU A 122 -1.29 -6.19 -12.48
N VAL A 123 0.04 -6.13 -12.34
CA VAL A 123 0.69 -6.28 -11.04
C VAL A 123 1.79 -5.23 -10.82
N CYS A 124 2.23 -5.10 -9.57
CA CYS A 124 3.22 -4.09 -9.19
C CYS A 124 3.85 -4.48 -7.85
N ARG A 125 4.90 -3.77 -7.44
CA ARG A 125 5.56 -3.98 -6.15
C ARG A 125 6.07 -2.65 -5.59
N SER A 126 5.59 -1.55 -6.17
CA SER A 126 6.03 -0.20 -5.80
C SER A 126 5.08 0.37 -4.75
N THR A 127 4.94 1.70 -4.71
CA THR A 127 4.03 2.36 -3.77
C THR A 127 4.33 2.09 -2.31
N GLU A 128 5.61 2.12 -1.92
CA GLU A 128 6.02 1.89 -0.54
C GLU A 128 5.19 2.77 0.39
N LYS A 129 4.49 2.15 1.34
CA LYS A 129 3.52 2.85 2.16
C LYS A 129 4.14 3.28 3.50
N CYS A 130 5.18 2.59 3.94
CA CYS A 130 5.88 2.94 5.17
C CYS A 130 6.48 4.35 5.15
N GLU A 131 6.36 5.05 4.02
CA GLU A 131 6.90 6.39 3.88
C GLU A 131 5.87 7.32 3.26
N LEU A 132 5.98 8.60 3.60
CA LEU A 132 5.02 9.62 3.19
C LEU A 132 5.80 10.74 2.49
N SER A 133 5.12 11.54 1.67
CA SER A 133 5.74 12.71 1.05
C SER A 133 4.77 13.89 1.06
N VAL A 134 5.32 15.11 1.16
CA VAL A 134 4.51 16.32 1.21
C VAL A 134 4.90 17.29 0.09
N ASP A 135 4.02 18.22 -0.27
CA ASP A 135 4.26 19.13 -1.38
C ASP A 135 3.63 20.48 -1.05
N GLY A 136 4.12 21.54 -1.68
CA GLY A 136 3.66 22.91 -1.40
C GLY A 136 4.35 23.44 -0.16
N LEU A 137 4.04 22.84 1.00
CA LEU A 137 4.62 23.19 2.29
C LEU A 137 4.31 24.65 2.68
N PRO A 138 4.67 25.05 3.91
CA PRO A 138 4.47 26.40 4.40
C PRO A 138 5.31 27.42 3.61
N PRO A 139 5.10 28.71 3.87
CA PRO A 139 5.74 29.80 3.13
C PRO A 139 7.22 29.91 3.46
N ASN A 140 7.54 29.97 4.75
CA ASN A 140 8.91 30.18 5.22
C ASN A 140 9.19 29.36 6.48
N LEU A 141 8.20 28.61 6.96
CA LEU A 141 8.32 27.84 8.19
C LEU A 141 9.48 26.85 8.09
N THR A 142 10.22 26.68 9.18
CA THR A 142 11.33 25.74 9.22
C THR A 142 10.84 24.30 9.35
N ARG A 143 11.67 23.36 8.91
CA ARG A 143 11.37 21.94 8.96
C ARG A 143 11.08 21.50 10.39
N SER A 144 11.77 22.08 11.37
CA SER A 144 11.65 21.67 12.76
C SER A 144 10.22 21.86 13.26
N ALA A 145 9.62 23.01 12.91
CA ALA A 145 8.27 23.33 13.34
C ALA A 145 7.27 22.55 12.48
N LEU A 146 7.65 22.27 11.24
CA LEU A 146 6.80 21.55 10.31
C LEU A 146 6.50 20.14 10.80
N LEU A 147 7.49 19.46 11.40
CA LEU A 147 7.25 18.15 12.00
C LEU A 147 6.32 18.31 13.20
N LEU A 148 6.65 19.26 14.07
CA LEU A 148 5.84 19.52 15.26
C LEU A 148 4.38 19.82 14.87
N ALA A 149 4.19 20.51 13.75
CA ALA A 149 2.84 20.81 13.26
C ALA A 149 2.07 19.54 12.93
N LEU A 150 2.75 18.49 12.41
CA LEU A 150 2.08 17.23 12.07
C LEU A 150 2.37 16.12 13.08
N GLN A 151 3.08 16.42 14.18
CA GLN A 151 3.44 15.40 15.16
C GLN A 151 2.27 14.92 16.01
N PRO A 152 1.30 15.77 16.39
CA PRO A 152 0.19 15.35 17.23
C PRO A 152 -0.79 14.46 16.46
N LEU A 153 -0.77 14.53 15.12
CA LEU A 153 -1.63 13.69 14.30
C LEU A 153 -0.85 12.50 13.72
N GLY A 154 0.47 12.48 13.90
CA GLY A 154 1.29 11.35 13.45
C GLY A 154 2.48 11.15 14.40
N PRO A 155 2.21 10.78 15.66
CA PRO A 155 3.21 10.60 16.69
C PRO A 155 4.08 9.36 16.42
N GLY A 156 3.75 8.59 15.38
CA GLY A 156 4.50 7.38 15.03
C GLY A 156 5.70 7.71 14.16
N LEU A 157 5.91 8.99 13.83
CA LEU A 157 6.97 9.39 12.92
C LEU A 157 8.35 9.12 13.51
N GLN A 158 9.18 8.40 12.76
CA GLN A 158 10.54 8.06 13.19
C GLN A 158 11.53 9.13 12.75
N GLU A 159 11.37 9.64 11.53
CA GLU A 159 12.25 10.67 11.00
C GLU A 159 11.60 11.42 9.84
N ALA A 160 12.09 12.64 9.56
CA ALA A 160 11.60 13.45 8.47
C ALA A 160 12.69 14.38 7.96
N ARG A 161 12.64 14.69 6.66
CA ARG A 161 13.62 15.59 6.04
C ARG A 161 13.01 16.30 4.84
N LEU A 162 13.45 17.54 4.59
CA LEU A 162 12.92 18.34 3.48
C LEU A 162 14.06 18.79 2.56
N LEU A 163 14.01 18.38 1.30
CA LEU A 163 14.91 18.90 0.26
C LEU A 163 14.46 18.48 -1.15
N PRO A 164 14.58 17.18 -1.52
CA PRO A 164 14.43 16.71 -2.90
C PRO A 164 13.08 17.07 -3.51
N SER A 165 12.94 16.85 -4.82
CA SER A 165 11.69 17.10 -5.51
C SER A 165 11.71 16.40 -6.88
N PRO A 166 10.57 15.87 -7.34
CA PRO A 166 10.44 15.25 -8.64
C PRO A 166 10.56 16.31 -9.74
N GLY A 167 11.06 15.90 -10.91
CA GLY A 167 11.22 16.79 -12.06
C GLY A 167 9.96 16.89 -12.88
N PRO A 168 10.06 17.54 -14.04
CA PRO A 168 11.24 18.24 -14.51
C PRO A 168 11.40 19.59 -13.82
N ALA A 169 10.32 20.13 -13.24
CA ALA A 169 10.34 21.43 -12.58
C ALA A 169 11.03 21.32 -11.22
N PRO A 170 11.63 22.42 -10.75
CA PRO A 170 12.26 22.48 -9.44
C PRO A 170 11.19 22.54 -8.34
N GLY A 171 11.63 22.49 -7.09
CA GLY A 171 10.74 22.52 -5.94
C GLY A 171 11.39 21.84 -4.73
N GLN A 172 10.65 21.77 -3.61
CA GLN A 172 11.11 21.09 -2.42
C GLN A 172 10.03 20.11 -1.93
N ILE A 173 10.45 19.02 -1.29
CA ILE A 173 9.50 18.00 -0.82
C ILE A 173 9.86 17.60 0.62
N ALA A 174 8.86 17.20 1.41
CA ALA A 174 9.10 16.61 2.71
C ALA A 174 8.99 15.10 2.59
N LEU A 175 9.97 14.37 3.13
CA LEU A 175 9.89 12.92 3.20
C LEU A 175 9.79 12.47 4.65
N LEU A 176 8.80 11.62 4.91
CA LEU A 176 8.44 11.20 6.27
C LEU A 176 8.50 9.68 6.43
N LYS A 177 9.21 9.20 7.46
CA LYS A 177 9.16 7.80 7.86
C LYS A 177 8.30 7.64 9.10
N PHE A 178 7.47 6.60 9.13
CA PHE A 178 6.62 6.31 10.29
C PHE A 178 6.89 4.94 10.91
N SER A 179 6.28 4.67 12.07
CA SER A 179 6.46 3.41 12.78
C SER A 179 5.77 2.26 12.06
N SER A 180 4.74 2.56 11.26
CA SER A 180 4.00 1.54 10.51
C SER A 180 3.31 2.19 9.31
N HIS A 181 2.78 1.35 8.41
CA HIS A 181 2.06 1.85 7.25
C HIS A 181 0.87 2.70 7.71
N ARG A 182 -0.01 2.12 8.53
CA ARG A 182 -1.18 2.84 9.03
C ARG A 182 -0.79 4.12 9.76
N ALA A 183 0.33 4.14 10.48
CA ALA A 183 0.75 5.34 11.19
C ALA A 183 0.93 6.50 10.21
N ALA A 184 1.45 6.22 9.00
CA ALA A 184 1.57 7.23 7.98
C ALA A 184 0.19 7.58 7.41
N ALA A 185 -0.72 6.61 7.31
CA ALA A 185 -2.07 6.85 6.80
C ALA A 185 -2.89 7.69 7.76
N MET A 186 -2.73 7.49 9.08
CA MET A 186 -3.48 8.27 10.06
C MET A 186 -3.08 9.74 9.97
N ALA A 187 -1.78 9.99 9.80
CA ALA A 187 -1.29 11.36 9.64
C ALA A 187 -1.70 11.90 8.27
N LYS A 188 -1.45 11.13 7.21
CA LYS A 188 -1.74 11.55 5.85
C LYS A 188 -3.22 11.85 5.69
N LYS A 189 -4.06 11.06 6.37
CA LYS A 189 -5.50 11.22 6.29
C LYS A 189 -5.90 12.55 6.90
N ALA A 190 -5.30 12.91 8.03
CA ALA A 190 -5.63 14.16 8.68
C ALA A 190 -5.23 15.34 7.79
N LEU A 191 -4.04 15.27 7.18
CA LEU A 191 -3.55 16.33 6.32
C LEU A 191 -4.42 16.45 5.09
N VAL A 192 -4.85 15.32 4.52
CA VAL A 192 -5.63 15.32 3.30
C VAL A 192 -7.11 15.59 3.54
N GLU A 193 -7.60 15.29 4.75
CA GLU A 193 -8.96 15.64 5.16
C GLU A 193 -9.15 17.14 5.24
N GLY A 194 -8.10 17.89 5.59
CA GLY A 194 -8.17 19.35 5.64
C GLY A 194 -7.29 20.00 6.71
N GLN A 195 -6.30 19.27 7.25
CA GLN A 195 -5.36 19.86 8.20
C GLN A 195 -4.21 20.53 7.45
N SER A 196 -4.29 20.53 6.12
CA SER A 196 -3.36 21.23 5.24
C SER A 196 -3.54 22.75 5.39
N HIS A 197 -2.85 23.53 4.55
CA HIS A 197 -2.85 24.99 4.63
C HIS A 197 -2.41 25.43 6.03
N LEU A 198 -1.16 25.12 6.38
CA LEU A 198 -0.65 25.33 7.73
C LEU A 198 -0.72 26.80 8.13
N CYS A 199 -0.12 27.68 7.33
CA CYS A 199 -0.17 29.10 7.59
C CYS A 199 0.20 29.89 6.34
N GLY A 200 -0.81 30.48 5.69
CA GLY A 200 -0.61 31.42 4.59
C GLY A 200 -0.07 30.75 3.33
N GLU A 201 -0.02 29.42 3.28
CA GLU A 201 0.47 28.68 2.12
C GLU A 201 -0.34 27.38 2.04
N GLN A 202 0.23 26.32 1.46
CA GLN A 202 -0.57 25.13 1.14
C GLN A 202 0.25 23.85 1.30
N VAL A 203 -0.45 22.73 1.42
CA VAL A 203 0.17 21.43 1.58
C VAL A 203 -0.62 20.42 0.76
N ALA A 204 0.07 19.40 0.26
CA ALA A 204 -0.55 18.30 -0.45
C ALA A 204 0.22 17.04 -0.12
N VAL A 205 -0.48 16.05 0.43
CA VAL A 205 0.15 14.84 0.92
C VAL A 205 -0.06 13.73 -0.11
N GLU A 206 1.03 13.03 -0.44
CA GLU A 206 1.00 11.90 -1.37
C GLU A 206 2.00 10.84 -0.92
N TRP A 207 1.79 9.59 -1.33
CA TRP A 207 2.71 8.52 -1.01
C TRP A 207 3.91 8.56 -1.94
N LEU A 208 4.93 7.73 -1.68
CA LEU A 208 6.09 7.64 -2.55
C LEU A 208 5.70 7.04 -3.89
N LYS A 209 6.52 7.29 -4.91
CA LYS A 209 6.29 6.83 -6.28
C LYS A 209 7.57 6.20 -6.82
N PRO A 210 7.49 5.32 -7.81
CA PRO A 210 8.65 4.64 -8.36
C PRO A 210 9.63 5.64 -8.98
N ASP A 211 9.10 6.72 -9.57
CA ASP A 211 9.93 7.76 -10.17
C ASP A 211 10.41 8.78 -9.14
N LEU A 212 9.57 9.04 -8.12
CA LEU A 212 9.91 9.95 -7.05
C LEU A 212 11.05 9.36 -6.22
N LYS A 213 10.95 8.05 -5.93
CA LYS A 213 11.84 7.38 -5.01
C LYS A 213 13.26 7.29 -5.57
N GLN A 214 13.39 7.07 -6.88
CA GLN A 214 14.70 6.98 -7.49
C GLN A 214 15.37 8.36 -7.52
N ARG A 215 14.59 9.44 -7.67
CA ARG A 215 15.14 10.78 -7.67
C ARG A 215 15.46 11.22 -6.24
N LEU A 216 14.63 10.82 -5.29
CA LEU A 216 14.81 11.09 -3.88
C LEU A 216 16.04 10.33 -3.37
N ARG A 217 16.30 9.15 -3.93
CA ARG A 217 17.43 8.32 -3.56
C ARG A 217 18.74 8.87 -4.10
N GLN A 218 18.72 9.42 -5.32
CA GLN A 218 19.91 10.03 -5.90
C GLN A 218 20.36 11.23 -5.06
N GLN A 219 19.41 11.84 -4.34
CA GLN A 219 19.71 12.91 -3.41
C GLN A 219 20.08 12.35 -2.03
N LEU A 220 19.29 11.39 -1.55
CA LEU A 220 19.43 10.82 -0.21
C LEU A 220 20.77 10.09 -0.06
N VAL A 221 21.25 9.46 -1.14
CA VAL A 221 22.53 8.74 -1.10
C VAL A 221 23.72 9.68 -0.92
N GLY A 222 23.50 11.00 -1.05
CA GLY A 222 24.54 11.99 -0.90
C GLY A 222 25.04 12.04 0.55
N PRO A 223 24.21 12.53 1.48
CA PRO A 223 24.54 12.61 2.90
C PRO A 223 24.91 11.24 3.49
N PHE A 224 24.46 10.15 2.86
CA PHE A 224 24.78 8.80 3.31
C PHE A 224 26.07 8.21 2.76
N LEU A 225 26.66 8.85 1.75
CA LEU A 225 27.90 8.39 1.16
C LEU A 225 29.10 8.86 1.99
N ARG A 226 28.96 10.03 2.65
CA ARG A 226 30.01 10.59 3.49
C ARG A 226 29.98 9.96 4.87
N SER A 227 31.01 10.23 5.67
CA SER A 227 31.09 9.78 7.06
C SER A 227 30.15 10.60 7.93
N GLY A 1 -35.25 -24.28 -12.11
CA GLY A 1 -35.16 -22.92 -12.66
C GLY A 1 -34.43 -21.99 -11.70
N ALA A 2 -34.87 -20.73 -11.65
CA ALA A 2 -34.29 -19.71 -10.78
C ALA A 2 -32.76 -19.60 -10.97
N MET A 3 -32.27 -19.90 -12.17
CA MET A 3 -30.85 -19.86 -12.47
C MET A 3 -30.37 -18.42 -12.62
N GLU A 4 -31.31 -17.48 -12.76
CA GLU A 4 -31.00 -16.07 -12.94
C GLU A 4 -30.76 -15.37 -11.61
N ARG A 5 -30.73 -16.14 -10.52
CA ARG A 5 -30.51 -15.62 -9.18
C ARG A 5 -29.01 -15.57 -8.87
N VAL A 6 -28.66 -14.90 -7.77
CA VAL A 6 -27.28 -14.79 -7.31
C VAL A 6 -26.76 -16.14 -6.83
N ASN A 7 -25.44 -16.22 -6.60
CA ASN A 7 -24.78 -17.45 -6.19
C ASN A 7 -24.04 -17.23 -4.87
N PRO A 8 -24.71 -17.41 -3.73
CA PRO A 8 -24.12 -17.22 -2.41
C PRO A 8 -23.10 -18.33 -2.11
N GLU A 9 -23.18 -19.43 -2.86
CA GLU A 9 -22.22 -20.53 -2.73
C GLU A 9 -20.78 -20.06 -2.93
N ASN A 10 -20.58 -18.94 -3.63
CA ASN A 10 -19.24 -18.40 -3.85
C ASN A 10 -18.67 -17.82 -2.56
N LYS A 11 -19.36 -16.84 -1.97
CA LYS A 11 -18.92 -16.24 -0.72
C LYS A 11 -18.99 -17.25 0.41
N ALA A 12 -19.85 -18.26 0.29
CA ALA A 12 -19.92 -19.31 1.29
C ALA A 12 -18.73 -20.27 1.17
N ALA A 13 -18.17 -20.41 -0.05
CA ALA A 13 -17.04 -21.31 -0.26
C ALA A 13 -15.79 -20.79 0.45
N LEU A 14 -15.52 -19.47 0.38
CA LEU A 14 -14.37 -18.91 1.05
C LEU A 14 -14.59 -18.89 2.56
N GLU A 15 -15.84 -18.80 3.02
CA GLU A 15 -16.11 -18.86 4.45
C GLU A 15 -15.75 -20.24 4.99
N ALA A 16 -16.13 -21.29 4.25
CA ALA A 16 -15.75 -22.65 4.59
C ALA A 16 -14.24 -22.87 4.46
N TRP A 17 -13.52 -22.00 3.73
CA TRP A 17 -12.08 -22.10 3.64
C TRP A 17 -11.37 -21.40 4.79
N VAL A 18 -11.67 -20.12 5.04
CA VAL A 18 -11.01 -19.39 6.12
C VAL A 18 -11.17 -20.11 7.46
N ARG A 19 -12.26 -20.88 7.63
CA ARG A 19 -12.51 -21.59 8.87
C ARG A 19 -11.62 -22.83 8.98
N GLU A 20 -11.14 -23.36 7.86
CA GLU A 20 -10.33 -24.57 7.87
C GLU A 20 -8.84 -24.23 8.06
N THR A 21 -8.48 -22.96 7.91
CA THR A 21 -7.10 -22.50 8.14
C THR A 21 -7.07 -21.70 9.44
N GLY A 22 -8.22 -21.14 9.85
CA GLY A 22 -8.31 -20.38 11.09
C GLY A 22 -7.83 -18.94 10.90
N ILE A 23 -7.89 -18.44 9.67
CA ILE A 23 -7.43 -17.10 9.36
C ILE A 23 -8.49 -16.06 9.72
N ARG A 24 -9.76 -16.44 9.57
CA ARG A 24 -10.91 -15.58 9.86
C ARG A 24 -10.71 -14.15 9.34
N LEU A 25 -11.10 -13.91 8.08
CA LEU A 25 -10.92 -12.62 7.42
C LEU A 25 -11.44 -11.49 8.33
N VAL A 26 -10.60 -10.51 8.62
CA VAL A 26 -10.99 -9.39 9.46
C VAL A 26 -11.71 -8.34 8.62
N GLN A 27 -12.91 -7.97 9.04
CA GLN A 27 -13.69 -6.96 8.34
C GLN A 27 -13.20 -5.55 8.68
N VAL A 28 -13.27 -4.64 7.69
CA VAL A 28 -12.86 -3.26 7.86
C VAL A 28 -13.89 -2.35 7.19
N ASN A 29 -14.92 -1.97 7.94
CA ASN A 29 -16.02 -1.15 7.42
C ASN A 29 -16.67 -1.78 6.19
N GLY A 30 -16.49 -3.10 6.00
CA GLY A 30 -17.05 -3.83 4.87
C GLY A 30 -15.95 -4.39 3.97
N GLN A 31 -14.73 -3.86 4.08
CA GLN A 31 -13.58 -4.40 3.36
C GLN A 31 -13.08 -5.64 4.10
N ARG A 32 -12.09 -6.34 3.54
CA ARG A 32 -11.61 -7.59 4.12
C ARG A 32 -10.13 -7.79 3.88
N LYS A 33 -9.45 -8.42 4.86
CA LYS A 33 -8.03 -8.72 4.74
C LYS A 33 -7.70 -10.09 5.31
N TYR A 34 -6.83 -10.83 4.61
CA TYR A 34 -6.36 -12.13 5.04
C TYR A 34 -5.07 -12.09 5.87
N GLY A 35 -4.93 -12.99 6.82
CA GLY A 35 -3.80 -12.98 7.75
C GLY A 35 -3.27 -14.37 8.04
N GLY A 36 -2.06 -14.42 8.62
CA GLY A 36 -1.39 -15.67 8.97
C GLY A 36 -0.67 -16.23 7.75
N PRO A 37 0.62 -16.56 7.87
CA PRO A 37 1.41 -17.10 6.79
C PRO A 37 1.04 -18.56 6.54
N PRO A 38 1.29 -19.08 5.33
CA PRO A 38 1.04 -20.46 4.98
C PRO A 38 2.04 -21.37 5.70
N PRO A 39 1.71 -22.66 5.83
CA PRO A 39 2.56 -23.64 6.47
C PRO A 39 3.82 -23.89 5.62
N GLY A 40 4.82 -24.53 6.23
CA GLY A 40 6.05 -24.89 5.54
C GLY A 40 7.13 -23.81 5.70
N TRP A 41 6.80 -22.70 6.37
CA TRP A 41 7.77 -21.64 6.63
C TRP A 41 7.43 -20.84 7.89
N VAL A 42 8.48 -20.38 8.59
CA VAL A 42 8.35 -19.51 9.75
C VAL A 42 9.70 -18.84 10.01
N GLY A 43 9.67 -17.60 10.49
CA GLY A 43 10.89 -16.86 10.81
C GLY A 43 10.74 -15.38 10.48
N SER A 44 11.72 -14.57 10.92
CA SER A 44 11.73 -13.14 10.62
C SER A 44 12.12 -12.94 9.15
N PRO A 45 11.44 -12.03 8.44
CA PRO A 45 11.70 -11.76 7.04
C PRO A 45 13.01 -11.00 6.87
N PRO A 46 13.69 -11.20 5.72
CA PRO A 46 14.89 -10.47 5.36
C PRO A 46 14.55 -9.03 5.02
N PRO A 47 15.56 -8.14 4.93
CA PRO A 47 15.37 -6.75 4.55
C PRO A 47 14.87 -6.69 3.11
N ALA A 48 13.61 -6.24 2.94
CA ALA A 48 12.96 -6.22 1.65
C ALA A 48 11.70 -5.35 1.73
N GLY A 49 11.26 -4.82 0.58
CA GLY A 49 9.99 -4.11 0.49
C GLY A 49 8.84 -5.12 0.39
N SER A 50 9.05 -6.18 -0.41
CA SER A 50 8.10 -7.28 -0.52
C SER A 50 6.67 -6.82 -0.81
N GLU A 51 6.50 -5.66 -1.45
CA GLU A 51 5.17 -5.09 -1.66
C GLU A 51 4.69 -5.35 -3.09
N VAL A 52 3.42 -5.75 -3.24
CA VAL A 52 2.86 -6.07 -4.55
C VAL A 52 1.39 -5.65 -4.59
N PHE A 53 0.96 -5.10 -5.73
CA PHE A 53 -0.41 -4.61 -5.91
C PHE A 53 -1.03 -4.98 -7.24
N ILE A 54 -2.06 -5.83 -7.22
CA ILE A 54 -2.84 -6.16 -8.41
C ILE A 54 -3.94 -5.13 -8.66
N GLY A 55 -4.46 -5.09 -9.90
CA GLY A 55 -5.49 -4.14 -10.27
C GLY A 55 -6.15 -4.54 -11.60
N ARG A 56 -7.22 -3.82 -11.98
CA ARG A 56 -7.99 -4.11 -13.19
C ARG A 56 -8.49 -5.56 -13.22
N LEU A 57 -8.75 -6.12 -12.04
CA LEU A 57 -9.24 -7.49 -11.91
C LEU A 57 -10.72 -7.54 -12.28
N PRO A 58 -11.28 -8.74 -12.48
CA PRO A 58 -12.71 -8.90 -12.67
C PRO A 58 -13.45 -8.37 -11.44
N GLN A 59 -14.56 -7.67 -11.67
CA GLN A 59 -15.30 -7.04 -10.58
C GLN A 59 -16.15 -8.05 -9.81
N ASP A 60 -15.99 -9.34 -10.10
CA ASP A 60 -16.74 -10.38 -9.42
C ASP A 60 -15.87 -11.44 -8.74
N VAL A 61 -14.54 -11.38 -8.96
CA VAL A 61 -13.62 -12.34 -8.38
C VAL A 61 -13.43 -12.16 -6.88
N TYR A 62 -13.36 -13.28 -6.14
CA TYR A 62 -13.14 -13.24 -4.70
C TYR A 62 -11.68 -13.38 -4.25
N GLU A 63 -11.50 -13.54 -2.94
CA GLU A 63 -10.18 -13.62 -2.34
C GLU A 63 -9.70 -15.07 -2.41
N HIS A 64 -10.62 -16.02 -2.60
CA HIS A 64 -10.26 -17.42 -2.74
C HIS A 64 -9.63 -17.70 -4.10
N GLN A 65 -9.41 -16.65 -4.90
CA GLN A 65 -8.79 -16.77 -6.20
C GLN A 65 -7.47 -15.99 -6.20
N LEU A 66 -7.53 -14.76 -5.68
CA LEU A 66 -6.36 -13.89 -5.65
C LEU A 66 -5.35 -14.40 -4.62
N ILE A 67 -5.81 -14.99 -3.53
CA ILE A 67 -4.89 -15.39 -2.47
C ILE A 67 -4.04 -16.60 -2.88
N PRO A 68 -4.63 -17.70 -3.38
CA PRO A 68 -3.86 -18.84 -3.86
C PRO A 68 -2.89 -18.41 -4.97
N LEU A 69 -3.33 -17.47 -5.82
CA LEU A 69 -2.50 -16.92 -6.89
C LEU A 69 -1.28 -16.21 -6.31
N PHE A 70 -1.39 -15.74 -5.07
CA PHE A 70 -0.25 -15.20 -4.33
C PHE A 70 0.56 -16.25 -3.60
N GLN A 71 -0.11 -17.27 -3.06
CA GLN A 71 0.55 -18.29 -2.28
C GLN A 71 1.29 -19.31 -3.17
N ARG A 72 1.10 -19.23 -4.48
CA ARG A 72 1.80 -20.11 -5.41
C ARG A 72 3.12 -19.49 -5.86
N VAL A 73 3.14 -18.17 -6.08
CA VAL A 73 4.36 -17.47 -6.50
C VAL A 73 5.31 -17.26 -5.31
N GLY A 74 4.77 -17.27 -4.10
CA GLY A 74 5.57 -17.14 -2.89
C GLY A 74 4.70 -17.24 -1.65
N ARG A 75 5.34 -17.37 -0.48
CA ARG A 75 4.63 -17.41 0.78
C ARG A 75 4.08 -16.02 1.10
N LEU A 76 2.86 -16.00 1.62
CA LEU A 76 2.16 -14.76 1.94
C LEU A 76 2.40 -14.39 3.40
N TYR A 77 2.55 -13.09 3.69
CA TYR A 77 2.55 -12.60 5.05
C TYR A 77 1.21 -11.97 5.44
N GLU A 78 0.63 -11.22 4.50
CA GLU A 78 -0.70 -10.63 4.69
C GLU A 78 -1.26 -10.16 3.34
N PHE A 79 -2.45 -10.63 2.98
CA PHE A 79 -3.12 -10.18 1.77
C PHE A 79 -4.22 -9.19 2.18
N ARG A 80 -4.55 -8.26 1.28
CA ARG A 80 -5.52 -7.21 1.57
C ARG A 80 -6.37 -7.00 0.32
N LEU A 81 -7.70 -6.88 0.49
CA LEU A 81 -8.59 -6.80 -0.65
C LEU A 81 -9.68 -5.73 -0.43
N MET A 82 -9.75 -4.76 -1.34
CA MET A 82 -10.77 -3.74 -1.30
C MET A 82 -11.74 -3.85 -2.48
N MET A 83 -13.03 -3.79 -2.14
CA MET A 83 -14.12 -3.78 -3.09
C MET A 83 -15.33 -3.09 -2.47
N THR A 84 -16.07 -2.36 -3.31
CA THR A 84 -17.14 -1.49 -2.86
C THR A 84 -18.45 -1.84 -3.56
N PHE A 85 -19.37 -0.88 -3.66
CA PHE A 85 -20.66 -1.07 -4.30
C PHE A 85 -20.62 -1.70 -5.69
N SER A 86 -21.72 -2.33 -6.09
CA SER A 86 -21.79 -3.10 -7.31
C SER A 86 -21.55 -2.25 -8.55
N GLY A 87 -21.24 -2.91 -9.68
CA GLY A 87 -21.00 -2.26 -10.95
C GLY A 87 -19.51 -2.17 -11.28
N LEU A 88 -18.65 -2.34 -10.28
CA LEU A 88 -17.20 -2.31 -10.48
C LEU A 88 -16.48 -2.87 -9.28
N ASN A 89 -16.99 -2.53 -8.10
CA ASN A 89 -16.56 -3.13 -6.86
C ASN A 89 -15.08 -2.85 -6.56
N ARG A 90 -14.62 -1.63 -6.90
CA ARG A 90 -13.27 -1.11 -6.67
C ARG A 90 -12.20 -1.86 -7.46
N GLY A 91 -12.34 -3.19 -7.58
CA GLY A 91 -11.51 -3.98 -8.48
C GLY A 91 -10.01 -3.88 -8.21
N PHE A 92 -9.57 -3.87 -6.95
CA PHE A 92 -8.12 -3.86 -6.69
C PHE A 92 -7.83 -4.53 -5.36
N ALA A 93 -6.59 -5.02 -5.24
CA ALA A 93 -6.12 -5.66 -4.03
C ALA A 93 -4.58 -5.53 -3.94
N TYR A 94 -4.01 -5.82 -2.79
CA TYR A 94 -2.55 -5.87 -2.64
C TYR A 94 -2.13 -6.83 -1.53
N ALA A 95 -0.85 -7.13 -1.44
CA ALA A 95 -0.34 -8.03 -0.43
C ALA A 95 1.14 -7.80 -0.16
N ARG A 96 1.57 -8.15 1.06
CA ARG A 96 2.98 -8.13 1.43
C ARG A 96 3.50 -9.55 1.48
N TYR A 97 4.61 -9.80 0.77
CA TYR A 97 5.31 -11.07 0.81
C TYR A 97 6.30 -11.15 1.97
N SER A 98 6.61 -12.35 2.45
CA SER A 98 7.64 -12.53 3.47
C SER A 98 9.03 -12.22 2.91
N SER A 99 9.16 -12.03 1.60
CA SER A 99 10.43 -11.67 0.98
C SER A 99 10.21 -11.03 -0.39
N ARG A 100 11.23 -10.33 -0.89
CA ARG A 100 11.17 -9.69 -2.19
C ARG A 100 11.13 -10.73 -3.30
N ARG A 101 11.72 -11.91 -3.07
CA ARG A 101 11.73 -12.97 -4.06
C ARG A 101 10.31 -13.42 -4.37
N GLY A 102 9.43 -13.35 -3.38
CA GLY A 102 8.03 -13.68 -3.56
C GLY A 102 7.32 -12.56 -4.30
N ALA A 103 7.67 -11.32 -3.99
CA ALA A 103 7.06 -10.14 -4.59
C ALA A 103 7.47 -9.99 -6.06
N GLN A 104 8.71 -10.35 -6.39
CA GLN A 104 9.23 -10.22 -7.74
C GLN A 104 8.65 -11.28 -8.65
N ALA A 105 8.47 -12.49 -8.13
CA ALA A 105 7.86 -13.57 -8.87
C ALA A 105 6.38 -13.26 -9.12
N ALA A 106 5.71 -12.67 -8.12
CA ALA A 106 4.29 -12.41 -8.19
C ALA A 106 3.97 -11.52 -9.39
N ILE A 107 4.62 -10.36 -9.48
CA ILE A 107 4.41 -9.46 -10.60
C ILE A 107 4.76 -10.16 -11.92
N ALA A 108 5.93 -10.80 -11.98
CA ALA A 108 6.38 -11.46 -13.20
C ALA A 108 5.49 -12.65 -13.58
N THR A 109 4.50 -12.98 -12.74
CA THR A 109 3.64 -14.14 -12.97
C THR A 109 2.18 -13.72 -13.14
N LEU A 110 1.75 -12.70 -12.39
CA LEU A 110 0.36 -12.29 -12.36
C LEU A 110 0.12 -11.19 -13.40
N HIS A 111 1.12 -10.35 -13.67
CA HIS A 111 0.99 -9.25 -14.61
C HIS A 111 0.80 -9.71 -16.06
N ASN A 112 0.58 -11.00 -16.28
CA ASN A 112 0.28 -11.52 -17.60
C ASN A 112 -0.66 -12.74 -17.47
N HIS A 113 -1.26 -12.92 -16.29
CA HIS A 113 -2.10 -14.08 -16.00
C HIS A 113 -3.55 -13.83 -16.45
N PRO A 114 -4.05 -14.65 -17.39
CA PRO A 114 -5.38 -14.53 -17.95
C PRO A 114 -6.43 -15.14 -17.01
N LEU A 115 -6.70 -14.49 -15.88
CA LEU A 115 -7.78 -14.92 -14.98
C LEU A 115 -9.10 -14.97 -15.73
N ARG A 116 -9.27 -14.12 -16.75
CA ARG A 116 -10.52 -14.00 -17.48
C ARG A 116 -10.22 -13.35 -18.84
N PRO A 117 -10.97 -13.69 -19.89
CA PRO A 117 -10.86 -13.03 -21.17
C PRO A 117 -11.02 -11.52 -21.03
N SER A 118 -10.28 -10.75 -21.84
CA SER A 118 -10.30 -9.29 -21.79
C SER A 118 -9.99 -8.76 -20.38
N CYS A 119 -9.14 -9.47 -19.64
CA CYS A 119 -8.72 -9.06 -18.30
C CYS A 119 -7.22 -9.30 -18.13
N PRO A 120 -6.38 -8.45 -18.71
CA PRO A 120 -4.93 -8.49 -18.56
C PRO A 120 -4.56 -8.03 -17.15
N LEU A 121 -4.74 -8.91 -16.16
CA LEU A 121 -4.44 -8.64 -14.76
C LEU A 121 -3.17 -7.79 -14.61
N LEU A 122 -3.35 -6.53 -14.22
CA LEU A 122 -2.25 -5.60 -13.98
C LEU A 122 -1.67 -5.80 -12.58
N VAL A 123 -0.34 -5.70 -12.45
CA VAL A 123 0.33 -5.75 -11.15
C VAL A 123 1.43 -4.71 -11.05
N CYS A 124 1.92 -4.46 -9.82
CA CYS A 124 2.96 -3.47 -9.59
C CYS A 124 3.58 -3.71 -8.22
N ARG A 125 4.60 -2.92 -7.87
CA ARG A 125 5.32 -3.05 -6.61
C ARG A 125 5.60 -1.66 -6.04
N SER A 126 6.32 -1.61 -4.91
CA SER A 126 6.60 -0.35 -4.22
C SER A 126 5.31 0.35 -3.80
N THR A 127 5.40 1.63 -3.47
CA THR A 127 4.27 2.36 -2.88
C THR A 127 3.79 1.76 -1.56
N GLU A 128 4.67 1.04 -0.87
CA GLU A 128 4.34 0.41 0.39
C GLU A 128 4.05 1.48 1.44
N LYS A 129 2.98 1.29 2.23
CA LYS A 129 2.60 2.23 3.26
C LYS A 129 3.48 2.04 4.50
N CYS A 130 4.62 2.75 4.53
CA CYS A 130 5.52 2.73 5.68
C CYS A 130 6.06 4.14 5.97
N GLU A 131 5.77 5.09 5.06
CA GLU A 131 6.33 6.42 5.11
C GLU A 131 5.35 7.38 4.43
N LEU A 132 5.57 8.68 4.59
CA LEU A 132 4.72 9.69 3.98
C LEU A 132 5.57 10.62 3.12
N SER A 133 4.96 11.24 2.11
CA SER A 133 5.65 12.19 1.25
C SER A 133 4.78 13.42 1.04
N VAL A 134 5.39 14.60 0.96
CA VAL A 134 4.66 15.85 0.86
C VAL A 134 5.23 16.73 -0.25
N ASP A 135 4.44 17.69 -0.76
CA ASP A 135 4.84 18.51 -1.88
C ASP A 135 4.21 19.89 -1.73
N GLY A 136 4.83 20.91 -2.33
CA GLY A 136 4.36 22.29 -2.25
C GLY A 136 4.89 22.95 -0.97
N LEU A 137 4.36 22.51 0.19
CA LEU A 137 4.76 23.01 1.50
C LEU A 137 4.51 24.53 1.65
N PRO A 138 4.80 25.09 2.82
CA PRO A 138 4.80 26.52 3.08
C PRO A 138 5.88 27.23 2.25
N PRO A 139 5.88 28.57 2.26
CA PRO A 139 6.75 29.38 1.42
C PRO A 139 8.23 29.21 1.77
N ASN A 140 8.55 29.39 3.06
CA ASN A 140 9.93 29.40 3.52
C ASN A 140 10.05 28.73 4.90
N LEU A 141 8.93 28.22 5.41
CA LEU A 141 8.89 27.66 6.76
C LEU A 141 9.91 26.52 6.90
N THR A 142 10.51 26.42 8.10
CA THR A 142 11.48 25.37 8.39
C THR A 142 10.81 24.04 8.68
N ARG A 143 11.56 22.94 8.54
CA ARG A 143 11.06 21.60 8.80
C ARG A 143 10.57 21.49 10.24
N SER A 144 11.27 22.11 11.18
CA SER A 144 10.96 21.95 12.60
C SER A 144 9.54 22.36 12.91
N ALA A 145 9.09 23.46 12.31
CA ALA A 145 7.75 23.96 12.52
C ALA A 145 6.75 23.14 11.72
N LEU A 146 7.19 22.64 10.56
CA LEU A 146 6.37 21.83 9.67
C LEU A 146 5.88 20.57 10.38
N LEU A 147 6.75 19.89 11.12
CA LEU A 147 6.36 18.70 11.86
C LEU A 147 5.39 19.08 12.95
N LEU A 148 5.75 20.09 13.74
CA LEU A 148 4.90 20.58 14.83
C LEU A 148 3.51 20.94 14.31
N ALA A 149 3.42 21.51 13.10
CA ALA A 149 2.15 21.84 12.49
C ALA A 149 1.29 20.60 12.25
N LEU A 150 1.89 19.45 11.98
CA LEU A 150 1.14 18.21 11.75
C LEU A 150 1.33 17.19 12.88
N GLN A 151 1.96 17.59 13.98
CA GLN A 151 2.25 16.67 15.07
C GLN A 151 0.99 16.34 15.90
N PRO A 152 0.05 17.27 16.12
CA PRO A 152 -1.12 17.01 16.94
C PRO A 152 -2.10 16.06 16.25
N LEU A 153 -1.97 15.89 14.93
CA LEU A 153 -2.82 14.99 14.18
C LEU A 153 -2.10 13.67 13.86
N GLY A 154 -0.81 13.58 14.20
CA GLY A 154 -0.06 12.34 14.08
C GLY A 154 1.16 12.34 15.00
N PRO A 155 0.93 12.17 16.32
CA PRO A 155 1.98 12.17 17.33
C PRO A 155 2.94 10.99 17.21
N GLY A 156 2.68 10.08 16.27
CA GLY A 156 3.46 8.86 16.12
C GLY A 156 4.73 9.09 15.31
N LEU A 157 4.96 10.33 14.84
CA LEU A 157 6.08 10.61 13.96
C LEU A 157 7.42 10.39 14.65
N GLN A 158 8.28 9.58 14.01
CA GLN A 158 9.61 9.27 14.52
C GLN A 158 10.65 10.23 13.96
N GLU A 159 10.59 10.51 12.66
CA GLU A 159 11.54 11.38 11.99
C GLU A 159 11.00 11.90 10.67
N ALA A 160 11.54 13.04 10.21
CA ALA A 160 11.19 13.61 8.93
C ALA A 160 12.35 14.43 8.39
N ARG A 161 12.47 14.47 7.05
CA ARG A 161 13.54 15.21 6.38
C ARG A 161 12.99 15.92 5.16
N LEU A 162 13.55 17.10 4.84
CA LEU A 162 13.10 17.91 3.71
C LEU A 162 14.29 18.34 2.88
N LEU A 163 14.32 17.91 1.62
CA LEU A 163 15.26 18.41 0.62
C LEU A 163 14.89 17.87 -0.77
N PRO A 164 15.07 16.57 -1.04
CA PRO A 164 14.99 16.00 -2.38
C PRO A 164 13.65 16.28 -3.04
N SER A 165 13.52 15.94 -4.32
CA SER A 165 12.29 16.09 -5.07
C SER A 165 12.34 15.17 -6.29
N PRO A 166 11.17 14.78 -6.83
CA PRO A 166 11.06 13.91 -7.99
C PRO A 166 11.69 14.51 -9.25
N GLY A 167 12.04 15.80 -9.22
CA GLY A 167 12.63 16.47 -10.37
C GLY A 167 11.58 16.86 -11.39
N PRO A 168 12.01 17.51 -12.47
CA PRO A 168 13.40 17.86 -12.75
C PRO A 168 13.89 19.01 -11.88
N ALA A 169 12.98 19.90 -11.45
CA ALA A 169 13.34 21.02 -10.59
C ALA A 169 12.18 21.60 -9.76
N PRO A 170 11.28 20.78 -9.20
CA PRO A 170 10.29 21.25 -8.25
C PRO A 170 10.94 21.78 -6.97
N GLY A 171 10.11 22.17 -6.00
CA GLY A 171 10.58 22.56 -4.68
C GLY A 171 11.06 21.33 -3.90
N GLN A 172 11.16 21.47 -2.58
CA GLN A 172 11.58 20.38 -1.71
C GLN A 172 10.49 19.32 -1.58
N ILE A 173 10.84 18.21 -0.94
CA ILE A 173 9.86 17.19 -0.59
C ILE A 173 10.07 16.78 0.87
N ALA A 174 8.99 16.47 1.59
CA ALA A 174 9.08 16.06 2.99
C ALA A 174 8.80 14.57 3.12
N LEU A 175 9.77 13.82 3.65
CA LEU A 175 9.62 12.38 3.84
C LEU A 175 9.50 12.03 5.33
N LEU A 176 8.28 11.66 5.75
CA LEU A 176 7.99 11.35 7.15
C LEU A 176 7.98 9.85 7.43
N LYS A 177 8.61 9.44 8.53
CA LYS A 177 8.49 8.08 9.05
C LYS A 177 7.72 8.09 10.36
N PHE A 178 6.63 7.31 10.40
CA PHE A 178 5.76 7.24 11.56
C PHE A 178 6.00 6.00 12.43
N SER A 179 5.29 5.90 13.56
CA SER A 179 5.44 4.77 14.48
C SER A 179 4.81 3.50 13.92
N SER A 180 3.88 3.64 12.97
CA SER A 180 3.23 2.49 12.34
C SER A 180 2.73 2.86 10.95
N HIS A 181 2.32 1.86 10.18
CA HIS A 181 1.78 2.08 8.85
C HIS A 181 0.58 3.03 8.95
N ARG A 182 -0.46 2.61 9.69
CA ARG A 182 -1.67 3.40 9.84
C ARG A 182 -1.38 4.80 10.40
N ALA A 183 -0.38 4.95 11.26
CA ALA A 183 -0.07 6.24 11.83
C ALA A 183 0.23 7.27 10.74
N ALA A 184 0.85 6.84 9.63
CA ALA A 184 1.09 7.71 8.50
C ALA A 184 -0.22 7.97 7.74
N ALA A 185 -1.09 6.97 7.65
CA ALA A 185 -2.38 7.15 6.98
C ALA A 185 -3.30 8.07 7.78
N MET A 186 -3.27 8.01 9.11
CA MET A 186 -4.11 8.86 9.94
C MET A 186 -3.74 10.32 9.73
N ALA A 187 -2.44 10.63 9.71
CA ALA A 187 -1.97 11.97 9.47
C ALA A 187 -2.26 12.36 8.02
N LYS A 188 -1.96 11.44 7.09
CA LYS A 188 -2.14 11.71 5.67
C LYS A 188 -3.61 11.97 5.37
N LYS A 189 -4.49 11.24 6.05
CA LYS A 189 -5.93 11.34 5.85
C LYS A 189 -6.45 12.70 6.31
N ALA A 190 -5.85 13.27 7.35
CA ALA A 190 -6.27 14.58 7.84
C ALA A 190 -5.79 15.69 6.91
N LEU A 191 -4.67 15.47 6.22
CA LEU A 191 -4.09 16.47 5.34
C LEU A 191 -4.86 16.51 4.01
N VAL A 192 -5.28 15.34 3.51
CA VAL A 192 -6.13 15.30 2.31
C VAL A 192 -7.51 15.85 2.65
N GLU A 193 -7.95 15.72 3.91
CA GLU A 193 -9.22 16.26 4.36
C GLU A 193 -9.21 17.79 4.35
N GLY A 194 -8.03 18.41 4.46
CA GLY A 194 -7.90 19.86 4.29
C GLY A 194 -7.15 20.53 5.44
N GLN A 195 -6.39 19.76 6.22
CA GLN A 195 -5.63 20.32 7.33
C GLN A 195 -4.19 20.61 6.91
N SER A 196 -3.89 20.44 5.61
CA SER A 196 -2.53 20.55 5.10
C SER A 196 -2.13 21.99 4.82
N HIS A 197 -3.09 22.91 4.73
CA HIS A 197 -2.79 24.31 4.47
C HIS A 197 -2.11 24.92 5.70
N LEU A 198 -0.96 25.55 5.48
CA LEU A 198 -0.19 26.21 6.53
C LEU A 198 0.45 27.47 5.98
N CYS A 199 0.56 28.51 6.80
CA CYS A 199 1.14 29.80 6.41
C CYS A 199 0.42 30.38 5.18
N GLY A 200 -0.82 29.95 4.94
CA GLY A 200 -1.62 30.44 3.81
C GLY A 200 -1.11 29.90 2.48
N GLU A 201 -0.33 28.81 2.51
CA GLU A 201 0.28 28.23 1.33
C GLU A 201 -0.43 26.92 1.02
N GLN A 202 0.26 25.95 0.43
CA GLN A 202 -0.40 24.76 -0.08
C GLN A 202 0.48 23.53 0.08
N VAL A 203 -0.18 22.36 0.12
CA VAL A 203 0.49 21.10 0.35
C VAL A 203 -0.25 20.03 -0.44
N ALA A 204 0.45 18.94 -0.75
CA ALA A 204 -0.15 17.76 -1.34
C ALA A 204 0.51 16.53 -0.73
N VAL A 205 -0.31 15.68 -0.10
CA VAL A 205 0.19 14.52 0.63
C VAL A 205 0.02 13.29 -0.25
N GLU A 206 1.12 12.55 -0.45
CA GLU A 206 1.12 11.32 -1.24
C GLU A 206 2.09 10.33 -0.64
N TRP A 207 1.97 9.05 -0.98
CA TRP A 207 2.91 8.03 -0.52
C TRP A 207 4.19 8.05 -1.34
N LEU A 208 5.20 7.32 -0.89
CA LEU A 208 6.49 7.23 -1.56
C LEU A 208 6.31 6.52 -2.91
N LYS A 209 7.23 6.76 -3.85
CA LYS A 209 7.16 6.18 -5.18
C LYS A 209 8.48 5.49 -5.50
N PRO A 210 8.46 4.49 -6.40
CA PRO A 210 9.65 3.75 -6.80
C PRO A 210 10.63 4.66 -7.53
N ASP A 211 10.13 5.57 -8.36
CA ASP A 211 10.96 6.50 -9.11
C ASP A 211 11.46 7.65 -8.23
N LEU A 212 10.65 8.02 -7.23
CA LEU A 212 11.01 9.08 -6.30
C LEU A 212 12.15 8.61 -5.41
N LYS A 213 12.06 7.36 -4.95
CA LYS A 213 12.99 6.83 -3.96
C LYS A 213 14.39 6.67 -4.53
N GLN A 214 14.51 6.28 -5.80
CA GLN A 214 15.82 6.16 -6.42
C GLN A 214 16.43 7.54 -6.65
N ARG A 215 15.61 8.54 -7.00
CA ARG A 215 16.11 9.90 -7.24
C ARG A 215 16.47 10.56 -5.92
N LEU A 216 15.72 10.25 -4.86
CA LEU A 216 16.01 10.72 -3.52
C LEU A 216 17.34 10.13 -3.06
N ARG A 217 17.63 8.89 -3.47
CA ARG A 217 18.87 8.22 -3.10
C ARG A 217 20.05 8.75 -3.93
N GLN A 218 19.80 9.11 -5.19
CA GLN A 218 20.85 9.61 -6.06
C GLN A 218 21.45 10.92 -5.55
N GLN A 219 20.67 11.72 -4.81
CA GLN A 219 21.20 12.94 -4.21
C GLN A 219 21.59 12.71 -2.75
N LEU A 220 20.97 11.73 -2.08
CA LEU A 220 21.26 11.44 -0.69
C LEU A 220 22.62 10.78 -0.56
N VAL A 221 22.98 9.93 -1.53
CA VAL A 221 24.26 9.24 -1.52
C VAL A 221 25.45 10.20 -1.69
N GLY A 222 25.17 11.46 -2.04
CA GLY A 222 26.20 12.46 -2.25
C GLY A 222 26.97 12.73 -0.95
N PRO A 223 26.34 13.40 0.02
CA PRO A 223 26.94 13.70 1.30
C PRO A 223 27.40 12.44 2.04
N PHE A 224 26.74 11.30 1.78
CA PHE A 224 27.09 10.05 2.40
C PHE A 224 28.31 9.33 1.79
N LEU A 225 28.77 9.81 0.63
CA LEU A 225 29.97 9.27 0.00
C LEU A 225 31.22 9.80 0.70
N ARG A 226 31.07 10.93 1.42
CA ARG A 226 32.14 11.56 2.17
C ARG A 226 33.38 11.79 1.28
N SER A 227 33.15 12.12 0.01
CA SER A 227 34.21 12.37 -0.95
C SER A 227 34.97 13.66 -0.61
N GLY A 1 -20.72 -11.45 6.05
CA GLY A 1 -21.20 -10.23 5.35
C GLY A 1 -22.22 -10.56 4.28
N ALA A 2 -23.39 -9.92 4.36
CA ALA A 2 -24.51 -10.13 3.46
C ALA A 2 -25.00 -11.59 3.47
N MET A 3 -26.21 -11.81 2.92
CA MET A 3 -26.81 -13.14 2.89
C MET A 3 -27.89 -13.24 1.81
N GLU A 4 -27.91 -12.29 0.86
CA GLU A 4 -28.96 -12.25 -0.16
C GLU A 4 -28.42 -11.78 -1.51
N ARG A 5 -27.10 -11.82 -1.69
CA ARG A 5 -26.48 -11.44 -2.95
C ARG A 5 -26.68 -12.54 -3.99
N VAL A 6 -26.46 -12.19 -5.26
CA VAL A 6 -26.56 -13.15 -6.36
C VAL A 6 -25.46 -14.20 -6.25
N ASN A 7 -25.74 -15.44 -6.67
CA ASN A 7 -24.81 -16.54 -6.61
C ASN A 7 -24.04 -16.56 -5.28
N PRO A 8 -24.75 -16.71 -4.16
CA PRO A 8 -24.16 -16.68 -2.83
C PRO A 8 -23.21 -17.85 -2.64
N GLU A 9 -23.33 -18.88 -3.50
CA GLU A 9 -22.42 -20.02 -3.51
C GLU A 9 -20.96 -19.59 -3.62
N ASN A 10 -20.69 -18.45 -4.24
CA ASN A 10 -19.31 -17.97 -4.41
C ASN A 10 -18.77 -17.42 -3.09
N LYS A 11 -19.45 -16.41 -2.52
CA LYS A 11 -19.03 -15.82 -1.26
C LYS A 11 -19.14 -16.85 -0.13
N ALA A 12 -20.05 -17.82 -0.25
CA ALA A 12 -20.16 -18.88 0.73
C ALA A 12 -19.01 -19.88 0.59
N ALA A 13 -18.44 -20.03 -0.62
CA ALA A 13 -17.37 -20.98 -0.84
C ALA A 13 -16.12 -20.56 -0.08
N LEU A 14 -15.80 -19.26 -0.06
CA LEU A 14 -14.65 -18.78 0.68
C LEU A 14 -14.94 -18.79 2.19
N GLU A 15 -16.21 -18.72 2.60
CA GLU A 15 -16.54 -18.80 4.02
C GLU A 15 -16.21 -20.21 4.54
N ALA A 16 -16.61 -21.24 3.80
CA ALA A 16 -16.25 -22.60 4.13
C ALA A 16 -14.75 -22.86 4.05
N TRP A 17 -14.00 -22.00 3.33
CA TRP A 17 -12.55 -22.13 3.28
C TRP A 17 -11.87 -21.47 4.48
N VAL A 18 -12.15 -20.19 4.73
CA VAL A 18 -11.52 -19.48 5.85
C VAL A 18 -11.74 -20.22 7.17
N ARG A 19 -12.85 -20.97 7.28
CA ARG A 19 -13.15 -21.69 8.51
C ARG A 19 -12.29 -22.96 8.64
N GLU A 20 -11.77 -23.47 7.52
CA GLU A 20 -10.99 -24.70 7.54
C GLU A 20 -9.51 -24.38 7.79
N THR A 21 -9.12 -23.11 7.65
CA THR A 21 -7.76 -22.66 7.94
C THR A 21 -7.79 -21.88 9.26
N GLY A 22 -8.95 -21.34 9.64
CA GLY A 22 -9.09 -20.61 10.88
C GLY A 22 -8.62 -19.16 10.73
N ILE A 23 -8.61 -18.63 9.50
CA ILE A 23 -8.12 -17.29 9.24
C ILE A 23 -9.20 -16.25 9.53
N ARG A 24 -10.46 -16.62 9.28
CA ARG A 24 -11.63 -15.76 9.51
C ARG A 24 -11.40 -14.32 9.06
N LEU A 25 -11.71 -14.05 7.77
CA LEU A 25 -11.48 -12.74 7.16
C LEU A 25 -12.05 -11.64 8.05
N VAL A 26 -11.23 -10.64 8.37
CA VAL A 26 -11.66 -9.53 9.19
C VAL A 26 -12.31 -8.45 8.35
N GLN A 27 -13.56 -8.08 8.69
CA GLN A 27 -14.27 -7.02 8.00
C GLN A 27 -13.77 -5.65 8.46
N VAL A 28 -13.83 -4.68 7.54
CA VAL A 28 -13.41 -3.30 7.82
C VAL A 28 -14.41 -2.33 7.19
N ASN A 29 -15.51 -2.07 7.91
CA ASN A 29 -16.58 -1.19 7.42
C ASN A 29 -17.14 -1.65 6.07
N GLY A 30 -16.78 -2.87 5.63
CA GLY A 30 -17.25 -3.41 4.37
C GLY A 30 -16.09 -4.00 3.57
N GLN A 31 -14.86 -3.55 3.84
CA GLN A 31 -13.67 -4.10 3.18
C GLN A 31 -13.29 -5.41 3.87
N ARG A 32 -12.32 -6.14 3.29
CA ARG A 32 -12.02 -7.49 3.73
C ARG A 32 -10.52 -7.78 3.61
N LYS A 33 -9.95 -8.43 4.63
CA LYS A 33 -8.52 -8.73 4.65
C LYS A 33 -8.23 -10.14 5.19
N TYR A 34 -7.24 -10.80 4.58
CA TYR A 34 -6.80 -12.13 4.98
C TYR A 34 -5.52 -12.15 5.83
N GLY A 35 -5.43 -13.10 6.76
CA GLY A 35 -4.25 -13.31 7.56
C GLY A 35 -4.33 -14.60 8.36
N GLY A 36 -3.64 -15.64 7.90
CA GLY A 36 -3.64 -16.95 8.54
C GLY A 36 -2.98 -17.99 7.65
N PRO A 37 -1.72 -17.77 7.24
CA PRO A 37 -1.01 -18.61 6.29
C PRO A 37 -0.78 -20.01 6.85
N PRO A 38 -0.52 -20.98 5.96
CA PRO A 38 -0.25 -22.36 6.32
C PRO A 38 1.08 -22.48 7.07
N PRO A 39 1.34 -23.64 7.69
CA PRO A 39 2.57 -23.92 8.39
C PRO A 39 3.75 -23.99 7.43
N GLY A 40 4.95 -24.23 7.96
CA GLY A 40 6.17 -24.35 7.17
C GLY A 40 7.01 -23.06 7.23
N TRP A 41 6.44 -21.98 7.76
CA TRP A 41 7.16 -20.73 7.95
C TRP A 41 6.53 -19.87 9.03
N VAL A 42 7.37 -19.10 9.74
CA VAL A 42 6.94 -18.18 10.78
C VAL A 42 7.86 -16.96 10.80
N GLY A 43 7.29 -15.76 10.97
CA GLY A 43 8.08 -14.54 11.03
C GLY A 43 7.29 -13.34 10.54
N SER A 44 8.01 -12.30 10.10
CA SER A 44 7.44 -11.06 9.61
C SER A 44 8.28 -10.56 8.43
N PRO A 45 7.69 -9.73 7.54
CA PRO A 45 8.38 -9.24 6.36
C PRO A 45 9.58 -8.38 6.75
N PRO A 46 10.77 -8.71 6.22
CA PRO A 46 12.00 -7.98 6.47
C PRO A 46 12.00 -6.65 5.70
N PRO A 47 13.02 -5.81 5.93
CA PRO A 47 13.23 -4.55 5.22
C PRO A 47 13.36 -4.73 3.71
N ALA A 48 13.25 -5.98 3.22
CA ALA A 48 13.28 -6.29 1.79
C ALA A 48 12.06 -5.72 1.07
N GLY A 49 11.16 -5.06 1.81
CA GLY A 49 9.95 -4.48 1.27
C GLY A 49 8.86 -5.54 1.16
N SER A 50 9.05 -6.51 0.26
CA SER A 50 8.15 -7.64 0.12
C SER A 50 6.71 -7.21 -0.19
N GLU A 51 6.53 -6.03 -0.80
CA GLU A 51 5.21 -5.52 -1.16
C GLU A 51 4.86 -5.96 -2.57
N VAL A 52 3.59 -6.32 -2.81
CA VAL A 52 3.10 -6.61 -4.15
C VAL A 52 1.64 -6.21 -4.23
N PHE A 53 1.25 -5.65 -5.38
CA PHE A 53 -0.10 -5.16 -5.62
C PHE A 53 -0.66 -5.48 -6.99
N ILE A 54 -1.69 -6.32 -7.07
CA ILE A 54 -2.44 -6.52 -8.30
C ILE A 54 -3.48 -5.40 -8.45
N GLY A 55 -3.84 -5.07 -9.70
CA GLY A 55 -4.80 -4.02 -9.96
C GLY A 55 -5.63 -4.32 -11.19
N ARG A 56 -6.79 -3.65 -11.32
CA ARG A 56 -7.72 -3.83 -12.41
C ARG A 56 -8.16 -5.30 -12.53
N LEU A 57 -8.38 -5.94 -11.38
CA LEU A 57 -8.85 -7.32 -11.33
C LEU A 57 -10.30 -7.39 -11.79
N PRO A 58 -10.81 -8.61 -12.06
CA PRO A 58 -12.20 -8.83 -12.34
C PRO A 58 -13.05 -8.38 -11.16
N GLN A 59 -14.23 -7.83 -11.41
CA GLN A 59 -15.08 -7.30 -10.35
C GLN A 59 -15.88 -8.42 -9.66
N ASP A 60 -15.67 -9.67 -10.07
CA ASP A 60 -16.41 -10.80 -9.51
C ASP A 60 -15.51 -11.81 -8.79
N VAL A 61 -14.18 -11.60 -8.84
CA VAL A 61 -13.23 -12.53 -8.27
C VAL A 61 -13.10 -12.39 -6.75
N TYR A 62 -12.92 -13.51 -6.06
CA TYR A 62 -12.73 -13.53 -4.61
C TYR A 62 -11.37 -14.02 -4.12
N GLU A 63 -11.03 -13.66 -2.88
CA GLU A 63 -9.90 -14.22 -2.16
C GLU A 63 -9.57 -15.66 -2.54
N HIS A 64 -10.57 -16.52 -2.73
CA HIS A 64 -10.34 -17.94 -2.96
C HIS A 64 -9.66 -18.20 -4.30
N GLN A 65 -9.37 -17.12 -5.04
CA GLN A 65 -8.68 -17.21 -6.32
C GLN A 65 -7.33 -16.47 -6.24
N LEU A 66 -7.36 -15.25 -5.70
CA LEU A 66 -6.17 -14.40 -5.65
C LEU A 66 -5.21 -14.89 -4.58
N ILE A 67 -5.71 -15.46 -3.48
CA ILE A 67 -4.84 -15.86 -2.40
C ILE A 67 -4.01 -17.09 -2.75
N PRO A 68 -4.62 -18.18 -3.24
CA PRO A 68 -3.87 -19.35 -3.69
C PRO A 68 -2.88 -18.99 -4.79
N LEU A 69 -3.24 -17.99 -5.61
CA LEU A 69 -2.37 -17.49 -6.68
C LEU A 69 -1.14 -16.78 -6.11
N PHE A 70 -1.26 -16.25 -4.88
CA PHE A 70 -0.13 -15.69 -4.16
C PHE A 70 0.69 -16.70 -3.36
N GLN A 71 0.02 -17.72 -2.83
CA GLN A 71 0.68 -18.72 -2.01
C GLN A 71 1.44 -19.72 -2.88
N ARG A 72 1.32 -19.63 -4.21
CA ARG A 72 2.01 -20.54 -5.11
C ARG A 72 3.32 -19.93 -5.63
N VAL A 73 3.35 -18.60 -5.82
CA VAL A 73 4.55 -17.93 -6.32
C VAL A 73 5.56 -17.68 -5.20
N GLY A 74 5.10 -17.62 -3.96
CA GLY A 74 5.98 -17.34 -2.84
C GLY A 74 5.39 -17.84 -1.52
N ARG A 75 5.05 -16.90 -0.65
CA ARG A 75 4.63 -17.17 0.73
C ARG A 75 3.97 -15.93 1.29
N LEU A 76 2.67 -16.03 1.59
CA LEU A 76 1.90 -14.90 2.07
C LEU A 76 2.12 -14.70 3.57
N TYR A 77 2.36 -13.45 3.97
CA TYR A 77 2.32 -13.08 5.38
C TYR A 77 0.96 -12.50 5.74
N GLU A 78 0.38 -11.74 4.79
CA GLU A 78 -1.01 -11.30 4.88
C GLU A 78 -1.46 -10.74 3.53
N PHE A 79 -2.65 -11.12 3.08
CA PHE A 79 -3.23 -10.60 1.84
C PHE A 79 -4.31 -9.58 2.20
N ARG A 80 -4.61 -8.67 1.26
CA ARG A 80 -5.58 -7.62 1.50
C ARG A 80 -6.43 -7.42 0.25
N LEU A 81 -7.74 -7.24 0.39
CA LEU A 81 -8.63 -7.12 -0.77
C LEU A 81 -9.71 -6.06 -0.53
N MET A 82 -9.78 -5.08 -1.42
CA MET A 82 -10.79 -4.05 -1.33
C MET A 82 -11.78 -4.11 -2.49
N MET A 83 -13.06 -4.01 -2.11
CA MET A 83 -14.20 -4.22 -3.00
C MET A 83 -15.40 -3.53 -2.36
N THR A 84 -16.18 -2.75 -3.11
CA THR A 84 -17.28 -2.00 -2.52
C THR A 84 -18.29 -1.56 -3.58
N PHE A 85 -19.54 -1.33 -3.14
CA PHE A 85 -20.70 -0.99 -3.95
C PHE A 85 -21.03 -1.93 -5.12
N SER A 86 -22.28 -1.85 -5.59
CA SER A 86 -22.80 -2.70 -6.66
C SER A 86 -22.46 -2.14 -8.04
N GLY A 87 -22.66 -2.98 -9.06
CA GLY A 87 -22.33 -2.64 -10.45
C GLY A 87 -20.83 -2.80 -10.66
N LEU A 88 -20.10 -1.70 -10.46
CA LEU A 88 -18.65 -1.71 -10.49
C LEU A 88 -18.12 -1.79 -9.07
N ASN A 89 -16.82 -2.05 -8.93
CA ASN A 89 -16.18 -2.30 -7.65
C ASN A 89 -14.78 -1.70 -7.65
N ARG A 90 -14.16 -1.60 -6.48
CA ARG A 90 -12.86 -0.97 -6.34
C ARG A 90 -11.79 -1.84 -7.02
N GLY A 91 -12.08 -3.13 -7.20
CA GLY A 91 -11.28 -4.04 -8.02
C GLY A 91 -9.76 -3.91 -7.84
N PHE A 92 -9.23 -4.04 -6.62
CA PHE A 92 -7.78 -4.08 -6.45
C PHE A 92 -7.45 -4.78 -5.14
N ALA A 93 -6.23 -5.31 -5.07
CA ALA A 93 -5.75 -6.02 -3.89
C ALA A 93 -4.23 -5.95 -3.79
N TYR A 94 -3.69 -6.21 -2.60
CA TYR A 94 -2.24 -6.25 -2.42
C TYR A 94 -1.94 -7.25 -1.31
N ALA A 95 -0.65 -7.59 -1.18
CA ALA A 95 -0.22 -8.59 -0.23
C ALA A 95 1.23 -8.37 0.19
N ARG A 96 1.57 -8.82 1.40
CA ARG A 96 2.95 -8.79 1.88
C ARG A 96 3.52 -10.22 1.87
N TYR A 97 4.68 -10.37 1.22
CA TYR A 97 5.40 -11.63 1.18
C TYR A 97 6.40 -11.80 2.32
N SER A 98 6.75 -13.04 2.66
CA SER A 98 7.79 -13.31 3.65
C SER A 98 9.15 -12.73 3.22
N SER A 99 9.34 -12.50 1.92
CA SER A 99 10.57 -11.90 1.42
C SER A 99 10.34 -11.30 0.03
N ARG A 100 11.30 -10.49 -0.43
CA ARG A 100 11.22 -9.88 -1.75
C ARG A 100 11.28 -10.97 -2.81
N ARG A 101 11.93 -12.10 -2.51
CA ARG A 101 12.00 -13.22 -3.45
C ARG A 101 10.60 -13.70 -3.82
N GLY A 102 9.67 -13.65 -2.87
CA GLY A 102 8.28 -14.03 -3.12
C GLY A 102 7.59 -12.91 -3.88
N ALA A 103 7.92 -11.66 -3.56
CA ALA A 103 7.30 -10.50 -4.18
C ALA A 103 7.74 -10.35 -5.63
N GLN A 104 8.99 -10.68 -5.95
CA GLN A 104 9.53 -10.52 -7.28
C GLN A 104 9.02 -11.60 -8.22
N ALA A 105 8.85 -12.82 -7.70
CA ALA A 105 8.29 -13.91 -8.47
C ALA A 105 6.82 -13.64 -8.76
N ALA A 106 6.10 -13.08 -7.77
CA ALA A 106 4.66 -12.86 -7.90
C ALA A 106 4.36 -11.95 -9.09
N ILE A 107 4.98 -10.78 -9.14
CA ILE A 107 4.77 -9.85 -10.25
C ILE A 107 5.12 -10.52 -11.58
N ALA A 108 6.32 -11.12 -11.66
CA ALA A 108 6.79 -11.74 -12.88
C ALA A 108 5.93 -12.96 -13.30
N THR A 109 4.97 -13.35 -12.46
CA THR A 109 4.17 -14.54 -12.70
C THR A 109 2.70 -14.20 -12.86
N LEU A 110 2.22 -13.23 -12.08
CA LEU A 110 0.80 -12.88 -12.05
C LEU A 110 0.48 -11.81 -13.09
N HIS A 111 1.42 -10.89 -13.34
CA HIS A 111 1.24 -9.90 -14.38
C HIS A 111 1.07 -10.56 -15.75
N ASN A 112 1.83 -11.62 -16.01
CA ASN A 112 1.69 -12.39 -17.24
C ASN A 112 0.60 -13.46 -17.14
N HIS A 113 -0.25 -13.42 -16.10
CA HIS A 113 -1.28 -14.44 -15.92
C HIS A 113 -2.63 -13.95 -16.46
N PRO A 114 -3.16 -14.61 -17.51
CA PRO A 114 -4.47 -14.34 -18.04
C PRO A 114 -5.53 -14.96 -17.14
N LEU A 115 -5.75 -14.38 -15.96
CA LEU A 115 -6.71 -14.90 -14.99
C LEU A 115 -8.10 -14.99 -15.62
N ARG A 116 -8.39 -14.09 -16.57
CA ARG A 116 -9.64 -14.11 -17.34
C ARG A 116 -9.31 -13.75 -18.79
N PRO A 117 -10.14 -14.18 -19.74
CA PRO A 117 -9.95 -13.90 -21.16
C PRO A 117 -10.20 -12.42 -21.48
N SER A 118 -10.41 -11.60 -20.45
CA SER A 118 -10.70 -10.17 -20.61
C SER A 118 -10.10 -9.36 -19.46
N CYS A 119 -8.99 -9.84 -18.89
CA CYS A 119 -8.37 -9.20 -17.75
C CYS A 119 -6.86 -9.44 -17.75
N PRO A 120 -6.11 -8.53 -18.41
CA PRO A 120 -4.66 -8.48 -18.33
C PRO A 120 -4.24 -8.00 -16.93
N LEU A 121 -4.49 -8.86 -15.93
CA LEU A 121 -4.27 -8.55 -14.53
C LEU A 121 -2.91 -7.88 -14.31
N LEU A 122 -2.95 -6.59 -13.95
CA LEU A 122 -1.75 -5.78 -13.73
C LEU A 122 -1.19 -6.02 -12.34
N VAL A 123 0.15 -6.03 -12.19
CA VAL A 123 0.78 -6.15 -10.88
C VAL A 123 1.90 -5.13 -10.66
N CYS A 124 2.36 -5.00 -9.42
CA CYS A 124 3.38 -4.02 -9.04
C CYS A 124 3.99 -4.42 -7.70
N ARG A 125 5.01 -3.67 -7.26
CA ARG A 125 5.68 -3.92 -5.99
C ARG A 125 6.14 -2.61 -5.35
N SER A 126 5.59 -1.49 -5.82
CA SER A 126 5.99 -0.17 -5.35
C SER A 126 5.05 0.32 -4.25
N THR A 127 4.97 1.64 -4.05
CA THR A 127 4.05 2.26 -3.12
C THR A 127 4.29 1.89 -1.64
N GLU A 128 5.55 1.98 -1.21
CA GLU A 128 5.91 1.76 0.19
C GLU A 128 5.23 2.82 1.07
N LYS A 129 4.24 2.41 1.86
CA LYS A 129 3.50 3.33 2.73
C LYS A 129 4.26 3.60 4.04
N CYS A 130 5.31 2.84 4.30
CA CYS A 130 6.18 3.11 5.44
C CYS A 130 6.79 4.52 5.39
N GLU A 131 6.62 5.21 4.26
CA GLU A 131 7.14 6.55 4.09
C GLU A 131 6.09 7.43 3.40
N LEU A 132 6.18 8.74 3.65
CA LEU A 132 5.21 9.71 3.17
C LEU A 132 5.96 10.77 2.36
N SER A 133 5.25 11.53 1.50
CA SER A 133 5.85 12.62 0.76
C SER A 133 4.88 13.80 0.72
N VAL A 134 5.45 15.01 0.67
CA VAL A 134 4.66 16.25 0.66
C VAL A 134 5.17 17.20 -0.41
N ASP A 135 4.35 18.16 -0.83
CA ASP A 135 4.68 19.04 -1.95
C ASP A 135 3.96 20.38 -1.76
N GLY A 136 4.47 21.44 -2.39
CA GLY A 136 3.93 22.78 -2.24
C GLY A 136 4.41 23.41 -0.93
N LEU A 137 4.03 22.78 0.20
CA LEU A 137 4.47 23.14 1.54
C LEU A 137 3.98 24.56 1.94
N PRO A 138 4.20 24.94 3.20
CA PRO A 138 3.95 26.29 3.70
C PRO A 138 4.80 27.32 2.95
N PRO A 139 4.57 28.62 3.20
CA PRO A 139 5.18 29.70 2.44
C PRO A 139 6.69 29.77 2.62
N ASN A 140 7.13 29.77 3.89
CA ASN A 140 8.54 29.93 4.23
C ASN A 140 8.90 29.09 5.45
N LEU A 141 7.95 28.30 5.94
CA LEU A 141 8.13 27.55 7.17
C LEU A 141 9.32 26.59 7.06
N THR A 142 10.04 26.42 8.17
CA THR A 142 11.21 25.54 8.22
C THR A 142 10.83 24.09 8.44
N ARG A 143 11.75 23.17 8.09
CA ARG A 143 11.53 21.73 8.24
C ARG A 143 11.19 21.35 9.68
N SER A 144 11.74 22.08 10.66
CA SER A 144 11.52 21.75 12.07
C SER A 144 10.05 21.89 12.44
N ALA A 145 9.41 22.96 11.97
CA ALA A 145 8.02 23.24 12.29
C ALA A 145 7.07 22.35 11.48
N LEU A 146 7.52 21.91 10.29
CA LEU A 146 6.72 20.99 9.48
C LEU A 146 6.39 19.75 10.29
N LEU A 147 7.39 19.17 10.97
CA LEU A 147 7.18 17.96 11.76
C LEU A 147 6.26 18.25 12.93
N LEU A 148 6.53 19.34 13.65
CA LEU A 148 5.73 19.73 14.80
C LEU A 148 4.28 19.95 14.38
N ALA A 149 4.07 20.57 13.21
CA ALA A 149 2.74 20.82 12.69
C ALA A 149 1.94 19.52 12.50
N LEU A 150 2.62 18.40 12.24
CA LEU A 150 1.94 17.12 12.06
C LEU A 150 2.26 16.13 13.19
N GLN A 151 2.98 16.56 14.23
CA GLN A 151 3.39 15.66 15.29
C GLN A 151 2.23 15.24 16.21
N PRO A 152 1.23 16.10 16.48
CA PRO A 152 0.12 15.73 17.33
C PRO A 152 -0.86 14.80 16.60
N LEU A 153 -0.86 14.85 15.26
CA LEU A 153 -1.74 14.00 14.46
C LEU A 153 -0.99 12.77 13.92
N GLY A 154 0.33 12.70 14.12
CA GLY A 154 1.10 11.51 13.80
C GLY A 154 2.37 11.43 14.64
N PRO A 155 2.24 11.12 15.93
CA PRO A 155 3.35 11.05 16.89
C PRO A 155 4.32 9.90 16.58
N GLY A 156 4.02 9.09 15.56
CA GLY A 156 4.82 7.91 15.25
C GLY A 156 6.00 8.23 14.32
N LEU A 157 6.20 9.51 14.00
CA LEU A 157 7.24 9.90 13.06
C LEU A 157 8.64 9.63 13.62
N GLN A 158 9.47 8.94 12.84
CA GLN A 158 10.86 8.64 13.23
C GLN A 158 11.79 9.78 12.80
N GLU A 159 11.70 10.20 11.53
CA GLU A 159 12.59 11.21 10.98
C GLU A 159 12.02 11.80 9.69
N ALA A 160 12.56 12.95 9.29
CA ALA A 160 12.10 13.66 8.10
C ALA A 160 13.22 14.49 7.49
N ARG A 161 13.17 14.67 6.18
CA ARG A 161 14.19 15.42 5.44
C ARG A 161 13.53 16.20 4.29
N LEU A 162 14.02 17.43 4.03
CA LEU A 162 13.46 18.26 2.97
C LEU A 162 14.57 18.71 2.02
N LEU A 163 14.40 18.40 0.73
CA LEU A 163 15.24 18.93 -0.35
C LEU A 163 14.80 18.38 -1.72
N PRO A 164 15.00 17.08 -2.01
CA PRO A 164 14.91 16.50 -3.35
C PRO A 164 13.51 16.50 -3.95
N SER A 165 13.10 17.63 -4.54
CA SER A 165 11.88 17.70 -5.33
C SER A 165 12.21 17.49 -6.80
N PRO A 166 11.43 16.64 -7.49
CA PRO A 166 11.55 16.47 -8.93
C PRO A 166 11.38 17.80 -9.66
N GLY A 167 12.07 17.96 -10.80
CA GLY A 167 11.97 19.15 -11.62
C GLY A 167 10.73 19.11 -12.49
N PRO A 168 10.59 20.10 -13.37
CA PRO A 168 11.48 21.25 -13.52
C PRO A 168 11.15 22.33 -12.48
N ALA A 169 10.00 22.21 -11.83
CA ALA A 169 9.52 23.22 -10.89
C ALA A 169 10.49 23.42 -9.72
N PRO A 170 10.59 24.65 -9.21
CA PRO A 170 11.42 25.01 -8.07
C PRO A 170 10.79 24.51 -6.76
N GLY A 171 11.44 24.80 -5.62
CA GLY A 171 10.96 24.41 -4.31
C GLY A 171 11.67 23.16 -3.82
N GLN A 172 11.07 22.46 -2.87
CA GLN A 172 11.63 21.23 -2.33
C GLN A 172 10.50 20.28 -1.91
N ILE A 173 10.87 19.05 -1.52
CA ILE A 173 9.89 18.04 -1.11
C ILE A 173 10.16 17.65 0.34
N ALA A 174 9.11 17.34 1.10
CA ALA A 174 9.29 16.80 2.44
C ALA A 174 9.06 15.30 2.42
N LEU A 175 10.03 14.53 2.93
CA LEU A 175 9.89 13.10 3.08
C LEU A 175 9.80 12.74 4.56
N LEU A 176 8.82 11.91 4.87
CA LEU A 176 8.51 11.53 6.23
C LEU A 176 8.61 10.03 6.43
N LYS A 177 9.35 9.62 7.45
CA LYS A 177 9.42 8.22 7.88
C LYS A 177 8.66 8.03 9.17
N PHE A 178 7.74 7.06 9.18
CA PHE A 178 6.92 6.79 10.34
C PHE A 178 7.24 5.43 10.99
N SER A 179 6.77 5.21 12.21
CA SER A 179 7.04 3.98 12.95
C SER A 179 6.26 2.80 12.38
N SER A 180 5.19 3.08 11.62
CA SER A 180 4.37 2.04 11.02
C SER A 180 3.73 2.58 9.73
N HIS A 181 3.23 1.69 8.88
CA HIS A 181 2.61 2.12 7.63
C HIS A 181 1.36 2.95 7.94
N ARG A 182 0.43 2.38 8.71
CA ARG A 182 -0.79 3.10 9.09
C ARG A 182 -0.49 4.40 9.82
N ALA A 183 0.62 4.48 10.56
CA ALA A 183 0.98 5.70 11.25
C ALA A 183 1.14 6.85 10.25
N ALA A 184 1.66 6.55 9.05
CA ALA A 184 1.75 7.53 7.99
C ALA A 184 0.37 7.83 7.41
N ALA A 185 -0.53 6.84 7.36
CA ALA A 185 -1.87 7.04 6.84
C ALA A 185 -2.71 7.89 7.80
N MET A 186 -2.48 7.78 9.10
CA MET A 186 -3.22 8.59 10.07
C MET A 186 -2.84 10.06 9.89
N ALA A 187 -1.55 10.33 9.70
CA ALA A 187 -1.09 11.69 9.45
C ALA A 187 -1.53 12.15 8.08
N LYS A 188 -1.37 11.29 7.06
CA LYS A 188 -1.73 11.63 5.69
C LYS A 188 -3.21 11.94 5.60
N LYS A 189 -4.03 11.12 6.26
CA LYS A 189 -5.47 11.27 6.22
C LYS A 189 -5.89 12.63 6.75
N ALA A 190 -5.18 13.13 7.77
CA ALA A 190 -5.51 14.43 8.34
C ALA A 190 -5.17 15.55 7.34
N LEU A 191 -4.15 15.36 6.50
CA LEU A 191 -3.72 16.41 5.58
C LEU A 191 -4.68 16.56 4.40
N VAL A 192 -5.22 15.45 3.87
CA VAL A 192 -6.23 15.54 2.81
C VAL A 192 -7.55 15.98 3.43
N GLU A 193 -7.77 15.70 4.72
CA GLU A 193 -8.98 16.14 5.40
C GLU A 193 -9.04 17.67 5.53
N GLY A 194 -7.88 18.34 5.45
CA GLY A 194 -7.86 19.80 5.38
C GLY A 194 -6.88 20.44 6.36
N GLN A 195 -5.93 19.67 6.89
CA GLN A 195 -4.96 20.20 7.84
C GLN A 195 -3.70 20.70 7.12
N SER A 196 -3.69 20.63 5.79
CA SER A 196 -2.56 21.04 4.97
C SER A 196 -2.43 22.56 4.91
N HIS A 197 -3.47 23.30 5.33
CA HIS A 197 -3.45 24.75 5.33
C HIS A 197 -2.76 25.26 6.60
N LEU A 198 -1.46 24.97 6.73
CA LEU A 198 -0.70 25.28 7.93
C LEU A 198 -0.69 26.79 8.17
N CYS A 199 -0.35 27.59 7.15
CA CYS A 199 -0.29 29.03 7.30
C CYS A 199 -0.31 29.74 5.94
N GLY A 200 -1.52 30.09 5.46
CA GLY A 200 -1.68 30.92 4.27
C GLY A 200 -1.22 30.23 2.99
N GLU A 201 -0.95 28.92 3.05
CA GLU A 201 -0.41 28.17 1.91
C GLU A 201 -0.95 26.74 2.03
N GLN A 202 -0.38 25.78 1.30
CA GLN A 202 -0.98 24.46 1.19
C GLN A 202 0.09 23.38 0.96
N VAL A 203 -0.25 22.13 1.27
CA VAL A 203 0.62 21.01 0.97
C VAL A 203 -0.16 19.87 0.33
N ALA A 204 0.36 19.30 -0.76
CA ALA A 204 -0.22 18.10 -1.35
C ALA A 204 0.39 16.90 -0.67
N VAL A 205 -0.46 16.08 -0.05
CA VAL A 205 -0.01 14.86 0.62
C VAL A 205 -0.24 13.64 -0.27
N GLU A 206 0.82 12.86 -0.51
CA GLU A 206 0.73 11.66 -1.34
C GLU A 206 1.83 10.67 -0.96
N TRP A 207 1.64 9.41 -1.36
CA TRP A 207 2.60 8.35 -1.08
C TRP A 207 3.77 8.36 -2.06
N LEU A 208 4.78 7.55 -1.80
CA LEU A 208 5.92 7.42 -2.71
C LEU A 208 5.47 6.72 -4.00
N LYS A 209 6.24 6.90 -5.07
CA LYS A 209 5.94 6.33 -6.37
C LYS A 209 7.23 5.77 -6.98
N PRO A 210 7.13 4.76 -7.85
CA PRO A 210 8.28 4.12 -8.46
C PRO A 210 9.03 5.10 -9.38
N ASP A 211 8.34 6.12 -9.88
CA ASP A 211 8.96 7.14 -10.72
C ASP A 211 9.46 8.33 -9.89
N LEU A 212 8.78 8.61 -8.78
CA LEU A 212 9.17 9.67 -7.85
C LEU A 212 10.48 9.29 -7.17
N LYS A 213 10.58 8.02 -6.75
CA LYS A 213 11.68 7.54 -5.94
C LYS A 213 12.98 7.52 -6.74
N GLN A 214 12.92 7.12 -8.01
CA GLN A 214 14.12 7.09 -8.85
C GLN A 214 14.63 8.50 -9.13
N ARG A 215 13.71 9.48 -9.24
CA ARG A 215 14.11 10.86 -9.47
C ARG A 215 14.61 11.49 -8.17
N LEU A 216 14.03 11.08 -7.05
CA LEU A 216 14.39 11.59 -5.74
C LEU A 216 15.80 11.15 -5.36
N ARG A 217 16.17 9.89 -5.69
CA ARG A 217 17.49 9.39 -5.31
C ARG A 217 18.56 9.89 -6.27
N GLN A 218 18.19 10.18 -7.52
CA GLN A 218 19.15 10.65 -8.51
C GLN A 218 19.60 12.08 -8.23
N GLN A 219 18.77 12.88 -7.55
CA GLN A 219 19.15 14.24 -7.19
C GLN A 219 19.65 14.30 -5.75
N LEU A 220 19.30 13.31 -4.91
CA LEU A 220 19.74 13.28 -3.53
C LEU A 220 21.19 12.78 -3.44
N VAL A 221 21.58 11.90 -4.36
CA VAL A 221 22.93 11.35 -4.39
C VAL A 221 23.97 12.40 -4.77
N GLY A 222 23.53 13.60 -5.17
CA GLY A 222 24.42 14.70 -5.53
C GLY A 222 25.28 15.11 -4.34
N PRO A 223 24.68 15.77 -3.33
CA PRO A 223 25.39 16.19 -2.13
C PRO A 223 25.86 14.99 -1.31
N PHE A 224 25.16 13.85 -1.42
CA PHE A 224 25.54 12.65 -0.70
C PHE A 224 26.72 11.87 -1.29
N LEU A 225 27.28 12.37 -2.39
CA LEU A 225 28.45 11.78 -3.03
C LEU A 225 29.71 12.06 -2.19
N ARG A 226 29.58 12.94 -1.19
CA ARG A 226 30.71 13.36 -0.37
C ARG A 226 30.22 13.67 1.05
N SER A 227 31.17 13.85 1.97
CA SER A 227 30.86 14.16 3.37
C SER A 227 32.04 14.89 4.02
N GLY A 1 -23.06 -0.24 -2.02
CA GLY A 1 -22.70 -1.63 -2.36
C GLY A 1 -23.94 -2.52 -2.39
N ALA A 2 -23.87 -3.66 -1.70
CA ALA A 2 -24.98 -4.60 -1.64
C ALA A 2 -24.92 -5.40 -0.34
N MET A 3 -26.07 -5.86 0.13
CA MET A 3 -26.13 -6.71 1.32
C MET A 3 -25.61 -8.10 0.99
N GLU A 4 -25.74 -8.48 -0.29
CA GLU A 4 -25.26 -9.75 -0.79
C GLU A 4 -25.12 -9.66 -2.31
N ARG A 5 -23.98 -10.09 -2.83
CA ARG A 5 -23.73 -10.14 -4.27
C ARG A 5 -24.43 -11.35 -4.88
N VAL A 6 -24.51 -11.39 -6.22
CA VAL A 6 -25.10 -12.52 -6.93
C VAL A 6 -24.28 -13.79 -6.65
N ASN A 7 -24.93 -14.94 -6.71
CA ASN A 7 -24.31 -16.22 -6.40
C ASN A 7 -23.56 -16.15 -5.08
N PRO A 8 -24.28 -16.02 -3.95
CA PRO A 8 -23.69 -15.90 -2.63
C PRO A 8 -22.89 -17.14 -2.25
N GLU A 9 -23.08 -18.24 -2.99
CA GLU A 9 -22.25 -19.43 -2.86
C GLU A 9 -20.78 -19.08 -3.04
N ASN A 10 -20.47 -17.99 -3.76
CA ASN A 10 -19.09 -17.57 -3.96
C ASN A 10 -18.49 -16.99 -2.68
N LYS A 11 -19.15 -15.99 -2.07
CA LYS A 11 -18.68 -15.43 -0.82
C LYS A 11 -18.79 -16.45 0.31
N ALA A 12 -19.71 -17.40 0.18
CA ALA A 12 -19.83 -18.48 1.15
C ALA A 12 -18.68 -19.49 0.99
N ALA A 13 -18.14 -19.62 -0.23
CA ALA A 13 -17.06 -20.56 -0.48
C ALA A 13 -15.79 -20.13 0.23
N LEU A 14 -15.46 -18.83 0.20
CA LEU A 14 -14.27 -18.34 0.89
C LEU A 14 -14.48 -18.34 2.41
N GLU A 15 -15.73 -18.23 2.87
CA GLU A 15 -16.00 -18.31 4.30
C GLU A 15 -15.72 -19.72 4.80
N ALA A 16 -16.17 -20.73 4.05
CA ALA A 16 -15.86 -22.11 4.34
C ALA A 16 -14.36 -22.40 4.22
N TRP A 17 -13.60 -21.54 3.53
CA TRP A 17 -12.15 -21.71 3.44
C TRP A 17 -11.42 -21.07 4.61
N VAL A 18 -11.67 -19.80 4.91
CA VAL A 18 -11.00 -19.13 6.02
C VAL A 18 -11.19 -19.90 7.32
N ARG A 19 -12.30 -20.65 7.46
CA ARG A 19 -12.57 -21.40 8.68
C ARG A 19 -11.71 -22.66 8.75
N GLU A 20 -11.25 -23.17 7.61
CA GLU A 20 -10.49 -24.41 7.57
C GLU A 20 -8.99 -24.13 7.76
N THR A 21 -8.59 -22.86 7.66
CA THR A 21 -7.21 -22.45 7.93
C THR A 21 -7.18 -21.68 9.25
N GLY A 22 -8.34 -21.15 9.68
CA GLY A 22 -8.45 -20.43 10.94
C GLY A 22 -7.93 -19.00 10.81
N ILE A 23 -7.92 -18.46 9.59
CA ILE A 23 -7.38 -17.13 9.34
C ILE A 23 -8.40 -16.06 9.72
N ARG A 24 -9.69 -16.36 9.52
CA ARG A 24 -10.80 -15.45 9.81
C ARG A 24 -10.53 -14.01 9.36
N LEU A 25 -10.88 -13.73 8.10
CA LEU A 25 -10.65 -12.42 7.49
C LEU A 25 -11.15 -11.30 8.40
N VAL A 26 -10.32 -10.29 8.64
CA VAL A 26 -10.71 -9.15 9.45
C VAL A 26 -11.33 -8.08 8.55
N GLN A 27 -12.57 -7.70 8.86
CA GLN A 27 -13.28 -6.68 8.09
C GLN A 27 -12.82 -5.27 8.47
N VAL A 28 -12.91 -4.35 7.52
CA VAL A 28 -12.55 -2.95 7.73
C VAL A 28 -13.63 -2.03 7.18
N ASN A 29 -14.60 -1.69 8.04
CA ASN A 29 -15.75 -0.88 7.67
C ASN A 29 -16.58 -1.53 6.55
N GLY A 30 -16.19 -2.72 6.09
CA GLY A 30 -16.85 -3.43 5.01
C GLY A 30 -15.85 -4.08 4.06
N GLN A 31 -14.59 -3.62 4.09
CA GLN A 31 -13.50 -4.22 3.32
C GLN A 31 -13.01 -5.49 4.03
N ARG A 32 -11.98 -6.14 3.49
CA ARG A 32 -11.47 -7.38 4.06
C ARG A 32 -9.97 -7.54 3.81
N LYS A 33 -9.29 -8.21 4.76
CA LYS A 33 -7.87 -8.52 4.63
C LYS A 33 -7.53 -9.89 5.21
N TYR A 34 -6.59 -10.59 4.56
CA TYR A 34 -6.12 -11.91 4.98
C TYR A 34 -4.79 -11.91 5.72
N GLY A 35 -4.65 -12.78 6.71
CA GLY A 35 -3.37 -12.99 7.37
C GLY A 35 -3.54 -13.68 8.73
N GLY A 36 -2.55 -14.51 9.10
CA GLY A 36 -2.56 -15.22 10.36
C GLY A 36 -1.55 -16.36 10.37
N PRO A 37 -0.29 -16.10 10.02
CA PRO A 37 0.76 -17.11 9.97
C PRO A 37 1.08 -17.61 11.38
N PRO A 38 1.71 -18.79 11.49
CA PRO A 38 2.10 -19.37 12.76
C PRO A 38 3.03 -18.42 13.53
N PRO A 39 2.99 -18.46 14.87
CA PRO A 39 3.80 -17.61 15.72
C PRO A 39 5.27 -18.02 15.67
N GLY A 40 5.56 -19.26 15.25
CA GLY A 40 6.92 -19.77 15.15
C GLY A 40 7.51 -19.55 13.75
N TRP A 41 6.68 -19.13 12.79
CA TRP A 41 7.13 -18.91 11.43
C TRP A 41 7.92 -17.61 11.28
N VAL A 42 8.76 -17.53 10.24
CA VAL A 42 9.56 -16.35 9.96
C VAL A 42 9.86 -16.26 8.46
N GLY A 43 10.09 -15.03 7.96
CA GLY A 43 10.39 -14.79 6.57
C GLY A 43 11.90 -14.90 6.35
N SER A 44 12.38 -14.43 5.20
CA SER A 44 13.81 -14.53 4.91
C SER A 44 14.56 -13.39 5.62
N PRO A 45 15.75 -13.67 6.16
CA PRO A 45 16.53 -12.72 6.95
C PRO A 45 16.84 -11.39 6.25
N PRO A 46 17.24 -11.39 4.97
CA PRO A 46 17.59 -10.17 4.25
C PRO A 46 16.44 -9.16 4.21
N PRO A 47 16.76 -7.87 4.09
CA PRO A 47 15.78 -6.80 4.01
C PRO A 47 15.04 -6.86 2.67
N ALA A 48 13.79 -6.39 2.66
CA ALA A 48 12.96 -6.41 1.46
C ALA A 48 11.79 -5.44 1.60
N GLY A 49 11.36 -4.88 0.47
CA GLY A 49 10.13 -4.09 0.44
C GLY A 49 8.93 -5.03 0.39
N SER A 50 9.10 -6.17 -0.31
CA SER A 50 8.13 -7.26 -0.36
C SER A 50 6.72 -6.79 -0.74
N GLU A 51 6.59 -5.62 -1.36
CA GLU A 51 5.29 -5.03 -1.66
C GLU A 51 4.85 -5.40 -3.08
N VAL A 52 3.57 -5.76 -3.25
CA VAL A 52 3.02 -6.09 -4.55
C VAL A 52 1.55 -5.68 -4.62
N PHE A 53 1.13 -5.16 -5.77
CA PHE A 53 -0.24 -4.70 -5.99
C PHE A 53 -0.82 -5.13 -7.32
N ILE A 54 -1.84 -5.98 -7.32
CA ILE A 54 -2.60 -6.28 -8.53
C ILE A 54 -3.70 -5.24 -8.74
N GLY A 55 -4.19 -5.14 -9.97
CA GLY A 55 -5.28 -4.23 -10.31
C GLY A 55 -5.97 -4.68 -11.59
N ARG A 56 -7.04 -3.97 -11.96
CA ARG A 56 -7.82 -4.28 -13.16
C ARG A 56 -8.43 -5.68 -13.09
N LEU A 57 -8.65 -6.18 -11.87
CA LEU A 57 -9.20 -7.52 -11.66
C LEU A 57 -10.68 -7.55 -12.07
N PRO A 58 -11.24 -8.74 -12.26
CA PRO A 58 -12.67 -8.90 -12.47
C PRO A 58 -13.42 -8.33 -11.27
N GLN A 59 -14.56 -7.69 -11.51
CA GLN A 59 -15.30 -6.99 -10.46
C GLN A 59 -16.05 -7.97 -9.55
N ASP A 60 -15.89 -9.27 -9.77
CA ASP A 60 -16.57 -10.28 -8.99
C ASP A 60 -15.60 -11.32 -8.39
N VAL A 61 -14.29 -11.11 -8.59
CA VAL A 61 -13.29 -12.04 -8.08
C VAL A 61 -13.06 -11.89 -6.58
N TYR A 62 -12.96 -13.02 -5.88
CA TYR A 62 -12.79 -13.04 -4.44
C TYR A 62 -11.38 -13.35 -3.92
N GLU A 63 -11.31 -13.62 -2.60
CA GLU A 63 -10.05 -13.89 -1.92
C GLU A 63 -9.54 -15.26 -2.35
N HIS A 64 -10.48 -16.17 -2.62
CA HIS A 64 -10.16 -17.57 -2.90
C HIS A 64 -9.54 -17.74 -4.29
N GLN A 65 -9.29 -16.63 -5.00
CA GLN A 65 -8.67 -16.68 -6.31
C GLN A 65 -7.33 -15.95 -6.26
N LEU A 66 -7.33 -14.73 -5.70
CA LEU A 66 -6.14 -13.90 -5.69
C LEU A 66 -5.15 -14.39 -4.64
N ILE A 67 -5.63 -14.96 -3.53
CA ILE A 67 -4.71 -15.37 -2.48
C ILE A 67 -3.91 -16.61 -2.87
N PRO A 68 -4.54 -17.70 -3.35
CA PRO A 68 -3.81 -18.86 -3.81
C PRO A 68 -2.85 -18.50 -4.94
N LEU A 69 -3.24 -17.53 -5.77
CA LEU A 69 -2.41 -17.03 -6.86
C LEU A 69 -1.15 -16.33 -6.31
N PHE A 70 -1.24 -15.80 -5.09
CA PHE A 70 -0.09 -15.24 -4.39
C PHE A 70 0.73 -16.25 -3.62
N GLN A 71 0.08 -17.27 -3.07
CA GLN A 71 0.75 -18.27 -2.26
C GLN A 71 1.46 -19.31 -3.13
N ARG A 72 1.29 -19.22 -4.47
CA ARG A 72 1.96 -20.13 -5.38
C ARG A 72 3.27 -19.52 -5.91
N VAL A 73 3.30 -18.20 -6.12
CA VAL A 73 4.51 -17.53 -6.62
C VAL A 73 5.52 -17.29 -5.51
N GLY A 74 5.06 -17.22 -4.26
CA GLY A 74 5.93 -16.94 -3.13
C GLY A 74 5.36 -17.42 -1.80
N ARG A 75 5.04 -16.47 -0.93
CA ARG A 75 4.65 -16.75 0.44
C ARG A 75 4.01 -15.49 1.02
N LEU A 76 2.73 -15.57 1.37
CA LEU A 76 1.97 -14.43 1.83
C LEU A 76 2.19 -14.19 3.31
N TYR A 77 2.47 -12.94 3.70
CA TYR A 77 2.43 -12.53 5.08
C TYR A 77 1.13 -11.83 5.42
N GLU A 78 0.60 -11.05 4.46
CA GLU A 78 -0.71 -10.43 4.59
C GLU A 78 -1.21 -9.93 3.23
N PHE A 79 -2.41 -10.39 2.83
CA PHE A 79 -3.07 -9.90 1.62
C PHE A 79 -4.23 -8.99 2.04
N ARG A 80 -4.63 -8.06 1.17
CA ARG A 80 -5.74 -7.16 1.44
C ARG A 80 -6.55 -6.91 0.17
N LEU A 81 -7.88 -6.81 0.28
CA LEU A 81 -8.74 -6.73 -0.89
C LEU A 81 -9.86 -5.70 -0.68
N MET A 82 -9.98 -4.75 -1.63
CA MET A 82 -10.99 -3.72 -1.56
C MET A 82 -11.63 -3.43 -2.91
N MET A 83 -12.79 -2.78 -2.87
CA MET A 83 -13.51 -2.34 -4.06
C MET A 83 -14.53 -1.26 -3.70
N THR A 84 -14.58 -0.21 -4.52
CA THR A 84 -15.45 0.95 -4.29
C THR A 84 -16.84 0.79 -4.87
N PHE A 85 -17.69 1.80 -4.67
CA PHE A 85 -19.07 1.74 -5.14
C PHE A 85 -19.46 2.91 -6.02
N SER A 86 -18.50 3.43 -6.78
CA SER A 86 -18.74 4.43 -7.80
C SER A 86 -19.58 3.83 -8.93
N GLY A 87 -19.82 2.52 -8.89
CA GLY A 87 -20.68 1.85 -9.86
C GLY A 87 -20.95 0.40 -9.46
N LEU A 88 -19.92 -0.31 -8.97
CA LEU A 88 -20.07 -1.73 -8.63
C LEU A 88 -18.89 -2.24 -7.80
N ASN A 89 -17.66 -1.92 -8.23
CA ASN A 89 -16.44 -2.36 -7.60
C ASN A 89 -15.25 -1.66 -8.26
N ARG A 90 -14.10 -1.59 -7.57
CA ARG A 90 -12.89 -0.96 -8.10
C ARG A 90 -11.84 -2.00 -8.47
N GLY A 91 -12.14 -3.29 -8.24
CA GLY A 91 -11.27 -4.41 -8.54
C GLY A 91 -9.78 -4.11 -8.34
N PHE A 92 -9.31 -4.05 -7.09
CA PHE A 92 -7.87 -3.88 -6.84
C PHE A 92 -7.54 -4.51 -5.48
N ALA A 93 -6.31 -4.95 -5.33
CA ALA A 93 -5.83 -5.54 -4.09
C ALA A 93 -4.31 -5.46 -3.99
N TYR A 94 -3.77 -5.68 -2.80
CA TYR A 94 -2.33 -5.74 -2.60
C TYR A 94 -1.91 -6.71 -1.50
N ALA A 95 -0.62 -7.02 -1.42
CA ALA A 95 -0.13 -8.00 -0.47
C ALA A 95 1.35 -7.80 -0.18
N ARG A 96 1.78 -8.25 1.01
CA ARG A 96 3.19 -8.27 1.38
C ARG A 96 3.72 -9.69 1.44
N TYR A 97 4.86 -9.92 0.80
CA TYR A 97 5.53 -11.21 0.79
C TYR A 97 6.53 -11.38 1.92
N SER A 98 6.86 -12.64 2.27
CA SER A 98 7.90 -12.92 3.24
C SER A 98 9.28 -12.44 2.77
N SER A 99 9.42 -12.17 1.46
CA SER A 99 10.68 -11.69 0.91
C SER A 99 10.45 -10.98 -0.43
N ARG A 100 11.47 -10.24 -0.89
CA ARG A 100 11.42 -9.56 -2.16
C ARG A 100 11.37 -10.59 -3.30
N ARG A 101 11.99 -11.75 -3.09
CA ARG A 101 12.03 -12.81 -4.10
C ARG A 101 10.61 -13.27 -4.44
N GLY A 102 9.72 -13.25 -3.45
CA GLY A 102 8.32 -13.62 -3.65
C GLY A 102 7.59 -12.49 -4.37
N ALA A 103 7.92 -11.25 -4.02
CA ALA A 103 7.28 -10.09 -4.60
C ALA A 103 7.68 -9.90 -6.07
N GLN A 104 8.93 -10.21 -6.40
CA GLN A 104 9.44 -10.03 -7.75
C GLN A 104 8.93 -11.13 -8.67
N ALA A 105 8.79 -12.34 -8.13
CA ALA A 105 8.21 -13.43 -8.89
C ALA A 105 6.73 -13.18 -9.15
N ALA A 106 6.02 -12.64 -8.16
CA ALA A 106 4.58 -12.44 -8.26
C ALA A 106 4.24 -11.55 -9.44
N ILE A 107 4.81 -10.35 -9.50
CA ILE A 107 4.56 -9.44 -10.61
C ILE A 107 4.94 -10.08 -11.95
N ALA A 108 6.13 -10.69 -12.03
CA ALA A 108 6.60 -11.31 -13.26
C ALA A 108 5.76 -12.53 -13.65
N THR A 109 4.80 -12.93 -12.80
CA THR A 109 4.02 -14.14 -13.04
C THR A 109 2.54 -13.82 -13.17
N LEU A 110 2.04 -12.88 -12.37
CA LEU A 110 0.62 -12.58 -12.32
C LEU A 110 0.25 -11.55 -13.39
N HIS A 111 1.14 -10.59 -13.66
CA HIS A 111 0.91 -9.63 -14.71
C HIS A 111 0.75 -10.34 -16.05
N ASN A 112 1.70 -11.21 -16.37
CA ASN A 112 1.69 -11.95 -17.61
C ASN A 112 0.90 -13.25 -17.46
N HIS A 113 -0.30 -13.16 -16.87
CA HIS A 113 -1.18 -14.31 -16.67
C HIS A 113 -2.63 -13.91 -16.95
N PRO A 114 -3.26 -14.53 -17.96
CA PRO A 114 -4.65 -14.32 -18.29
C PRO A 114 -5.54 -15.04 -17.29
N LEU A 115 -5.59 -14.51 -16.06
CA LEU A 115 -6.38 -15.10 -14.98
C LEU A 115 -7.82 -15.31 -15.41
N ARG A 116 -8.35 -14.40 -16.23
CA ARG A 116 -9.68 -14.48 -16.80
C ARG A 116 -9.68 -13.89 -18.21
N PRO A 117 -10.66 -14.25 -19.05
CA PRO A 117 -10.82 -13.66 -20.37
C PRO A 117 -11.01 -12.15 -20.27
N SER A 118 -10.48 -11.41 -21.25
CA SER A 118 -10.58 -9.95 -21.31
C SER A 118 -10.19 -9.32 -19.97
N CYS A 119 -9.11 -9.82 -19.37
CA CYS A 119 -8.66 -9.34 -18.07
C CYS A 119 -7.13 -9.37 -18.01
N PRO A 120 -6.46 -8.34 -18.57
CA PRO A 120 -5.03 -8.15 -18.49
C PRO A 120 -4.64 -7.75 -17.07
N LEU A 121 -4.85 -8.67 -16.11
CA LEU A 121 -4.54 -8.45 -14.70
C LEU A 121 -3.23 -7.69 -14.50
N LEU A 122 -3.34 -6.42 -14.10
CA LEU A 122 -2.18 -5.55 -13.88
C LEU A 122 -1.50 -5.90 -12.56
N VAL A 123 -0.17 -5.79 -12.49
CA VAL A 123 0.54 -5.91 -11.23
C VAL A 123 1.63 -4.84 -11.07
N CYS A 124 2.10 -4.65 -9.84
CA CYS A 124 3.06 -3.60 -9.52
C CYS A 124 3.78 -3.97 -8.22
N ARG A 125 4.80 -3.20 -7.84
CA ARG A 125 5.54 -3.40 -6.60
C ARG A 125 5.89 -2.05 -5.98
N SER A 126 5.31 -0.98 -6.54
CA SER A 126 5.62 0.39 -6.15
C SER A 126 4.57 0.90 -5.18
N THR A 127 4.59 2.22 -4.92
CA THR A 127 3.61 2.85 -4.04
C THR A 127 3.55 2.28 -2.63
N GLU A 128 4.71 2.25 -1.94
CA GLU A 128 4.77 1.81 -0.57
C GLU A 128 3.81 2.63 0.29
N LYS A 129 3.27 2.00 1.33
CA LYS A 129 2.29 2.62 2.21
C LYS A 129 2.85 2.78 3.62
N CYS A 130 3.89 2.02 3.96
CA CYS A 130 4.66 2.24 5.18
C CYS A 130 5.28 3.63 5.21
N GLU A 131 5.11 4.41 4.14
CA GLU A 131 5.67 5.74 4.04
C GLU A 131 4.66 6.69 3.39
N LEU A 132 4.87 7.98 3.58
CA LEU A 132 4.01 9.03 3.06
C LEU A 132 4.86 10.04 2.30
N SER A 133 4.26 10.79 1.36
CA SER A 133 4.97 11.83 0.62
C SER A 133 4.14 13.11 0.63
N VAL A 134 4.82 14.26 0.77
CA VAL A 134 4.17 15.57 0.80
C VAL A 134 4.74 16.49 -0.28
N ASP A 135 4.01 17.55 -0.63
CA ASP A 135 4.41 18.45 -1.71
C ASP A 135 3.84 19.84 -1.40
N GLY A 136 4.45 20.87 -1.98
CA GLY A 136 4.04 22.25 -1.77
C GLY A 136 4.62 22.79 -0.45
N LEU A 137 4.14 22.24 0.67
CA LEU A 137 4.62 22.55 2.01
C LEU A 137 4.37 24.03 2.39
N PRO A 138 4.63 24.39 3.65
CA PRO A 138 4.52 25.75 4.16
C PRO A 138 5.47 26.72 3.43
N PRO A 139 5.37 28.02 3.72
CA PRO A 139 6.09 29.06 3.00
C PRO A 139 7.58 29.06 3.31
N ASN A 140 7.92 29.08 4.61
CA ASN A 140 9.28 29.19 5.07
C ASN A 140 9.51 28.34 6.32
N LEU A 141 8.47 27.62 6.74
CA LEU A 141 8.53 26.84 7.98
C LEU A 141 9.64 25.80 7.92
N THR A 142 10.24 25.50 9.07
CA THR A 142 11.29 24.51 9.16
C THR A 142 10.73 23.10 9.31
N ARG A 143 11.51 22.10 8.91
CA ARG A 143 11.12 20.70 9.00
C ARG A 143 10.72 20.34 10.42
N SER A 144 11.45 20.84 11.41
CA SER A 144 11.25 20.44 12.81
C SER A 144 9.84 20.79 13.25
N ALA A 145 9.34 21.95 12.85
CA ALA A 145 8.02 22.40 13.22
C ALA A 145 6.97 21.72 12.33
N LEU A 146 7.38 21.38 11.10
CA LEU A 146 6.49 20.75 10.14
C LEU A 146 6.13 19.32 10.55
N LEU A 147 7.04 18.58 11.18
CA LEU A 147 6.71 17.29 11.74
C LEU A 147 5.74 17.49 12.90
N LEU A 148 6.11 18.39 13.81
CA LEU A 148 5.27 18.73 14.96
C LEU A 148 3.87 19.15 14.50
N ALA A 149 3.77 19.83 13.36
CA ALA A 149 2.49 20.25 12.82
C ALA A 149 1.61 19.05 12.47
N LEU A 150 2.20 17.95 11.98
CA LEU A 150 1.43 16.77 11.62
C LEU A 150 1.60 15.62 12.63
N GLN A 151 2.28 15.86 13.75
CA GLN A 151 2.52 14.82 14.74
C GLN A 151 1.26 14.47 15.55
N PRO A 152 0.37 15.41 15.89
CA PRO A 152 -0.79 15.12 16.71
C PRO A 152 -1.84 14.32 15.94
N LEU A 153 -1.77 14.35 14.60
CA LEU A 153 -2.70 13.58 13.78
C LEU A 153 -2.06 12.27 13.31
N GLY A 154 -0.75 12.09 13.56
CA GLY A 154 -0.06 10.85 13.24
C GLY A 154 1.15 10.64 14.16
N PRO A 155 0.90 10.32 15.44
CA PRO A 155 1.94 10.16 16.45
C PRO A 155 2.75 8.89 16.22
N GLY A 156 2.37 8.09 15.23
CA GLY A 156 3.08 6.84 14.92
C GLY A 156 4.34 7.10 14.10
N LEU A 157 4.64 8.37 13.80
CA LEU A 157 5.75 8.71 12.92
C LEU A 157 7.09 8.36 13.56
N GLN A 158 7.91 7.57 12.87
CA GLN A 158 9.22 7.15 13.35
C GLN A 158 10.30 8.15 12.92
N GLU A 159 10.28 8.57 11.66
CA GLU A 159 11.28 9.49 11.14
C GLU A 159 10.77 10.20 9.88
N ALA A 160 11.43 11.31 9.51
CA ALA A 160 11.06 12.07 8.34
C ALA A 160 12.27 12.80 7.77
N ARG A 161 12.27 12.98 6.44
CA ARG A 161 13.32 13.71 5.74
C ARG A 161 12.69 14.59 4.68
N LEU A 162 13.15 15.84 4.57
CA LEU A 162 12.53 16.82 3.67
C LEU A 162 13.58 17.45 2.77
N LEU A 163 13.61 17.02 1.51
CA LEU A 163 14.47 17.63 0.50
C LEU A 163 14.12 17.12 -0.91
N PRO A 164 14.40 15.83 -1.24
CA PRO A 164 14.33 15.33 -2.61
C PRO A 164 12.93 15.37 -3.19
N SER A 165 12.75 16.16 -4.25
CA SER A 165 11.50 16.25 -5.00
C SER A 165 11.60 15.38 -6.25
N PRO A 166 10.47 14.96 -6.82
CA PRO A 166 10.41 14.13 -8.00
C PRO A 166 10.92 14.87 -9.24
N GLY A 167 11.00 16.19 -9.18
CA GLY A 167 11.50 16.99 -10.29
C GLY A 167 10.46 17.14 -11.36
N PRO A 168 10.87 17.65 -12.53
CA PRO A 168 12.22 18.11 -12.81
C PRO A 168 12.50 19.46 -12.14
N ALA A 169 11.44 20.21 -11.81
CA ALA A 169 11.57 21.52 -11.19
C ALA A 169 11.70 21.38 -9.66
N PRO A 170 12.30 22.37 -8.99
CA PRO A 170 12.37 22.44 -7.54
C PRO A 170 11.00 22.52 -6.89
N GLY A 171 10.97 22.57 -5.56
CA GLY A 171 9.74 22.66 -4.80
C GLY A 171 9.82 21.93 -3.46
N GLN A 172 10.92 21.21 -3.21
CA GLN A 172 11.10 20.40 -2.01
C GLN A 172 10.02 19.32 -1.86
N ILE A 173 10.28 18.31 -1.04
CA ILE A 173 9.30 17.28 -0.74
C ILE A 173 9.55 16.74 0.68
N ALA A 174 8.51 16.20 1.32
CA ALA A 174 8.66 15.55 2.61
C ALA A 174 8.34 14.06 2.50
N LEU A 175 9.22 13.22 3.03
CA LEU A 175 8.95 11.79 3.16
C LEU A 175 8.87 11.38 4.62
N LEU A 176 7.80 10.65 4.93
CA LEU A 176 7.43 10.29 6.28
C LEU A 176 7.44 8.78 6.48
N LYS A 177 8.16 8.29 7.50
CA LYS A 177 8.07 6.89 7.93
C LYS A 177 7.15 6.77 9.14
N PHE A 178 6.15 5.89 9.05
CA PHE A 178 5.20 5.68 10.14
C PHE A 178 5.38 4.32 10.83
N SER A 179 4.68 4.10 11.95
CA SER A 179 4.75 2.85 12.68
C SER A 179 3.99 1.73 11.97
N SER A 180 3.02 2.09 11.11
CA SER A 180 2.20 1.12 10.41
C SER A 180 1.70 1.70 9.09
N HIS A 181 1.20 0.84 8.20
CA HIS A 181 0.61 1.26 6.94
C HIS A 181 -0.54 2.22 7.22
N ARG A 182 -1.57 1.74 7.93
CA ARG A 182 -2.72 2.57 8.24
C ARG A 182 -2.34 3.84 9.01
N ALA A 183 -1.29 3.79 9.83
CA ALA A 183 -0.86 4.97 10.57
C ALA A 183 -0.52 6.12 9.63
N ALA A 184 0.05 5.81 8.45
CA ALA A 184 0.34 6.81 7.46
C ALA A 184 -0.96 7.29 6.79
N ALA A 185 -1.94 6.40 6.63
CA ALA A 185 -3.22 6.77 6.04
C ALA A 185 -4.02 7.67 6.97
N MET A 186 -4.02 7.38 8.28
CA MET A 186 -4.74 8.21 9.25
C MET A 186 -4.21 9.64 9.21
N ALA A 187 -2.90 9.81 9.10
CA ALA A 187 -2.30 11.12 8.98
C ALA A 187 -2.64 11.73 7.63
N LYS A 188 -2.44 10.95 6.56
CA LYS A 188 -2.65 11.44 5.20
C LYS A 188 -4.10 11.87 5.02
N LYS A 189 -5.03 11.16 5.67
CA LYS A 189 -6.45 11.41 5.59
C LYS A 189 -6.80 12.74 6.28
N ALA A 190 -6.09 13.07 7.36
CA ALA A 190 -6.39 14.28 8.09
C ALA A 190 -5.94 15.52 7.32
N LEU A 191 -4.92 15.39 6.46
CA LEU A 191 -4.40 16.52 5.71
C LEU A 191 -5.35 16.82 4.55
N VAL A 192 -5.89 15.78 3.91
CA VAL A 192 -6.85 15.96 2.82
C VAL A 192 -8.20 16.37 3.40
N GLU A 193 -8.46 16.02 4.65
CA GLU A 193 -9.71 16.41 5.32
C GLU A 193 -9.75 17.90 5.65
N GLY A 194 -8.59 18.54 5.85
CA GLY A 194 -8.55 19.97 6.08
C GLY A 194 -7.44 20.43 7.04
N GLN A 195 -6.46 19.57 7.33
CA GLN A 195 -5.30 19.99 8.14
C GLN A 195 -4.23 20.60 7.24
N SER A 196 -4.55 20.73 5.94
CA SER A 196 -3.68 21.39 4.97
C SER A 196 -3.65 22.90 5.23
N HIS A 197 -2.96 23.66 4.37
CA HIS A 197 -2.83 25.11 4.53
C HIS A 197 -2.29 25.46 5.92
N LEU A 198 -1.16 24.83 6.29
CA LEU A 198 -0.58 24.95 7.62
C LEU A 198 -0.28 26.41 7.97
N CYS A 199 0.16 27.20 6.99
CA CYS A 199 0.59 28.58 7.23
C CYS A 199 0.17 29.48 6.06
N GLY A 200 -1.00 29.21 5.48
CA GLY A 200 -1.54 30.04 4.40
C GLY A 200 -0.86 29.75 3.06
N GLU A 201 0.01 28.74 3.01
CA GLU A 201 0.66 28.30 1.80
C GLU A 201 -0.16 27.14 1.25
N GLN A 202 0.49 26.11 0.72
CA GLN A 202 -0.23 25.01 0.11
C GLN A 202 0.51 23.70 0.32
N VAL A 203 -0.24 22.62 0.49
CA VAL A 203 0.33 21.32 0.72
C VAL A 203 -0.55 20.24 0.10
N ALA A 204 0.07 19.15 -0.37
CA ALA A 204 -0.66 18.05 -0.97
C ALA A 204 -0.18 16.74 -0.35
N VAL A 205 -1.08 15.77 -0.23
CA VAL A 205 -0.78 14.51 0.44
C VAL A 205 -0.96 13.35 -0.54
N GLU A 206 0.15 12.68 -0.86
CA GLU A 206 0.15 11.58 -1.81
C GLU A 206 1.16 10.52 -1.42
N TRP A 207 0.98 9.28 -1.89
CA TRP A 207 1.85 8.18 -1.54
C TRP A 207 3.15 8.20 -2.34
N LEU A 208 4.05 7.28 -1.98
CA LEU A 208 5.38 7.14 -2.56
C LEU A 208 5.27 6.80 -4.05
N LYS A 209 6.33 7.10 -4.80
CA LYS A 209 6.41 6.80 -6.23
C LYS A 209 7.74 6.12 -6.53
N PRO A 210 7.79 5.31 -7.60
CA PRO A 210 9.00 4.63 -8.02
C PRO A 210 10.02 5.63 -8.55
N ASP A 211 9.55 6.67 -9.25
CA ASP A 211 10.41 7.69 -9.80
C ASP A 211 10.93 8.64 -8.72
N LEU A 212 10.11 8.85 -7.68
CA LEU A 212 10.47 9.70 -6.57
C LEU A 212 11.54 9.02 -5.73
N LYS A 213 11.38 7.71 -5.49
CA LYS A 213 12.25 6.97 -4.61
C LYS A 213 13.65 6.79 -5.19
N GLN A 214 13.77 6.64 -6.51
CA GLN A 214 15.07 6.54 -7.14
C GLN A 214 15.80 7.88 -7.09
N ARG A 215 15.07 9.00 -7.16
CA ARG A 215 15.67 10.32 -7.05
C ARG A 215 15.98 10.65 -5.60
N LEU A 216 15.19 10.10 -4.67
CA LEU A 216 15.38 10.26 -3.25
C LEU A 216 16.68 9.60 -2.80
N ARG A 217 16.88 8.35 -3.22
CA ARG A 217 17.99 7.55 -2.70
C ARG A 217 19.31 7.95 -3.34
N GLN A 218 19.29 8.36 -4.62
CA GLN A 218 20.50 8.82 -5.29
C GLN A 218 20.95 10.15 -4.71
N GLN A 219 20.00 10.92 -4.17
CA GLN A 219 20.27 12.17 -3.47
C GLN A 219 20.71 11.89 -2.03
N LEU A 220 20.12 10.86 -1.41
CA LEU A 220 20.41 10.49 -0.02
C LEU A 220 21.83 9.94 0.09
N VAL A 221 22.30 9.23 -0.95
CA VAL A 221 23.65 8.68 -0.95
C VAL A 221 24.66 9.83 -0.92
N GLY A 222 24.24 11.03 -1.30
CA GLY A 222 25.15 12.17 -1.41
C GLY A 222 25.78 12.50 -0.06
N PRO A 223 25.00 13.00 0.90
CA PRO A 223 25.45 13.33 2.24
C PRO A 223 26.10 12.13 2.95
N PHE A 224 25.74 10.91 2.56
CA PHE A 224 26.32 9.71 3.12
C PHE A 224 27.65 9.28 2.48
N LEU A 225 28.02 9.91 1.37
CA LEU A 225 29.28 9.63 0.68
C LEU A 225 30.32 10.68 1.05
N ARG A 226 29.88 11.95 1.15
CA ARG A 226 30.77 13.06 1.49
C ARG A 226 29.98 14.19 2.13
N SER A 227 30.70 15.16 2.71
CA SER A 227 30.10 16.37 3.27
C SER A 227 29.56 17.25 2.14
N GLY A 1 -27.08 -1.93 0.56
CA GLY A 1 -26.90 -3.21 -0.13
C GLY A 1 -27.89 -4.26 0.37
N ALA A 2 -28.25 -5.21 -0.49
CA ALA A 2 -29.18 -6.28 -0.13
C ALA A 2 -28.54 -7.23 0.88
N MET A 3 -29.39 -7.95 1.63
CA MET A 3 -28.93 -8.89 2.63
C MET A 3 -28.47 -10.22 2.00
N GLU A 4 -28.62 -10.34 0.67
CA GLU A 4 -28.27 -11.54 -0.06
C GLU A 4 -28.14 -11.18 -1.52
N ARG A 5 -27.27 -11.92 -2.22
CA ARG A 5 -27.01 -11.75 -3.65
C ARG A 5 -27.03 -13.11 -4.34
N VAL A 6 -27.04 -13.08 -5.68
CA VAL A 6 -27.05 -14.30 -6.49
C VAL A 6 -25.77 -15.10 -6.31
N ASN A 7 -25.85 -16.41 -6.55
CA ASN A 7 -24.72 -17.32 -6.43
C ASN A 7 -23.94 -17.12 -5.12
N PRO A 8 -24.61 -17.25 -3.97
CA PRO A 8 -23.99 -17.09 -2.66
C PRO A 8 -22.97 -18.21 -2.42
N GLU A 9 -23.04 -19.27 -3.24
CA GLU A 9 -22.07 -20.36 -3.20
C GLU A 9 -20.64 -19.85 -3.34
N ASN A 10 -20.45 -18.69 -3.99
CA ASN A 10 -19.12 -18.13 -4.19
C ASN A 10 -18.55 -17.61 -2.86
N LYS A 11 -19.26 -16.68 -2.22
CA LYS A 11 -18.83 -16.14 -0.93
C LYS A 11 -18.88 -17.21 0.14
N ALA A 12 -19.73 -18.22 -0.03
CA ALA A 12 -19.79 -19.33 0.91
C ALA A 12 -18.61 -20.27 0.73
N ALA A 13 -18.05 -20.35 -0.49
CA ALA A 13 -16.91 -21.22 -0.75
C ALA A 13 -15.67 -20.74 -0.01
N LEU A 14 -15.41 -19.43 -0.01
CA LEU A 14 -14.26 -18.90 0.69
C LEU A 14 -14.49 -18.95 2.20
N GLU A 15 -15.75 -18.89 2.66
CA GLU A 15 -16.03 -19.00 4.08
C GLU A 15 -15.67 -20.39 4.58
N ALA A 16 -16.04 -21.43 3.81
CA ALA A 16 -15.65 -22.80 4.12
C ALA A 16 -14.14 -23.00 4.01
N TRP A 17 -13.43 -22.11 3.31
CA TRP A 17 -11.98 -22.18 3.24
C TRP A 17 -11.30 -21.49 4.42
N VAL A 18 -11.61 -20.23 4.68
CA VAL A 18 -10.98 -19.50 5.79
C VAL A 18 -11.14 -20.26 7.11
N ARG A 19 -12.22 -21.05 7.25
CA ARG A 19 -12.47 -21.79 8.48
C ARG A 19 -11.54 -23.00 8.59
N GLU A 20 -11.01 -23.49 7.46
CA GLU A 20 -10.15 -24.67 7.45
C GLU A 20 -8.68 -24.30 7.64
N THR A 21 -8.37 -23.00 7.52
CA THR A 21 -7.01 -22.51 7.75
C THR A 21 -7.00 -21.70 9.05
N GLY A 22 -8.17 -21.19 9.46
CA GLY A 22 -8.31 -20.45 10.71
C GLY A 22 -7.92 -18.98 10.55
N ILE A 23 -7.95 -18.47 9.31
CA ILE A 23 -7.54 -17.09 9.04
C ILE A 23 -8.66 -16.11 9.37
N ARG A 24 -9.92 -16.54 9.15
CA ARG A 24 -11.12 -15.73 9.40
C ARG A 24 -10.94 -14.28 8.93
N LEU A 25 -11.25 -14.03 7.64
CA LEU A 25 -11.06 -12.73 7.01
C LEU A 25 -11.61 -11.63 7.91
N VAL A 26 -10.77 -10.66 8.26
CA VAL A 26 -11.16 -9.60 9.18
C VAL A 26 -11.82 -8.45 8.42
N GLN A 27 -13.00 -8.03 8.87
CA GLN A 27 -13.69 -6.87 8.32
C GLN A 27 -13.06 -5.60 8.87
N VAL A 28 -13.01 -4.55 8.04
CA VAL A 28 -12.44 -3.26 8.43
C VAL A 28 -13.28 -2.13 7.86
N ASN A 29 -14.22 -1.62 8.66
CA ASN A 29 -15.16 -0.59 8.24
C ASN A 29 -16.02 -0.99 7.04
N GLY A 30 -15.78 -2.19 6.47
CA GLY A 30 -16.57 -2.71 5.36
C GLY A 30 -15.70 -3.43 4.32
N GLN A 31 -14.39 -3.18 4.29
CA GLN A 31 -13.48 -3.91 3.41
C GLN A 31 -13.06 -5.22 4.09
N ARG A 32 -12.15 -5.97 3.46
CA ARG A 32 -11.81 -7.32 3.93
C ARG A 32 -10.34 -7.63 3.65
N LYS A 33 -9.70 -8.34 4.59
CA LYS A 33 -8.28 -8.71 4.46
C LYS A 33 -7.98 -10.11 5.00
N TYR A 34 -7.02 -10.78 4.37
CA TYR A 34 -6.51 -12.08 4.83
C TYR A 34 -5.21 -11.98 5.64
N GLY A 35 -5.01 -12.91 6.58
CA GLY A 35 -3.79 -12.92 7.38
C GLY A 35 -3.66 -14.19 8.22
N GLY A 36 -2.62 -14.25 9.05
CA GLY A 36 -2.37 -15.39 9.91
C GLY A 36 -2.09 -16.63 9.08
N PRO A 37 -0.99 -16.61 8.31
CA PRO A 37 -0.64 -17.70 7.41
C PRO A 37 -0.38 -18.99 8.19
N PRO A 38 -0.44 -20.15 7.52
CA PRO A 38 -0.28 -21.45 8.13
C PRO A 38 1.06 -21.57 8.87
N PRO A 39 1.10 -22.38 9.94
CA PRO A 39 2.30 -22.63 10.73
C PRO A 39 3.29 -23.53 9.96
N GLY A 40 2.95 -23.90 8.73
CA GLY A 40 3.79 -24.77 7.90
C GLY A 40 5.03 -24.04 7.38
N TRP A 41 5.23 -22.79 7.78
CA TRP A 41 6.39 -22.01 7.37
C TRP A 41 6.84 -21.04 8.46
N VAL A 42 8.14 -20.76 8.49
CA VAL A 42 8.74 -19.81 9.41
C VAL A 42 10.09 -19.35 8.87
N GLY A 43 10.50 -18.13 9.20
CA GLY A 43 11.78 -17.60 8.76
C GLY A 43 11.98 -16.16 9.23
N SER A 44 13.16 -15.60 8.92
CA SER A 44 13.51 -14.23 9.29
C SER A 44 14.56 -13.68 8.31
N PRO A 45 14.18 -13.50 7.05
CA PRO A 45 15.07 -13.03 6.00
C PRO A 45 15.47 -11.56 6.24
N PRO A 46 16.49 -11.08 5.53
CA PRO A 46 16.95 -9.70 5.59
C PRO A 46 15.82 -8.71 5.26
N PRO A 47 16.00 -7.43 5.58
CA PRO A 47 15.02 -6.40 5.34
C PRO A 47 14.57 -6.38 3.88
N ALA A 48 13.29 -6.11 3.65
CA ALA A 48 12.72 -6.10 2.31
C ALA A 48 11.40 -5.31 2.32
N GLY A 49 11.07 -4.69 1.18
CA GLY A 49 9.80 -4.00 1.03
C GLY A 49 8.69 -5.04 0.88
N SER A 50 8.90 -6.00 -0.03
CA SER A 50 7.98 -7.11 -0.23
C SER A 50 6.57 -6.66 -0.63
N GLU A 51 6.42 -5.46 -1.18
CA GLU A 51 5.10 -4.91 -1.50
C GLU A 51 4.71 -5.30 -2.91
N VAL A 52 3.44 -5.69 -3.11
CA VAL A 52 2.92 -6.02 -4.43
C VAL A 52 1.45 -5.63 -4.53
N PHE A 53 1.05 -5.10 -5.69
CA PHE A 53 -0.31 -4.65 -5.93
C PHE A 53 -0.88 -5.04 -7.29
N ILE A 54 -1.92 -5.87 -7.33
CA ILE A 54 -2.64 -6.16 -8.56
C ILE A 54 -3.74 -5.13 -8.81
N GLY A 55 -4.14 -5.00 -10.09
CA GLY A 55 -5.20 -4.07 -10.48
C GLY A 55 -5.90 -4.55 -11.75
N ARG A 56 -6.96 -3.84 -12.16
CA ARG A 56 -7.77 -4.21 -13.33
C ARG A 56 -8.38 -5.61 -13.17
N LEU A 57 -8.64 -6.04 -11.94
CA LEU A 57 -9.23 -7.33 -11.66
C LEU A 57 -10.74 -7.28 -11.89
N PRO A 58 -11.40 -8.43 -12.05
CA PRO A 58 -12.84 -8.51 -12.18
C PRO A 58 -13.51 -7.96 -10.91
N GLN A 59 -14.70 -7.39 -11.06
CA GLN A 59 -15.44 -6.82 -9.94
C GLN A 59 -16.13 -7.91 -9.12
N ASP A 60 -16.06 -9.17 -9.57
CA ASP A 60 -16.72 -10.26 -8.88
C ASP A 60 -15.74 -11.29 -8.31
N VAL A 61 -14.43 -11.08 -8.51
CA VAL A 61 -13.41 -12.00 -8.03
C VAL A 61 -13.20 -11.93 -6.53
N TYR A 62 -13.12 -13.10 -5.88
CA TYR A 62 -12.90 -13.20 -4.45
C TYR A 62 -11.47 -13.47 -4.01
N GLU A 63 -11.31 -13.83 -2.72
CA GLU A 63 -10.02 -14.10 -2.14
C GLU A 63 -9.54 -15.46 -2.60
N HIS A 64 -10.49 -16.36 -2.91
CA HIS A 64 -10.17 -17.76 -3.19
C HIS A 64 -9.54 -17.91 -4.57
N GLN A 65 -9.28 -16.79 -5.25
CA GLN A 65 -8.61 -16.82 -6.54
C GLN A 65 -7.33 -16.01 -6.47
N LEU A 66 -7.41 -14.80 -5.88
CA LEU A 66 -6.27 -13.91 -5.81
C LEU A 66 -5.25 -14.41 -4.78
N ILE A 67 -5.72 -14.98 -3.67
CA ILE A 67 -4.81 -15.37 -2.61
C ILE A 67 -3.97 -16.59 -2.98
N PRO A 68 -4.56 -17.70 -3.47
CA PRO A 68 -3.79 -18.84 -3.93
C PRO A 68 -2.83 -18.45 -5.03
N LEU A 69 -3.23 -17.50 -5.88
CA LEU A 69 -2.38 -16.97 -6.94
C LEU A 69 -1.17 -16.24 -6.36
N PHE A 70 -1.32 -15.74 -5.13
CA PHE A 70 -0.19 -15.17 -4.40
C PHE A 70 0.63 -16.18 -3.62
N GLN A 71 -0.02 -17.21 -3.08
CA GLN A 71 0.67 -18.21 -2.26
C GLN A 71 1.46 -19.17 -3.13
N ARG A 72 1.29 -19.11 -4.45
CA ARG A 72 2.00 -19.99 -5.36
C ARG A 72 3.29 -19.35 -5.85
N VAL A 73 3.31 -18.02 -6.03
CA VAL A 73 4.51 -17.31 -6.48
C VAL A 73 5.45 -17.03 -5.31
N GLY A 74 4.93 -17.02 -4.09
CA GLY A 74 5.74 -16.78 -2.90
C GLY A 74 4.93 -16.88 -1.62
N ARG A 75 5.64 -16.87 -0.49
CA ARG A 75 5.01 -16.91 0.82
C ARG A 75 4.27 -15.61 1.09
N LEU A 76 2.95 -15.70 1.28
CA LEU A 76 2.11 -14.55 1.61
C LEU A 76 2.21 -14.27 3.10
N TYR A 77 2.45 -13.01 3.48
CA TYR A 77 2.38 -12.60 4.87
C TYR A 77 1.04 -11.97 5.24
N GLU A 78 0.48 -11.18 4.33
CA GLU A 78 -0.85 -10.59 4.52
C GLU A 78 -1.39 -10.06 3.19
N PHE A 79 -2.59 -10.51 2.81
CA PHE A 79 -3.25 -10.03 1.60
C PHE A 79 -4.43 -9.14 2.01
N ARG A 80 -4.80 -8.20 1.14
CA ARG A 80 -5.87 -7.25 1.43
C ARG A 80 -6.65 -6.94 0.15
N LEU A 81 -7.99 -6.84 0.26
CA LEU A 81 -8.85 -6.75 -0.92
C LEU A 81 -9.95 -5.71 -0.73
N MET A 82 -10.05 -4.78 -1.69
CA MET A 82 -11.05 -3.72 -1.66
C MET A 82 -11.99 -3.74 -2.86
N MET A 83 -13.20 -3.25 -2.61
CA MET A 83 -14.31 -3.11 -3.55
C MET A 83 -14.85 -1.69 -3.42
N THR A 84 -16.00 -1.40 -4.05
CA THR A 84 -16.65 -0.08 -3.95
C THR A 84 -18.16 -0.30 -3.96
N PHE A 85 -18.92 0.70 -3.53
CA PHE A 85 -20.37 0.58 -3.37
C PHE A 85 -21.03 1.90 -3.76
N SER A 86 -22.35 1.99 -3.58
CA SER A 86 -23.14 3.09 -4.10
C SER A 86 -22.97 3.19 -5.61
N GLY A 87 -22.69 2.06 -6.25
CA GLY A 87 -22.41 1.97 -7.68
C GLY A 87 -22.17 0.50 -8.03
N LEU A 88 -20.92 0.16 -8.35
CA LEU A 88 -20.52 -1.20 -8.64
C LEU A 88 -19.11 -1.44 -8.09
N ASN A 89 -18.89 -2.62 -7.49
CA ASN A 89 -17.62 -3.00 -6.89
C ASN A 89 -16.44 -2.75 -7.82
N ARG A 90 -15.33 -2.31 -7.23
CA ARG A 90 -14.06 -2.17 -7.91
C ARG A 90 -13.39 -3.54 -7.93
N GLY A 91 -12.19 -3.60 -8.49
CA GLY A 91 -11.39 -4.81 -8.44
C GLY A 91 -9.92 -4.44 -8.32
N PHE A 92 -9.43 -4.31 -7.08
CA PHE A 92 -8.00 -4.07 -6.87
C PHE A 92 -7.65 -4.60 -5.49
N ALA A 93 -6.39 -5.03 -5.33
CA ALA A 93 -5.92 -5.60 -4.09
C ALA A 93 -4.41 -5.52 -4.00
N TYR A 94 -3.86 -5.79 -2.80
CA TYR A 94 -2.43 -5.83 -2.61
C TYR A 94 -2.04 -6.79 -1.49
N ALA A 95 -0.75 -7.09 -1.39
CA ALA A 95 -0.25 -8.04 -0.41
C ALA A 95 1.24 -7.80 -0.13
N ARG A 96 1.68 -8.23 1.06
CA ARG A 96 3.09 -8.20 1.39
C ARG A 96 3.63 -9.63 1.50
N TYR A 97 4.79 -9.86 0.87
CA TYR A 97 5.45 -11.15 0.90
C TYR A 97 6.45 -11.29 2.05
N SER A 98 6.80 -12.53 2.42
CA SER A 98 7.83 -12.78 3.42
C SER A 98 9.17 -12.16 3.00
N SER A 99 9.38 -11.98 1.69
CA SER A 99 10.60 -11.38 1.17
C SER A 99 10.36 -10.74 -0.19
N ARG A 100 11.30 -9.88 -0.62
CA ARG A 100 11.21 -9.20 -1.91
C ARG A 100 11.27 -10.21 -3.04
N ARG A 101 11.93 -11.36 -2.83
CA ARG A 101 12.04 -12.38 -3.86
C ARG A 101 10.66 -12.96 -4.21
N GLY A 102 9.75 -12.99 -3.23
CA GLY A 102 8.38 -13.43 -3.45
C GLY A 102 7.60 -12.36 -4.18
N ALA A 103 7.88 -11.10 -3.84
CA ALA A 103 7.21 -9.95 -4.44
C ALA A 103 7.64 -9.76 -5.89
N GLN A 104 8.92 -10.03 -6.19
CA GLN A 104 9.47 -9.86 -7.53
C GLN A 104 8.96 -10.96 -8.46
N ALA A 105 8.80 -12.17 -7.92
CA ALA A 105 8.25 -13.27 -8.69
C ALA A 105 6.77 -13.02 -8.97
N ALA A 106 6.04 -12.50 -7.98
CA ALA A 106 4.60 -12.30 -8.10
C ALA A 106 4.28 -11.40 -9.28
N ILE A 107 4.87 -10.20 -9.33
CA ILE A 107 4.64 -9.29 -10.45
C ILE A 107 5.03 -9.94 -11.77
N ALA A 108 6.24 -10.51 -11.84
CA ALA A 108 6.73 -11.14 -13.07
C ALA A 108 5.89 -12.35 -13.49
N THR A 109 4.93 -12.75 -12.66
CA THR A 109 4.14 -13.96 -12.91
C THR A 109 2.66 -13.63 -13.07
N LEU A 110 2.15 -12.67 -12.29
CA LEU A 110 0.74 -12.36 -12.27
C LEU A 110 0.40 -11.30 -13.32
N HIS A 111 1.32 -10.36 -13.57
CA HIS A 111 1.13 -9.39 -14.63
C HIS A 111 0.96 -10.09 -15.96
N ASN A 112 1.90 -10.98 -16.28
CA ASN A 112 1.87 -11.74 -17.53
C ASN A 112 1.06 -13.03 -17.34
N HIS A 113 -0.19 -12.90 -16.89
CA HIS A 113 -1.07 -14.05 -16.68
C HIS A 113 -2.51 -13.69 -17.05
N PRO A 114 -3.08 -14.37 -18.06
CA PRO A 114 -4.46 -14.19 -18.49
C PRO A 114 -5.40 -14.88 -17.50
N LEU A 115 -5.53 -14.31 -16.29
CA LEU A 115 -6.36 -14.86 -15.24
C LEU A 115 -7.81 -15.00 -15.71
N ARG A 116 -8.25 -14.11 -16.60
CA ARG A 116 -9.59 -14.14 -17.17
C ARG A 116 -9.58 -13.43 -18.52
N PRO A 117 -10.39 -13.89 -19.49
CA PRO A 117 -10.51 -13.30 -20.82
C PRO A 117 -10.98 -11.83 -20.79
N SER A 118 -11.17 -11.26 -19.61
CA SER A 118 -11.62 -9.88 -19.44
C SER A 118 -10.86 -9.22 -18.30
N CYS A 119 -9.58 -9.58 -18.14
CA CYS A 119 -8.76 -9.10 -17.04
C CYS A 119 -7.30 -9.02 -17.48
N PRO A 120 -6.87 -7.87 -18.02
CA PRO A 120 -5.49 -7.53 -18.27
C PRO A 120 -4.78 -7.28 -16.94
N LEU A 121 -4.84 -8.26 -16.04
CA LEU A 121 -4.37 -8.17 -14.67
C LEU A 121 -3.03 -7.42 -14.54
N LEU A 122 -3.12 -6.14 -14.17
CA LEU A 122 -1.95 -5.29 -13.92
C LEU A 122 -1.34 -5.64 -12.57
N VAL A 123 -0.01 -5.56 -12.43
CA VAL A 123 0.65 -5.68 -11.13
C VAL A 123 1.74 -4.63 -10.93
N CYS A 124 2.14 -4.41 -9.68
CA CYS A 124 3.12 -3.39 -9.33
C CYS A 124 3.79 -3.76 -8.01
N ARG A 125 4.82 -2.98 -7.62
CA ARG A 125 5.57 -3.24 -6.39
C ARG A 125 6.17 -1.93 -5.89
N SER A 126 6.95 -2.01 -4.80
CA SER A 126 7.71 -0.88 -4.28
C SER A 126 6.83 0.33 -3.95
N THR A 127 5.60 0.09 -3.49
CA THR A 127 4.72 1.16 -3.03
C THR A 127 5.28 1.94 -1.85
N GLU A 128 6.17 1.30 -1.09
CA GLU A 128 6.82 1.91 0.07
C GLU A 128 5.78 2.59 0.97
N LYS A 129 4.64 1.91 1.18
CA LYS A 129 3.53 2.43 1.97
C LYS A 129 3.84 2.30 3.47
N CYS A 130 5.06 2.71 3.86
CA CYS A 130 5.52 2.63 5.24
C CYS A 130 6.04 4.00 5.68
N GLU A 131 5.82 5.00 4.82
CA GLU A 131 6.37 6.33 4.98
C GLU A 131 5.42 7.32 4.31
N LEU A 132 5.66 8.62 4.50
CA LEU A 132 4.81 9.65 3.92
C LEU A 132 5.67 10.60 3.09
N SER A 133 5.07 11.21 2.05
CA SER A 133 5.75 12.16 1.20
C SER A 133 4.87 13.39 1.00
N VAL A 134 5.50 14.57 0.96
CA VAL A 134 4.77 15.84 0.90
C VAL A 134 5.36 16.75 -0.18
N ASP A 135 4.59 17.70 -0.68
CA ASP A 135 4.99 18.51 -1.83
C ASP A 135 4.35 19.89 -1.74
N GLY A 136 5.02 20.90 -2.31
CA GLY A 136 4.57 22.29 -2.27
C GLY A 136 4.95 22.93 -0.93
N LEU A 137 4.47 22.33 0.18
CA LEU A 137 4.74 22.79 1.53
C LEU A 137 4.24 24.22 1.77
N PRO A 138 4.29 24.71 3.02
CA PRO A 138 3.95 26.08 3.37
C PRO A 138 4.89 27.08 2.67
N PRO A 139 4.60 28.38 2.81
CA PRO A 139 5.26 29.43 2.04
C PRO A 139 6.74 29.57 2.40
N ASN A 140 7.03 29.68 3.70
CA ASN A 140 8.37 29.92 4.19
C ASN A 140 8.63 29.16 5.49
N LEU A 141 7.64 28.37 5.92
CA LEU A 141 7.72 27.66 7.19
C LEU A 141 8.93 26.70 7.20
N THR A 142 9.52 26.53 8.39
CA THR A 142 10.68 25.67 8.56
C THR A 142 10.28 24.22 8.84
N ARG A 143 11.19 23.28 8.56
CA ARG A 143 10.96 21.86 8.76
C ARG A 143 10.53 21.55 10.19
N SER A 144 11.11 22.26 11.17
CA SER A 144 10.84 21.97 12.58
C SER A 144 9.37 22.22 12.91
N ALA A 145 8.82 23.32 12.39
CA ALA A 145 7.45 23.68 12.66
C ALA A 145 6.51 22.85 11.79
N LEU A 146 7.01 22.40 10.63
CA LEU A 146 6.23 21.60 9.72
C LEU A 146 5.81 20.28 10.36
N LEU A 147 6.71 19.63 11.11
CA LEU A 147 6.38 18.42 11.83
C LEU A 147 5.37 18.74 12.92
N LEU A 148 5.64 19.78 13.70
CA LEU A 148 4.77 20.20 14.77
C LEU A 148 3.36 20.48 14.25
N ALA A 149 3.27 21.05 13.04
CA ALA A 149 1.99 21.34 12.41
C ALA A 149 1.19 20.07 12.18
N LEU A 150 1.86 18.95 11.86
CA LEU A 150 1.17 17.68 11.62
C LEU A 150 1.38 16.66 12.74
N GLN A 151 2.00 17.06 13.86
CA GLN A 151 2.29 16.15 14.95
C GLN A 151 1.03 15.76 15.75
N PRO A 152 0.05 16.65 15.95
CA PRO A 152 -1.12 16.33 16.75
C PRO A 152 -2.06 15.37 16.00
N LEU A 153 -1.95 15.32 14.67
CA LEU A 153 -2.78 14.44 13.87
C LEU A 153 -2.04 13.13 13.56
N GLY A 154 -0.75 13.04 13.91
CA GLY A 154 0.02 11.83 13.75
C GLY A 154 1.18 11.78 14.75
N PRO A 155 0.89 11.50 16.02
CA PRO A 155 1.88 11.46 17.09
C PRO A 155 2.77 10.22 17.00
N GLY A 156 2.50 9.34 16.04
CA GLY A 156 3.28 8.12 15.86
C GLY A 156 4.59 8.38 15.11
N LEU A 157 4.86 9.65 14.75
CA LEU A 157 5.99 9.98 13.91
C LEU A 157 7.32 9.70 14.61
N GLN A 158 8.19 8.94 13.92
CA GLN A 158 9.52 8.61 14.44
C GLN A 158 10.56 9.61 13.98
N GLU A 159 10.52 9.99 12.70
CA GLU A 159 11.48 10.94 12.13
C GLU A 159 10.93 11.55 10.85
N ALA A 160 11.51 12.69 10.43
CA ALA A 160 11.17 13.33 9.18
C ALA A 160 12.36 14.12 8.65
N ARG A 161 12.48 14.18 7.33
CA ARG A 161 13.57 14.88 6.66
C ARG A 161 13.02 15.61 5.45
N LEU A 162 13.54 16.81 5.17
CA LEU A 162 13.14 17.58 4.00
C LEU A 162 14.38 17.89 3.19
N LEU A 163 14.38 17.49 1.91
CA LEU A 163 15.45 17.82 0.98
C LEU A 163 15.07 17.46 -0.46
N PRO A 164 15.21 16.19 -0.88
CA PRO A 164 15.12 15.79 -2.28
C PRO A 164 13.77 16.15 -2.90
N SER A 165 13.66 16.00 -4.22
CA SER A 165 12.41 16.21 -4.93
C SER A 165 12.49 15.59 -6.33
N PRO A 166 11.34 15.11 -6.85
CA PRO A 166 11.24 14.54 -8.18
C PRO A 166 11.38 15.63 -9.25
N GLY A 167 11.51 15.21 -10.51
CA GLY A 167 11.57 16.12 -11.65
C GLY A 167 10.18 16.60 -12.02
N PRO A 168 10.09 17.33 -13.15
CA PRO A 168 11.19 17.72 -14.01
C PRO A 168 12.00 18.85 -13.38
N ALA A 169 11.43 19.52 -12.37
CA ALA A 169 12.10 20.59 -11.65
C ALA A 169 11.90 20.41 -10.15
N PRO A 170 12.88 20.83 -9.33
CA PRO A 170 12.87 20.62 -7.89
C PRO A 170 11.82 21.48 -7.21
N GLY A 171 11.61 21.22 -5.92
CA GLY A 171 10.63 21.94 -5.11
C GLY A 171 10.62 21.47 -3.66
N GLN A 172 11.71 20.82 -3.22
CA GLN A 172 11.81 20.16 -1.92
C GLN A 172 10.72 19.10 -1.69
N ILE A 173 11.01 18.11 -0.85
CA ILE A 173 10.01 17.11 -0.46
C ILE A 173 10.21 16.74 1.00
N ALA A 174 9.12 16.38 1.71
CA ALA A 174 9.21 15.94 3.09
C ALA A 174 8.92 14.44 3.19
N LEU A 175 9.88 13.67 3.72
CA LEU A 175 9.72 12.22 3.88
C LEU A 175 9.59 11.86 5.36
N LEU A 176 8.36 11.53 5.77
CA LEU A 176 8.05 11.18 7.15
C LEU A 176 8.05 9.67 7.40
N LYS A 177 8.68 9.24 8.51
CA LYS A 177 8.57 7.88 8.99
C LYS A 177 7.66 7.82 10.21
N PHE A 178 6.70 6.90 10.19
CA PHE A 178 5.76 6.75 11.29
C PHE A 178 5.96 5.44 12.08
N SER A 179 5.26 5.28 13.20
CA SER A 179 5.38 4.09 14.04
C SER A 179 4.78 2.86 13.36
N SER A 180 3.86 3.06 12.42
CA SER A 180 3.23 1.96 11.69
C SER A 180 2.81 2.43 10.30
N HIS A 181 2.45 1.50 9.43
CA HIS A 181 2.01 1.84 8.09
C HIS A 181 0.78 2.74 8.18
N ARG A 182 -0.29 2.27 8.83
CA ARG A 182 -1.51 3.05 8.97
C ARG A 182 -1.29 4.36 9.72
N ALA A 183 -0.30 4.44 10.63
CA ALA A 183 -0.02 5.68 11.32
C ALA A 183 0.28 6.79 10.31
N ALA A 184 0.93 6.44 9.19
CA ALA A 184 1.18 7.40 8.14
C ALA A 184 -0.10 7.69 7.36
N ALA A 185 -0.97 6.67 7.19
CA ALA A 185 -2.23 6.85 6.49
C ALA A 185 -3.18 7.75 7.30
N MET A 186 -3.27 7.56 8.62
CA MET A 186 -4.14 8.38 9.45
C MET A 186 -3.74 9.85 9.36
N ALA A 187 -2.43 10.12 9.36
CA ALA A 187 -1.94 11.47 9.22
C ALA A 187 -2.17 11.97 7.79
N LYS A 188 -1.85 11.13 6.79
CA LYS A 188 -1.97 11.51 5.40
C LYS A 188 -3.43 11.80 5.06
N LYS A 189 -4.34 11.03 5.67
CA LYS A 189 -5.77 11.17 5.46
C LYS A 189 -6.26 12.52 5.97
N ALA A 190 -5.71 12.98 7.09
CA ALA A 190 -6.13 14.25 7.65
C ALA A 190 -5.72 15.42 6.76
N LEU A 191 -4.60 15.27 6.05
CA LEU A 191 -4.06 16.34 5.22
C LEU A 191 -4.88 16.48 3.94
N VAL A 192 -5.37 15.36 3.39
CA VAL A 192 -6.23 15.38 2.22
C VAL A 192 -7.66 15.73 2.63
N GLU A 193 -8.02 15.46 3.87
CA GLU A 193 -9.35 15.76 4.38
C GLU A 193 -9.60 17.26 4.53
N GLY A 194 -8.54 18.04 4.76
CA GLY A 194 -8.69 19.49 4.85
C GLY A 194 -7.68 20.17 5.77
N GLN A 195 -6.65 19.46 6.25
CA GLN A 195 -5.63 20.08 7.09
C GLN A 195 -4.53 20.69 6.21
N SER A 196 -4.70 20.61 4.88
CA SER A 196 -3.82 21.26 3.92
C SER A 196 -3.94 22.78 4.04
N HIS A 197 -3.24 23.53 3.17
CA HIS A 197 -3.21 25.00 3.21
C HIS A 197 -2.80 25.49 4.59
N LEU A 198 -1.66 24.99 5.09
CA LEU A 198 -1.16 25.27 6.43
C LEU A 198 -1.04 26.78 6.67
N CYS A 199 -0.63 27.53 5.63
CA CYS A 199 -0.40 28.96 5.78
C CYS A 199 -0.71 29.68 4.46
N GLY A 200 -1.79 29.27 3.78
CA GLY A 200 -2.24 29.92 2.57
C GLY A 200 -1.45 29.49 1.33
N GLU A 201 -0.52 28.54 1.50
CA GLU A 201 0.25 27.98 0.40
C GLU A 201 -0.41 26.65 0.03
N GLN A 202 0.36 25.63 -0.30
CA GLN A 202 -0.19 24.37 -0.75
C GLN A 202 0.67 23.21 -0.28
N VAL A 203 0.04 22.14 0.19
CA VAL A 203 0.75 20.99 0.72
C VAL A 203 0.03 19.71 0.29
N ALA A 204 0.57 19.04 -0.72
CA ALA A 204 -0.01 17.82 -1.26
C ALA A 204 0.48 16.62 -0.45
N VAL A 205 -0.30 15.54 -0.47
CA VAL A 205 -0.03 14.37 0.36
C VAL A 205 -0.02 13.09 -0.48
N GLU A 206 1.15 12.45 -0.59
CA GLU A 206 1.31 11.24 -1.38
C GLU A 206 2.30 10.29 -0.71
N TRP A 207 2.28 9.02 -1.09
CA TRP A 207 3.25 8.05 -0.61
C TRP A 207 4.59 8.19 -1.34
N LEU A 208 5.60 7.49 -0.86
CA LEU A 208 6.93 7.48 -1.47
C LEU A 208 6.87 6.82 -2.85
N LYS A 209 7.90 7.07 -3.67
CA LYS A 209 7.96 6.54 -5.03
C LYS A 209 9.31 5.87 -5.24
N PRO A 210 9.40 4.91 -6.16
CA PRO A 210 10.62 4.20 -6.45
C PRO A 210 11.64 5.13 -7.11
N ASP A 211 11.17 6.04 -7.95
CA ASP A 211 12.03 7.01 -8.61
C ASP A 211 12.45 8.13 -7.66
N LEU A 212 11.60 8.43 -6.68
CA LEU A 212 11.87 9.45 -5.68
C LEU A 212 12.95 8.94 -4.72
N LYS A 213 12.83 7.68 -4.32
CA LYS A 213 13.70 7.10 -3.30
C LYS A 213 15.13 6.91 -3.81
N GLN A 214 15.29 6.60 -5.10
CA GLN A 214 16.63 6.50 -5.66
C GLN A 214 17.29 7.87 -5.75
N ARG A 215 16.50 8.93 -6.00
CA ARG A 215 17.03 10.29 -6.02
C ARG A 215 17.31 10.75 -4.60
N LEU A 216 16.48 10.31 -3.65
CA LEU A 216 16.62 10.65 -2.25
C LEU A 216 17.93 10.11 -1.72
N ARG A 217 18.20 8.82 -1.94
CA ARG A 217 19.34 8.17 -1.29
C ARG A 217 20.66 8.61 -1.93
N GLN A 218 20.62 9.02 -3.20
CA GLN A 218 21.84 9.42 -3.90
C GLN A 218 22.34 10.77 -3.43
N GLN A 219 21.45 11.66 -2.97
CA GLN A 219 21.88 12.96 -2.45
C GLN A 219 21.86 12.99 -0.92
N LEU A 220 21.17 12.03 -0.28
CA LEU A 220 21.15 11.93 1.18
C LEU A 220 22.48 11.36 1.67
N VAL A 221 22.98 10.33 0.99
CA VAL A 221 24.21 9.65 1.40
C VAL A 221 25.46 10.55 1.28
N GLY A 222 25.30 11.73 0.68
CA GLY A 222 26.40 12.67 0.54
C GLY A 222 26.91 13.10 1.92
N PRO A 223 26.15 13.97 2.60
CA PRO A 223 26.50 14.45 3.93
C PRO A 223 26.42 13.32 4.97
N PHE A 224 25.62 12.29 4.69
CA PHE A 224 25.47 11.16 5.61
C PHE A 224 26.65 10.18 5.61
N LEU A 225 27.61 10.37 4.70
CA LEU A 225 28.81 9.54 4.67
C LEU A 225 29.67 9.82 5.90
N ARG A 226 29.58 11.05 6.43
CA ARG A 226 30.26 11.47 7.64
C ARG A 226 31.75 11.10 7.63
N SER A 227 32.37 11.21 6.45
CA SER A 227 33.79 10.90 6.26
C SER A 227 34.67 11.87 7.04
N GLY A 1 -25.23 -20.08 -9.99
CA GLY A 1 -26.70 -20.14 -9.96
C GLY A 1 -27.30 -19.79 -11.31
N ALA A 2 -28.59 -19.44 -11.34
CA ALA A 2 -29.28 -19.09 -12.57
C ALA A 2 -28.77 -17.76 -13.12
N MET A 3 -29.00 -17.51 -14.41
CA MET A 3 -28.57 -16.29 -15.08
C MET A 3 -29.47 -15.11 -14.70
N GLU A 4 -30.36 -15.29 -13.73
CA GLU A 4 -31.32 -14.26 -13.34
C GLU A 4 -31.52 -14.25 -11.83
N ARG A 5 -30.57 -14.82 -11.08
CA ARG A 5 -30.62 -14.89 -9.63
C ARG A 5 -29.27 -14.53 -9.02
N VAL A 6 -29.26 -14.26 -7.71
CA VAL A 6 -28.05 -13.97 -6.96
C VAL A 6 -27.21 -15.24 -6.86
N ASN A 7 -25.93 -15.09 -6.49
CA ASN A 7 -24.99 -16.18 -6.40
C ASN A 7 -24.19 -16.12 -5.08
N PRO A 8 -24.89 -16.25 -3.95
CA PRO A 8 -24.28 -16.13 -2.63
C PRO A 8 -23.36 -17.34 -2.36
N GLU A 9 -23.53 -18.42 -3.13
CA GLU A 9 -22.66 -19.58 -3.03
C GLU A 9 -21.18 -19.22 -3.21
N ASN A 10 -20.90 -18.11 -3.92
CA ASN A 10 -19.52 -17.69 -4.13
C ASN A 10 -18.90 -17.15 -2.83
N LYS A 11 -19.54 -16.16 -2.21
CA LYS A 11 -19.06 -15.62 -0.94
C LYS A 11 -19.19 -16.66 0.18
N ALA A 12 -20.13 -17.59 0.04
CA ALA A 12 -20.25 -18.69 0.98
C ALA A 12 -19.11 -19.70 0.81
N ALA A 13 -18.58 -19.81 -0.42
CA ALA A 13 -17.50 -20.75 -0.69
C ALA A 13 -16.22 -20.35 0.03
N LEU A 14 -15.89 -19.05 0.05
CA LEU A 14 -14.70 -18.59 0.74
C LEU A 14 -14.91 -18.63 2.25
N GLU A 15 -16.16 -18.54 2.73
CA GLU A 15 -16.42 -18.65 4.15
C GLU A 15 -16.12 -20.06 4.63
N ALA A 16 -16.58 -21.06 3.86
CA ALA A 16 -16.25 -22.46 4.14
C ALA A 16 -14.76 -22.75 3.99
N TRP A 17 -14.02 -21.90 3.26
CA TRP A 17 -12.59 -22.07 3.14
C TRP A 17 -11.82 -21.46 4.30
N VAL A 18 -12.06 -20.17 4.60
CA VAL A 18 -11.35 -19.52 5.69
C VAL A 18 -11.52 -20.28 7.00
N ARG A 19 -12.63 -21.01 7.17
CA ARG A 19 -12.87 -21.75 8.40
C ARG A 19 -12.03 -23.03 8.44
N GLU A 20 -11.59 -23.53 7.30
CA GLU A 20 -10.83 -24.78 7.24
C GLU A 20 -9.33 -24.51 7.39
N THR A 21 -8.93 -23.24 7.29
CA THR A 21 -7.54 -22.84 7.51
C THR A 21 -7.47 -22.09 8.85
N GLY A 22 -8.60 -21.54 9.31
CA GLY A 22 -8.67 -20.83 10.57
C GLY A 22 -8.17 -19.39 10.44
N ILE A 23 -8.23 -18.83 9.23
CA ILE A 23 -7.72 -17.49 8.98
C ILE A 23 -8.80 -16.45 9.30
N ARG A 24 -10.07 -16.82 9.06
CA ARG A 24 -11.23 -15.96 9.33
C ARG A 24 -10.99 -14.51 8.92
N LEU A 25 -11.30 -14.21 7.64
CA LEU A 25 -11.07 -12.90 7.06
C LEU A 25 -11.59 -11.81 7.97
N VAL A 26 -10.75 -10.83 8.29
CA VAL A 26 -11.15 -9.74 9.17
C VAL A 26 -11.86 -8.66 8.37
N GLN A 27 -13.10 -8.36 8.77
CA GLN A 27 -13.89 -7.32 8.13
C GLN A 27 -13.40 -5.94 8.55
N VAL A 28 -13.48 -4.99 7.63
CA VAL A 28 -13.05 -3.61 7.89
C VAL A 28 -14.09 -2.65 7.33
N ASN A 29 -15.15 -2.42 8.11
CA ASN A 29 -16.25 -1.53 7.74
C ASN A 29 -16.89 -1.90 6.39
N GLY A 30 -16.52 -3.04 5.81
CA GLY A 30 -17.07 -3.49 4.54
C GLY A 30 -15.99 -4.12 3.66
N GLN A 31 -14.73 -3.75 3.88
CA GLN A 31 -13.60 -4.35 3.20
C GLN A 31 -13.24 -5.68 3.87
N ARG A 32 -12.23 -6.39 3.33
CA ARG A 32 -11.82 -7.68 3.88
C ARG A 32 -10.33 -7.89 3.67
N LYS A 33 -9.69 -8.61 4.60
CA LYS A 33 -8.27 -8.93 4.49
C LYS A 33 -7.93 -10.31 5.06
N TYR A 34 -6.96 -10.97 4.43
CA TYR A 34 -6.48 -12.28 4.86
C TYR A 34 -5.19 -12.25 5.66
N GLY A 35 -5.02 -13.20 6.58
CA GLY A 35 -3.78 -13.36 7.32
C GLY A 35 -3.92 -14.37 8.45
N GLY A 36 -2.93 -15.25 8.60
CA GLY A 36 -2.94 -16.28 9.62
C GLY A 36 -1.83 -17.29 9.38
N PRO A 37 -0.55 -16.87 9.49
CA PRO A 37 0.60 -17.74 9.28
C PRO A 37 0.68 -18.79 10.38
N PRO A 38 1.48 -19.85 10.18
CA PRO A 38 1.66 -20.92 11.15
C PRO A 38 2.14 -20.38 12.50
N PRO A 39 1.84 -21.09 13.60
CA PRO A 39 2.26 -20.69 14.94
C PRO A 39 3.78 -20.57 15.03
N GLY A 40 4.25 -19.49 15.67
CA GLY A 40 5.67 -19.29 15.95
C GLY A 40 6.48 -18.99 14.69
N TRP A 41 5.83 -18.90 13.52
CA TRP A 41 6.53 -18.63 12.27
C TRP A 41 6.99 -17.18 12.19
N VAL A 42 8.08 -16.95 11.42
CA VAL A 42 8.65 -15.63 11.23
C VAL A 42 9.17 -15.45 9.80
N GLY A 43 9.00 -14.25 9.24
CA GLY A 43 9.51 -13.90 7.92
C GLY A 43 10.87 -13.25 8.06
N SER A 44 11.32 -12.56 7.00
CA SER A 44 12.60 -11.85 7.06
C SER A 44 12.42 -10.50 7.75
N PRO A 45 13.08 -10.27 8.89
CA PRO A 45 12.94 -9.03 9.66
C PRO A 45 13.33 -7.77 8.88
N PRO A 46 14.48 -7.74 8.19
CA PRO A 46 14.93 -6.58 7.43
C PRO A 46 13.94 -6.24 6.30
N PRO A 47 13.94 -4.98 5.85
CA PRO A 47 13.14 -4.55 4.73
C PRO A 47 13.65 -5.19 3.44
N ALA A 48 12.74 -5.43 2.49
CA ALA A 48 13.09 -6.12 1.25
C ALA A 48 12.19 -5.72 0.07
N GLY A 49 11.12 -4.96 0.31
CA GLY A 49 10.19 -4.60 -0.75
C GLY A 49 9.29 -5.79 -1.10
N SER A 50 9.07 -6.68 -0.13
CA SER A 50 8.22 -7.86 -0.28
C SER A 50 6.74 -7.51 -0.49
N GLU A 51 6.43 -6.34 -1.05
CA GLU A 51 5.05 -5.89 -1.21
C GLU A 51 4.64 -5.97 -2.68
N VAL A 52 3.37 -6.32 -2.94
CA VAL A 52 2.89 -6.55 -4.30
C VAL A 52 1.44 -6.09 -4.42
N PHE A 53 1.08 -5.54 -5.59
CA PHE A 53 -0.26 -5.04 -5.87
C PHE A 53 -0.80 -5.43 -7.24
N ILE A 54 -1.89 -6.21 -7.30
CA ILE A 54 -2.59 -6.46 -8.54
C ILE A 54 -3.64 -5.38 -8.81
N GLY A 55 -4.02 -5.23 -10.09
CA GLY A 55 -5.05 -4.28 -10.48
C GLY A 55 -5.80 -4.77 -11.72
N ARG A 56 -6.95 -4.14 -12.01
CA ARG A 56 -7.81 -4.54 -13.13
C ARG A 56 -8.20 -6.02 -13.05
N LEU A 57 -8.43 -6.52 -11.84
CA LEU A 57 -8.88 -7.89 -11.65
C LEU A 57 -10.32 -8.00 -12.15
N PRO A 58 -10.82 -9.23 -12.37
CA PRO A 58 -12.21 -9.45 -12.71
C PRO A 58 -13.09 -8.87 -11.59
N GLN A 59 -14.10 -8.09 -11.96
CA GLN A 59 -14.89 -7.35 -10.97
C GLN A 59 -15.72 -8.27 -10.08
N ASP A 60 -15.79 -9.57 -10.41
CA ASP A 60 -16.55 -10.54 -9.65
C ASP A 60 -15.69 -11.54 -8.88
N VAL A 61 -14.36 -11.41 -8.97
CA VAL A 61 -13.44 -12.36 -8.36
C VAL A 61 -13.36 -12.22 -6.84
N TYR A 62 -13.25 -13.35 -6.15
CA TYR A 62 -13.06 -13.36 -4.70
C TYR A 62 -11.69 -13.82 -4.21
N GLU A 63 -11.36 -13.36 -3.00
CA GLU A 63 -10.23 -13.87 -2.21
C GLU A 63 -9.83 -15.31 -2.55
N HIS A 64 -10.80 -16.22 -2.73
CA HIS A 64 -10.51 -17.64 -2.87
C HIS A 64 -9.81 -17.96 -4.19
N GLN A 65 -9.58 -16.95 -5.01
CA GLN A 65 -8.90 -17.12 -6.30
C GLN A 65 -7.61 -16.33 -6.32
N LEU A 66 -7.65 -15.09 -5.82
CA LEU A 66 -6.47 -14.23 -5.81
C LEU A 66 -5.47 -14.71 -4.79
N ILE A 67 -5.93 -15.29 -3.68
CA ILE A 67 -5.03 -15.69 -2.63
C ILE A 67 -4.18 -16.92 -2.99
N PRO A 68 -4.77 -18.02 -3.50
CA PRO A 68 -3.98 -19.17 -3.89
C PRO A 68 -3.06 -18.83 -5.06
N LEU A 69 -3.46 -17.85 -5.89
CA LEU A 69 -2.61 -17.34 -6.96
C LEU A 69 -1.38 -16.63 -6.38
N PHE A 70 -1.52 -16.12 -5.15
CA PHE A 70 -0.40 -15.58 -4.40
C PHE A 70 0.40 -16.61 -3.63
N GLN A 71 -0.28 -17.62 -3.07
CA GLN A 71 0.39 -18.62 -2.26
C GLN A 71 1.18 -19.61 -3.12
N ARG A 72 0.99 -19.56 -4.45
CA ARG A 72 1.70 -20.46 -5.35
C ARG A 72 3.03 -19.84 -5.80
N VAL A 73 3.09 -18.51 -5.97
CA VAL A 73 4.33 -17.85 -6.38
C VAL A 73 5.25 -17.60 -5.20
N GLY A 74 4.70 -17.54 -3.99
CA GLY A 74 5.50 -17.34 -2.79
C GLY A 74 4.67 -17.41 -1.51
N ARG A 75 5.36 -17.45 -0.37
CA ARG A 75 4.72 -17.46 0.93
C ARG A 75 3.99 -16.14 1.18
N LEU A 76 2.67 -16.22 1.33
CA LEU A 76 1.84 -15.07 1.62
C LEU A 76 1.86 -14.79 3.13
N TYR A 77 2.20 -13.57 3.53
CA TYR A 77 2.12 -13.17 4.93
C TYR A 77 0.77 -12.55 5.29
N GLU A 78 0.25 -11.72 4.39
CA GLU A 78 -1.09 -11.16 4.54
C GLU A 78 -1.56 -10.56 3.21
N PHE A 79 -2.78 -10.91 2.79
CA PHE A 79 -3.37 -10.37 1.58
C PHE A 79 -4.49 -9.41 1.98
N ARG A 80 -4.82 -8.44 1.11
CA ARG A 80 -5.89 -7.48 1.36
C ARG A 80 -6.65 -7.22 0.08
N LEU A 81 -7.98 -7.06 0.18
CA LEU A 81 -8.83 -6.94 -1.00
C LEU A 81 -10.01 -6.00 -0.74
N MET A 82 -10.25 -5.06 -1.65
CA MET A 82 -11.43 -4.21 -1.58
C MET A 82 -11.88 -3.70 -2.94
N MET A 83 -13.14 -3.23 -3.00
CA MET A 83 -13.75 -2.69 -4.19
C MET A 83 -14.95 -1.83 -3.81
N THR A 84 -15.29 -0.84 -4.65
CA THR A 84 -16.37 0.10 -4.38
C THR A 84 -17.75 -0.41 -4.80
N PHE A 85 -18.80 0.31 -4.37
CA PHE A 85 -20.18 -0.04 -4.67
C PHE A 85 -20.97 1.23 -4.98
N SER A 86 -22.28 1.09 -5.21
CA SER A 86 -23.11 2.18 -5.69
C SER A 86 -22.54 2.72 -7.01
N GLY A 87 -21.89 1.83 -7.77
CA GLY A 87 -21.22 2.17 -9.02
C GLY A 87 -20.74 0.88 -9.68
N LEU A 88 -19.44 0.59 -9.53
CA LEU A 88 -18.85 -0.65 -10.01
C LEU A 88 -17.66 -1.04 -9.16
N ASN A 89 -17.48 -2.35 -8.93
CA ASN A 89 -16.39 -2.87 -8.13
C ASN A 89 -15.07 -2.45 -8.77
N ARG A 90 -14.21 -1.80 -7.99
CA ARG A 90 -13.00 -1.21 -8.54
C ARG A 90 -11.88 -2.23 -8.65
N GLY A 91 -12.17 -3.51 -8.35
CA GLY A 91 -11.26 -4.63 -8.52
C GLY A 91 -9.79 -4.27 -8.36
N PHE A 92 -9.31 -4.18 -7.11
CA PHE A 92 -7.89 -4.01 -6.87
C PHE A 92 -7.57 -4.59 -5.50
N ALA A 93 -6.33 -5.07 -5.36
CA ALA A 93 -5.89 -5.71 -4.13
C ALA A 93 -4.37 -5.70 -4.02
N TYR A 94 -3.86 -6.03 -2.83
CA TYR A 94 -2.43 -6.14 -2.61
C TYR A 94 -2.08 -7.13 -1.51
N ALA A 95 -0.80 -7.49 -1.40
CA ALA A 95 -0.37 -8.48 -0.43
C ALA A 95 1.10 -8.32 -0.10
N ARG A 96 1.49 -8.79 1.09
CA ARG A 96 2.89 -8.79 1.50
C ARG A 96 3.40 -10.21 1.57
N TYR A 97 4.56 -10.44 0.94
CA TYR A 97 5.24 -11.72 0.96
C TYR A 97 6.26 -11.83 2.10
N SER A 98 6.57 -13.05 2.53
CA SER A 98 7.59 -13.26 3.56
C SER A 98 8.96 -12.74 3.12
N SER A 99 9.17 -12.63 1.81
CA SER A 99 10.41 -12.08 1.26
C SER A 99 10.18 -11.54 -0.15
N ARG A 100 11.13 -10.72 -0.62
CA ARG A 100 11.04 -10.08 -1.92
C ARG A 100 11.08 -11.12 -3.03
N ARG A 101 11.74 -12.25 -2.81
CA ARG A 101 11.81 -13.31 -3.82
C ARG A 101 10.40 -13.81 -4.16
N GLY A 102 9.48 -13.75 -3.20
CA GLY A 102 8.10 -14.13 -3.43
C GLY A 102 7.36 -13.00 -4.15
N ALA A 103 7.71 -11.76 -3.81
CA ALA A 103 7.09 -10.59 -4.41
C ALA A 103 7.52 -10.41 -5.86
N GLN A 104 8.77 -10.74 -6.17
CA GLN A 104 9.32 -10.60 -7.51
C GLN A 104 8.77 -11.68 -8.43
N ALA A 105 8.56 -12.87 -7.90
CA ALA A 105 7.96 -13.95 -8.67
C ALA A 105 6.49 -13.65 -8.94
N ALA A 106 5.80 -13.05 -7.98
CA ALA A 106 4.37 -12.80 -8.11
C ALA A 106 4.09 -11.88 -9.30
N ILE A 107 4.76 -10.74 -9.36
CA ILE A 107 4.60 -9.82 -10.48
C ILE A 107 4.99 -10.49 -11.79
N ALA A 108 6.18 -11.11 -11.84
CA ALA A 108 6.66 -11.75 -13.05
C ALA A 108 5.80 -12.95 -13.47
N THR A 109 4.81 -13.33 -12.66
CA THR A 109 4.00 -14.51 -12.92
C THR A 109 2.54 -14.15 -13.14
N LEU A 110 2.01 -13.19 -12.37
CA LEU A 110 0.59 -12.86 -12.39
C LEU A 110 0.30 -11.80 -13.44
N HIS A 111 1.25 -10.91 -13.72
CA HIS A 111 1.05 -9.87 -14.73
C HIS A 111 0.78 -10.49 -16.08
N ASN A 112 1.66 -11.40 -16.51
CA ASN A 112 1.55 -12.03 -17.81
C ASN A 112 0.66 -13.28 -17.76
N HIS A 113 -0.11 -13.45 -16.68
CA HIS A 113 -1.00 -14.61 -16.53
C HIS A 113 -2.34 -14.35 -17.19
N PRO A 114 -2.73 -15.18 -18.17
CA PRO A 114 -4.03 -15.12 -18.80
C PRO A 114 -5.09 -15.71 -17.87
N LEU A 115 -5.37 -15.01 -16.76
CA LEU A 115 -6.35 -15.48 -15.78
C LEU A 115 -7.71 -15.68 -16.45
N ARG A 116 -8.01 -14.84 -17.44
CA ARG A 116 -9.20 -14.98 -18.29
C ARG A 116 -8.86 -14.48 -19.69
N PRO A 117 -9.63 -14.90 -20.71
CA PRO A 117 -9.40 -14.52 -22.09
C PRO A 117 -9.50 -13.01 -22.32
N SER A 118 -9.94 -12.26 -21.30
CA SER A 118 -10.15 -10.81 -21.41
C SER A 118 -9.73 -10.10 -20.13
N CYS A 119 -8.67 -10.59 -19.47
CA CYS A 119 -8.22 -10.02 -18.21
C CYS A 119 -6.69 -10.06 -18.13
N PRO A 120 -6.02 -9.06 -18.73
CA PRO A 120 -4.58 -8.83 -18.59
C PRO A 120 -4.30 -8.30 -17.18
N LEU A 121 -4.58 -9.11 -16.17
CA LEU A 121 -4.44 -8.73 -14.76
C LEU A 121 -3.10 -8.03 -14.50
N LEU A 122 -3.18 -6.74 -14.13
CA LEU A 122 -1.99 -5.91 -13.89
C LEU A 122 -1.37 -6.26 -12.54
N VAL A 123 -0.03 -6.19 -12.43
CA VAL A 123 0.66 -6.30 -11.16
C VAL A 123 1.77 -5.27 -11.00
N CYS A 124 2.21 -5.05 -9.76
CA CYS A 124 3.24 -4.08 -9.43
C CYS A 124 3.75 -4.37 -8.02
N ARG A 125 4.77 -3.62 -7.58
CA ARG A 125 5.22 -3.67 -6.20
C ARG A 125 4.45 -2.62 -5.41
N SER A 126 5.02 -2.14 -4.30
CA SER A 126 4.36 -1.14 -3.47
C SER A 126 4.33 0.22 -4.15
N THR A 127 3.38 1.06 -3.74
CA THR A 127 3.35 2.47 -4.09
C THR A 127 4.29 3.17 -3.10
N GLU A 128 5.39 2.51 -2.72
CA GLU A 128 6.27 2.96 -1.66
C GLU A 128 5.47 3.16 -0.37
N LYS A 129 4.67 2.14 -0.02
CA LYS A 129 3.80 2.16 1.15
C LYS A 129 4.59 1.96 2.45
N CYS A 130 5.69 2.69 2.62
CA CYS A 130 6.46 2.66 3.87
C CYS A 130 6.96 4.07 4.20
N GLU A 131 6.62 5.06 3.34
CA GLU A 131 7.05 6.43 3.50
C GLU A 131 5.94 7.36 3.01
N LEU A 132 6.04 8.64 3.34
CA LEU A 132 5.05 9.63 2.95
C LEU A 132 5.77 10.78 2.25
N SER A 133 5.08 11.53 1.39
CA SER A 133 5.69 12.64 0.67
C SER A 133 4.77 13.86 0.74
N VAL A 134 5.37 15.05 0.86
CA VAL A 134 4.64 16.29 0.98
C VAL A 134 5.15 17.29 -0.05
N ASP A 135 4.35 18.31 -0.39
CA ASP A 135 4.67 19.24 -1.46
C ASP A 135 4.09 20.61 -1.15
N GLY A 136 4.65 21.67 -1.75
CA GLY A 136 4.23 23.05 -1.52
C GLY A 136 4.83 23.58 -0.22
N LEU A 137 4.40 23.03 0.90
CA LEU A 137 4.89 23.35 2.25
C LEU A 137 4.65 24.84 2.59
N PRO A 138 4.95 25.22 3.85
CA PRO A 138 4.93 26.59 4.32
C PRO A 138 5.97 27.44 3.58
N PRO A 139 5.95 28.77 3.78
CA PRO A 139 6.82 29.70 3.07
C PRO A 139 8.28 29.50 3.40
N ASN A 140 8.61 29.46 4.69
CA ASN A 140 9.98 29.43 5.17
C ASN A 140 10.10 28.57 6.42
N LEU A 141 9.00 27.95 6.85
CA LEU A 141 8.98 27.18 8.08
C LEU A 141 10.05 26.09 8.06
N THR A 142 10.62 25.81 9.24
CA THR A 142 11.67 24.81 9.37
C THR A 142 11.08 23.42 9.55
N ARG A 143 11.89 22.39 9.26
CA ARG A 143 11.48 21.00 9.41
C ARG A 143 10.93 20.76 10.81
N SER A 144 11.63 21.27 11.83
CA SER A 144 11.34 20.94 13.21
C SER A 144 9.90 21.30 13.55
N ALA A 145 9.42 22.44 13.03
CA ALA A 145 8.07 22.90 13.28
C ALA A 145 7.10 22.18 12.34
N LEU A 146 7.58 21.81 11.15
CA LEU A 146 6.76 21.10 10.18
C LEU A 146 6.32 19.74 10.72
N LEU A 147 7.22 19.02 11.39
CA LEU A 147 6.87 17.75 12.02
C LEU A 147 5.88 18.00 13.15
N LEU A 148 6.22 18.95 14.02
CA LEU A 148 5.36 19.32 15.15
C LEU A 148 3.96 19.68 14.65
N ALA A 149 3.86 20.34 13.50
CA ALA A 149 2.58 20.72 12.93
C ALA A 149 1.74 19.48 12.58
N LEU A 150 2.37 18.37 12.21
CA LEU A 150 1.64 17.15 11.87
C LEU A 150 1.87 16.03 12.90
N GLN A 151 2.52 16.33 14.03
CA GLN A 151 2.84 15.31 15.03
C GLN A 151 1.62 14.86 15.82
N PRO A 152 0.63 15.72 16.13
CA PRO A 152 -0.54 15.34 16.92
C PRO A 152 -1.48 14.42 16.14
N LEU A 153 -1.22 14.23 14.83
CA LEU A 153 -2.03 13.35 14.00
C LEU A 153 -1.21 12.19 13.45
N GLY A 154 0.12 12.21 13.63
CA GLY A 154 0.98 11.10 13.23
C GLY A 154 2.21 11.00 14.14
N PRO A 155 1.99 10.67 15.42
CA PRO A 155 3.07 10.52 16.40
C PRO A 155 3.88 9.24 16.15
N GLY A 156 3.44 8.41 15.21
CA GLY A 156 4.10 7.15 14.89
C GLY A 156 5.14 7.36 13.79
N LEU A 157 6.00 8.37 13.93
CA LEU A 157 6.97 8.70 12.90
C LEU A 157 8.35 8.11 13.20
N GLN A 158 9.00 7.56 12.17
CA GLN A 158 10.37 7.09 12.26
C GLN A 158 11.37 8.20 11.92
N GLU A 159 11.24 8.74 10.70
CA GLU A 159 12.22 9.70 10.18
C GLU A 159 11.54 10.79 9.35
N ALA A 160 12.23 11.91 9.14
CA ALA A 160 11.76 12.96 8.24
C ALA A 160 12.95 13.71 7.64
N ARG A 161 12.90 13.96 6.33
CA ARG A 161 13.97 14.65 5.62
C ARG A 161 13.36 15.54 4.53
N LEU A 162 13.92 16.74 4.34
CA LEU A 162 13.39 17.69 3.35
C LEU A 162 14.49 18.08 2.38
N LEU A 163 14.34 17.67 1.12
CA LEU A 163 15.22 18.11 0.05
C LEU A 163 14.67 17.70 -1.33
N PRO A 164 14.91 16.45 -1.79
CA PRO A 164 14.63 16.03 -3.16
C PRO A 164 13.18 16.28 -3.54
N SER A 165 12.98 16.86 -4.73
CA SER A 165 11.66 17.27 -5.19
C SER A 165 11.48 16.88 -6.66
N PRO A 166 10.26 16.45 -7.04
CA PRO A 166 9.91 16.13 -8.41
C PRO A 166 9.71 17.41 -9.22
N GLY A 167 9.43 17.26 -10.52
CA GLY A 167 9.10 18.37 -11.39
C GLY A 167 7.66 18.82 -11.21
N PRO A 168 7.19 19.69 -12.10
CA PRO A 168 7.96 20.32 -13.17
C PRO A 168 8.85 21.44 -12.64
N ALA A 169 8.42 22.13 -11.57
CA ALA A 169 9.16 23.26 -11.03
C ALA A 169 8.82 23.64 -9.58
N PRO A 170 8.27 22.73 -8.75
CA PRO A 170 7.93 23.05 -7.37
C PRO A 170 9.18 23.29 -6.54
N GLY A 171 9.00 23.74 -5.30
CA GLY A 171 10.11 24.08 -4.42
C GLY A 171 10.19 23.13 -3.22
N GLN A 172 11.30 22.39 -3.14
CA GLN A 172 11.57 21.43 -2.07
C GLN A 172 10.46 20.39 -1.89
N ILE A 173 10.76 19.34 -1.14
CA ILE A 173 9.77 18.34 -0.75
C ILE A 173 10.11 17.79 0.63
N ALA A 174 9.10 17.29 1.36
CA ALA A 174 9.32 16.66 2.64
C ALA A 174 8.93 15.19 2.58
N LEU A 175 9.84 14.31 3.03
CA LEU A 175 9.58 12.88 3.07
C LEU A 175 9.72 12.33 4.49
N LEU A 176 8.65 11.68 4.96
CA LEU A 176 8.63 11.09 6.29
C LEU A 176 8.23 9.61 6.23
N LYS A 177 9.04 8.76 6.87
CA LYS A 177 8.69 7.35 7.06
C LYS A 177 8.12 7.12 8.46
N PHE A 178 7.18 6.20 8.55
CA PHE A 178 6.41 5.98 9.76
C PHE A 178 6.65 4.60 10.38
N SER A 179 6.26 4.42 11.64
CA SER A 179 6.48 3.17 12.38
C SER A 179 5.67 2.04 11.76
N SER A 180 4.55 2.37 11.11
CA SER A 180 3.72 1.38 10.43
C SER A 180 3.21 1.95 9.12
N HIS A 181 2.81 1.08 8.18
CA HIS A 181 2.26 1.53 6.91
C HIS A 181 1.02 2.39 7.16
N ARG A 182 0.00 1.82 7.81
CA ARG A 182 -1.22 2.55 8.10
C ARG A 182 -0.96 3.85 8.87
N ALA A 183 0.10 3.89 9.69
CA ALA A 183 0.41 5.09 10.45
C ALA A 183 0.67 6.27 9.50
N ALA A 184 1.24 6.00 8.32
CA ALA A 184 1.43 7.04 7.32
C ALA A 184 0.09 7.42 6.69
N ALA A 185 -0.80 6.44 6.47
CA ALA A 185 -2.11 6.71 5.91
C ALA A 185 -2.99 7.50 6.88
N MET A 186 -2.93 7.18 8.19
CA MET A 186 -3.73 7.89 9.18
C MET A 186 -3.36 9.37 9.22
N ALA A 187 -2.06 9.67 9.17
CA ALA A 187 -1.61 11.04 9.12
C ALA A 187 -1.94 11.65 7.77
N LYS A 188 -1.61 10.94 6.68
CA LYS A 188 -1.82 11.44 5.33
C LYS A 188 -3.29 11.74 5.10
N LYS A 189 -4.17 10.96 5.72
CA LYS A 189 -5.59 11.13 5.57
C LYS A 189 -6.02 12.44 6.22
N ALA A 190 -5.50 12.74 7.41
CA ALA A 190 -5.88 13.95 8.11
C ALA A 190 -5.40 15.17 7.32
N LEU A 191 -4.18 15.11 6.77
CA LEU A 191 -3.63 16.20 6.01
C LEU A 191 -4.42 16.42 4.74
N VAL A 192 -4.84 15.33 4.08
CA VAL A 192 -5.57 15.41 2.83
C VAL A 192 -7.06 15.73 3.02
N GLU A 193 -7.61 15.38 4.19
CA GLU A 193 -8.99 15.73 4.53
C GLU A 193 -9.15 17.24 4.73
N GLY A 194 -8.13 17.93 5.22
CA GLY A 194 -8.19 19.38 5.38
C GLY A 194 -7.33 19.93 6.52
N GLN A 195 -6.42 19.13 7.08
CA GLN A 195 -5.50 19.63 8.11
C GLN A 195 -4.31 20.33 7.45
N SER A 196 -4.34 20.44 6.12
CA SER A 196 -3.36 21.15 5.32
C SER A 196 -3.47 22.67 5.56
N HIS A 197 -2.88 23.46 4.64
CA HIS A 197 -2.87 24.92 4.71
C HIS A 197 -2.17 25.42 5.99
N LEU A 198 -1.09 24.73 6.38
CA LEU A 198 -0.29 25.14 7.53
C LEU A 198 0.28 26.55 7.30
N CYS A 199 0.31 27.36 8.36
CA CYS A 199 0.84 28.71 8.31
C CYS A 199 0.18 29.59 7.24
N GLY A 200 -1.02 29.20 6.78
CA GLY A 200 -1.77 29.97 5.81
C GLY A 200 -1.17 29.85 4.40
N GLU A 201 -0.28 28.87 4.20
CA GLU A 201 0.38 28.66 2.93
C GLU A 201 -0.32 27.51 2.22
N GLN A 202 0.43 26.63 1.56
CA GLN A 202 -0.16 25.55 0.81
C GLN A 202 0.67 24.28 0.95
N VAL A 203 -0.01 23.15 1.11
CA VAL A 203 0.66 21.86 1.28
C VAL A 203 -0.21 20.73 0.75
N ALA A 204 0.43 19.66 0.28
CA ALA A 204 -0.27 18.54 -0.32
C ALA A 204 0.46 17.24 0.02
N VAL A 205 -0.32 16.16 0.19
CA VAL A 205 0.23 14.89 0.65
C VAL A 205 -0.03 13.80 -0.39
N GLU A 206 1.05 13.10 -0.74
CA GLU A 206 1.00 12.00 -1.70
C GLU A 206 2.03 10.95 -1.31
N TRP A 207 1.92 9.73 -1.83
CA TRP A 207 2.94 8.71 -1.63
C TRP A 207 4.17 9.04 -2.48
N LEU A 208 5.30 8.38 -2.20
CA LEU A 208 6.53 8.58 -2.93
C LEU A 208 6.34 8.09 -4.37
N LYS A 209 6.94 8.80 -5.33
CA LYS A 209 6.86 8.44 -6.74
C LYS A 209 8.08 7.59 -7.09
N PRO A 210 7.96 6.72 -8.10
CA PRO A 210 9.05 5.86 -8.52
C PRO A 210 10.20 6.68 -9.12
N ASP A 211 9.88 7.82 -9.74
CA ASP A 211 10.90 8.70 -10.31
C ASP A 211 11.49 9.61 -9.23
N LEU A 212 10.65 10.05 -8.30
CA LEU A 212 11.09 10.89 -7.19
C LEU A 212 12.02 10.09 -6.29
N LYS A 213 11.66 8.84 -6.02
CA LYS A 213 12.35 8.01 -5.05
C LYS A 213 13.74 7.59 -5.52
N GLN A 214 13.91 7.33 -6.83
CA GLN A 214 15.22 6.97 -7.35
C GLN A 214 16.16 8.18 -7.33
N ARG A 215 15.61 9.38 -7.56
CA ARG A 215 16.40 10.61 -7.52
C ARG A 215 16.73 10.97 -6.07
N LEU A 216 15.77 10.73 -5.18
CA LEU A 216 15.96 10.89 -3.74
C LEU A 216 17.11 10.01 -3.28
N ARG A 217 17.10 8.74 -3.73
CA ARG A 217 18.04 7.75 -3.24
C ARG A 217 19.44 8.01 -3.78
N GLN A 218 19.54 8.52 -5.02
CA GLN A 218 20.84 8.79 -5.64
C GLN A 218 21.58 9.93 -4.93
N GLN A 219 20.86 10.86 -4.31
CA GLN A 219 21.49 11.94 -3.57
C GLN A 219 21.47 11.66 -2.06
N LEU A 220 20.62 10.75 -1.60
CA LEU A 220 20.56 10.35 -0.20
C LEU A 220 21.71 9.39 0.11
N VAL A 221 22.03 8.48 -0.82
CA VAL A 221 23.09 7.52 -0.61
C VAL A 221 24.49 8.15 -0.61
N GLY A 222 24.57 9.45 -0.90
CA GLY A 222 25.83 10.17 -0.90
C GLY A 222 26.41 10.18 0.52
N PRO A 223 25.81 10.95 1.44
CA PRO A 223 26.22 10.99 2.83
C PRO A 223 26.21 9.61 3.47
N PHE A 224 25.26 8.75 3.07
CA PHE A 224 25.17 7.39 3.60
C PHE A 224 26.27 6.45 3.10
N LEU A 225 27.13 6.94 2.21
CA LEU A 225 28.32 6.22 1.77
C LEU A 225 29.56 7.10 1.96
N ARG A 226 29.40 8.24 2.65
CA ARG A 226 30.48 9.19 2.88
C ARG A 226 31.15 9.61 1.58
N SER A 227 30.38 9.66 0.50
CA SER A 227 30.88 10.02 -0.83
C SER A 227 31.35 11.47 -0.85
N GLY A 1 -20.23 -11.63 -5.16
CA GLY A 1 -21.59 -12.10 -4.85
C GLY A 1 -21.80 -12.23 -3.34
N ALA A 2 -22.60 -11.33 -2.76
CA ALA A 2 -22.91 -11.36 -1.34
C ALA A 2 -23.88 -12.49 -1.02
N MET A 3 -24.09 -12.76 0.27
CA MET A 3 -24.99 -13.82 0.71
C MET A 3 -26.45 -13.47 0.39
N GLU A 4 -26.72 -12.19 0.11
CA GLU A 4 -28.05 -11.72 -0.25
C GLU A 4 -28.21 -11.66 -1.76
N ARG A 5 -27.30 -12.30 -2.50
CA ARG A 5 -27.30 -12.33 -3.96
C ARG A 5 -27.13 -13.75 -4.45
N VAL A 6 -27.25 -13.94 -5.77
CA VAL A 6 -27.09 -15.24 -6.40
C VAL A 6 -25.68 -15.79 -6.22
N ASN A 7 -25.53 -17.12 -6.39
CA ASN A 7 -24.27 -17.81 -6.23
C ASN A 7 -23.58 -17.46 -4.90
N PRO A 8 -24.28 -17.58 -3.77
CA PRO A 8 -23.72 -17.30 -2.45
C PRO A 8 -22.68 -18.35 -2.08
N GLU A 9 -22.67 -19.48 -2.80
CA GLU A 9 -21.67 -20.52 -2.62
C GLU A 9 -20.25 -19.98 -2.77
N ASN A 10 -20.08 -18.86 -3.48
CA ASN A 10 -18.76 -18.27 -3.67
C ASN A 10 -18.23 -17.69 -2.36
N LYS A 11 -18.98 -16.78 -1.73
CA LYS A 11 -18.56 -16.20 -0.45
C LYS A 11 -18.61 -17.26 0.64
N ALA A 12 -19.45 -18.28 0.49
CA ALA A 12 -19.49 -19.39 1.44
C ALA A 12 -18.25 -20.29 1.28
N ALA A 13 -17.68 -20.34 0.08
CA ALA A 13 -16.52 -21.19 -0.17
C ALA A 13 -15.29 -20.66 0.56
N LEU A 14 -15.07 -19.34 0.55
CA LEU A 14 -13.93 -18.76 1.26
C LEU A 14 -14.13 -18.82 2.76
N GLU A 15 -15.39 -18.80 3.24
CA GLU A 15 -15.65 -18.91 4.67
C GLU A 15 -15.21 -20.29 5.16
N ALA A 16 -15.60 -21.34 4.43
CA ALA A 16 -15.16 -22.70 4.72
C ALA A 16 -13.64 -22.87 4.55
N TRP A 17 -12.98 -21.97 3.82
CA TRP A 17 -11.53 -22.02 3.68
C TRP A 17 -10.81 -21.32 4.82
N VAL A 18 -11.13 -20.06 5.09
CA VAL A 18 -10.46 -19.31 6.15
C VAL A 18 -10.56 -20.05 7.49
N ARG A 19 -11.61 -20.86 7.68
CA ARG A 19 -11.79 -21.60 8.93
C ARG A 19 -10.85 -22.80 9.00
N GLU A 20 -10.37 -23.29 7.85
CA GLU A 20 -9.51 -24.47 7.83
C GLU A 20 -8.04 -24.07 7.94
N THR A 21 -7.73 -22.78 7.79
CA THR A 21 -6.37 -22.28 7.97
C THR A 21 -6.34 -21.46 9.27
N GLY A 22 -7.50 -20.95 9.72
CA GLY A 22 -7.59 -20.23 10.98
C GLY A 22 -7.24 -18.75 10.80
N ILE A 23 -7.32 -18.24 9.57
CA ILE A 23 -6.96 -16.86 9.28
C ILE A 23 -8.11 -15.91 9.64
N ARG A 24 -9.34 -16.38 9.47
CA ARG A 24 -10.57 -15.61 9.75
C ARG A 24 -10.45 -14.16 9.26
N LEU A 25 -10.78 -13.93 7.99
CA LEU A 25 -10.65 -12.62 7.35
C LEU A 25 -11.22 -11.54 8.25
N VAL A 26 -10.40 -10.53 8.58
CA VAL A 26 -10.83 -9.45 9.46
C VAL A 26 -11.60 -8.41 8.66
N GLN A 27 -12.84 -8.15 9.07
CA GLN A 27 -13.68 -7.15 8.45
C GLN A 27 -13.21 -5.75 8.86
N VAL A 28 -13.33 -4.79 7.92
CA VAL A 28 -12.96 -3.41 8.17
C VAL A 28 -14.07 -2.50 7.66
N ASN A 29 -15.09 -2.28 8.51
CA ASN A 29 -16.26 -1.50 8.18
C ASN A 29 -17.02 -2.03 6.95
N GLY A 30 -16.57 -3.15 6.38
CA GLY A 30 -17.18 -3.75 5.20
C GLY A 30 -16.12 -4.29 4.24
N GLN A 31 -14.88 -3.78 4.34
CA GLN A 31 -13.75 -4.31 3.57
C GLN A 31 -13.24 -5.59 4.23
N ARG A 32 -12.22 -6.23 3.64
CA ARG A 32 -11.71 -7.49 4.16
C ARG A 32 -10.21 -7.64 3.89
N LYS A 33 -9.50 -8.32 4.80
CA LYS A 33 -8.08 -8.57 4.66
C LYS A 33 -7.67 -9.92 5.23
N TYR A 34 -6.71 -10.58 4.58
CA TYR A 34 -6.16 -11.85 5.00
C TYR A 34 -4.86 -11.73 5.79
N GLY A 35 -4.60 -12.65 6.72
CA GLY A 35 -3.40 -12.61 7.53
C GLY A 35 -3.09 -13.95 8.19
N GLY A 36 -2.00 -13.99 8.96
CA GLY A 36 -1.57 -15.20 9.65
C GLY A 36 -0.98 -16.21 8.67
N PRO A 37 0.34 -16.13 8.42
CA PRO A 37 1.04 -17.03 7.53
C PRO A 37 0.84 -18.50 7.95
N PRO A 38 1.00 -19.44 7.02
CA PRO A 38 0.84 -20.85 7.28
C PRO A 38 1.93 -21.36 8.23
N PRO A 39 1.67 -22.46 8.95
CA PRO A 39 2.58 -23.02 9.93
C PRO A 39 3.83 -23.63 9.28
N GLY A 40 3.87 -23.66 7.94
CA GLY A 40 5.01 -24.18 7.22
C GLY A 40 6.19 -23.21 7.23
N TRP A 41 5.99 -22.00 7.77
CA TRP A 41 7.04 -20.99 7.84
C TRP A 41 6.77 -20.01 8.98
N VAL A 42 7.83 -19.30 9.41
CA VAL A 42 7.72 -18.27 10.43
C VAL A 42 8.80 -17.21 10.24
N GLY A 43 8.45 -15.95 10.48
CA GLY A 43 9.38 -14.83 10.34
C GLY A 43 8.61 -13.52 10.23
N SER A 44 9.26 -12.49 9.70
CA SER A 44 8.63 -11.18 9.50
C SER A 44 9.30 -10.46 8.33
N PRO A 45 8.53 -9.73 7.50
CA PRO A 45 9.05 -9.02 6.36
C PRO A 45 10.16 -8.04 6.75
N PRO A 46 11.32 -8.11 6.06
CA PRO A 46 12.43 -7.19 6.25
C PRO A 46 12.13 -5.84 5.59
N PRO A 47 13.01 -4.84 5.78
CA PRO A 47 12.92 -3.53 5.15
C PRO A 47 12.99 -3.61 3.61
N ALA A 48 12.94 -4.82 3.05
CA ALA A 48 12.99 -5.06 1.61
C ALA A 48 11.74 -4.53 0.89
N GLY A 49 10.78 -4.01 1.65
CA GLY A 49 9.53 -3.47 1.10
C GLY A 49 8.51 -4.59 0.92
N SER A 50 8.75 -5.47 -0.06
CA SER A 50 7.92 -6.64 -0.31
C SER A 50 6.47 -6.32 -0.72
N GLU A 51 6.06 -5.06 -0.63
CA GLU A 51 4.74 -4.63 -1.12
C GLU A 51 4.54 -4.92 -2.61
N VAL A 52 3.31 -5.32 -2.95
CA VAL A 52 2.92 -5.62 -4.34
C VAL A 52 1.43 -5.32 -4.47
N PHE A 53 1.02 -4.83 -5.64
CA PHE A 53 -0.36 -4.44 -5.90
C PHE A 53 -0.90 -4.86 -7.26
N ILE A 54 -1.93 -5.69 -7.30
CA ILE A 54 -2.62 -6.01 -8.54
C ILE A 54 -3.75 -5.00 -8.81
N GLY A 55 -4.15 -4.88 -10.07
CA GLY A 55 -5.23 -4.00 -10.48
C GLY A 55 -5.94 -4.56 -11.72
N ARG A 56 -7.06 -3.92 -12.11
CA ARG A 56 -7.87 -4.38 -13.24
C ARG A 56 -8.32 -5.83 -13.08
N LEU A 57 -8.52 -6.26 -11.83
CA LEU A 57 -8.97 -7.62 -11.54
C LEU A 57 -10.40 -7.81 -12.05
N PRO A 58 -10.83 -9.06 -12.26
CA PRO A 58 -12.21 -9.37 -12.54
C PRO A 58 -13.09 -8.84 -11.42
N GLN A 59 -14.21 -8.21 -11.76
CA GLN A 59 -15.06 -7.55 -10.78
C GLN A 59 -15.89 -8.55 -9.97
N ASP A 60 -15.73 -9.85 -10.23
CA ASP A 60 -16.51 -10.88 -9.55
C ASP A 60 -15.64 -11.90 -8.80
N VAL A 61 -14.31 -11.75 -8.87
CA VAL A 61 -13.39 -12.68 -8.23
C VAL A 61 -13.27 -12.42 -6.73
N TYR A 62 -13.05 -13.49 -5.95
CA TYR A 62 -12.77 -13.37 -4.52
C TYR A 62 -11.33 -13.66 -4.12
N GLU A 63 -10.90 -13.02 -3.03
CA GLU A 63 -9.63 -13.32 -2.38
C GLU A 63 -9.28 -14.81 -2.31
N HIS A 64 -10.24 -15.75 -2.37
CA HIS A 64 -9.89 -17.16 -2.32
C HIS A 64 -9.18 -17.60 -3.60
N GLN A 65 -9.03 -16.68 -4.56
CA GLN A 65 -8.36 -16.95 -5.82
C GLN A 65 -7.12 -16.08 -5.95
N LEU A 66 -7.22 -14.81 -5.52
CA LEU A 66 -6.09 -13.89 -5.58
C LEU A 66 -5.04 -14.29 -4.55
N ILE A 67 -5.46 -14.86 -3.42
CA ILE A 67 -4.53 -15.18 -2.36
C ILE A 67 -3.63 -16.36 -2.69
N PRO A 68 -4.15 -17.51 -3.15
CA PRO A 68 -3.31 -18.64 -3.53
C PRO A 68 -2.44 -18.27 -4.74
N LEU A 69 -2.93 -17.36 -5.60
CA LEU A 69 -2.15 -16.83 -6.70
C LEU A 69 -0.95 -16.03 -6.18
N PHE A 70 -1.07 -15.52 -4.97
CA PHE A 70 0.05 -14.89 -4.27
C PHE A 70 0.93 -15.86 -3.50
N GLN A 71 0.33 -16.89 -2.90
CA GLN A 71 1.07 -17.83 -2.09
C GLN A 71 1.88 -18.79 -2.95
N ARG A 72 1.66 -18.78 -4.27
CA ARG A 72 2.39 -19.65 -5.18
C ARG A 72 3.65 -18.98 -5.71
N VAL A 73 3.62 -17.65 -5.91
CA VAL A 73 4.80 -16.92 -6.40
C VAL A 73 5.75 -16.58 -5.26
N GLY A 74 5.25 -16.54 -4.02
CA GLY A 74 6.08 -16.27 -2.86
C GLY A 74 5.30 -16.35 -1.57
N ARG A 75 6.02 -16.33 -0.44
CA ARG A 75 5.41 -16.35 0.88
C ARG A 75 4.61 -15.07 1.14
N LEU A 76 3.30 -15.22 1.30
CA LEU A 76 2.42 -14.11 1.62
C LEU A 76 2.48 -13.83 3.12
N TYR A 77 2.66 -12.57 3.52
CA TYR A 77 2.57 -12.18 4.91
C TYR A 77 1.20 -11.60 5.28
N GLU A 78 0.62 -10.80 4.39
CA GLU A 78 -0.70 -10.23 4.60
C GLU A 78 -1.27 -9.72 3.28
N PHE A 79 -2.46 -10.19 2.89
CA PHE A 79 -3.14 -9.75 1.68
C PHE A 79 -4.34 -8.89 2.08
N ARG A 80 -4.75 -7.95 1.22
CA ARG A 80 -5.89 -7.07 1.48
C ARG A 80 -6.69 -6.87 0.20
N LEU A 81 -8.01 -6.69 0.32
CA LEU A 81 -8.88 -6.54 -0.85
C LEU A 81 -10.04 -5.59 -0.55
N MET A 82 -10.31 -4.66 -1.48
CA MET A 82 -11.49 -3.82 -1.40
C MET A 82 -12.00 -3.40 -2.79
N MET A 83 -13.27 -2.96 -2.82
CA MET A 83 -13.97 -2.55 -4.03
C MET A 83 -15.23 -1.78 -3.65
N THR A 84 -15.66 -0.83 -4.49
CA THR A 84 -16.81 0.00 -4.17
C THR A 84 -18.15 -0.61 -4.57
N PHE A 85 -19.25 -0.01 -4.08
CA PHE A 85 -20.59 -0.47 -4.40
C PHE A 85 -21.45 0.73 -4.77
N SER A 86 -20.81 1.87 -5.09
CA SER A 86 -21.51 3.07 -5.52
C SER A 86 -22.11 2.88 -6.91
N GLY A 87 -21.66 1.83 -7.62
CA GLY A 87 -22.17 1.48 -8.93
C GLY A 87 -21.53 0.19 -9.45
N LEU A 88 -20.25 -0.04 -9.14
CA LEU A 88 -19.55 -1.25 -9.56
C LEU A 88 -18.27 -1.46 -8.74
N ASN A 89 -17.94 -2.72 -8.47
CA ASN A 89 -16.71 -3.10 -7.79
C ASN A 89 -15.50 -2.51 -8.50
N ARG A 90 -14.52 -2.03 -7.74
CA ARG A 90 -13.35 -1.36 -8.27
C ARG A 90 -12.21 -2.34 -8.55
N GLY A 91 -12.40 -3.61 -8.23
CA GLY A 91 -11.40 -4.66 -8.40
C GLY A 91 -9.96 -4.17 -8.23
N PHE A 92 -9.51 -3.97 -6.98
CA PHE A 92 -8.09 -3.68 -6.75
C PHE A 92 -7.70 -4.25 -5.39
N ALA A 93 -6.44 -4.68 -5.28
CA ALA A 93 -5.94 -5.31 -4.07
C ALA A 93 -4.42 -5.22 -3.99
N TYR A 94 -3.88 -5.49 -2.81
CA TYR A 94 -2.44 -5.52 -2.61
C TYR A 94 -2.05 -6.50 -1.51
N ALA A 95 -0.74 -6.78 -1.40
CA ALA A 95 -0.25 -7.71 -0.42
C ALA A 95 1.22 -7.43 -0.11
N ARG A 96 1.65 -7.82 1.09
CA ARG A 96 3.05 -7.74 1.48
C ARG A 96 3.64 -9.14 1.52
N TYR A 97 4.78 -9.34 0.86
CA TYR A 97 5.50 -10.60 0.91
C TYR A 97 6.48 -10.68 2.08
N SER A 98 6.85 -11.89 2.50
CA SER A 98 7.89 -12.06 3.51
C SER A 98 9.26 -11.64 3.00
N SER A 99 9.39 -11.40 1.68
CA SER A 99 10.62 -10.91 1.10
C SER A 99 10.34 -10.24 -0.26
N ARG A 100 11.26 -9.39 -0.72
CA ARG A 100 11.11 -8.71 -2.00
C ARG A 100 11.27 -9.71 -3.14
N ARG A 101 12.03 -10.79 -2.92
CA ARG A 101 12.19 -11.83 -3.93
C ARG A 101 10.85 -12.47 -4.26
N GLY A 102 9.94 -12.53 -3.28
CA GLY A 102 8.59 -13.02 -3.49
C GLY A 102 7.77 -11.98 -4.23
N ALA A 103 8.02 -10.70 -3.91
CA ALA A 103 7.31 -9.59 -4.51
C ALA A 103 7.71 -9.40 -5.98
N GLN A 104 8.98 -9.64 -6.28
CA GLN A 104 9.51 -9.48 -7.63
C GLN A 104 9.01 -10.58 -8.55
N ALA A 105 8.89 -11.79 -8.01
CA ALA A 105 8.33 -12.91 -8.74
C ALA A 105 6.84 -12.68 -8.99
N ALA A 106 6.12 -12.12 -7.99
CA ALA A 106 4.69 -11.94 -8.09
C ALA A 106 4.33 -11.03 -9.28
N ILE A 107 4.94 -9.85 -9.37
CA ILE A 107 4.69 -8.96 -10.49
C ILE A 107 5.07 -9.62 -11.81
N ALA A 108 6.27 -10.19 -11.90
CA ALA A 108 6.75 -10.81 -13.12
C ALA A 108 5.93 -12.06 -13.52
N THR A 109 4.99 -12.47 -12.66
CA THR A 109 4.23 -13.70 -12.89
C THR A 109 2.75 -13.41 -13.03
N LEU A 110 2.24 -12.47 -12.22
CA LEU A 110 0.82 -12.17 -12.19
C LEU A 110 0.45 -11.14 -13.24
N HIS A 111 1.35 -10.20 -13.55
CA HIS A 111 1.11 -9.28 -14.64
C HIS A 111 1.06 -10.06 -15.95
N ASN A 112 2.00 -10.99 -16.13
CA ASN A 112 2.01 -11.90 -17.27
C ASN A 112 1.04 -13.07 -17.04
N HIS A 113 -0.16 -12.80 -16.52
CA HIS A 113 -1.16 -13.85 -16.31
C HIS A 113 -2.55 -13.36 -16.73
N PRO A 114 -3.06 -13.91 -17.85
CA PRO A 114 -4.41 -13.63 -18.32
C PRO A 114 -5.40 -14.43 -17.49
N LEU A 115 -5.61 -14.00 -16.23
CA LEU A 115 -6.48 -14.70 -15.30
C LEU A 115 -7.87 -14.91 -15.90
N ARG A 116 -8.38 -13.90 -16.62
CA ARG A 116 -9.65 -13.95 -17.33
C ARG A 116 -9.61 -13.06 -18.57
N PRO A 117 -10.46 -13.34 -19.57
CA PRO A 117 -10.61 -12.50 -20.74
C PRO A 117 -11.03 -11.08 -20.35
N SER A 118 -10.65 -10.09 -21.16
CA SER A 118 -10.98 -8.70 -20.94
C SER A 118 -10.54 -8.22 -19.54
N CYS A 119 -9.58 -8.92 -18.93
CA CYS A 119 -9.09 -8.60 -17.60
C CYS A 119 -7.56 -8.69 -17.58
N PRO A 120 -6.88 -7.71 -18.17
CA PRO A 120 -5.43 -7.63 -18.19
C PRO A 120 -4.90 -7.28 -16.79
N LEU A 121 -4.92 -8.28 -15.90
CA LEU A 121 -4.51 -8.15 -14.51
C LEU A 121 -3.16 -7.42 -14.38
N LEU A 122 -3.22 -6.12 -14.08
CA LEU A 122 -2.04 -5.28 -13.90
C LEU A 122 -1.39 -5.57 -12.55
N VAL A 123 -0.07 -5.46 -12.44
CA VAL A 123 0.61 -5.56 -11.15
C VAL A 123 1.69 -4.49 -10.96
N CYS A 124 2.08 -4.24 -9.72
CA CYS A 124 3.02 -3.18 -9.38
C CYS A 124 3.72 -3.49 -8.06
N ARG A 125 4.71 -2.68 -7.71
CA ARG A 125 5.50 -2.86 -6.49
C ARG A 125 5.76 -1.48 -5.88
N SER A 126 6.66 -1.41 -4.89
CA SER A 126 6.98 -0.17 -4.22
C SER A 126 5.71 0.42 -3.60
N THR A 127 5.63 1.76 -3.48
CA THR A 127 4.51 2.40 -2.81
C THR A 127 4.34 1.93 -1.37
N GLU A 128 5.47 1.76 -0.67
CA GLU A 128 5.45 1.33 0.72
C GLU A 128 4.57 2.26 1.54
N LYS A 129 3.64 1.69 2.31
CA LYS A 129 2.66 2.46 3.07
C LYS A 129 3.13 2.74 4.49
N CYS A 130 4.17 2.03 4.95
CA CYS A 130 4.85 2.38 6.19
C CYS A 130 5.48 3.77 6.12
N GLU A 131 5.39 4.45 4.97
CA GLU A 131 5.98 5.75 4.78
C GLU A 131 5.03 6.67 4.01
N LEU A 132 5.29 7.98 4.07
CA LEU A 132 4.42 9.00 3.47
C LEU A 132 5.28 9.92 2.59
N SER A 133 4.66 10.60 1.62
CA SER A 133 5.35 11.59 0.79
C SER A 133 4.49 12.85 0.68
N VAL A 134 5.13 14.03 0.66
CA VAL A 134 4.40 15.30 0.66
C VAL A 134 4.99 16.24 -0.38
N ASP A 135 4.23 17.25 -0.81
CA ASP A 135 4.65 18.12 -1.89
C ASP A 135 4.10 19.53 -1.65
N GLY A 136 4.70 20.55 -2.26
CA GLY A 136 4.31 21.94 -2.10
C GLY A 136 4.89 22.52 -0.82
N LEU A 137 4.40 22.01 0.33
CA LEU A 137 4.85 22.40 1.67
C LEU A 137 4.64 23.92 1.93
N PRO A 138 4.86 24.36 3.17
CA PRO A 138 4.82 25.75 3.57
C PRO A 138 5.82 26.61 2.79
N PRO A 139 5.75 27.94 2.92
CA PRO A 139 6.53 28.87 2.12
C PRO A 139 8.01 28.84 2.49
N ASN A 140 8.32 28.98 3.78
CA ASN A 140 9.68 29.08 4.26
C ASN A 140 9.84 28.34 5.60
N LEU A 141 8.77 27.69 6.06
CA LEU A 141 8.76 27.04 7.36
C LEU A 141 9.85 25.97 7.44
N THR A 142 10.44 25.80 8.62
CA THR A 142 11.49 24.79 8.82
C THR A 142 10.93 23.39 8.94
N ARG A 143 11.76 22.41 8.59
CA ARG A 143 11.39 21.00 8.67
C ARG A 143 10.93 20.60 10.06
N SER A 144 11.48 21.24 11.09
CA SER A 144 11.14 20.91 12.48
C SER A 144 9.67 21.19 12.78
N ALA A 145 9.13 22.25 12.18
CA ALA A 145 7.74 22.63 12.40
C ALA A 145 6.78 21.80 11.53
N LEU A 146 7.26 21.35 10.36
CA LEU A 146 6.47 20.45 9.51
C LEU A 146 6.04 19.22 10.34
N LEU A 147 6.99 18.58 11.02
CA LEU A 147 6.69 17.38 11.79
C LEU A 147 5.77 17.72 12.94
N LEU A 148 6.10 18.78 13.67
CA LEU A 148 5.32 19.22 14.81
C LEU A 148 3.87 19.47 14.41
N ALA A 149 3.67 20.11 13.25
CA ALA A 149 2.34 20.39 12.73
C ALA A 149 1.51 19.12 12.56
N LEU A 150 2.16 17.96 12.37
CA LEU A 150 1.44 16.70 12.22
C LEU A 150 1.81 15.68 13.32
N GLN A 151 2.52 16.11 14.36
CA GLN A 151 3.00 15.20 15.39
C GLN A 151 1.89 14.77 16.37
N PRO A 152 0.92 15.64 16.72
CA PRO A 152 -0.13 15.27 17.66
C PRO A 152 -1.15 14.32 17.03
N LEU A 153 -1.31 14.41 15.70
CA LEU A 153 -2.24 13.55 14.97
C LEU A 153 -1.52 12.31 14.42
N GLY A 154 -0.19 12.26 14.54
CA GLY A 154 0.59 11.12 14.10
C GLY A 154 1.80 10.90 15.01
N PRO A 155 1.55 10.59 16.29
CA PRO A 155 2.60 10.37 17.28
C PRO A 155 3.39 9.10 17.01
N GLY A 156 2.96 8.31 16.02
CA GLY A 156 3.66 7.08 15.64
C GLY A 156 4.87 7.39 14.75
N LEU A 157 5.07 8.66 14.38
CA LEU A 157 6.14 9.04 13.48
C LEU A 157 7.50 8.72 14.09
N GLN A 158 8.32 7.95 13.37
CA GLN A 158 9.66 7.59 13.83
C GLN A 158 10.67 8.66 13.40
N GLU A 159 10.59 9.07 12.13
CA GLU A 159 11.53 10.04 11.58
C GLU A 159 11.00 10.62 10.27
N ALA A 160 11.64 11.69 9.79
CA ALA A 160 11.27 12.31 8.53
C ALA A 160 12.49 13.00 7.91
N ARG A 161 12.54 12.97 6.57
CA ARG A 161 13.58 13.64 5.81
C ARG A 161 12.94 14.55 4.78
N LEU A 162 13.43 15.79 4.65
CA LEU A 162 12.86 16.77 3.74
C LEU A 162 13.96 17.37 2.89
N LEU A 163 14.03 16.95 1.62
CA LEU A 163 15.02 17.47 0.70
C LEU A 163 14.69 17.11 -0.76
N PRO A 164 14.93 15.86 -1.20
CA PRO A 164 14.84 15.46 -2.61
C PRO A 164 13.46 15.74 -3.19
N SER A 165 13.35 15.65 -4.52
CA SER A 165 12.08 15.84 -5.20
C SER A 165 12.13 15.26 -6.61
N PRO A 166 10.97 14.83 -7.15
CA PRO A 166 10.84 14.31 -8.49
C PRO A 166 11.02 15.41 -9.54
N GLY A 167 11.10 15.01 -10.81
CA GLY A 167 11.19 15.94 -11.93
C GLY A 167 9.83 16.53 -12.26
N PRO A 168 9.76 17.26 -13.37
CA PRO A 168 10.85 17.59 -14.27
C PRO A 168 11.77 18.65 -13.66
N ALA A 169 11.29 19.31 -12.60
CA ALA A 169 12.07 20.32 -11.89
C ALA A 169 11.84 20.19 -10.38
N PRO A 170 12.80 20.61 -9.56
CA PRO A 170 12.74 20.47 -8.11
C PRO A 170 11.54 21.17 -7.49
N GLY A 171 11.34 20.88 -6.20
CA GLY A 171 10.25 21.47 -5.42
C GLY A 171 10.25 20.98 -3.97
N GLN A 172 11.33 20.34 -3.52
CA GLN A 172 11.41 19.69 -2.21
C GLN A 172 10.34 18.62 -2.02
N ILE A 173 10.62 17.63 -1.15
CA ILE A 173 9.63 16.63 -0.78
C ILE A 173 9.83 16.24 0.68
N ALA A 174 8.77 15.77 1.35
CA ALA A 174 8.87 15.28 2.71
C ALA A 174 8.54 13.80 2.76
N LEU A 175 9.51 12.97 3.13
CA LEU A 175 9.33 11.53 3.22
C LEU A 175 9.32 11.08 4.67
N LEU A 176 8.11 10.83 5.20
CA LEU A 176 7.91 10.47 6.59
C LEU A 176 7.91 8.96 6.83
N LYS A 177 8.56 8.53 7.92
CA LYS A 177 8.47 7.16 8.41
C LYS A 177 7.54 7.09 9.61
N PHE A 178 6.50 6.25 9.54
CA PHE A 178 5.56 6.08 10.64
C PHE A 178 5.74 4.74 11.36
N SER A 179 5.03 4.54 12.48
CA SER A 179 5.13 3.31 13.25
C SER A 179 4.40 2.15 12.55
N SER A 180 3.40 2.45 11.73
CA SER A 180 2.62 1.42 11.05
C SER A 180 2.04 1.95 9.74
N HIS A 181 1.54 1.04 8.89
CA HIS A 181 0.87 1.41 7.67
C HIS A 181 -0.26 2.39 7.96
N ARG A 182 -1.24 1.95 8.77
CA ARG A 182 -2.38 2.78 9.11
C ARG A 182 -1.96 4.09 9.76
N ALA A 183 -0.86 4.10 10.54
CA ALA A 183 -0.42 5.31 11.20
C ALA A 183 -0.15 6.42 10.18
N ALA A 184 0.47 6.07 9.05
CA ALA A 184 0.69 7.03 7.98
C ALA A 184 -0.62 7.40 7.31
N ALA A 185 -1.56 6.46 7.17
CA ALA A 185 -2.85 6.74 6.57
C ALA A 185 -3.67 7.68 7.44
N MET A 186 -3.65 7.52 8.77
CA MET A 186 -4.39 8.41 9.66
C MET A 186 -3.95 9.85 9.48
N ALA A 187 -2.64 10.07 9.41
CA ALA A 187 -2.11 11.41 9.22
C ALA A 187 -2.38 11.88 7.79
N LYS A 188 -2.12 11.02 6.80
CA LYS A 188 -2.32 11.39 5.40
C LYS A 188 -3.80 11.71 5.14
N LYS A 189 -4.68 10.98 5.82
CA LYS A 189 -6.12 11.14 5.69
C LYS A 189 -6.55 12.53 6.15
N ALA A 190 -5.91 13.03 7.21
CA ALA A 190 -6.25 14.34 7.73
C ALA A 190 -5.87 15.43 6.72
N LEU A 191 -4.79 15.22 5.98
CA LEU A 191 -4.25 16.22 5.07
C LEU A 191 -5.06 16.27 3.78
N VAL A 192 -5.62 15.13 3.34
CA VAL A 192 -6.54 15.11 2.21
C VAL A 192 -7.92 15.58 2.66
N GLU A 193 -8.22 15.43 3.95
CA GLU A 193 -9.52 15.85 4.50
C GLU A 193 -9.67 17.37 4.46
N GLY A 194 -8.55 18.11 4.49
CA GLY A 194 -8.60 19.55 4.24
C GLY A 194 -7.93 20.38 5.32
N GLN A 195 -7.04 19.79 6.13
CA GLN A 195 -6.28 20.57 7.10
C GLN A 195 -4.97 21.04 6.46
N SER A 196 -4.81 20.74 5.16
CA SER A 196 -3.74 21.23 4.32
C SER A 196 -3.73 22.76 4.30
N HIS A 197 -2.86 23.36 3.46
CA HIS A 197 -2.63 24.81 3.46
C HIS A 197 -2.19 25.26 4.84
N LEU A 198 -0.99 24.81 5.25
CA LEU A 198 -0.51 24.96 6.62
C LEU A 198 -0.40 26.44 7.01
N CYS A 199 0.30 27.23 6.21
CA CYS A 199 0.41 28.66 6.46
C CYS A 199 0.87 29.40 5.20
N GLY A 200 -0.07 30.08 4.53
CA GLY A 200 0.25 31.00 3.45
C GLY A 200 0.76 30.30 2.19
N GLU A 201 0.70 28.97 2.13
CA GLU A 201 1.18 28.21 0.98
C GLU A 201 0.27 26.99 0.82
N GLN A 202 0.81 25.87 0.33
CA GLN A 202 -0.01 24.74 -0.06
C GLN A 202 0.74 23.43 0.16
N VAL A 203 0.00 22.33 0.30
CA VAL A 203 0.61 21.04 0.54
C VAL A 203 -0.26 19.93 -0.05
N ALA A 204 0.38 18.88 -0.55
CA ALA A 204 -0.31 17.75 -1.17
C ALA A 204 0.31 16.45 -0.65
N VAL A 205 -0.51 15.41 -0.51
CA VAL A 205 -0.10 14.20 0.17
C VAL A 205 -0.29 13.00 -0.75
N GLU A 206 0.80 12.25 -0.95
CA GLU A 206 0.80 11.04 -1.76
C GLU A 206 1.71 9.98 -1.13
N TRP A 207 1.54 8.71 -1.47
CA TRP A 207 2.43 7.66 -1.00
C TRP A 207 3.72 7.64 -1.82
N LEU A 208 4.67 6.77 -1.42
CA LEU A 208 5.96 6.67 -2.11
C LEU A 208 5.79 6.22 -3.56
N LYS A 209 6.85 6.41 -4.35
CA LYS A 209 6.87 6.00 -5.76
C LYS A 209 8.23 5.36 -6.06
N PRO A 210 8.27 4.43 -7.02
CA PRO A 210 9.49 3.75 -7.40
C PRO A 210 10.47 4.72 -8.06
N ASP A 211 9.94 5.73 -8.76
CA ASP A 211 10.77 6.74 -9.40
C ASP A 211 11.26 7.75 -8.37
N LEU A 212 10.43 8.03 -7.36
CA LEU A 212 10.77 8.97 -6.29
C LEU A 212 11.89 8.38 -5.44
N LYS A 213 11.78 7.10 -5.10
CA LYS A 213 12.68 6.46 -4.17
C LYS A 213 14.08 6.28 -4.76
N GLN A 214 14.18 6.00 -6.07
CA GLN A 214 15.48 5.86 -6.71
C GLN A 214 16.18 7.22 -6.76
N ARG A 215 15.44 8.31 -6.91
CA ARG A 215 16.02 9.65 -6.90
C ARG A 215 16.39 10.04 -5.47
N LEU A 216 15.58 9.61 -4.51
CA LEU A 216 15.79 9.88 -3.10
C LEU A 216 17.11 9.26 -2.64
N ARG A 217 17.32 7.98 -2.95
CA ARG A 217 18.46 7.26 -2.38
C ARG A 217 19.76 7.63 -3.10
N GLN A 218 19.68 8.05 -4.36
CA GLN A 218 20.88 8.38 -5.14
C GLN A 218 21.50 9.71 -4.69
N GLN A 219 20.68 10.64 -4.18
CA GLN A 219 21.21 11.90 -3.69
C GLN A 219 21.44 11.83 -2.17
N LEU A 220 20.81 10.88 -1.49
CA LEU A 220 20.96 10.70 -0.05
C LEU A 220 22.28 9.99 0.23
N VAL A 221 22.65 9.01 -0.60
CA VAL A 221 23.88 8.26 -0.42
C VAL A 221 25.14 9.11 -0.64
N GLY A 222 24.96 10.33 -1.17
CA GLY A 222 26.07 11.23 -1.43
C GLY A 222 26.73 11.67 -0.12
N PRO A 223 26.04 12.50 0.68
CA PRO A 223 26.53 12.99 1.95
C PRO A 223 26.88 11.84 2.90
N PHE A 224 26.23 10.69 2.75
CA PHE A 224 26.52 9.52 3.58
C PHE A 224 27.75 8.71 3.16
N LEU A 225 28.26 8.96 1.95
CA LEU A 225 29.47 8.31 1.48
C LEU A 225 30.72 9.05 1.98
N ARG A 226 30.57 10.37 2.22
CA ARG A 226 31.65 11.24 2.68
C ARG A 226 32.84 11.23 1.71
N SER A 227 33.86 12.04 2.03
CA SER A 227 35.07 12.18 1.22
C SER A 227 34.73 12.43 -0.24
N GLY A 1 -37.15 -21.04 -7.82
CA GLY A 1 -36.44 -19.79 -8.10
C GLY A 1 -35.76 -19.83 -9.46
N ALA A 2 -35.60 -18.67 -10.09
CA ALA A 2 -34.96 -18.57 -11.40
C ALA A 2 -33.47 -18.87 -11.29
N MET A 3 -32.83 -19.17 -12.43
CA MET A 3 -31.42 -19.50 -12.47
C MET A 3 -30.55 -18.26 -12.25
N GLU A 4 -31.14 -17.08 -12.40
CA GLU A 4 -30.44 -15.81 -12.22
C GLU A 4 -30.33 -15.42 -10.75
N ARG A 5 -30.54 -16.39 -9.84
CA ARG A 5 -30.48 -16.16 -8.41
C ARG A 5 -29.08 -15.75 -7.95
N VAL A 6 -28.97 -15.28 -6.71
CA VAL A 6 -27.71 -14.84 -6.12
C VAL A 6 -26.76 -16.03 -5.97
N ASN A 7 -25.50 -15.74 -5.66
CA ASN A 7 -24.47 -16.76 -5.55
C ASN A 7 -23.73 -16.65 -4.21
N PRO A 8 -24.42 -16.86 -3.09
CA PRO A 8 -23.82 -16.83 -1.76
C PRO A 8 -22.85 -18.00 -1.61
N GLU A 9 -23.00 -19.02 -2.46
CA GLU A 9 -22.08 -20.14 -2.52
C GLU A 9 -20.64 -19.69 -2.73
N ASN A 10 -20.44 -18.52 -3.33
CA ASN A 10 -19.09 -17.99 -3.55
C ASN A 10 -18.44 -17.58 -2.23
N LYS A 11 -19.07 -16.67 -1.50
CA LYS A 11 -18.55 -16.21 -0.21
C LYS A 11 -18.59 -17.34 0.81
N ALA A 12 -19.52 -18.29 0.66
CA ALA A 12 -19.61 -19.42 1.57
C ALA A 12 -18.50 -20.44 1.30
N ALA A 13 -18.01 -20.53 0.06
CA ALA A 13 -16.97 -21.49 -0.28
C ALA A 13 -15.64 -21.08 0.37
N LEU A 14 -15.29 -19.80 0.31
CA LEU A 14 -14.07 -19.32 0.93
C LEU A 14 -14.23 -19.30 2.45
N GLU A 15 -15.45 -19.21 2.98
CA GLU A 15 -15.66 -19.27 4.41
C GLU A 15 -15.32 -20.66 4.92
N ALA A 16 -15.72 -21.70 4.18
CA ALA A 16 -15.31 -23.06 4.47
C ALA A 16 -13.80 -23.25 4.33
N TRP A 17 -13.10 -22.35 3.62
CA TRP A 17 -11.65 -22.40 3.53
C TRP A 17 -10.97 -21.72 4.69
N VAL A 18 -11.29 -20.45 4.97
CA VAL A 18 -10.67 -19.73 6.07
C VAL A 18 -10.80 -20.49 7.40
N ARG A 19 -11.85 -21.30 7.56
CA ARG A 19 -12.06 -22.05 8.79
C ARG A 19 -11.12 -23.25 8.87
N GLU A 20 -10.61 -23.72 7.72
CA GLU A 20 -9.74 -24.89 7.70
C GLU A 20 -8.27 -24.49 7.88
N THR A 21 -7.97 -23.19 7.77
CA THR A 21 -6.62 -22.67 7.99
C THR A 21 -6.63 -21.88 9.31
N GLY A 22 -7.81 -21.39 9.73
CA GLY A 22 -7.94 -20.66 10.98
C GLY A 22 -7.55 -19.19 10.81
N ILE A 23 -7.62 -18.68 9.58
CA ILE A 23 -7.21 -17.32 9.28
C ILE A 23 -8.32 -16.31 9.57
N ARG A 24 -9.57 -16.74 9.36
CA ARG A 24 -10.76 -15.93 9.62
C ARG A 24 -10.60 -14.48 9.14
N LEU A 25 -10.97 -14.24 7.88
CA LEU A 25 -10.83 -12.93 7.25
C LEU A 25 -11.43 -11.84 8.12
N VAL A 26 -10.69 -10.74 8.32
CA VAL A 26 -11.17 -9.62 9.11
C VAL A 26 -11.87 -8.60 8.21
N GLN A 27 -13.13 -8.31 8.52
CA GLN A 27 -13.90 -7.33 7.76
C GLN A 27 -13.52 -5.91 8.18
N VAL A 28 -13.63 -4.97 7.24
CA VAL A 28 -13.30 -3.58 7.47
C VAL A 28 -14.30 -2.67 6.75
N ASN A 29 -15.43 -2.36 7.39
CA ASN A 29 -16.48 -1.54 6.80
C ASN A 29 -16.95 -2.13 5.47
N GLY A 30 -16.94 -3.46 5.36
CA GLY A 30 -17.39 -4.17 4.17
C GLY A 30 -16.21 -4.67 3.32
N GLN A 31 -15.00 -4.16 3.59
CA GLN A 31 -13.79 -4.62 2.93
C GLN A 31 -13.32 -5.91 3.62
N ARG A 32 -12.29 -6.56 3.06
CA ARG A 32 -11.82 -7.84 3.57
C ARG A 32 -10.32 -7.99 3.41
N LYS A 33 -9.67 -8.59 4.42
CA LYS A 33 -8.22 -8.82 4.38
C LYS A 33 -7.85 -10.18 4.98
N TYR A 34 -6.85 -10.83 4.38
CA TYR A 34 -6.34 -12.11 4.83
C TYR A 34 -5.11 -12.02 5.73
N GLY A 35 -5.15 -12.72 6.87
CA GLY A 35 -4.07 -12.71 7.84
C GLY A 35 -3.14 -13.92 7.65
N GLY A 36 -2.00 -13.91 8.33
CA GLY A 36 -1.04 -15.01 8.30
C GLY A 36 -1.05 -15.73 9.63
N PRO A 37 -1.78 -16.86 9.74
CA PRO A 37 -1.93 -17.59 10.97
C PRO A 37 -0.63 -18.33 11.33
N PRO A 38 -0.28 -18.38 12.63
CA PRO A 38 0.94 -19.01 13.10
C PRO A 38 1.10 -20.47 12.65
N PRO A 39 0.06 -21.33 12.73
CA PRO A 39 0.18 -22.71 12.33
C PRO A 39 0.30 -22.86 10.81
N GLY A 40 0.01 -21.79 10.07
CA GLY A 40 0.15 -21.80 8.61
C GLY A 40 1.61 -21.57 8.23
N TRP A 41 2.23 -20.56 8.83
CA TRP A 41 3.64 -20.25 8.62
C TRP A 41 4.17 -19.33 9.71
N VAL A 42 5.48 -19.42 9.99
CA VAL A 42 6.15 -18.56 10.95
C VAL A 42 7.64 -18.50 10.65
N GLY A 43 8.26 -17.35 10.89
CA GLY A 43 9.68 -17.16 10.68
C GLY A 43 10.03 -15.68 10.59
N SER A 44 11.27 -15.32 10.90
CA SER A 44 11.73 -13.94 10.80
C SER A 44 12.10 -13.62 9.34
N PRO A 45 11.48 -12.60 8.74
CA PRO A 45 11.73 -12.21 7.37
C PRO A 45 13.07 -11.47 7.24
N PRO A 46 13.74 -11.60 6.10
CA PRO A 46 14.94 -10.86 5.78
C PRO A 46 14.58 -9.39 5.49
N PRO A 47 15.57 -8.49 5.50
CA PRO A 47 15.35 -7.09 5.21
C PRO A 47 14.91 -6.92 3.76
N ALA A 48 13.65 -6.52 3.58
CA ALA A 48 13.05 -6.41 2.26
C ALA A 48 11.78 -5.56 2.33
N GLY A 49 11.36 -4.97 1.19
CA GLY A 49 10.11 -4.24 1.11
C GLY A 49 8.95 -5.22 0.98
N SER A 50 9.09 -6.18 0.06
CA SER A 50 8.13 -7.27 -0.11
C SER A 50 6.71 -6.78 -0.40
N GLU A 51 6.56 -5.59 -1.02
CA GLU A 51 5.24 -5.03 -1.33
C GLU A 51 4.84 -5.40 -2.75
N VAL A 52 3.57 -5.76 -2.97
CA VAL A 52 3.06 -6.08 -4.30
C VAL A 52 1.59 -5.69 -4.40
N PHE A 53 1.19 -5.16 -5.56
CA PHE A 53 -0.17 -4.71 -5.80
C PHE A 53 -0.72 -5.07 -7.19
N ILE A 54 -1.81 -5.84 -7.25
CA ILE A 54 -2.49 -6.11 -8.51
C ILE A 54 -3.54 -5.05 -8.81
N GLY A 55 -3.83 -4.88 -10.11
CA GLY A 55 -4.85 -3.94 -10.58
C GLY A 55 -5.47 -4.46 -11.88
N ARG A 56 -6.45 -3.71 -12.43
CA ARG A 56 -7.17 -4.11 -13.65
C ARG A 56 -7.81 -5.49 -13.52
N LEU A 57 -8.03 -5.96 -12.28
CA LEU A 57 -8.62 -7.26 -12.06
C LEU A 57 -10.11 -7.25 -12.42
N PRO A 58 -10.70 -8.42 -12.67
CA PRO A 58 -12.12 -8.56 -12.90
C PRO A 58 -12.88 -8.03 -11.69
N GLN A 59 -14.03 -7.39 -11.93
CA GLN A 59 -14.84 -6.82 -10.87
C GLN A 59 -15.58 -7.91 -10.09
N ASP A 60 -15.37 -9.18 -10.46
CA ASP A 60 -16.10 -10.29 -9.89
C ASP A 60 -15.24 -11.26 -9.08
N VAL A 61 -13.90 -11.15 -9.20
CA VAL A 61 -13.00 -12.12 -8.60
C VAL A 61 -12.88 -12.00 -7.08
N TYR A 62 -12.84 -13.15 -6.39
CA TYR A 62 -12.76 -13.22 -4.94
C TYR A 62 -11.37 -13.60 -4.39
N GLU A 63 -11.33 -13.90 -3.09
CA GLU A 63 -10.08 -14.16 -2.38
C GLU A 63 -9.60 -15.56 -2.74
N HIS A 64 -10.54 -16.47 -3.02
CA HIS A 64 -10.23 -17.87 -3.29
C HIS A 64 -9.54 -18.03 -4.64
N GLN A 65 -9.28 -16.93 -5.33
CA GLN A 65 -8.61 -16.95 -6.63
C GLN A 65 -7.29 -16.19 -6.53
N LEU A 66 -7.34 -14.98 -5.96
CA LEU A 66 -6.19 -14.10 -5.91
C LEU A 66 -5.22 -14.57 -4.83
N ILE A 67 -5.73 -15.13 -3.74
CA ILE A 67 -4.84 -15.48 -2.64
C ILE A 67 -3.97 -16.68 -2.98
N PRO A 68 -4.53 -17.81 -3.48
CA PRO A 68 -3.73 -18.95 -3.90
C PRO A 68 -2.77 -18.57 -5.02
N LEU A 69 -3.17 -17.62 -5.87
CA LEU A 69 -2.33 -17.11 -6.94
C LEU A 69 -1.11 -16.39 -6.37
N PHE A 70 -1.24 -15.88 -5.14
CA PHE A 70 -0.11 -15.30 -4.42
C PHE A 70 0.71 -16.32 -3.64
N GLN A 71 0.07 -17.36 -3.11
CA GLN A 71 0.76 -18.36 -2.32
C GLN A 71 1.57 -19.32 -3.19
N ARG A 72 1.38 -19.26 -4.52
CA ARG A 72 2.09 -20.13 -5.43
C ARG A 72 3.39 -19.50 -5.92
N VAL A 73 3.42 -18.17 -6.07
CA VAL A 73 4.62 -17.46 -6.50
C VAL A 73 5.57 -17.21 -5.33
N GLY A 74 5.04 -17.16 -4.11
CA GLY A 74 5.86 -16.96 -2.93
C GLY A 74 5.05 -17.04 -1.63
N ARG A 75 5.76 -17.08 -0.50
CA ARG A 75 5.13 -17.11 0.81
C ARG A 75 4.37 -15.81 1.07
N LEU A 76 3.06 -15.92 1.26
CA LEU A 76 2.21 -14.79 1.56
C LEU A 76 2.27 -14.51 3.07
N TYR A 77 2.55 -13.27 3.47
CA TYR A 77 2.53 -12.90 4.88
C TYR A 77 1.12 -12.40 5.21
N GLU A 78 0.53 -11.61 4.30
CA GLU A 78 -0.83 -11.11 4.46
C GLU A 78 -1.33 -10.48 3.16
N PHE A 79 -2.53 -10.87 2.72
CA PHE A 79 -3.14 -10.34 1.51
C PHE A 79 -4.30 -9.44 1.92
N ARG A 80 -4.71 -8.52 1.03
CA ARG A 80 -5.87 -7.67 1.27
C ARG A 80 -6.61 -7.41 -0.03
N LEU A 81 -7.93 -7.30 0.03
CA LEU A 81 -8.75 -7.16 -1.17
C LEU A 81 -9.92 -6.23 -0.92
N MET A 82 -10.07 -5.22 -1.78
CA MET A 82 -11.10 -4.21 -1.59
C MET A 82 -12.03 -4.08 -2.80
N MET A 83 -13.28 -3.77 -2.48
CA MET A 83 -14.38 -3.60 -3.41
C MET A 83 -15.12 -2.31 -3.05
N THR A 84 -16.10 -1.93 -3.85
CA THR A 84 -16.77 -0.64 -3.67
C THR A 84 -18.25 -0.72 -4.01
N PHE A 85 -18.85 0.47 -4.14
CA PHE A 85 -20.24 0.70 -4.49
C PHE A 85 -20.85 -0.24 -5.53
N SER A 86 -22.16 -0.48 -5.40
CA SER A 86 -22.91 -1.42 -6.23
C SER A 86 -22.89 -1.02 -7.71
N GLY A 87 -23.30 -1.95 -8.57
CA GLY A 87 -23.30 -1.77 -10.02
C GLY A 87 -21.95 -2.18 -10.61
N LEU A 88 -20.89 -2.12 -9.80
CA LEU A 88 -19.56 -2.58 -10.19
C LEU A 88 -18.69 -2.74 -8.94
N ASN A 89 -17.39 -2.52 -9.08
CA ASN A 89 -16.38 -2.65 -8.03
C ASN A 89 -15.10 -1.97 -8.48
N ARG A 90 -14.23 -1.61 -7.54
CA ARG A 90 -12.97 -0.96 -7.87
C ARG A 90 -11.90 -2.02 -8.19
N GLY A 91 -12.23 -3.30 -8.00
CA GLY A 91 -11.36 -4.42 -8.30
C GLY A 91 -9.87 -4.13 -8.16
N PHE A 92 -9.36 -4.15 -6.92
CA PHE A 92 -7.91 -4.00 -6.72
C PHE A 92 -7.53 -4.66 -5.40
N ALA A 93 -6.28 -5.11 -5.31
CA ALA A 93 -5.78 -5.78 -4.12
C ALA A 93 -4.26 -5.65 -3.99
N TYR A 94 -3.73 -5.92 -2.80
CA TYR A 94 -2.30 -5.99 -2.59
C TYR A 94 -1.91 -6.99 -1.50
N ALA A 95 -0.63 -7.31 -1.41
CA ALA A 95 -0.15 -8.29 -0.45
C ALA A 95 1.30 -8.05 -0.10
N ARG A 96 1.70 -8.49 1.10
CA ARG A 96 3.07 -8.45 1.55
C ARG A 96 3.64 -9.87 1.57
N TYR A 97 4.80 -10.05 0.94
CA TYR A 97 5.51 -11.32 0.95
C TYR A 97 6.51 -11.44 2.10
N SER A 98 6.86 -12.66 2.49
CA SER A 98 7.89 -12.86 3.52
C SER A 98 9.25 -12.32 3.06
N SER A 99 9.44 -12.16 1.74
CA SER A 99 10.68 -11.61 1.21
C SER A 99 10.47 -10.99 -0.18
N ARG A 100 11.43 -10.17 -0.62
CA ARG A 100 11.33 -9.52 -1.91
C ARG A 100 11.37 -10.55 -3.05
N ARG A 101 12.06 -11.68 -2.83
CA ARG A 101 12.13 -12.73 -3.84
C ARG A 101 10.74 -13.26 -4.18
N GLY A 102 9.83 -13.25 -3.21
CA GLY A 102 8.44 -13.65 -3.43
C GLY A 102 7.70 -12.54 -4.16
N ALA A 103 8.01 -11.28 -3.83
CA ALA A 103 7.35 -10.13 -4.41
C ALA A 103 7.77 -9.93 -5.86
N GLN A 104 9.04 -10.22 -6.18
CA GLN A 104 9.57 -10.03 -7.51
C GLN A 104 9.07 -11.11 -8.46
N ALA A 105 8.91 -12.33 -7.94
CA ALA A 105 8.35 -13.43 -8.71
C ALA A 105 6.86 -13.17 -8.98
N ALA A 106 6.15 -12.62 -8.00
CA ALA A 106 4.71 -12.42 -8.10
C ALA A 106 4.39 -11.52 -9.29
N ILE A 107 4.99 -10.34 -9.35
CA ILE A 107 4.76 -9.42 -10.45
C ILE A 107 5.16 -10.07 -11.78
N ALA A 108 6.36 -10.65 -11.85
CA ALA A 108 6.87 -11.28 -13.07
C ALA A 108 6.04 -12.50 -13.48
N THR A 109 5.06 -12.91 -12.66
CA THR A 109 4.30 -14.13 -12.92
C THR A 109 2.81 -13.84 -13.05
N LEU A 110 2.30 -12.84 -12.31
CA LEU A 110 0.89 -12.54 -12.29
C LEU A 110 0.53 -11.50 -13.35
N HIS A 111 1.42 -10.53 -13.61
CA HIS A 111 1.15 -9.51 -14.60
C HIS A 111 0.89 -10.13 -15.96
N ASN A 112 1.76 -11.04 -16.39
CA ASN A 112 1.62 -11.70 -17.68
C ASN A 112 0.69 -12.92 -17.61
N HIS A 113 -0.13 -13.03 -16.56
CA HIS A 113 -1.06 -14.15 -16.40
C HIS A 113 -2.46 -13.75 -16.87
N PRO A 114 -2.99 -14.44 -17.90
CA PRO A 114 -4.34 -14.24 -18.40
C PRO A 114 -5.35 -14.91 -17.46
N LEU A 115 -5.50 -14.35 -16.25
CA LEU A 115 -6.42 -14.89 -15.26
C LEU A 115 -7.84 -14.99 -15.82
N ARG A 116 -8.23 -14.01 -16.64
CA ARG A 116 -9.49 -13.99 -17.38
C ARG A 116 -9.31 -13.22 -18.68
N PRO A 117 -10.15 -13.50 -19.70
CA PRO A 117 -10.13 -12.79 -20.95
C PRO A 117 -10.54 -11.34 -20.75
N SER A 118 -10.04 -10.44 -21.60
CA SER A 118 -10.30 -9.01 -21.52
C SER A 118 -9.95 -8.44 -20.15
N CYS A 119 -9.05 -9.11 -19.42
CA CYS A 119 -8.64 -8.70 -18.08
C CYS A 119 -7.13 -8.88 -17.90
N PRO A 120 -6.34 -7.98 -18.51
CA PRO A 120 -4.89 -7.97 -18.41
C PRO A 120 -4.46 -7.58 -16.99
N LEU A 121 -4.54 -8.55 -16.07
CA LEU A 121 -4.20 -8.36 -14.66
C LEU A 121 -2.86 -7.64 -14.49
N LEU A 122 -2.93 -6.35 -14.13
CA LEU A 122 -1.76 -5.50 -13.90
C LEU A 122 -1.14 -5.81 -12.53
N VAL A 123 0.19 -5.72 -12.40
CA VAL A 123 0.84 -5.79 -11.09
C VAL A 123 1.94 -4.76 -10.90
N CYS A 124 2.34 -4.54 -9.64
CA CYS A 124 3.34 -3.55 -9.29
C CYS A 124 3.94 -3.90 -7.92
N ARG A 125 5.00 -3.19 -7.52
CA ARG A 125 5.68 -3.42 -6.24
C ARG A 125 6.12 -2.09 -5.62
N SER A 126 5.53 -0.99 -6.07
CA SER A 126 5.91 0.34 -5.60
C SER A 126 4.77 0.93 -4.76
N THR A 127 4.83 2.24 -4.47
CA THR A 127 3.80 2.93 -3.70
C THR A 127 3.62 2.43 -2.27
N GLU A 128 4.73 2.15 -1.59
CA GLU A 128 4.70 1.68 -0.21
C GLU A 128 4.10 2.76 0.70
N LYS A 129 3.26 2.36 1.65
CA LYS A 129 2.64 3.29 2.59
C LYS A 129 3.50 3.49 3.83
N CYS A 130 4.53 2.66 4.01
CA CYS A 130 5.48 2.83 5.11
C CYS A 130 6.11 4.23 5.09
N GLU A 131 6.00 4.92 3.96
CA GLU A 131 6.60 6.22 3.78
C GLU A 131 5.61 7.13 3.07
N LEU A 132 5.68 8.43 3.36
CA LEU A 132 4.71 9.39 2.88
C LEU A 132 5.45 10.55 2.19
N SER A 133 4.75 11.30 1.34
CA SER A 133 5.35 12.41 0.61
C SER A 133 4.45 13.64 0.68
N VAL A 134 5.07 14.82 0.67
CA VAL A 134 4.35 16.08 0.75
C VAL A 134 4.88 17.04 -0.31
N ASP A 135 4.11 18.07 -0.66
CA ASP A 135 4.46 18.98 -1.74
C ASP A 135 3.84 20.34 -1.45
N GLY A 136 4.38 21.40 -2.05
CA GLY A 136 3.93 22.77 -1.84
C GLY A 136 4.54 23.34 -0.56
N LEU A 137 4.17 22.76 0.59
CA LEU A 137 4.70 23.11 1.90
C LEU A 137 4.38 24.58 2.28
N PRO A 138 4.71 24.97 3.52
CA PRO A 138 4.56 26.33 4.01
C PRO A 138 5.44 27.32 3.23
N PRO A 139 5.32 28.62 3.51
CA PRO A 139 5.96 29.67 2.74
C PRO A 139 7.47 29.71 2.98
N ASN A 140 7.87 29.74 4.25
CA ASN A 140 9.26 29.87 4.64
C ASN A 140 9.57 29.06 5.89
N LEU A 141 8.57 28.31 6.39
CA LEU A 141 8.70 27.55 7.61
C LEU A 141 9.85 26.55 7.52
N THR A 142 10.51 26.28 8.66
CA THR A 142 11.59 25.32 8.72
C THR A 142 11.08 23.90 8.91
N ARG A 143 11.88 22.91 8.52
CA ARG A 143 11.52 21.51 8.64
C ARG A 143 11.16 21.15 10.07
N SER A 144 11.91 21.66 11.04
CA SER A 144 11.76 21.26 12.44
C SER A 144 10.35 21.58 12.94
N ALA A 145 9.82 22.73 12.53
CA ALA A 145 8.48 23.14 12.93
C ALA A 145 7.44 22.44 12.07
N LEU A 146 7.83 22.10 10.83
CA LEU A 146 6.94 21.44 9.89
C LEU A 146 6.60 20.03 10.35
N LEU A 147 7.56 19.29 10.92
CA LEU A 147 7.28 17.99 11.51
C LEU A 147 6.36 18.18 12.71
N LEU A 148 6.74 19.10 13.59
CA LEU A 148 5.96 19.42 14.78
C LEU A 148 4.52 19.80 14.40
N ALA A 149 4.36 20.51 13.30
CA ALA A 149 3.03 20.91 12.82
C ALA A 149 2.17 19.69 12.49
N LEU A 150 2.77 18.61 12.00
CA LEU A 150 2.03 17.40 11.66
C LEU A 150 2.29 16.25 12.64
N GLN A 151 2.99 16.51 13.76
CA GLN A 151 3.31 15.47 14.71
C GLN A 151 2.11 15.07 15.59
N PRO A 152 1.21 15.99 16.00
CA PRO A 152 0.11 15.66 16.88
C PRO A 152 -0.96 14.84 16.16
N LEU A 153 -1.02 14.94 14.83
CA LEU A 153 -1.97 14.17 14.04
C LEU A 153 -1.39 12.81 13.62
N GLY A 154 -0.11 12.58 13.94
CA GLY A 154 0.52 11.29 13.70
C GLY A 154 1.79 11.13 14.55
N PRO A 155 1.62 10.90 15.87
CA PRO A 155 2.72 10.75 16.81
C PRO A 155 3.60 9.53 16.52
N GLY A 156 3.19 8.70 15.55
CA GLY A 156 3.92 7.48 15.23
C GLY A 156 5.11 7.74 14.32
N LEU A 157 5.41 9.01 14.02
CA LEU A 157 6.46 9.36 13.08
C LEU A 157 7.83 9.02 13.66
N GLN A 158 8.64 8.30 12.87
CA GLN A 158 10.01 7.95 13.25
C GLN A 158 11.01 9.00 12.77
N GLU A 159 10.90 9.38 11.50
CA GLU A 159 11.86 10.31 10.90
C GLU A 159 11.28 10.95 9.65
N ALA A 160 11.91 12.03 9.18
CA ALA A 160 11.51 12.71 7.97
C ALA A 160 12.72 13.40 7.32
N ARG A 161 12.73 13.45 5.99
CA ARG A 161 13.77 14.10 5.21
C ARG A 161 13.12 15.11 4.27
N LEU A 162 13.68 16.32 4.18
CA LEU A 162 13.10 17.38 3.36
C LEU A 162 14.20 18.02 2.53
N LEU A 163 14.18 17.77 1.22
CA LEU A 163 15.09 18.40 0.28
C LEU A 163 14.68 18.13 -1.17
N PRO A 164 15.04 16.97 -1.77
CA PRO A 164 14.88 16.72 -3.19
C PRO A 164 13.41 16.77 -3.59
N SER A 165 13.15 17.13 -4.85
CA SER A 165 11.78 17.27 -5.36
C SER A 165 11.75 16.87 -6.84
N PRO A 166 10.59 16.40 -7.32
CA PRO A 166 10.41 15.93 -8.69
C PRO A 166 10.41 17.09 -9.69
N GLY A 167 10.46 16.75 -10.98
CA GLY A 167 10.42 17.73 -12.06
C GLY A 167 9.01 18.22 -12.29
N PRO A 168 8.81 18.99 -13.38
CA PRO A 168 9.84 19.40 -14.34
C PRO A 168 10.75 20.46 -13.73
N ALA A 169 10.33 21.07 -12.62
CA ALA A 169 11.12 22.05 -11.89
C ALA A 169 10.98 21.79 -10.39
N PRO A 170 12.03 22.07 -9.61
CA PRO A 170 12.07 21.79 -8.20
C PRO A 170 11.13 22.70 -7.42
N GLY A 171 10.95 22.39 -6.13
CA GLY A 171 10.05 23.12 -5.25
C GLY A 171 10.10 22.58 -3.82
N GLN A 172 11.21 21.88 -3.48
CA GLN A 172 11.35 21.15 -2.23
C GLN A 172 10.26 20.09 -2.04
N ILE A 173 10.57 19.05 -1.25
CA ILE A 173 9.61 17.99 -0.95
C ILE A 173 9.90 17.41 0.43
N ALA A 174 8.87 16.83 1.08
CA ALA A 174 9.06 16.18 2.37
C ALA A 174 8.67 14.71 2.31
N LEU A 175 9.56 13.83 2.80
CA LEU A 175 9.27 12.41 2.87
C LEU A 175 9.35 11.90 4.31
N LEU A 176 8.23 11.36 4.79
CA LEU A 176 8.09 10.92 6.16
C LEU A 176 8.07 9.40 6.30
N LYS A 177 8.77 8.86 7.31
CA LYS A 177 8.66 7.46 7.68
C LYS A 177 7.93 7.32 9.00
N PHE A 178 6.85 6.53 9.00
CA PHE A 178 6.06 6.31 10.20
C PHE A 178 6.33 4.93 10.83
N SER A 179 5.87 4.74 12.07
CA SER A 179 6.08 3.50 12.79
C SER A 179 5.23 2.36 12.21
N SER A 180 4.16 2.70 11.48
CA SER A 180 3.31 1.70 10.85
C SER A 180 2.66 2.29 9.59
N HIS A 181 2.17 1.43 8.69
CA HIS A 181 1.54 1.89 7.46
C HIS A 181 0.38 2.83 7.80
N ARG A 182 -0.61 2.34 8.56
CA ARG A 182 -1.77 3.14 8.89
C ARG A 182 -1.40 4.39 9.67
N ALA A 183 -0.31 4.37 10.44
CA ALA A 183 0.12 5.55 11.15
C ALA A 183 0.38 6.69 10.16
N ALA A 184 0.92 6.36 8.98
CA ALA A 184 1.12 7.34 7.93
C ALA A 184 -0.21 7.73 7.28
N ALA A 185 -1.15 6.78 7.16
CA ALA A 185 -2.44 7.03 6.56
C ALA A 185 -3.29 7.95 7.46
N MET A 186 -3.32 7.70 8.77
CA MET A 186 -4.07 8.53 9.69
C MET A 186 -3.56 9.97 9.62
N ALA A 187 -2.24 10.14 9.48
CA ALA A 187 -1.67 11.47 9.36
C ALA A 187 -2.03 12.06 8.00
N LYS A 188 -1.81 11.30 6.92
CA LYS A 188 -2.07 11.78 5.57
C LYS A 188 -3.54 12.15 5.41
N LYS A 189 -4.41 11.39 6.07
CA LYS A 189 -5.84 11.58 6.02
C LYS A 189 -6.23 12.88 6.71
N ALA A 190 -5.51 13.26 7.75
CA ALA A 190 -5.83 14.47 8.49
C ALA A 190 -5.43 15.73 7.70
N LEU A 191 -4.41 15.62 6.84
CA LEU A 191 -3.95 16.76 6.06
C LEU A 191 -4.94 17.03 4.94
N VAL A 192 -5.48 15.97 4.32
CA VAL A 192 -6.48 16.12 3.27
C VAL A 192 -7.83 16.49 3.88
N GLU A 193 -8.05 16.13 5.14
CA GLU A 193 -9.28 16.47 5.84
C GLU A 193 -9.37 17.95 6.18
N GLY A 194 -8.24 18.64 6.36
CA GLY A 194 -8.25 20.07 6.59
C GLY A 194 -7.12 20.57 7.50
N GLN A 195 -6.08 19.76 7.73
CA GLN A 195 -4.92 20.20 8.49
C GLN A 195 -3.89 20.85 7.56
N SER A 196 -4.25 20.97 6.28
CA SER A 196 -3.45 21.66 5.27
C SER A 196 -3.46 23.18 5.54
N HIS A 197 -2.84 23.95 4.65
CA HIS A 197 -2.75 25.41 4.78
C HIS A 197 -2.16 25.80 6.14
N LEU A 198 -1.00 25.21 6.46
CA LEU A 198 -0.36 25.37 7.76
C LEU A 198 -0.07 26.85 8.07
N CYS A 199 0.31 27.63 7.04
CA CYS A 199 0.71 29.01 7.24
C CYS A 199 0.20 29.90 6.09
N GLY A 200 -1.00 29.60 5.58
CA GLY A 200 -1.61 30.39 4.52
C GLY A 200 -1.01 30.09 3.15
N GLU A 201 -0.11 29.10 3.08
CA GLU A 201 0.49 28.67 1.84
C GLU A 201 -0.31 27.46 1.36
N GLN A 202 0.34 26.45 0.80
CA GLN A 202 -0.37 25.32 0.25
C GLN A 202 0.43 24.04 0.41
N VAL A 203 -0.28 22.92 0.62
CA VAL A 203 0.36 21.64 0.83
C VAL A 203 -0.50 20.51 0.27
N ALA A 204 0.13 19.48 -0.28
CA ALA A 204 -0.57 18.33 -0.83
C ALA A 204 -0.03 17.06 -0.19
N VAL A 205 -0.90 16.07 -0.03
CA VAL A 205 -0.55 14.82 0.64
C VAL A 205 -0.68 13.64 -0.29
N GLU A 206 0.44 12.96 -0.57
CA GLU A 206 0.47 11.82 -1.47
C GLU A 206 1.58 10.85 -1.08
N TRP A 207 1.45 9.59 -1.49
CA TRP A 207 2.45 8.58 -1.17
C TRP A 207 3.63 8.63 -2.13
N LEU A 208 4.62 7.76 -1.92
CA LEU A 208 5.82 7.73 -2.73
C LEU A 208 5.51 7.36 -4.18
N LYS A 209 6.43 7.72 -5.10
CA LYS A 209 6.38 7.31 -6.49
C LYS A 209 7.72 6.66 -6.84
N PRO A 210 7.73 5.76 -7.83
CA PRO A 210 8.93 5.04 -8.22
C PRO A 210 9.94 6.00 -8.86
N ASP A 211 9.45 6.99 -9.61
CA ASP A 211 10.31 7.98 -10.25
C ASP A 211 10.82 9.01 -9.25
N LEU A 212 10.02 9.31 -8.23
CA LEU A 212 10.38 10.25 -7.18
C LEU A 212 11.45 9.61 -6.29
N LYS A 213 11.27 8.33 -5.97
CA LYS A 213 12.15 7.65 -5.03
C LYS A 213 13.55 7.40 -5.59
N GLN A 214 13.67 7.18 -6.91
CA GLN A 214 14.98 7.03 -7.51
C GLN A 214 15.72 8.37 -7.53
N ARG A 215 14.98 9.48 -7.68
CA ARG A 215 15.57 10.82 -7.63
C ARG A 215 15.89 11.22 -6.20
N LEU A 216 15.07 10.74 -5.26
CA LEU A 216 15.29 10.91 -3.84
C LEU A 216 16.60 10.23 -3.44
N ARG A 217 16.81 9.04 -3.99
CA ARG A 217 17.94 8.17 -3.65
C ARG A 217 19.23 8.65 -4.32
N GLN A 218 19.14 9.09 -5.58
CA GLN A 218 20.31 9.61 -6.29
C GLN A 218 20.83 10.88 -5.60
N GLN A 219 19.96 11.57 -4.88
CA GLN A 219 20.35 12.71 -4.07
C GLN A 219 20.82 12.26 -2.68
N LEU A 220 20.06 11.36 -2.05
CA LEU A 220 20.31 10.94 -0.68
C LEU A 220 21.65 10.20 -0.55
N VAL A 221 22.05 9.48 -1.60
CA VAL A 221 23.30 8.73 -1.60
C VAL A 221 24.53 9.64 -1.60
N GLY A 222 24.34 10.94 -1.80
CA GLY A 222 25.43 11.91 -1.80
C GLY A 222 26.10 11.96 -0.43
N PRO A 223 25.42 12.55 0.56
CA PRO A 223 25.90 12.63 1.93
C PRO A 223 26.14 11.25 2.53
N PHE A 224 25.37 10.25 2.08
CA PHE A 224 25.50 8.88 2.56
C PHE A 224 26.65 8.09 1.94
N LEU A 225 27.45 8.74 1.09
CA LEU A 225 28.61 8.12 0.46
C LEU A 225 29.79 9.11 0.47
N ARG A 226 29.63 10.24 1.19
CA ARG A 226 30.64 11.28 1.27
C ARG A 226 31.08 11.74 -0.12
N SER A 227 30.13 11.81 -1.05
CA SER A 227 30.39 12.22 -2.43
C SER A 227 30.86 13.67 -2.48
N GLY A 1 -32.11 -10.92 0.87
CA GLY A 1 -32.40 -11.59 -0.41
C GLY A 1 -32.63 -13.08 -0.21
N ALA A 2 -33.53 -13.66 -1.01
CA ALA A 2 -33.81 -15.09 -0.93
C ALA A 2 -32.63 -15.92 -1.45
N MET A 3 -32.63 -17.22 -1.16
CA MET A 3 -31.54 -18.11 -1.53
C MET A 3 -31.53 -18.36 -3.05
N GLU A 4 -32.63 -18.02 -3.74
CA GLU A 4 -32.76 -18.19 -5.17
C GLU A 4 -32.15 -17.01 -5.94
N ARG A 5 -31.48 -16.11 -5.21
CA ARG A 5 -30.91 -14.90 -5.79
C ARG A 5 -29.39 -14.97 -5.77
N VAL A 6 -28.76 -14.26 -6.72
CA VAL A 6 -27.31 -14.17 -6.90
C VAL A 6 -26.63 -15.52 -6.65
N ASN A 7 -25.38 -15.49 -6.19
CA ASN A 7 -24.60 -16.70 -5.95
C ASN A 7 -23.87 -16.62 -4.62
N PRO A 8 -24.58 -16.86 -3.49
CA PRO A 8 -24.01 -16.82 -2.17
C PRO A 8 -23.03 -17.98 -1.97
N GLU A 9 -23.12 -18.99 -2.83
CA GLU A 9 -22.19 -20.10 -2.83
C GLU A 9 -20.74 -19.64 -2.95
N ASN A 10 -20.51 -18.45 -3.53
CA ASN A 10 -19.16 -17.91 -3.67
C ASN A 10 -18.58 -17.52 -2.31
N LYS A 11 -19.26 -16.62 -1.58
CA LYS A 11 -18.81 -16.20 -0.27
C LYS A 11 -18.89 -17.36 0.72
N ALA A 12 -19.83 -18.30 0.51
CA ALA A 12 -19.96 -19.44 1.38
C ALA A 12 -18.84 -20.46 1.16
N ALA A 13 -18.29 -20.54 -0.05
CA ALA A 13 -17.22 -21.48 -0.35
C ALA A 13 -15.95 -21.09 0.38
N LEU A 14 -15.58 -19.81 0.34
CA LEU A 14 -14.40 -19.34 1.03
C LEU A 14 -14.62 -19.33 2.54
N GLU A 15 -15.88 -19.26 3.01
CA GLU A 15 -16.16 -19.31 4.43
C GLU A 15 -15.85 -20.70 4.98
N ALA A 16 -16.22 -21.74 4.24
CA ALA A 16 -15.85 -23.11 4.57
C ALA A 16 -14.33 -23.33 4.47
N TRP A 17 -13.62 -22.48 3.74
CA TRP A 17 -12.17 -22.57 3.67
C TRP A 17 -11.48 -21.89 4.84
N VAL A 18 -11.77 -20.60 5.07
CA VAL A 18 -11.12 -19.86 6.15
C VAL A 18 -11.31 -20.57 7.50
N ARG A 19 -12.40 -21.32 7.66
CA ARG A 19 -12.68 -22.02 8.90
C ARG A 19 -11.80 -23.27 9.04
N GLU A 20 -11.30 -23.81 7.92
CA GLU A 20 -10.49 -25.02 7.94
C GLU A 20 -9.01 -24.67 8.14
N THR A 21 -8.65 -23.39 8.00
CA THR A 21 -7.29 -22.94 8.25
C THR A 21 -7.28 -22.11 9.54
N GLY A 22 -8.44 -21.55 9.91
CA GLY A 22 -8.56 -20.77 11.14
C GLY A 22 -8.13 -19.32 10.94
N ILE A 23 -8.12 -18.83 9.69
CA ILE A 23 -7.67 -17.48 9.39
C ILE A 23 -8.77 -16.45 9.71
N ARG A 24 -10.03 -16.85 9.51
CA ARG A 24 -11.20 -16.02 9.81
C ARG A 24 -11.04 -14.58 9.31
N LEU A 25 -11.39 -14.34 8.04
CA LEU A 25 -11.26 -13.04 7.40
C LEU A 25 -11.85 -11.94 8.26
N VAL A 26 -11.11 -10.86 8.46
CA VAL A 26 -11.60 -9.71 9.23
C VAL A 26 -12.29 -8.70 8.32
N GLN A 27 -13.54 -8.36 8.64
CA GLN A 27 -14.29 -7.35 7.91
C GLN A 27 -13.87 -5.95 8.35
N VAL A 28 -13.89 -5.01 7.39
CA VAL A 28 -13.51 -3.63 7.64
C VAL A 28 -14.47 -2.68 6.92
N ASN A 29 -15.58 -2.35 7.57
CA ASN A 29 -16.60 -1.47 6.98
C ASN A 29 -17.08 -1.97 5.63
N GLY A 30 -16.92 -3.27 5.36
CA GLY A 30 -17.35 -3.88 4.10
C GLY A 30 -16.17 -4.39 3.29
N GLN A 31 -14.96 -3.93 3.60
CA GLN A 31 -13.74 -4.43 2.98
C GLN A 31 -13.33 -5.73 3.68
N ARG A 32 -12.36 -6.46 3.11
CA ARG A 32 -12.00 -7.78 3.62
C ARG A 32 -10.50 -8.01 3.52
N LYS A 33 -9.92 -8.66 4.54
CA LYS A 33 -8.49 -8.96 4.56
C LYS A 33 -8.20 -10.35 5.12
N TYR A 34 -7.22 -11.03 4.53
CA TYR A 34 -6.75 -12.34 4.96
C TYR A 34 -5.48 -12.32 5.79
N GLY A 35 -5.37 -13.20 6.79
CA GLY A 35 -4.18 -13.29 7.61
C GLY A 35 -4.18 -14.56 8.45
N GLY A 36 -3.49 -15.59 7.96
CA GLY A 36 -3.36 -16.86 8.64
C GLY A 36 -2.66 -17.88 7.73
N PRO A 37 -1.37 -17.67 7.46
CA PRO A 37 -0.60 -18.46 6.51
C PRO A 37 -0.63 -19.95 6.84
N PRO A 38 -0.38 -20.81 5.82
CA PRO A 38 -0.28 -22.24 5.99
C PRO A 38 0.84 -22.62 6.97
N PRO A 39 0.86 -23.87 7.42
CA PRO A 39 1.91 -24.37 8.31
C PRO A 39 3.25 -24.41 7.58
N GLY A 40 4.31 -24.80 8.31
CA GLY A 40 5.65 -24.92 7.74
C GLY A 40 6.45 -23.63 7.88
N TRP A 41 5.81 -22.54 8.31
CA TRP A 41 6.50 -21.28 8.54
C TRP A 41 5.73 -20.40 9.53
N VAL A 42 6.46 -19.53 10.24
CA VAL A 42 5.87 -18.59 11.17
C VAL A 42 6.84 -17.41 11.36
N GLY A 43 6.28 -16.21 11.57
CA GLY A 43 7.09 -15.01 11.73
C GLY A 43 6.47 -13.85 10.94
N SER A 44 7.28 -12.82 10.67
CA SER A 44 6.86 -11.68 9.87
C SER A 44 8.05 -11.15 9.09
N PRO A 45 7.81 -10.67 7.86
CA PRO A 45 8.86 -10.19 6.97
C PRO A 45 9.44 -8.86 7.47
N PRO A 46 10.77 -8.72 7.41
CA PRO A 46 11.45 -7.47 7.68
C PRO A 46 11.29 -6.52 6.49
N PRO A 47 11.69 -5.25 6.63
CA PRO A 47 11.69 -4.30 5.54
C PRO A 47 12.53 -4.84 4.37
N ALA A 48 11.87 -5.09 3.24
CA ALA A 48 12.50 -5.74 2.09
C ALA A 48 11.81 -5.40 0.77
N GLY A 49 10.69 -4.68 0.80
CA GLY A 49 9.91 -4.43 -0.40
C GLY A 49 9.09 -5.66 -0.79
N SER A 50 8.85 -6.55 0.18
CA SER A 50 8.02 -7.74 -0.02
C SER A 50 6.57 -7.37 -0.38
N GLU A 51 6.19 -6.11 -0.18
CA GLU A 51 4.86 -5.64 -0.57
C GLU A 51 4.63 -5.77 -2.07
N VAL A 52 3.39 -6.10 -2.45
CA VAL A 52 3.01 -6.30 -3.85
C VAL A 52 1.53 -5.97 -3.99
N PHE A 53 1.13 -5.46 -5.16
CA PHE A 53 -0.24 -5.07 -5.42
C PHE A 53 -0.73 -5.39 -6.83
N ILE A 54 -1.82 -6.14 -6.94
CA ILE A 54 -2.51 -6.33 -8.21
C ILE A 54 -3.59 -5.26 -8.39
N GLY A 55 -3.76 -4.79 -9.63
CA GLY A 55 -4.75 -3.79 -9.98
C GLY A 55 -5.43 -4.14 -11.31
N ARG A 56 -6.46 -3.37 -11.69
CA ARG A 56 -7.25 -3.62 -12.88
C ARG A 56 -7.87 -5.02 -12.87
N LEU A 57 -8.13 -5.57 -11.67
CA LEU A 57 -8.75 -6.88 -11.56
C LEU A 57 -10.20 -6.78 -12.01
N PRO A 58 -10.80 -7.89 -12.46
CA PRO A 58 -12.20 -7.93 -12.84
C PRO A 58 -13.06 -7.93 -11.58
N GLN A 59 -14.34 -7.57 -11.72
CA GLN A 59 -15.24 -7.49 -10.58
C GLN A 59 -15.85 -8.85 -10.23
N ASP A 60 -15.68 -9.86 -11.11
CA ASP A 60 -16.29 -11.16 -10.88
C ASP A 60 -15.40 -12.10 -10.06
N VAL A 61 -14.09 -11.83 -10.00
CA VAL A 61 -13.16 -12.67 -9.27
C VAL A 61 -13.20 -12.39 -7.76
N TYR A 62 -13.13 -13.45 -6.95
CA TYR A 62 -13.17 -13.33 -5.50
C TYR A 62 -11.82 -13.64 -4.86
N GLU A 63 -11.84 -13.77 -3.53
CA GLU A 63 -10.63 -13.86 -2.73
C GLU A 63 -10.05 -15.26 -2.81
N HIS A 64 -10.92 -16.25 -3.06
CA HIS A 64 -10.51 -17.65 -3.14
C HIS A 64 -9.73 -17.94 -4.44
N GLN A 65 -9.52 -16.91 -5.26
CA GLN A 65 -8.79 -17.06 -6.51
C GLN A 65 -7.51 -16.23 -6.49
N LEU A 66 -7.61 -15.01 -5.95
CA LEU A 66 -6.46 -14.13 -5.86
C LEU A 66 -5.49 -14.64 -4.79
N ILE A 67 -6.00 -15.27 -3.73
CA ILE A 67 -5.13 -15.67 -2.65
C ILE A 67 -4.22 -16.85 -3.03
N PRO A 68 -4.77 -17.97 -3.55
CA PRO A 68 -3.95 -19.09 -3.99
C PRO A 68 -2.97 -18.67 -5.07
N LEU A 69 -3.36 -17.70 -5.91
CA LEU A 69 -2.52 -17.15 -6.94
C LEU A 69 -1.29 -16.46 -6.33
N PHE A 70 -1.43 -16.01 -5.08
CA PHE A 70 -0.29 -15.50 -4.33
C PHE A 70 0.51 -16.54 -3.57
N GLN A 71 -0.16 -17.59 -3.09
CA GLN A 71 0.49 -18.62 -2.30
C GLN A 71 1.28 -19.58 -3.19
N ARG A 72 1.11 -19.48 -4.52
CA ARG A 72 1.82 -20.34 -5.45
C ARG A 72 3.15 -19.72 -5.88
N VAL A 73 3.21 -18.39 -6.00
CA VAL A 73 4.44 -17.70 -6.39
C VAL A 73 5.38 -17.49 -5.21
N GLY A 74 4.83 -17.48 -3.99
CA GLY A 74 5.64 -17.30 -2.79
C GLY A 74 4.82 -17.44 -1.53
N ARG A 75 5.52 -17.52 -0.39
CA ARG A 75 4.88 -17.58 0.91
C ARG A 75 4.16 -16.27 1.22
N LEU A 76 2.84 -16.34 1.38
CA LEU A 76 2.03 -15.18 1.72
C LEU A 76 2.10 -14.95 3.22
N TYR A 77 2.31 -13.70 3.65
CA TYR A 77 2.22 -13.34 5.05
C TYR A 77 0.89 -12.68 5.42
N GLU A 78 0.35 -11.85 4.52
CA GLU A 78 -0.96 -11.25 4.72
C GLU A 78 -1.49 -10.69 3.39
N PHE A 79 -2.68 -11.11 2.98
CA PHE A 79 -3.32 -10.63 1.76
C PHE A 79 -4.47 -9.71 2.16
N ARG A 80 -4.85 -8.77 1.28
CA ARG A 80 -5.98 -7.88 1.53
C ARG A 80 -6.70 -7.58 0.23
N LEU A 81 -8.03 -7.39 0.29
CA LEU A 81 -8.84 -7.25 -0.92
C LEU A 81 -10.01 -6.31 -0.69
N MET A 82 -10.20 -5.33 -1.58
CA MET A 82 -11.33 -4.41 -1.49
C MET A 82 -12.41 -4.82 -2.50
N MET A 83 -13.65 -4.92 -1.99
CA MET A 83 -14.82 -5.30 -2.78
C MET A 83 -15.97 -4.29 -2.55
N THR A 84 -15.67 -3.13 -1.96
CA THR A 84 -16.69 -2.20 -1.49
C THR A 84 -17.65 -1.69 -2.58
N PHE A 85 -18.87 -1.37 -2.15
CA PHE A 85 -20.02 -1.02 -2.98
C PHE A 85 -20.38 -1.96 -4.14
N SER A 86 -21.64 -1.90 -4.56
CA SER A 86 -22.18 -2.73 -5.63
C SER A 86 -21.72 -2.23 -6.99
N GLY A 87 -22.29 -2.80 -8.06
CA GLY A 87 -21.94 -2.44 -9.42
C GLY A 87 -20.82 -3.30 -9.94
N LEU A 88 -19.58 -3.03 -9.50
CA LEU A 88 -18.42 -3.80 -9.93
C LEU A 88 -17.33 -3.80 -8.85
N ASN A 89 -17.69 -3.41 -7.63
CA ASN A 89 -16.82 -3.51 -6.49
C ASN A 89 -15.58 -2.62 -6.66
N ARG A 90 -14.67 -2.68 -5.69
CA ARG A 90 -13.49 -1.83 -5.70
C ARG A 90 -12.38 -2.42 -6.57
N GLY A 91 -12.45 -3.74 -6.83
CA GLY A 91 -11.61 -4.39 -7.81
C GLY A 91 -10.10 -4.19 -7.60
N PHE A 92 -9.59 -4.24 -6.36
CA PHE A 92 -8.14 -4.17 -6.17
C PHE A 92 -7.75 -4.87 -4.87
N ALA A 93 -6.52 -5.39 -4.85
CA ALA A 93 -6.00 -6.12 -3.72
C ALA A 93 -4.48 -6.00 -3.65
N TYR A 94 -3.91 -6.28 -2.47
CA TYR A 94 -2.47 -6.26 -2.31
C TYR A 94 -2.10 -7.29 -1.25
N ALA A 95 -0.80 -7.59 -1.15
CA ALA A 95 -0.31 -8.59 -0.22
C ALA A 95 1.15 -8.35 0.15
N ARG A 96 1.55 -8.83 1.33
CA ARG A 96 2.94 -8.77 1.76
C ARG A 96 3.52 -10.18 1.81
N TYR A 97 4.67 -10.38 1.17
CA TYR A 97 5.35 -11.67 1.16
C TYR A 97 6.33 -11.86 2.32
N SER A 98 6.61 -13.11 2.71
CA SER A 98 7.60 -13.39 3.74
C SER A 98 8.98 -12.90 3.32
N SER A 99 9.19 -12.70 2.02
CA SER A 99 10.43 -12.14 1.50
C SER A 99 10.21 -11.42 0.19
N ARG A 100 11.14 -10.55 -0.18
CA ARG A 100 11.07 -9.79 -1.42
C ARG A 100 11.24 -10.72 -2.61
N ARG A 101 11.92 -11.86 -2.43
CA ARG A 101 12.08 -12.85 -3.49
C ARG A 101 10.73 -13.44 -3.87
N GLY A 102 9.80 -13.52 -2.92
CA GLY A 102 8.45 -13.98 -3.17
C GLY A 102 7.66 -12.90 -3.90
N ALA A 103 7.96 -11.64 -3.56
CA ALA A 103 7.31 -10.49 -4.16
C ALA A 103 7.76 -10.27 -5.60
N GLN A 104 9.05 -10.55 -5.87
CA GLN A 104 9.62 -10.37 -7.20
C GLN A 104 9.10 -11.43 -8.16
N ALA A 105 8.91 -12.65 -7.64
CA ALA A 105 8.34 -13.72 -8.43
C ALA A 105 6.87 -13.43 -8.73
N ALA A 106 6.14 -12.90 -7.73
CA ALA A 106 4.71 -12.66 -7.86
C ALA A 106 4.41 -11.72 -9.03
N ILE A 107 5.06 -10.55 -9.05
CA ILE A 107 4.86 -9.61 -10.15
C ILE A 107 5.25 -10.26 -11.47
N ALA A 108 6.44 -10.85 -11.56
CA ALA A 108 6.91 -11.47 -12.79
C ALA A 108 6.05 -12.65 -13.23
N THR A 109 5.06 -13.05 -12.42
CA THR A 109 4.24 -14.22 -12.69
C THR A 109 2.76 -13.83 -12.85
N LEU A 110 2.32 -12.80 -12.15
CA LEU A 110 0.93 -12.38 -12.19
C LEU A 110 0.73 -11.26 -13.21
N HIS A 111 1.72 -10.37 -13.37
CA HIS A 111 1.65 -9.25 -14.30
C HIS A 111 1.64 -9.68 -15.77
N ASN A 112 1.49 -10.98 -16.04
CA ASN A 112 1.41 -11.48 -17.41
C ASN A 112 0.48 -12.70 -17.48
N HIS A 113 -0.26 -12.96 -16.39
CA HIS A 113 -1.15 -14.10 -16.30
C HIS A 113 -2.56 -13.72 -16.76
N PRO A 114 -3.13 -14.42 -17.74
CA PRO A 114 -4.48 -14.22 -18.22
C PRO A 114 -5.48 -14.83 -17.24
N LEU A 115 -5.58 -14.23 -16.05
CA LEU A 115 -6.48 -14.71 -15.00
C LEU A 115 -7.93 -14.78 -15.50
N ARG A 116 -8.33 -13.79 -16.31
CA ARG A 116 -9.66 -13.71 -16.88
C ARG A 116 -9.57 -13.10 -18.28
N PRO A 117 -10.58 -13.32 -19.14
CA PRO A 117 -10.62 -12.72 -20.47
C PRO A 117 -10.60 -11.21 -20.39
N SER A 118 -9.95 -10.56 -21.37
CA SER A 118 -9.87 -9.11 -21.46
C SER A 118 -9.41 -8.49 -20.14
N CYS A 119 -8.43 -9.11 -19.47
CA CYS A 119 -7.95 -8.66 -18.19
C CYS A 119 -6.44 -8.85 -18.06
N PRO A 120 -5.66 -7.89 -18.58
CA PRO A 120 -4.22 -7.81 -18.40
C PRO A 120 -3.91 -7.41 -16.95
N LEU A 121 -4.22 -8.31 -16.01
CA LEU A 121 -4.02 -8.10 -14.58
C LEU A 121 -2.68 -7.42 -14.29
N LEU A 122 -2.74 -6.13 -13.91
CA LEU A 122 -1.57 -5.31 -13.64
C LEU A 122 -1.04 -5.61 -12.24
N VAL A 123 0.30 -5.63 -12.08
CA VAL A 123 0.91 -5.80 -10.77
C VAL A 123 2.08 -4.85 -10.53
N CYS A 124 2.49 -4.70 -9.26
CA CYS A 124 3.58 -3.81 -8.89
C CYS A 124 4.05 -4.15 -7.47
N ARG A 125 5.12 -3.50 -7.01
CA ARG A 125 5.68 -3.72 -5.68
C ARG A 125 6.30 -2.43 -5.14
N SER A 126 5.94 -1.29 -5.75
CA SER A 126 6.60 -0.02 -5.48
C SER A 126 6.06 0.65 -4.22
N THR A 127 4.74 0.59 -4.01
CA THR A 127 4.11 1.20 -2.85
C THR A 127 4.37 0.46 -1.54
N GLU A 128 4.49 1.20 -0.44
CA GLU A 128 4.76 0.62 0.86
C GLU A 128 4.19 1.48 1.99
N LYS A 129 3.92 2.77 1.70
CA LYS A 129 3.33 3.72 2.62
C LYS A 129 4.12 3.96 3.91
N CYS A 130 5.17 3.18 4.16
CA CYS A 130 6.05 3.43 5.29
C CYS A 130 6.74 4.79 5.20
N GLU A 131 6.62 5.46 4.05
CA GLU A 131 7.18 6.78 3.85
C GLU A 131 6.15 7.69 3.20
N LEU A 132 6.26 8.99 3.46
CA LEU A 132 5.32 9.98 2.99
C LEU A 132 6.09 11.07 2.23
N SER A 133 5.42 11.76 1.31
CA SER A 133 6.04 12.84 0.55
C SER A 133 5.12 14.06 0.57
N VAL A 134 5.71 15.25 0.73
CA VAL A 134 4.96 16.49 0.82
C VAL A 134 5.41 17.46 -0.26
N ASP A 135 4.56 18.43 -0.62
CA ASP A 135 4.82 19.32 -1.74
C ASP A 135 4.16 20.67 -1.51
N GLY A 136 4.67 21.72 -2.16
CA GLY A 136 4.18 23.09 -1.99
C GLY A 136 4.72 23.69 -0.70
N LEU A 137 4.36 23.07 0.43
CA LEU A 137 4.81 23.46 1.76
C LEU A 137 4.38 24.90 2.12
N PRO A 138 4.63 25.32 3.37
CA PRO A 138 4.48 26.69 3.81
C PRO A 138 5.45 27.63 3.06
N PRO A 139 5.34 28.94 3.27
CA PRO A 139 6.07 29.94 2.52
C PRO A 139 7.58 29.85 2.77
N ASN A 140 7.97 29.85 4.04
CA ASN A 140 9.37 29.91 4.44
C ASN A 140 9.64 29.06 5.68
N LEU A 141 8.60 28.39 6.17
CA LEU A 141 8.67 27.64 7.43
C LEU A 141 9.79 26.60 7.40
N THR A 142 10.44 26.41 8.56
CA THR A 142 11.53 25.45 8.71
C THR A 142 11.04 24.03 8.94
N ARG A 143 11.93 23.05 8.72
CA ARG A 143 11.63 21.63 8.91
C ARG A 143 11.04 21.36 10.29
N SER A 144 11.65 21.96 11.31
CA SER A 144 11.31 21.63 12.70
C SER A 144 9.83 21.85 12.96
N ALA A 145 9.24 22.87 12.33
CA ALA A 145 7.83 23.16 12.47
C ALA A 145 6.97 22.28 11.57
N LEU A 146 7.48 21.87 10.41
CA LEU A 146 6.74 20.95 9.54
C LEU A 146 6.42 19.67 10.31
N LEU A 147 7.42 19.07 10.97
CA LEU A 147 7.23 17.82 11.70
C LEU A 147 6.25 18.02 12.84
N LEU A 148 6.47 19.06 13.64
CA LEU A 148 5.63 19.37 14.79
C LEU A 148 4.19 19.62 14.35
N ALA A 149 4.01 20.27 13.21
CA ALA A 149 2.68 20.57 12.68
C ALA A 149 1.90 19.29 12.37
N LEU A 150 2.59 18.20 12.01
CA LEU A 150 1.93 16.95 11.67
C LEU A 150 2.14 15.88 12.76
N GLN A 151 2.82 16.22 13.85
CA GLN A 151 3.12 15.26 14.90
C GLN A 151 1.90 14.88 15.73
N PRO A 152 0.96 15.80 16.02
CA PRO A 152 -0.22 15.50 16.83
C PRO A 152 -1.26 14.73 16.02
N LEU A 153 -1.28 14.91 14.69
CA LEU A 153 -2.28 14.28 13.84
C LEU A 153 -1.81 12.91 13.35
N GLY A 154 -0.54 12.57 13.59
CA GLY A 154 -0.03 11.24 13.25
C GLY A 154 1.31 10.99 13.94
N PRO A 155 1.28 10.45 15.16
CA PRO A 155 2.45 10.01 15.89
C PRO A 155 3.17 8.88 15.15
N GLY A 156 4.33 8.48 15.68
CA GLY A 156 5.09 7.36 15.15
C GLY A 156 6.17 7.81 14.17
N LEU A 157 6.25 9.10 13.86
CA LEU A 157 7.26 9.60 12.94
C LEU A 157 8.67 9.33 13.48
N GLN A 158 9.49 8.64 12.69
CA GLN A 158 10.85 8.30 13.10
C GLN A 158 11.82 9.43 12.74
N GLU A 159 11.73 9.91 11.50
CA GLU A 159 12.64 10.92 10.99
C GLU A 159 12.08 11.56 9.72
N ALA A 160 12.64 12.72 9.35
CA ALA A 160 12.21 13.45 8.16
C ALA A 160 13.35 14.28 7.59
N ARG A 161 13.32 14.46 6.27
CA ARG A 161 14.33 15.24 5.56
C ARG A 161 13.67 15.97 4.40
N LEU A 162 14.04 17.21 4.13
CA LEU A 162 13.43 17.98 3.06
C LEU A 162 14.47 18.75 2.26
N LEU A 163 14.47 18.52 0.95
CA LEU A 163 15.27 19.26 -0.03
C LEU A 163 14.93 18.76 -1.43
N PRO A 164 15.24 17.49 -1.76
CA PRO A 164 15.14 16.97 -3.11
C PRO A 164 13.72 17.03 -3.63
N SER A 165 13.55 17.47 -4.88
CA SER A 165 12.24 17.71 -5.46
C SER A 165 12.27 17.35 -6.95
N PRO A 166 11.17 16.82 -7.50
CA PRO A 166 11.05 16.51 -8.90
C PRO A 166 11.10 17.79 -9.74
N GLY A 167 11.67 17.70 -10.95
CA GLY A 167 11.79 18.83 -11.85
C GLY A 167 10.54 19.01 -12.70
N PRO A 168 10.65 19.85 -13.72
CA PRO A 168 11.80 20.67 -14.05
C PRO A 168 11.88 21.90 -13.13
N ALA A 169 10.75 22.31 -12.55
CA ALA A 169 10.68 23.50 -11.72
C ALA A 169 11.11 23.20 -10.28
N PRO A 170 11.65 24.22 -9.58
CA PRO A 170 11.98 24.13 -8.17
C PRO A 170 10.71 24.13 -7.31
N GLY A 171 10.87 24.04 -5.99
CA GLY A 171 9.73 24.04 -5.08
C GLY A 171 10.00 23.31 -3.78
N GLN A 172 11.18 22.67 -3.64
CA GLN A 172 11.51 21.82 -2.50
C GLN A 172 10.49 20.70 -2.25
N ILE A 173 10.90 19.67 -1.51
CA ILE A 173 9.99 18.60 -1.10
C ILE A 173 10.40 18.08 0.28
N ALA A 174 9.43 17.64 1.09
CA ALA A 174 9.70 17.05 2.40
C ALA A 174 9.35 15.56 2.38
N LEU A 175 10.24 14.73 2.92
CA LEU A 175 9.97 13.30 3.04
C LEU A 175 9.93 12.86 4.50
N LEU A 176 8.91 12.08 4.81
CA LEU A 176 8.62 11.63 6.16
C LEU A 176 8.70 10.11 6.28
N LYS A 177 9.43 9.63 7.30
CA LYS A 177 9.44 8.22 7.66
C LYS A 177 8.67 7.98 8.94
N PHE A 178 7.73 7.04 8.91
CA PHE A 178 6.88 6.72 10.05
C PHE A 178 7.19 5.33 10.62
N SER A 179 6.71 5.05 11.83
CA SER A 179 6.92 3.75 12.48
C SER A 179 6.10 2.65 11.82
N SER A 180 5.04 3.01 11.09
CA SER A 180 4.21 2.04 10.39
C SER A 180 3.52 2.72 9.21
N HIS A 181 3.04 1.93 8.25
CA HIS A 181 2.39 2.48 7.07
C HIS A 181 1.16 3.30 7.47
N ARG A 182 0.24 2.71 8.25
CA ARG A 182 -0.95 3.41 8.70
C ARG A 182 -0.62 4.69 9.46
N ALA A 183 0.47 4.73 10.23
CA ALA A 183 0.84 5.94 10.95
C ALA A 183 1.04 7.10 9.99
N ALA A 184 1.59 6.83 8.79
CA ALA A 184 1.74 7.84 7.77
C ALA A 184 0.39 8.18 7.15
N ALA A 185 -0.50 7.18 7.04
CA ALA A 185 -1.82 7.40 6.46
C ALA A 185 -2.69 8.24 7.39
N MET A 186 -2.60 8.04 8.70
CA MET A 186 -3.38 8.84 9.65
C MET A 186 -2.96 10.30 9.55
N ALA A 187 -1.67 10.55 9.35
CA ALA A 187 -1.18 11.91 9.18
C ALA A 187 -1.62 12.45 7.83
N LYS A 188 -1.41 11.69 6.74
CA LYS A 188 -1.77 12.14 5.41
C LYS A 188 -3.27 12.38 5.33
N LYS A 189 -4.06 11.57 6.03
CA LYS A 189 -5.51 11.66 6.00
C LYS A 189 -5.97 12.98 6.60
N ALA A 190 -5.35 13.41 7.69
CA ALA A 190 -5.70 14.67 8.32
C ALA A 190 -5.44 15.84 7.36
N LEU A 191 -4.41 15.69 6.53
CA LEU A 191 -3.96 16.75 5.65
C LEU A 191 -4.85 16.86 4.43
N VAL A 192 -5.37 15.73 3.93
CA VAL A 192 -6.36 15.75 2.86
C VAL A 192 -7.74 16.07 3.43
N GLU A 193 -7.98 15.74 4.70
CA GLU A 193 -9.26 16.03 5.34
C GLU A 193 -9.52 17.53 5.45
N GLY A 194 -8.47 18.35 5.47
CA GLY A 194 -8.64 19.80 5.43
C GLY A 194 -7.52 20.58 6.12
N GLN A 195 -6.37 19.94 6.39
CA GLN A 195 -5.27 20.60 7.07
C GLN A 195 -4.12 20.90 6.10
N SER A 196 -4.37 20.74 4.79
CA SER A 196 -3.41 21.03 3.73
C SER A 196 -3.11 22.54 3.59
N HIS A 197 -3.56 23.36 4.55
CA HIS A 197 -3.23 24.78 4.58
C HIS A 197 -2.63 25.13 5.94
N LEU A 198 -1.30 24.95 6.05
CA LEU A 198 -0.62 25.12 7.32
C LEU A 198 -0.59 26.59 7.74
N CYS A 199 -0.06 27.46 6.88
CA CYS A 199 -0.03 28.89 7.15
C CYS A 199 0.19 29.70 5.87
N GLY A 200 -0.89 30.31 5.37
CA GLY A 200 -0.82 31.28 4.28
C GLY A 200 -0.35 30.67 2.96
N GLU A 201 -0.27 29.35 2.87
CA GLU A 201 0.22 28.65 1.69
C GLU A 201 -0.46 27.28 1.64
N GLN A 202 0.19 26.27 1.06
CA GLN A 202 -0.46 24.99 0.81
C GLN A 202 0.54 23.86 0.93
N VAL A 203 0.08 22.72 1.44
CA VAL A 203 0.94 21.58 1.69
C VAL A 203 0.21 20.31 1.27
N ALA A 204 0.62 19.75 0.12
CA ALA A 204 -0.03 18.59 -0.47
C ALA A 204 0.60 17.31 0.08
N VAL A 205 -0.22 16.26 0.22
CA VAL A 205 0.23 15.00 0.74
C VAL A 205 0.04 13.92 -0.33
N GLU A 206 1.12 13.20 -0.63
CA GLU A 206 1.09 12.09 -1.55
C GLU A 206 2.20 11.10 -1.23
N TRP A 207 2.04 9.85 -1.67
CA TRP A 207 3.00 8.80 -1.39
C TRP A 207 4.17 8.82 -2.36
N LEU A 208 5.19 7.99 -2.09
CA LEU A 208 6.35 7.88 -2.94
C LEU A 208 5.97 7.30 -4.31
N LYS A 209 6.79 7.55 -5.32
CA LYS A 209 6.59 7.02 -6.67
C LYS A 209 7.90 6.43 -7.18
N PRO A 210 7.84 5.47 -8.11
CA PRO A 210 9.02 4.85 -8.67
C PRO A 210 9.82 5.86 -9.50
N ASP A 211 9.11 6.78 -10.17
CA ASP A 211 9.75 7.82 -10.97
C ASP A 211 10.27 8.96 -10.10
N LEU A 212 9.60 9.20 -8.97
CA LEU A 212 10.00 10.23 -8.02
C LEU A 212 11.28 9.82 -7.32
N LYS A 213 11.35 8.55 -6.92
CA LYS A 213 12.44 8.02 -6.10
C LYS A 213 13.75 8.00 -6.88
N GLN A 214 13.70 7.69 -8.17
CA GLN A 214 14.91 7.68 -8.98
C GLN A 214 15.42 9.12 -9.18
N ARG A 215 14.51 10.10 -9.27
CA ARG A 215 14.91 11.50 -9.40
C ARG A 215 15.37 12.03 -8.05
N LEU A 216 14.79 11.50 -6.97
CA LEU A 216 15.14 11.88 -5.61
C LEU A 216 16.57 11.47 -5.31
N ARG A 217 16.93 10.22 -5.60
CA ARG A 217 18.22 9.70 -5.17
C ARG A 217 19.34 10.25 -6.05
N GLN A 218 19.02 10.63 -7.30
CA GLN A 218 20.03 11.15 -8.22
C GLN A 218 20.46 12.56 -7.83
N GLN A 219 19.57 13.36 -7.23
CA GLN A 219 19.94 14.70 -6.79
C GLN A 219 20.33 14.71 -5.32
N LEU A 220 19.90 13.69 -4.56
CA LEU A 220 20.24 13.59 -3.14
C LEU A 220 21.68 13.10 -2.98
N VAL A 221 22.12 12.16 -3.84
CA VAL A 221 23.47 11.61 -3.76
C VAL A 221 24.53 12.66 -4.09
N GLY A 222 24.12 13.84 -4.57
CA GLY A 222 25.04 14.91 -4.89
C GLY A 222 25.76 15.41 -3.64
N PRO A 223 25.06 16.14 -2.76
CA PRO A 223 25.60 16.63 -1.50
C PRO A 223 26.15 15.50 -0.63
N PHE A 224 25.65 14.27 -0.82
CA PHE A 224 26.10 13.12 -0.07
C PHE A 224 27.34 12.42 -0.63
N LEU A 225 27.91 12.97 -1.71
CA LEU A 225 29.10 12.40 -2.34
C LEU A 225 30.15 13.48 -2.61
N ARG A 226 29.73 14.75 -2.70
CA ARG A 226 30.65 15.85 -2.96
C ARG A 226 30.09 17.16 -2.40
N SER A 227 30.93 18.20 -2.37
CA SER A 227 30.52 19.54 -1.96
C SER A 227 29.67 20.19 -3.05
N GLY A 1 -37.65 -15.42 -7.85
CA GLY A 1 -38.26 -14.57 -6.82
C GLY A 1 -37.22 -14.08 -5.82
N ALA A 2 -37.16 -14.74 -4.66
CA ALA A 2 -36.19 -14.40 -3.62
C ALA A 2 -35.89 -15.63 -2.74
N MET A 3 -35.04 -15.44 -1.73
CA MET A 3 -34.49 -16.53 -0.94
C MET A 3 -33.70 -17.51 -1.81
N GLU A 4 -33.34 -17.06 -3.01
CA GLU A 4 -32.58 -17.85 -3.96
C GLU A 4 -31.75 -16.93 -4.85
N ARG A 5 -31.61 -15.66 -4.44
CA ARG A 5 -30.97 -14.64 -5.24
C ARG A 5 -29.45 -14.86 -5.33
N VAL A 6 -28.85 -14.21 -6.35
CA VAL A 6 -27.41 -14.24 -6.64
C VAL A 6 -26.79 -15.62 -6.38
N ASN A 7 -25.51 -15.65 -6.01
CA ASN A 7 -24.79 -16.88 -5.76
C ASN A 7 -23.94 -16.77 -4.50
N PRO A 8 -24.56 -16.93 -3.33
CA PRO A 8 -23.87 -16.85 -2.04
C PRO A 8 -22.92 -18.03 -1.86
N GLU A 9 -23.08 -19.08 -2.65
CA GLU A 9 -22.20 -20.24 -2.64
C GLU A 9 -20.74 -19.84 -2.92
N ASN A 10 -20.53 -18.70 -3.58
CA ASN A 10 -19.18 -18.23 -3.88
C ASN A 10 -18.49 -17.77 -2.61
N LYS A 11 -19.11 -16.83 -1.87
CA LYS A 11 -18.55 -16.34 -0.62
C LYS A 11 -18.64 -17.43 0.46
N ALA A 12 -19.56 -18.38 0.32
CA ALA A 12 -19.63 -19.52 1.22
C ALA A 12 -18.45 -20.46 0.96
N ALA A 13 -17.94 -20.50 -0.27
CA ALA A 13 -16.83 -21.39 -0.61
C ALA A 13 -15.54 -20.93 0.05
N LEU A 14 -15.26 -19.62 0.06
CA LEU A 14 -14.07 -19.11 0.72
C LEU A 14 -14.21 -19.20 2.23
N GLU A 15 -15.45 -19.17 2.76
CA GLU A 15 -15.65 -19.32 4.20
C GLU A 15 -15.27 -20.74 4.62
N ALA A 16 -15.68 -21.74 3.84
CA ALA A 16 -15.27 -23.11 4.05
C ALA A 16 -13.76 -23.30 3.86
N TRP A 17 -13.09 -22.37 3.16
CA TRP A 17 -11.65 -22.43 3.01
C TRP A 17 -10.91 -21.80 4.19
N VAL A 18 -11.21 -20.55 4.54
CA VAL A 18 -10.52 -19.89 5.64
C VAL A 18 -10.63 -20.71 6.93
N ARG A 19 -11.69 -21.51 7.09
CA ARG A 19 -11.88 -22.31 8.28
C ARG A 19 -10.95 -23.53 8.28
N GLU A 20 -10.50 -23.96 7.10
CA GLU A 20 -9.67 -25.15 7.00
C GLU A 20 -8.18 -24.79 7.15
N THR A 21 -7.85 -23.50 7.09
CA THR A 21 -6.49 -23.03 7.30
C THR A 21 -6.43 -22.33 8.66
N GLY A 22 -7.58 -21.83 9.15
CA GLY A 22 -7.64 -21.16 10.45
C GLY A 22 -7.19 -19.70 10.33
N ILE A 23 -7.27 -19.12 9.13
CA ILE A 23 -6.81 -17.76 8.90
C ILE A 23 -7.84 -16.74 9.39
N ARG A 24 -9.13 -17.10 9.28
CA ARG A 24 -10.25 -16.27 9.70
C ARG A 24 -10.11 -14.81 9.26
N LEU A 25 -10.56 -14.52 8.03
CA LEU A 25 -10.48 -13.19 7.46
C LEU A 25 -11.00 -12.14 8.44
N VAL A 26 -10.20 -11.09 8.69
CA VAL A 26 -10.62 -10.00 9.55
C VAL A 26 -11.43 -9.00 8.73
N GLN A 27 -12.69 -8.80 9.13
CA GLN A 27 -13.58 -7.88 8.45
C GLN A 27 -13.29 -6.44 8.84
N VAL A 28 -13.50 -5.51 7.90
CA VAL A 28 -13.30 -4.09 8.12
C VAL A 28 -14.50 -3.30 7.58
N ASN A 29 -15.56 -3.23 8.41
CA ASN A 29 -16.81 -2.55 8.03
C ASN A 29 -17.43 -3.13 6.75
N GLY A 30 -17.00 -4.33 6.34
CA GLY A 30 -17.51 -4.98 5.14
C GLY A 30 -16.38 -5.31 4.17
N GLN A 31 -15.23 -4.63 4.30
CA GLN A 31 -14.05 -4.97 3.54
C GLN A 31 -13.37 -6.17 4.19
N ARG A 32 -12.35 -6.75 3.56
CA ARG A 32 -11.79 -8.02 4.03
C ARG A 32 -10.30 -8.12 3.76
N LYS A 33 -9.58 -8.75 4.69
CA LYS A 33 -8.15 -8.95 4.56
C LYS A 33 -7.70 -10.32 5.09
N TYR A 34 -6.77 -10.94 4.37
CA TYR A 34 -6.22 -12.24 4.73
C TYR A 34 -4.85 -12.18 5.39
N GLY A 35 -4.62 -13.01 6.42
CA GLY A 35 -3.31 -13.10 7.05
C GLY A 35 -3.38 -13.64 8.46
N GLY A 36 -2.23 -13.68 9.14
CA GLY A 36 -2.11 -14.28 10.45
C GLY A 36 -1.85 -15.78 10.34
N PRO A 37 -0.79 -16.18 9.61
CA PRO A 37 -0.46 -17.58 9.38
C PRO A 37 -0.01 -18.25 10.68
N PRO A 38 -0.04 -19.59 10.72
CA PRO A 38 0.38 -20.38 11.86
C PRO A 38 1.89 -20.26 12.06
N PRO A 39 2.38 -20.63 13.26
CA PRO A 39 3.79 -20.57 13.62
C PRO A 39 4.61 -21.64 12.87
N GLY A 40 3.99 -22.33 11.91
CA GLY A 40 4.64 -23.37 11.13
C GLY A 40 5.68 -22.78 10.17
N TRP A 41 5.82 -21.45 10.13
CA TRP A 41 6.78 -20.78 9.29
C TRP A 41 7.32 -19.51 9.94
N VAL A 42 8.53 -19.10 9.56
CA VAL A 42 9.19 -17.93 10.11
C VAL A 42 9.96 -17.21 9.01
N GLY A 43 10.00 -15.87 9.07
CA GLY A 43 10.66 -15.05 8.07
C GLY A 43 10.88 -13.64 8.60
N SER A 44 10.22 -12.66 7.99
CA SER A 44 10.33 -11.24 8.35
C SER A 44 11.79 -10.77 8.28
N PRO A 45 12.43 -10.90 7.12
CA PRO A 45 13.78 -10.42 6.88
C PRO A 45 13.83 -8.89 6.88
N PRO A 46 15.03 -8.30 6.81
CA PRO A 46 15.21 -6.86 6.72
C PRO A 46 14.45 -6.26 5.53
N PRO A 47 14.31 -4.93 5.48
CA PRO A 47 13.54 -4.23 4.47
C PRO A 47 13.90 -4.67 3.05
N ALA A 48 12.87 -4.82 2.21
CA ALA A 48 13.03 -5.28 0.84
C ALA A 48 11.90 -4.76 -0.06
N GLY A 49 11.04 -3.89 0.48
CA GLY A 49 9.83 -3.46 -0.21
C GLY A 49 8.77 -4.56 -0.14
N SER A 50 9.06 -5.68 -0.81
CA SER A 50 8.29 -6.92 -0.71
C SER A 50 6.77 -6.71 -0.78
N GLU A 51 6.29 -5.65 -1.43
CA GLU A 51 4.86 -5.39 -1.54
C GLU A 51 4.44 -5.37 -3.00
N VAL A 52 3.18 -5.73 -3.27
CA VAL A 52 2.69 -5.94 -4.63
C VAL A 52 1.22 -5.57 -4.69
N PHE A 53 0.79 -5.00 -5.82
CA PHE A 53 -0.59 -4.59 -6.03
C PHE A 53 -1.18 -5.02 -7.35
N ILE A 54 -2.19 -5.88 -7.34
CA ILE A 54 -2.95 -6.20 -8.53
C ILE A 54 -4.07 -5.16 -8.76
N GLY A 55 -4.48 -5.01 -10.02
CA GLY A 55 -5.53 -4.07 -10.40
C GLY A 55 -6.14 -4.47 -11.74
N ARG A 56 -7.14 -3.71 -12.18
CA ARG A 56 -7.88 -3.99 -13.41
C ARG A 56 -8.49 -5.39 -13.39
N LEU A 57 -8.78 -5.91 -12.18
CA LEU A 57 -9.30 -7.25 -12.00
C LEU A 57 -10.79 -7.28 -12.36
N PRO A 58 -11.34 -8.48 -12.61
CA PRO A 58 -12.76 -8.68 -12.79
C PRO A 58 -13.52 -8.16 -11.56
N GLN A 59 -14.74 -7.70 -11.76
CA GLN A 59 -15.59 -7.23 -10.66
C GLN A 59 -16.38 -8.38 -10.06
N ASP A 60 -16.15 -9.59 -10.54
CA ASP A 60 -16.89 -10.76 -10.10
C ASP A 60 -15.91 -11.90 -9.80
N VAL A 61 -14.90 -11.61 -8.97
CA VAL A 61 -13.91 -12.59 -8.57
C VAL A 61 -13.56 -12.44 -7.09
N TYR A 62 -13.34 -13.57 -6.40
CA TYR A 62 -13.00 -13.55 -4.98
C TYR A 62 -11.56 -13.87 -4.64
N GLU A 63 -11.09 -13.29 -3.53
CA GLU A 63 -9.83 -13.65 -2.89
C GLU A 63 -9.50 -15.16 -2.97
N HIS A 64 -10.48 -16.07 -3.04
CA HIS A 64 -10.16 -17.50 -3.15
C HIS A 64 -9.52 -17.82 -4.50
N GLN A 65 -9.33 -16.80 -5.33
CA GLN A 65 -8.69 -16.94 -6.63
C GLN A 65 -7.40 -16.10 -6.63
N LEU A 66 -7.48 -14.88 -6.10
CA LEU A 66 -6.35 -13.97 -6.08
C LEU A 66 -5.32 -14.41 -5.05
N ILE A 67 -5.77 -15.00 -3.94
CA ILE A 67 -4.85 -15.32 -2.86
C ILE A 67 -3.95 -16.51 -3.23
N PRO A 68 -4.50 -17.62 -3.74
CA PRO A 68 -3.69 -18.75 -4.19
C PRO A 68 -2.75 -18.33 -5.32
N LEU A 69 -3.20 -17.39 -6.16
CA LEU A 69 -2.38 -16.84 -7.24
C LEU A 69 -1.15 -16.12 -6.67
N PHE A 70 -1.28 -15.64 -5.43
CA PHE A 70 -0.15 -15.08 -4.71
C PHE A 70 0.70 -16.12 -3.98
N GLN A 71 0.06 -17.14 -3.41
CA GLN A 71 0.75 -18.15 -2.64
C GLN A 71 1.47 -19.17 -3.53
N ARG A 72 1.32 -19.04 -4.85
CA ARG A 72 2.01 -19.92 -5.77
C ARG A 72 3.32 -19.27 -6.27
N VAL A 73 3.33 -17.94 -6.44
CA VAL A 73 4.54 -17.22 -6.85
C VAL A 73 5.47 -16.98 -5.66
N GLY A 74 4.92 -16.97 -4.45
CA GLY A 74 5.73 -16.77 -3.24
C GLY A 74 4.92 -16.98 -1.97
N ARG A 75 5.63 -17.07 -0.83
CA ARG A 75 5.02 -17.28 0.48
C ARG A 75 3.69 -16.53 0.65
N LEU A 76 3.71 -15.20 0.61
CA LEU A 76 2.56 -14.37 0.94
C LEU A 76 2.41 -14.26 2.46
N TYR A 77 2.69 -13.07 2.99
CA TYR A 77 2.59 -12.82 4.42
C TYR A 77 1.25 -12.25 4.86
N GLU A 78 0.65 -11.40 4.03
CA GLU A 78 -0.66 -10.83 4.31
C GLU A 78 -1.26 -10.22 3.04
N PHE A 79 -2.46 -10.66 2.66
CA PHE A 79 -3.15 -10.16 1.49
C PHE A 79 -4.31 -9.28 1.97
N ARG A 80 -4.71 -8.29 1.16
CA ARG A 80 -5.81 -7.40 1.50
C ARG A 80 -6.64 -7.12 0.24
N LEU A 81 -7.97 -7.06 0.38
CA LEU A 81 -8.86 -6.97 -0.76
C LEU A 81 -10.02 -6.02 -0.48
N MET A 82 -10.15 -4.99 -1.32
CA MET A 82 -11.18 -3.98 -1.16
C MET A 82 -11.90 -3.71 -2.48
N MET A 83 -13.14 -3.21 -2.35
CA MET A 83 -13.99 -2.82 -3.45
C MET A 83 -15.18 -2.03 -2.90
N THR A 84 -15.68 -1.07 -3.68
CA THR A 84 -16.82 -0.26 -3.27
C THR A 84 -18.15 -0.89 -3.58
N PHE A 85 -19.23 -0.35 -3.02
CA PHE A 85 -20.57 -0.83 -3.26
C PHE A 85 -21.55 0.31 -3.54
N SER A 86 -21.01 1.49 -3.86
CA SER A 86 -21.81 2.66 -4.19
C SER A 86 -22.47 2.49 -5.55
N GLY A 87 -21.99 1.52 -6.35
CA GLY A 87 -22.57 1.23 -7.65
C GLY A 87 -21.83 0.11 -8.39
N LEU A 88 -20.54 -0.08 -8.09
CA LEU A 88 -19.74 -1.12 -8.74
C LEU A 88 -18.50 -1.46 -7.91
N ASN A 89 -18.10 -2.73 -7.93
CA ASN A 89 -16.93 -3.21 -7.22
C ASN A 89 -15.68 -2.66 -7.89
N ARG A 90 -14.67 -2.30 -7.10
CA ARG A 90 -13.50 -1.64 -7.63
C ARG A 90 -12.40 -2.63 -8.01
N GLY A 91 -12.65 -3.93 -7.79
CA GLY A 91 -11.71 -5.00 -8.14
C GLY A 91 -10.24 -4.61 -8.02
N PHE A 92 -9.71 -4.51 -6.79
CA PHE A 92 -8.28 -4.26 -6.62
C PHE A 92 -7.85 -4.84 -5.27
N ALA A 93 -6.59 -5.22 -5.18
CA ALA A 93 -6.03 -5.80 -3.96
C ALA A 93 -4.52 -5.65 -3.93
N TYR A 94 -3.93 -5.92 -2.78
CA TYR A 94 -2.47 -5.91 -2.62
C TYR A 94 -2.02 -6.87 -1.52
N ALA A 95 -0.73 -7.15 -1.46
CA ALA A 95 -0.19 -8.10 -0.49
C ALA A 95 1.27 -7.84 -0.24
N ARG A 96 1.75 -8.26 0.94
CA ARG A 96 3.16 -8.21 1.26
C ARG A 96 3.73 -9.63 1.24
N TYR A 97 4.83 -9.80 0.53
CA TYR A 97 5.54 -11.06 0.46
C TYR A 97 6.62 -11.20 1.54
N SER A 98 7.00 -12.43 1.88
CA SER A 98 8.08 -12.67 2.83
C SER A 98 9.40 -12.02 2.37
N SER A 99 9.55 -11.79 1.07
CA SER A 99 10.72 -11.13 0.52
C SER A 99 10.42 -10.52 -0.84
N ARG A 100 11.34 -9.69 -1.34
CA ARG A 100 11.17 -9.05 -2.64
C ARG A 100 11.21 -10.09 -3.74
N ARG A 101 11.90 -11.21 -3.52
CA ARG A 101 11.96 -12.29 -4.49
C ARG A 101 10.55 -12.82 -4.80
N GLY A 102 9.66 -12.80 -3.80
CA GLY A 102 8.28 -13.22 -3.99
C GLY A 102 7.50 -12.13 -4.70
N ALA A 103 7.79 -10.87 -4.36
CA ALA A 103 7.08 -9.74 -4.92
C ALA A 103 7.45 -9.53 -6.39
N GLN A 104 8.71 -9.80 -6.75
CA GLN A 104 9.19 -9.63 -8.11
C GLN A 104 8.67 -10.72 -9.02
N ALA A 105 8.56 -11.94 -8.50
CA ALA A 105 8.00 -13.05 -9.23
C ALA A 105 6.50 -12.84 -9.45
N ALA A 106 5.80 -12.30 -8.44
CA ALA A 106 4.36 -12.12 -8.50
C ALA A 106 4.00 -11.22 -9.68
N ILE A 107 4.59 -10.03 -9.76
CA ILE A 107 4.31 -9.11 -10.87
C ILE A 107 4.70 -9.76 -12.20
N ALA A 108 5.92 -10.31 -12.29
CA ALA A 108 6.40 -10.94 -13.51
C ALA A 108 5.57 -12.17 -13.91
N THR A 109 4.61 -12.57 -13.08
CA THR A 109 3.81 -13.76 -13.33
C THR A 109 2.32 -13.41 -13.48
N LEU A 110 1.84 -12.45 -12.68
CA LEU A 110 0.43 -12.11 -12.64
C LEU A 110 0.13 -11.01 -13.66
N HIS A 111 1.07 -10.11 -13.92
CA HIS A 111 0.86 -9.06 -14.89
C HIS A 111 0.66 -9.64 -16.30
N ASN A 112 1.44 -10.67 -16.64
CA ASN A 112 1.27 -11.37 -17.91
C ASN A 112 0.18 -12.46 -17.84
N HIS A 113 -0.49 -12.61 -16.69
CA HIS A 113 -1.49 -13.66 -16.52
C HIS A 113 -2.85 -13.25 -17.09
N PRO A 114 -3.36 -14.00 -18.08
CA PRO A 114 -4.69 -13.80 -18.63
C PRO A 114 -5.73 -14.40 -17.69
N LEU A 115 -5.93 -13.76 -16.54
CA LEU A 115 -6.86 -14.25 -15.52
C LEU A 115 -8.25 -14.47 -16.13
N ARG A 116 -8.66 -13.59 -17.05
CA ARG A 116 -9.86 -13.74 -17.85
C ARG A 116 -9.63 -13.10 -19.23
N PRO A 117 -10.33 -13.58 -20.26
CA PRO A 117 -10.16 -13.12 -21.63
C PRO A 117 -10.64 -11.68 -21.83
N SER A 118 -11.00 -10.99 -20.75
CA SER A 118 -11.47 -9.61 -20.81
C SER A 118 -10.88 -8.78 -19.68
N CYS A 119 -9.86 -9.31 -18.99
CA CYS A 119 -9.26 -8.69 -17.82
C CYS A 119 -7.75 -8.96 -17.80
N PRO A 120 -6.96 -8.16 -18.52
CA PRO A 120 -5.51 -8.22 -18.50
C PRO A 120 -5.00 -7.78 -17.12
N LEU A 121 -4.99 -8.72 -16.18
CA LEU A 121 -4.60 -8.47 -14.80
C LEU A 121 -3.35 -7.59 -14.69
N LEU A 122 -3.53 -6.34 -14.23
CA LEU A 122 -2.45 -5.39 -14.01
C LEU A 122 -1.81 -5.63 -12.64
N VAL A 123 -0.48 -5.49 -12.54
CA VAL A 123 0.21 -5.55 -11.25
C VAL A 123 1.25 -4.42 -11.10
N CYS A 124 1.81 -4.26 -9.90
CA CYS A 124 2.76 -3.18 -9.63
C CYS A 124 3.63 -3.49 -8.40
N ARG A 125 4.64 -2.63 -8.17
CA ARG A 125 5.63 -2.81 -7.12
C ARG A 125 5.09 -2.39 -5.76
N SER A 126 6.00 -2.21 -4.80
CA SER A 126 5.67 -1.86 -3.43
C SER A 126 5.26 -0.40 -3.29
N THR A 127 4.71 -0.05 -2.13
CA THR A 127 4.33 1.33 -1.80
C THR A 127 4.80 1.74 -0.41
N GLU A 128 4.95 0.76 0.49
CA GLU A 128 5.42 0.98 1.86
C GLU A 128 4.69 2.13 2.52
N LYS A 129 3.41 1.94 2.85
CA LYS A 129 2.59 2.94 3.51
C LYS A 129 3.13 3.27 4.91
N CYS A 130 4.14 2.52 5.37
CA CYS A 130 4.87 2.86 6.58
C CYS A 130 5.50 4.24 6.50
N GLU A 131 5.42 4.89 5.34
CA GLU A 131 6.01 6.21 5.13
C GLU A 131 5.06 7.09 4.33
N LEU A 132 5.26 8.41 4.44
CA LEU A 132 4.44 9.40 3.75
C LEU A 132 5.35 10.25 2.88
N SER A 133 4.80 10.87 1.83
CA SER A 133 5.55 11.78 0.97
C SER A 133 4.75 13.07 0.81
N VAL A 134 5.45 14.21 0.87
CA VAL A 134 4.82 15.53 0.82
C VAL A 134 5.42 16.36 -0.30
N ASP A 135 4.70 17.40 -0.76
CA ASP A 135 5.14 18.20 -1.89
C ASP A 135 4.58 19.62 -1.76
N GLY A 136 5.29 20.59 -2.34
CA GLY A 136 4.93 22.00 -2.28
C GLY A 136 5.36 22.61 -0.95
N LEU A 137 4.82 22.09 0.15
CA LEU A 137 5.12 22.51 1.51
C LEU A 137 4.76 23.99 1.74
N PRO A 138 4.86 24.47 2.98
CA PRO A 138 4.62 25.86 3.33
C PRO A 138 5.60 26.80 2.63
N PRO A 139 5.41 28.13 2.76
CA PRO A 139 6.13 29.12 1.97
C PRO A 139 7.62 29.16 2.29
N ASN A 140 7.95 29.27 3.58
CA ASN A 140 9.31 29.43 4.05
C ASN A 140 9.55 28.65 5.34
N LEU A 141 8.52 27.93 5.81
CA LEU A 141 8.58 27.23 7.07
C LEU A 141 9.72 26.21 7.08
N THR A 142 10.33 26.00 8.25
CA THR A 142 11.42 25.06 8.41
C THR A 142 10.91 23.65 8.70
N ARG A 143 11.74 22.66 8.41
CA ARG A 143 11.40 21.25 8.61
C ARG A 143 10.96 20.99 10.05
N SER A 144 11.62 21.62 11.02
CA SER A 144 11.36 21.35 12.43
C SER A 144 9.92 21.73 12.79
N ALA A 145 9.45 22.86 12.28
CA ALA A 145 8.10 23.34 12.54
C ALA A 145 7.10 22.58 11.67
N LEU A 146 7.56 22.09 10.51
CA LEU A 146 6.72 21.35 9.61
C LEU A 146 6.19 20.08 10.27
N LEU A 147 7.05 19.35 11.00
CA LEU A 147 6.63 18.16 11.71
C LEU A 147 5.67 18.55 12.82
N LEU A 148 6.04 19.56 13.59
CA LEU A 148 5.21 20.06 14.69
C LEU A 148 3.81 20.42 14.17
N ALA A 149 3.75 21.03 12.98
CA ALA A 149 2.48 21.41 12.37
C ALA A 149 1.60 20.18 12.08
N LEU A 150 2.21 19.01 11.83
CA LEU A 150 1.46 17.79 11.59
C LEU A 150 1.63 16.75 12.70
N GLN A 151 2.24 17.11 13.83
CA GLN A 151 2.52 16.17 14.89
C GLN A 151 1.29 15.81 15.73
N PRO A 152 0.33 16.73 15.99
CA PRO A 152 -0.82 16.43 16.82
C PRO A 152 -1.80 15.50 16.10
N LEU A 153 -1.75 15.47 14.76
CA LEU A 153 -2.63 14.61 13.98
C LEU A 153 -1.96 13.27 13.67
N GLY A 154 -0.69 13.09 14.04
CA GLY A 154 -0.01 11.83 13.89
C GLY A 154 1.19 11.73 14.84
N PRO A 155 0.93 11.53 16.13
CA PRO A 155 1.95 11.42 17.17
C PRO A 155 2.86 10.20 17.00
N GLY A 156 2.53 9.31 16.05
CA GLY A 156 3.29 8.08 15.84
C GLY A 156 4.55 8.32 15.02
N LEU A 157 4.82 9.58 14.62
CA LEU A 157 5.92 9.87 13.75
C LEU A 157 7.27 9.57 14.41
N GLN A 158 8.09 8.75 13.74
CA GLN A 158 9.42 8.40 14.22
C GLN A 158 10.45 9.43 13.78
N GLU A 159 10.42 9.79 12.50
CA GLU A 159 11.39 10.73 11.93
C GLU A 159 10.88 11.29 10.60
N ALA A 160 11.52 12.37 10.15
CA ALA A 160 11.21 12.96 8.85
C ALA A 160 12.44 13.68 8.30
N ARG A 161 12.55 13.67 6.97
CA ARG A 161 13.66 14.32 6.28
C ARG A 161 13.14 14.97 5.00
N LEU A 162 13.63 16.16 4.67
CA LEU A 162 13.20 16.89 3.49
C LEU A 162 14.37 17.08 2.54
N LEU A 163 14.26 16.52 1.33
CA LEU A 163 15.23 16.77 0.28
C LEU A 163 14.74 16.24 -1.09
N PRO A 164 14.94 14.95 -1.42
CA PRO A 164 14.75 14.42 -2.76
C PRO A 164 13.32 14.58 -3.27
N SER A 165 13.15 15.43 -4.28
CA SER A 165 11.89 15.58 -4.99
C SER A 165 11.88 14.66 -6.21
N PRO A 166 10.70 14.37 -6.78
CA PRO A 166 10.57 13.57 -8.00
C PRO A 166 11.27 14.25 -9.18
N GLY A 167 11.58 15.53 -9.06
CA GLY A 167 12.34 16.24 -10.08
C GLY A 167 11.74 17.60 -10.42
N PRO A 168 12.47 18.39 -11.21
CA PRO A 168 13.83 18.11 -11.62
C PRO A 168 14.80 18.27 -10.45
N ALA A 169 14.51 19.20 -9.55
CA ALA A 169 15.29 19.40 -8.33
C ALA A 169 14.59 20.28 -7.29
N PRO A 170 13.94 21.36 -7.73
CA PRO A 170 13.24 22.31 -6.87
C PRO A 170 11.99 21.73 -6.23
N GLY A 171 11.31 22.56 -5.44
CA GLY A 171 10.04 22.22 -4.81
C GLY A 171 10.23 21.42 -3.52
N GLN A 172 11.41 20.78 -3.35
CA GLN A 172 11.69 19.93 -2.20
C GLN A 172 10.64 18.81 -2.05
N ILE A 173 10.90 17.85 -1.16
CA ILE A 173 9.91 16.86 -0.77
C ILE A 173 10.18 16.44 0.67
N ALA A 174 9.13 16.02 1.40
CA ALA A 174 9.30 15.52 2.76
C ALA A 174 8.93 14.04 2.83
N LEU A 175 9.78 13.23 3.45
CA LEU A 175 9.51 11.82 3.66
C LEU A 175 9.40 11.49 5.14
N LEU A 176 8.17 11.23 5.59
CA LEU A 176 7.86 10.95 6.98
C LEU A 176 7.85 9.45 7.27
N LYS A 177 8.46 9.04 8.38
CA LYS A 177 8.35 7.68 8.89
C LYS A 177 7.41 7.66 10.09
N PHE A 178 6.40 6.79 10.05
CA PHE A 178 5.44 6.66 11.14
C PHE A 178 5.61 5.36 11.93
N SER A 179 4.92 5.23 13.05
CA SER A 179 5.03 4.03 13.89
C SER A 179 4.32 2.84 13.25
N SER A 180 3.39 3.09 12.33
CA SER A 180 2.66 2.03 11.63
C SER A 180 2.17 2.54 10.28
N HIS A 181 1.79 1.63 9.38
CA HIS A 181 1.27 2.01 8.08
C HIS A 181 0.04 2.91 8.26
N ARG A 182 -0.98 2.42 8.96
CA ARG A 182 -2.20 3.20 9.18
C ARG A 182 -1.92 4.52 9.88
N ALA A 183 -0.87 4.59 10.71
CA ALA A 183 -0.54 5.84 11.38
C ALA A 183 -0.23 6.93 10.37
N ALA A 184 0.42 6.58 9.26
CA ALA A 184 0.68 7.52 8.19
C ALA A 184 -0.62 7.84 7.44
N ALA A 185 -1.52 6.87 7.33
CA ALA A 185 -2.80 7.10 6.69
C ALA A 185 -3.66 8.08 7.50
N MET A 186 -3.77 7.87 8.81
CA MET A 186 -4.54 8.78 9.66
C MET A 186 -4.04 10.21 9.51
N ALA A 187 -2.73 10.38 9.36
CA ALA A 187 -2.15 11.70 9.20
C ALA A 187 -2.39 12.25 7.80
N LYS A 188 -2.08 11.47 6.75
CA LYS A 188 -2.21 11.95 5.38
C LYS A 188 -3.68 12.12 5.02
N LYS A 189 -4.55 11.36 5.69
CA LYS A 189 -5.99 11.48 5.53
C LYS A 189 -6.45 12.84 6.04
N ALA A 190 -5.94 13.27 7.19
CA ALA A 190 -6.32 14.56 7.77
C ALA A 190 -5.84 15.69 6.87
N LEU A 191 -4.63 15.57 6.35
CA LEU A 191 -4.03 16.61 5.51
C LEU A 191 -4.77 16.69 4.18
N VAL A 192 -5.18 15.54 3.63
CA VAL A 192 -5.86 15.50 2.35
C VAL A 192 -7.35 15.84 2.46
N GLU A 193 -7.94 15.62 3.64
CA GLU A 193 -9.33 15.99 3.92
C GLU A 193 -9.52 17.50 3.89
N GLY A 194 -8.54 18.26 4.40
CA GLY A 194 -8.65 19.72 4.39
C GLY A 194 -7.72 20.43 5.38
N GLN A 195 -6.73 19.72 5.95
CA GLN A 195 -5.78 20.36 6.87
C GLN A 195 -4.55 20.86 6.11
N SER A 196 -4.57 20.72 4.77
CA SER A 196 -3.56 21.28 3.89
C SER A 196 -3.64 22.82 3.90
N HIS A 197 -2.86 23.49 3.04
CA HIS A 197 -2.78 24.94 3.01
C HIS A 197 -2.44 25.50 4.39
N LEU A 198 -1.26 25.13 4.91
CA LEU A 198 -0.85 25.48 6.25
C LEU A 198 -0.89 26.99 6.46
N CYS A 199 -0.25 27.75 5.55
CA CYS A 199 -0.18 29.19 5.67
C CYS A 199 0.23 29.82 4.34
N GLY A 200 -0.74 30.26 3.55
CA GLY A 200 -0.48 31.04 2.33
C GLY A 200 0.22 30.23 1.24
N GLU A 201 0.31 28.90 1.39
CA GLU A 201 1.01 28.04 0.44
C GLU A 201 0.24 26.71 0.38
N GLN A 202 0.89 25.62 -0.03
CA GLN A 202 0.19 24.38 -0.33
C GLN A 202 1.03 23.18 0.06
N VAL A 203 0.39 22.11 0.53
CA VAL A 203 1.09 20.93 0.99
C VAL A 203 0.31 19.67 0.59
N ALA A 204 0.77 19.00 -0.47
CA ALA A 204 0.14 17.79 -0.98
C ALA A 204 0.64 16.57 -0.22
N VAL A 205 -0.21 15.55 -0.11
CA VAL A 205 0.11 14.36 0.64
C VAL A 205 -0.18 13.14 -0.23
N GLU A 206 0.88 12.36 -0.44
CA GLU A 206 0.80 11.15 -1.26
C GLU A 206 1.82 10.12 -0.77
N TRP A 207 1.63 8.86 -1.14
CA TRP A 207 2.52 7.79 -0.72
C TRP A 207 3.78 7.75 -1.57
N LEU A 208 4.72 6.87 -1.21
CA LEU A 208 5.96 6.72 -1.95
C LEU A 208 5.69 6.18 -3.35
N LYS A 209 6.64 6.37 -4.26
CA LYS A 209 6.59 5.82 -5.61
C LYS A 209 7.79 4.90 -5.80
N PRO A 210 7.68 3.88 -6.65
CA PRO A 210 8.75 2.93 -6.88
C PRO A 210 9.95 3.59 -7.54
N ASP A 211 9.72 4.64 -8.35
CA ASP A 211 10.78 5.38 -8.99
C ASP A 211 11.37 6.43 -8.03
N LEU A 212 10.52 7.01 -7.19
CA LEU A 212 10.94 8.03 -6.24
C LEU A 212 11.85 7.41 -5.19
N LYS A 213 11.48 6.21 -4.71
CA LYS A 213 12.15 5.56 -3.60
C LYS A 213 13.55 5.08 -3.99
N GLN A 214 13.70 4.54 -5.19
CA GLN A 214 15.01 4.09 -5.66
C GLN A 214 15.94 5.29 -5.86
N ARG A 215 15.39 6.45 -6.27
CA ARG A 215 16.18 7.66 -6.44
C ARG A 215 16.45 8.30 -5.08
N LEU A 216 15.52 8.12 -4.15
CA LEU A 216 15.64 8.61 -2.79
C LEU A 216 16.83 7.96 -2.09
N ARG A 217 16.93 6.63 -2.18
CA ARG A 217 17.95 5.92 -1.42
C ARG A 217 19.32 6.03 -2.09
N GLN A 218 19.36 6.23 -3.41
CA GLN A 218 20.63 6.31 -4.12
C GLN A 218 21.36 7.63 -3.86
N GLN A 219 20.61 8.70 -3.59
CA GLN A 219 21.23 9.99 -3.25
C GLN A 219 21.40 10.10 -1.74
N LEU A 220 20.64 9.31 -0.96
CA LEU A 220 20.72 9.33 0.49
C LEU A 220 21.95 8.55 0.95
N VAL A 221 22.25 7.41 0.31
CA VAL A 221 23.39 6.59 0.67
C VAL A 221 24.73 7.28 0.38
N GLY A 222 24.70 8.41 -0.32
CA GLY A 222 25.89 9.17 -0.65
C GLY A 222 26.56 9.71 0.62
N PRO A 223 25.95 10.72 1.26
CA PRO A 223 26.47 11.30 2.49
C PRO A 223 26.62 10.25 3.61
N PHE A 224 25.83 9.18 3.57
CA PHE A 224 25.92 8.11 4.56
C PHE A 224 27.04 7.10 4.33
N LEU A 225 27.68 7.13 3.16
CA LEU A 225 28.80 6.25 2.87
C LEU A 225 30.08 6.80 3.52
N ARG A 226 30.05 8.08 3.91
CA ARG A 226 31.19 8.74 4.54
C ARG A 226 31.41 8.19 5.95
N SER A 227 32.60 8.44 6.49
CA SER A 227 32.97 7.98 7.83
C SER A 227 34.04 8.90 8.41
N GLY A 1 -19.80 -1.34 4.39
CA GLY A 1 -19.85 -2.05 3.10
C GLY A 1 -20.58 -3.38 3.23
N ALA A 2 -21.71 -3.53 2.55
CA ALA A 2 -22.51 -4.75 2.60
C ALA A 2 -21.81 -5.87 1.85
N MET A 3 -22.13 -7.13 2.20
CA MET A 3 -21.54 -8.31 1.61
C MET A 3 -22.61 -9.36 1.28
N GLU A 4 -23.87 -9.00 1.49
CA GLU A 4 -25.03 -9.84 1.20
C GLU A 4 -25.37 -9.80 -0.29
N ARG A 5 -24.34 -9.74 -1.14
CA ARG A 5 -24.51 -9.59 -2.58
C ARG A 5 -25.17 -10.83 -3.19
N VAL A 6 -25.56 -10.73 -4.45
CA VAL A 6 -26.16 -11.84 -5.19
C VAL A 6 -25.16 -12.99 -5.33
N ASN A 7 -25.67 -14.18 -5.68
CA ASN A 7 -24.86 -15.39 -5.78
C ASN A 7 -24.02 -15.60 -4.51
N PRO A 8 -24.67 -15.64 -3.33
CA PRO A 8 -24.00 -15.73 -2.06
C PRO A 8 -23.23 -17.05 -1.91
N GLU A 9 -23.54 -18.03 -2.76
CA GLU A 9 -22.78 -19.27 -2.83
C GLU A 9 -21.29 -19.01 -3.05
N ASN A 10 -20.93 -17.87 -3.65
CA ASN A 10 -19.54 -17.52 -3.89
C ASN A 10 -18.86 -17.12 -2.58
N LYS A 11 -19.43 -16.16 -1.85
CA LYS A 11 -18.89 -15.72 -0.57
C LYS A 11 -19.03 -16.82 0.48
N ALA A 12 -20.01 -17.71 0.30
CA ALA A 12 -20.19 -18.85 1.19
C ALA A 12 -19.12 -19.91 0.92
N ALA A 13 -18.61 -19.99 -0.32
CA ALA A 13 -17.60 -20.98 -0.66
C ALA A 13 -16.29 -20.68 0.03
N LEU A 14 -15.85 -19.42 0.03
CA LEU A 14 -14.63 -19.03 0.70
C LEU A 14 -14.81 -19.09 2.22
N GLU A 15 -16.03 -18.93 2.73
CA GLU A 15 -16.27 -19.04 4.17
C GLU A 15 -16.03 -20.47 4.62
N ALA A 16 -16.52 -21.44 3.85
CA ALA A 16 -16.24 -22.85 4.11
C ALA A 16 -14.74 -23.17 3.95
N TRP A 17 -13.99 -22.32 3.24
CA TRP A 17 -12.55 -22.51 3.13
C TRP A 17 -11.78 -21.92 4.31
N VAL A 18 -11.99 -20.65 4.64
CA VAL A 18 -11.28 -20.02 5.74
C VAL A 18 -11.46 -20.80 7.04
N ARG A 19 -12.58 -21.52 7.19
CA ARG A 19 -12.85 -22.29 8.40
C ARG A 19 -12.02 -23.57 8.43
N GLU A 20 -11.57 -24.06 7.26
CA GLU A 20 -10.84 -25.31 7.19
C GLU A 20 -9.33 -25.07 7.35
N THR A 21 -8.91 -23.80 7.27
CA THR A 21 -7.51 -23.43 7.49
C THR A 21 -7.43 -22.69 8.83
N GLY A 22 -8.55 -22.13 9.28
CA GLY A 22 -8.61 -21.44 10.57
C GLY A 22 -8.13 -20.00 10.47
N ILE A 23 -8.13 -19.42 9.27
CA ILE A 23 -7.63 -18.06 9.06
C ILE A 23 -8.70 -17.04 9.44
N ARG A 24 -9.98 -17.38 9.19
CA ARG A 24 -11.13 -16.52 9.48
C ARG A 24 -10.88 -15.06 9.08
N LEU A 25 -11.17 -14.75 7.80
CA LEU A 25 -10.92 -13.43 7.24
C LEU A 25 -11.45 -12.35 8.19
N VAL A 26 -10.58 -11.40 8.56
CA VAL A 26 -10.98 -10.31 9.42
C VAL A 26 -11.65 -9.21 8.61
N GLN A 27 -12.90 -8.89 8.97
CA GLN A 27 -13.65 -7.82 8.30
C GLN A 27 -13.16 -6.45 8.77
N VAL A 28 -13.19 -5.48 7.85
CA VAL A 28 -12.82 -4.11 8.14
C VAL A 28 -13.91 -3.16 7.64
N ASN A 29 -15.00 -3.05 8.42
CA ASN A 29 -16.16 -2.25 8.07
C ASN A 29 -16.74 -2.62 6.69
N GLY A 30 -16.31 -3.74 6.10
CA GLY A 30 -16.82 -4.22 4.82
C GLY A 30 -15.71 -4.77 3.93
N GLN A 31 -14.46 -4.37 4.19
CA GLN A 31 -13.31 -4.91 3.48
C GLN A 31 -12.91 -6.24 4.13
N ARG A 32 -11.89 -6.91 3.57
CA ARG A 32 -11.48 -8.22 4.07
C ARG A 32 -9.99 -8.45 3.91
N LYS A 33 -9.39 -9.18 4.85
CA LYS A 33 -7.97 -9.51 4.80
C LYS A 33 -7.69 -10.92 5.34
N TYR A 34 -6.75 -11.60 4.68
CA TYR A 34 -6.32 -12.94 5.06
C TYR A 34 -5.06 -12.96 5.94
N GLY A 35 -5.00 -13.88 6.90
CA GLY A 35 -3.93 -13.92 7.87
C GLY A 35 -3.50 -15.33 8.23
N GLY A 36 -2.27 -15.46 8.72
CA GLY A 36 -1.69 -16.73 9.12
C GLY A 36 -1.16 -17.45 7.89
N PRO A 37 0.10 -17.88 7.93
CA PRO A 37 0.73 -18.57 6.82
C PRO A 37 0.17 -20.00 6.70
N PRO A 38 0.32 -20.61 5.53
CA PRO A 38 -0.09 -22.00 5.30
C PRO A 38 0.79 -22.93 6.14
N PRO A 39 0.31 -24.16 6.40
CA PRO A 39 0.98 -25.10 7.29
C PRO A 39 2.32 -25.58 6.73
N GLY A 40 2.65 -25.18 5.49
CA GLY A 40 3.92 -25.59 4.87
C GLY A 40 5.09 -24.74 5.36
N TRP A 41 4.83 -23.65 6.08
CA TRP A 41 5.87 -22.75 6.56
C TRP A 41 5.41 -21.93 7.76
N VAL A 42 6.35 -21.43 8.56
CA VAL A 42 6.06 -20.56 9.69
C VAL A 42 7.23 -19.63 9.97
N GLY A 43 6.93 -18.41 10.41
CA GLY A 43 7.95 -17.41 10.70
C GLY A 43 7.42 -16.00 10.44
N SER A 44 8.31 -15.09 10.07
CA SER A 44 7.96 -13.71 9.76
C SER A 44 8.84 -13.19 8.64
N PRO A 45 8.34 -12.24 7.84
CA PRO A 45 9.04 -11.71 6.69
C PRO A 45 10.25 -10.87 7.13
N PRO A 46 11.39 -11.02 6.43
CA PRO A 46 12.59 -10.23 6.65
C PRO A 46 12.40 -8.82 6.07
N PRO A 47 13.39 -7.93 6.28
CA PRO A 47 13.42 -6.59 5.71
C PRO A 47 13.42 -6.57 4.18
N ALA A 48 13.32 -7.75 3.55
CA ALA A 48 13.28 -7.89 2.11
C ALA A 48 12.04 -7.18 1.55
N GLY A 49 12.12 -6.82 0.27
CA GLY A 49 11.05 -6.13 -0.45
C GLY A 49 9.95 -7.11 -0.84
N SER A 50 9.49 -7.90 0.14
CA SER A 50 8.52 -8.97 -0.08
C SER A 50 7.08 -8.46 -0.24
N GLU A 51 6.88 -7.20 -0.67
CA GLU A 51 5.55 -6.66 -0.85
C GLU A 51 5.13 -6.77 -2.31
N VAL A 52 3.85 -7.04 -2.57
CA VAL A 52 3.34 -7.19 -3.93
C VAL A 52 1.90 -6.70 -3.98
N PHE A 53 1.53 -6.02 -5.07
CA PHE A 53 0.21 -5.46 -5.25
C PHE A 53 -0.41 -5.68 -6.63
N ILE A 54 -1.47 -6.48 -6.71
CA ILE A 54 -2.23 -6.64 -7.95
C ILE A 54 -3.27 -5.52 -8.10
N GLY A 55 -3.73 -5.29 -9.33
CA GLY A 55 -4.76 -4.30 -9.60
C GLY A 55 -5.49 -4.60 -10.91
N ARG A 56 -6.59 -3.90 -11.16
CA ARG A 56 -7.43 -4.10 -12.34
C ARG A 56 -7.90 -5.54 -12.47
N LEU A 57 -8.21 -6.18 -11.34
CA LEU A 57 -8.71 -7.54 -11.31
C LEU A 57 -10.15 -7.57 -11.83
N PRO A 58 -10.63 -8.72 -12.29
CA PRO A 58 -12.03 -8.91 -12.62
C PRO A 58 -12.87 -8.68 -11.37
N GLN A 59 -13.85 -7.78 -11.46
CA GLN A 59 -14.57 -7.28 -10.29
C GLN A 59 -15.46 -8.35 -9.65
N ASP A 60 -15.65 -9.49 -10.31
CA ASP A 60 -16.48 -10.57 -9.78
C ASP A 60 -15.68 -11.61 -8.98
N VAL A 61 -14.34 -11.50 -9.00
CA VAL A 61 -13.48 -12.47 -8.36
C VAL A 61 -13.39 -12.33 -6.84
N TYR A 62 -13.18 -13.46 -6.15
CA TYR A 62 -12.90 -13.46 -4.72
C TYR A 62 -11.50 -13.93 -4.38
N GLU A 63 -10.99 -13.46 -3.24
CA GLU A 63 -9.74 -13.94 -2.67
C GLU A 63 -9.58 -15.47 -2.69
N HIS A 64 -10.64 -16.27 -2.83
CA HIS A 64 -10.47 -17.71 -2.95
C HIS A 64 -9.79 -18.08 -4.28
N GLN A 65 -9.52 -17.06 -5.10
CA GLN A 65 -8.84 -17.23 -6.37
C GLN A 65 -7.51 -16.49 -6.36
N LEU A 66 -7.51 -15.27 -5.83
CA LEU A 66 -6.30 -14.46 -5.78
C LEU A 66 -5.32 -15.03 -4.76
N ILE A 67 -5.82 -15.63 -3.68
CA ILE A 67 -4.92 -16.06 -2.63
C ILE A 67 -4.10 -17.28 -3.07
N PRO A 68 -4.72 -18.35 -3.60
CA PRO A 68 -3.99 -19.50 -4.11
C PRO A 68 -3.01 -19.10 -5.22
N LEU A 69 -3.38 -18.11 -6.04
CA LEU A 69 -2.51 -17.57 -7.08
C LEU A 69 -1.24 -16.96 -6.47
N PHE A 70 -1.35 -16.53 -5.21
CA PHE A 70 -0.21 -16.06 -4.44
C PHE A 70 0.56 -17.16 -3.72
N GLN A 71 -0.14 -18.20 -3.28
CA GLN A 71 0.49 -19.28 -2.53
C GLN A 71 1.21 -20.26 -3.46
N ARG A 72 0.98 -20.14 -4.77
CA ARG A 72 1.63 -21.03 -5.74
C ARG A 72 2.96 -20.44 -6.21
N VAL A 73 3.04 -19.11 -6.35
CA VAL A 73 4.27 -18.46 -6.84
C VAL A 73 5.30 -18.28 -5.73
N GLY A 74 4.84 -18.29 -4.47
CA GLY A 74 5.72 -18.07 -3.35
C GLY A 74 5.17 -18.65 -2.06
N ARG A 75 4.82 -17.76 -1.12
CA ARG A 75 4.46 -18.12 0.23
C ARG A 75 3.84 -16.90 0.90
N LEU A 76 2.54 -16.96 1.20
CA LEU A 76 1.83 -15.82 1.76
C LEU A 76 2.08 -15.71 3.25
N TYR A 77 2.39 -14.50 3.72
CA TYR A 77 2.40 -14.21 5.14
C TYR A 77 1.08 -13.53 5.53
N GLU A 78 0.61 -12.61 4.69
CA GLU A 78 -0.69 -11.96 4.86
C GLU A 78 -1.16 -11.35 3.54
N PHE A 79 -2.38 -11.72 3.11
CA PHE A 79 -3.02 -11.13 1.94
C PHE A 79 -4.10 -10.14 2.39
N ARG A 80 -4.38 -9.11 1.59
CA ARG A 80 -5.44 -8.16 1.90
C ARG A 80 -6.09 -7.66 0.62
N LEU A 81 -7.40 -7.43 0.64
CA LEU A 81 -8.16 -7.15 -0.57
C LEU A 81 -9.32 -6.19 -0.29
N MET A 82 -9.39 -5.11 -1.09
CA MET A 82 -10.36 -4.06 -0.89
C MET A 82 -11.01 -3.62 -2.20
N MET A 83 -12.15 -2.91 -2.07
CA MET A 83 -12.90 -2.37 -3.20
C MET A 83 -13.95 -1.38 -2.70
N THR A 84 -14.35 -0.45 -3.57
CA THR A 84 -15.36 0.55 -3.22
C THR A 84 -16.78 0.08 -3.48
N PHE A 85 -17.77 0.81 -2.95
CA PHE A 85 -19.17 0.46 -3.13
C PHE A 85 -20.00 1.70 -3.45
N SER A 86 -19.32 2.77 -3.89
CA SER A 86 -19.99 3.99 -4.30
C SER A 86 -20.81 3.75 -5.58
N GLY A 87 -20.54 2.64 -6.27
CA GLY A 87 -21.28 2.25 -7.45
C GLY A 87 -20.75 0.96 -8.07
N LEU A 88 -19.45 0.67 -7.85
CA LEU A 88 -18.83 -0.55 -8.37
C LEU A 88 -17.53 -0.85 -7.62
N ASN A 89 -17.19 -2.14 -7.52
CA ASN A 89 -15.94 -2.60 -6.91
C ASN A 89 -14.74 -1.98 -7.63
N ARG A 90 -13.55 -2.11 -7.04
CA ARG A 90 -12.35 -1.46 -7.54
C ARG A 90 -11.23 -2.45 -7.82
N GLY A 91 -11.49 -3.75 -7.62
CA GLY A 91 -10.52 -4.81 -7.85
C GLY A 91 -9.07 -4.40 -7.62
N PHE A 92 -8.64 -4.29 -6.36
CA PHE A 92 -7.23 -4.06 -6.07
C PHE A 92 -6.94 -4.72 -4.72
N ALA A 93 -5.72 -5.24 -4.59
CA ALA A 93 -5.31 -5.95 -3.39
C ALA A 93 -3.79 -6.03 -3.31
N TYR A 94 -3.27 -6.42 -2.16
CA TYR A 94 -1.84 -6.59 -1.97
C TYR A 94 -1.56 -7.69 -0.97
N ALA A 95 -0.29 -8.10 -0.89
CA ALA A 95 0.12 -9.18 -0.03
C ALA A 95 1.59 -9.07 0.31
N ARG A 96 2.00 -9.64 1.45
CA ARG A 96 3.40 -9.74 1.80
C ARG A 96 3.83 -11.19 1.78
N TYR A 97 4.94 -11.45 1.07
CA TYR A 97 5.53 -12.77 0.96
C TYR A 97 6.53 -13.08 2.07
N SER A 98 6.81 -14.36 2.34
CA SER A 98 7.83 -14.75 3.29
C SER A 98 9.21 -14.21 2.90
N SER A 99 9.40 -13.88 1.62
CA SER A 99 10.63 -13.28 1.14
C SER A 99 10.39 -12.59 -0.20
N ARG A 100 11.34 -11.74 -0.61
CA ARG A 100 11.25 -11.04 -1.89
C ARG A 100 11.30 -12.05 -3.03
N ARG A 101 11.93 -13.20 -2.82
CA ARG A 101 11.99 -14.25 -3.83
C ARG A 101 10.58 -14.67 -4.25
N GLY A 102 9.66 -14.69 -3.29
CA GLY A 102 8.26 -15.01 -3.56
C GLY A 102 7.57 -13.84 -4.25
N ALA A 103 7.93 -12.62 -3.86
CA ALA A 103 7.33 -11.41 -4.38
C ALA A 103 7.77 -11.16 -5.82
N GLN A 104 9.01 -11.52 -6.16
CA GLN A 104 9.56 -11.28 -7.48
C GLN A 104 9.02 -12.28 -8.49
N ALA A 105 8.78 -13.51 -8.03
CA ALA A 105 8.17 -14.53 -8.86
C ALA A 105 6.69 -14.20 -9.10
N ALA A 106 6.00 -13.68 -8.07
CA ALA A 106 4.58 -13.38 -8.16
C ALA A 106 4.29 -12.41 -9.29
N ILE A 107 4.99 -11.27 -9.29
CA ILE A 107 4.80 -10.28 -10.35
C ILE A 107 5.16 -10.88 -11.72
N ALA A 108 6.33 -11.51 -11.82
CA ALA A 108 6.78 -12.11 -13.07
C ALA A 108 5.86 -13.24 -13.54
N THR A 109 4.86 -13.62 -12.74
CA THR A 109 3.96 -14.72 -13.06
C THR A 109 2.52 -14.24 -13.20
N LEU A 110 2.11 -13.27 -12.38
CA LEU A 110 0.73 -12.80 -12.36
C LEU A 110 0.54 -11.63 -13.31
N HIS A 111 1.57 -10.79 -13.48
CA HIS A 111 1.52 -9.61 -14.33
C HIS A 111 1.38 -9.94 -15.82
N ASN A 112 1.18 -11.21 -16.17
CA ASN A 112 0.93 -11.60 -17.55
C ASN A 112 -0.02 -12.81 -17.58
N HIS A 113 -0.61 -13.13 -16.42
CA HIS A 113 -1.49 -14.28 -16.28
C HIS A 113 -2.91 -13.90 -16.73
N PRO A 114 -3.46 -14.60 -17.72
CA PRO A 114 -4.82 -14.41 -18.20
C PRO A 114 -5.81 -15.04 -17.22
N LEU A 115 -5.90 -14.49 -16.00
CA LEU A 115 -6.78 -15.03 -14.98
C LEU A 115 -8.22 -15.05 -15.47
N ARG A 116 -8.60 -14.03 -16.25
CA ARG A 116 -9.91 -13.93 -16.90
C ARG A 116 -9.76 -13.17 -18.22
N PRO A 117 -10.68 -13.37 -19.17
CA PRO A 117 -10.69 -12.67 -20.44
C PRO A 117 -10.79 -11.15 -20.23
N SER A 118 -10.17 -10.37 -21.12
CA SER A 118 -10.20 -8.91 -21.08
C SER A 118 -9.77 -8.36 -19.72
N CYS A 119 -8.92 -9.11 -19.00
CA CYS A 119 -8.45 -8.71 -17.68
C CYS A 119 -6.94 -8.96 -17.56
N PRO A 120 -6.12 -8.08 -18.15
CA PRO A 120 -4.67 -8.12 -18.05
C PRO A 120 -4.25 -7.75 -16.63
N LEU A 121 -4.36 -8.73 -15.72
CA LEU A 121 -4.05 -8.57 -14.30
C LEU A 121 -2.69 -7.86 -14.10
N LEU A 122 -2.76 -6.59 -13.68
CA LEU A 122 -1.57 -5.77 -13.42
C LEU A 122 -1.01 -6.10 -12.03
N VAL A 123 0.32 -6.11 -11.89
CA VAL A 123 0.96 -6.30 -10.59
C VAL A 123 2.10 -5.32 -10.35
N CYS A 124 2.58 -5.25 -9.10
CA CYS A 124 3.64 -4.34 -8.70
C CYS A 124 4.28 -4.88 -7.42
N ARG A 125 5.41 -4.30 -6.99
CA ARG A 125 6.09 -4.73 -5.79
C ARG A 125 6.85 -3.58 -5.11
N SER A 126 6.44 -2.34 -5.35
CA SER A 126 7.16 -1.19 -4.80
C SER A 126 6.24 -0.01 -4.55
N THR A 127 6.11 0.34 -3.27
CA THR A 127 5.47 1.58 -2.80
C THR A 127 5.87 1.67 -1.34
N GLU A 128 6.78 2.61 -1.02
CA GLU A 128 7.31 2.75 0.32
C GLU A 128 6.34 3.55 1.18
N LYS A 129 5.18 2.95 1.47
CA LYS A 129 4.11 3.59 2.23
C LYS A 129 4.57 3.98 3.64
N CYS A 130 5.54 3.25 4.19
CA CYS A 130 6.14 3.57 5.48
C CYS A 130 6.80 4.96 5.51
N GLU A 131 6.69 5.73 4.43
CA GLU A 131 7.19 7.10 4.37
C GLU A 131 6.22 7.97 3.58
N LEU A 132 6.22 9.27 3.89
CA LEU A 132 5.23 10.20 3.36
C LEU A 132 5.93 11.24 2.48
N SER A 133 5.20 11.88 1.57
CA SER A 133 5.74 12.91 0.70
C SER A 133 4.76 14.08 0.60
N VAL A 134 5.29 15.30 0.54
CA VAL A 134 4.47 16.52 0.54
C VAL A 134 4.95 17.49 -0.53
N ASP A 135 4.09 18.42 -0.94
CA ASP A 135 4.38 19.32 -2.04
C ASP A 135 3.61 20.62 -1.81
N GLY A 136 4.02 21.69 -2.48
CA GLY A 136 3.45 23.01 -2.29
C GLY A 136 4.05 23.67 -1.05
N LEU A 137 3.78 23.09 0.12
CA LEU A 137 4.30 23.55 1.40
C LEU A 137 3.86 24.99 1.71
N PRO A 138 4.18 25.49 2.92
CA PRO A 138 3.92 26.86 3.33
C PRO A 138 4.73 27.86 2.50
N PRO A 139 4.46 29.16 2.67
CA PRO A 139 5.09 30.22 1.89
C PRO A 139 6.56 30.41 2.28
N ASN A 140 6.82 30.57 3.57
CA ASN A 140 8.14 30.89 4.08
C ASN A 140 8.42 30.19 5.42
N LEU A 141 7.45 29.41 5.89
CA LEU A 141 7.56 28.72 7.17
C LEU A 141 8.77 27.80 7.18
N THR A 142 9.47 27.74 8.32
CA THR A 142 10.62 26.85 8.45
C THR A 142 10.20 25.40 8.63
N ARG A 143 11.09 24.48 8.27
CA ARG A 143 10.84 23.06 8.39
C ARG A 143 10.49 22.67 9.82
N SER A 144 11.14 23.31 10.79
CA SER A 144 10.98 22.93 12.19
C SER A 144 9.55 23.13 12.65
N ALA A 145 8.93 24.25 12.24
CA ALA A 145 7.56 24.57 12.61
C ALA A 145 6.60 23.77 11.74
N LEU A 146 7.04 23.39 10.54
CA LEU A 146 6.23 22.64 9.61
C LEU A 146 5.93 21.23 10.16
N LEU A 147 6.91 20.58 10.78
CA LEU A 147 6.67 19.30 11.43
C LEU A 147 5.74 19.50 12.61
N LEU A 148 6.03 20.50 13.44
CA LEU A 148 5.22 20.81 14.61
C LEU A 148 3.78 21.07 14.21
N ALA A 149 3.58 21.75 13.07
CA ALA A 149 2.24 22.01 12.56
C ALA A 149 1.48 20.72 12.28
N LEU A 150 2.16 19.67 11.81
CA LEU A 150 1.51 18.40 11.52
C LEU A 150 1.80 17.32 12.56
N GLN A 151 2.49 17.67 13.67
CA GLN A 151 2.86 16.69 14.67
C GLN A 151 1.67 16.22 15.54
N PRO A 152 0.69 17.08 15.87
CA PRO A 152 -0.41 16.68 16.72
C PRO A 152 -1.38 15.75 15.98
N LEU A 153 -1.38 15.81 14.65
CA LEU A 153 -2.20 14.92 13.83
C LEU A 153 -1.43 13.67 13.41
N GLY A 154 -0.13 13.62 13.71
CA GLY A 154 0.69 12.45 13.44
C GLY A 154 1.83 12.36 14.45
N PRO A 155 1.52 12.05 15.72
CA PRO A 155 2.48 11.99 16.81
C PRO A 155 3.42 10.79 16.68
N GLY A 156 3.19 9.92 15.69
CA GLY A 156 4.02 8.74 15.48
C GLY A 156 5.26 9.07 14.65
N LEU A 157 5.45 10.34 14.29
CA LEU A 157 6.52 10.74 13.42
C LEU A 157 7.90 10.53 14.06
N GLN A 158 8.79 9.86 13.34
CA GLN A 158 10.16 9.63 13.80
C GLN A 158 11.05 10.82 13.41
N GLU A 159 11.00 11.20 12.14
CA GLU A 159 11.82 12.28 11.62
C GLU A 159 11.31 12.72 10.25
N ALA A 160 11.79 13.88 9.78
CA ALA A 160 11.48 14.38 8.46
C ALA A 160 12.61 15.25 7.95
N ARG A 161 12.79 15.24 6.63
CA ARG A 161 13.80 16.05 5.96
C ARG A 161 13.17 16.72 4.74
N LEU A 162 13.47 18.00 4.53
CA LEU A 162 12.83 18.77 3.47
C LEU A 162 13.89 19.41 2.57
N LEU A 163 14.08 18.84 1.39
CA LEU A 163 14.98 19.41 0.38
C LEU A 163 14.81 18.77 -1.01
N PRO A 164 15.21 17.50 -1.20
CA PRO A 164 15.35 16.90 -2.53
C PRO A 164 14.04 16.73 -3.28
N SER A 165 13.61 17.79 -3.99
CA SER A 165 12.43 17.73 -4.82
C SER A 165 12.77 17.10 -6.18
N PRO A 166 11.82 16.35 -6.76
CA PRO A 166 12.01 15.65 -8.03
C PRO A 166 11.84 16.57 -9.23
N GLY A 167 11.18 17.72 -9.05
CA GLY A 167 10.76 18.56 -10.17
C GLY A 167 9.57 17.93 -10.87
N PRO A 168 8.82 18.73 -11.65
CA PRO A 168 8.98 20.16 -11.87
C PRO A 168 8.53 20.95 -10.64
N ALA A 169 7.98 20.24 -9.65
CA ALA A 169 7.64 20.79 -8.34
C ALA A 169 8.76 21.70 -7.82
N PRO A 170 8.43 22.64 -6.91
CA PRO A 170 9.37 23.63 -6.40
C PRO A 170 10.61 22.99 -5.79
N GLY A 171 11.60 23.83 -5.46
CA GLY A 171 12.93 23.40 -5.07
C GLY A 171 12.97 22.60 -3.77
N GLN A 172 11.83 22.45 -3.09
CA GLN A 172 11.79 21.73 -1.83
C GLN A 172 10.62 20.74 -1.79
N ILE A 173 10.86 19.58 -1.17
CA ILE A 173 9.82 18.58 -0.94
C ILE A 173 10.01 18.01 0.47
N ALA A 174 8.94 17.53 1.11
CA ALA A 174 9.06 16.93 2.43
C ALA A 174 8.94 15.41 2.36
N LEU A 175 9.87 14.71 3.02
CA LEU A 175 9.80 13.26 3.15
C LEU A 175 9.78 12.83 4.62
N LEU A 176 8.58 12.50 5.11
CA LEU A 176 8.37 12.15 6.51
C LEU A 176 8.42 10.66 6.76
N LYS A 177 9.02 10.32 7.90
CA LYS A 177 9.14 8.94 8.35
C LYS A 177 8.36 8.75 9.64
N PHE A 178 7.49 7.74 9.67
CA PHE A 178 6.60 7.50 10.80
C PHE A 178 6.89 6.19 11.53
N SER A 179 6.26 5.98 12.69
CA SER A 179 6.46 4.76 13.48
C SER A 179 5.78 3.56 12.84
N SER A 180 4.76 3.80 12.00
CA SER A 180 4.01 2.74 11.35
C SER A 180 3.39 3.26 10.06
N HIS A 181 2.92 2.35 9.20
CA HIS A 181 2.30 2.75 7.95
C HIS A 181 1.07 3.60 8.26
N ARG A 182 0.12 3.05 9.04
CA ARG A 182 -1.08 3.77 9.41
C ARG A 182 -0.75 5.11 10.06
N ALA A 183 0.33 5.20 10.84
CA ALA A 183 0.70 6.45 11.49
C ALA A 183 0.90 7.55 10.43
N ALA A 184 1.50 7.21 9.29
CA ALA A 184 1.65 8.15 8.19
C ALA A 184 0.30 8.39 7.53
N ALA A 185 -0.55 7.37 7.42
CA ALA A 185 -1.86 7.52 6.79
C ALA A 185 -2.80 8.37 7.64
N MET A 186 -2.67 8.35 8.96
CA MET A 186 -3.53 9.16 9.83
C MET A 186 -3.19 10.62 9.62
N ALA A 187 -1.89 10.93 9.53
CA ALA A 187 -1.44 12.27 9.27
C ALA A 187 -1.80 12.67 7.83
N LYS A 188 -1.50 11.80 6.87
CA LYS A 188 -1.70 12.09 5.46
C LYS A 188 -3.18 12.34 5.19
N LYS A 189 -4.04 11.48 5.75
CA LYS A 189 -5.48 11.57 5.55
C LYS A 189 -6.00 12.91 6.04
N ALA A 190 -5.45 13.43 7.14
CA ALA A 190 -5.92 14.68 7.69
C ALA A 190 -5.58 15.86 6.77
N LEU A 191 -4.47 15.76 6.03
CA LEU A 191 -4.01 16.85 5.18
C LEU A 191 -4.87 16.98 3.92
N VAL A 192 -5.31 15.87 3.34
CA VAL A 192 -6.22 15.92 2.18
C VAL A 192 -7.63 16.19 2.70
N GLU A 193 -7.92 15.83 3.95
CA GLU A 193 -9.25 16.05 4.53
C GLU A 193 -9.55 17.53 4.74
N GLY A 194 -8.53 18.37 4.87
CA GLY A 194 -8.73 19.81 4.97
C GLY A 194 -7.74 20.52 5.89
N GLN A 195 -6.70 19.83 6.35
CA GLN A 195 -5.68 20.46 7.19
C GLN A 195 -4.61 21.12 6.33
N SER A 196 -4.77 21.08 5.01
CA SER A 196 -3.92 21.78 4.06
C SER A 196 -4.15 23.30 4.20
N HIS A 197 -3.51 24.10 3.33
CA HIS A 197 -3.56 25.55 3.40
C HIS A 197 -3.14 26.03 4.79
N LEU A 198 -1.93 25.66 5.21
CA LEU A 198 -1.43 25.95 6.55
C LEU A 198 -1.46 27.44 6.82
N CYS A 199 -0.88 28.25 5.92
CA CYS A 199 -0.93 29.70 6.05
C CYS A 199 -0.56 30.36 4.72
N GLY A 200 -1.57 30.85 3.99
CA GLY A 200 -1.37 31.68 2.81
C GLY A 200 -0.75 30.93 1.63
N GLU A 201 -0.64 29.60 1.72
CA GLU A 201 -0.07 28.78 0.66
C GLU A 201 -0.83 27.45 0.62
N GLN A 202 -0.22 26.37 0.16
CA GLN A 202 -0.97 25.14 -0.11
C GLN A 202 -0.12 23.90 0.14
N VAL A 203 -0.80 22.75 0.27
CA VAL A 203 -0.16 21.46 0.46
C VAL A 203 -0.75 20.41 -0.46
N ALA A 204 0.02 19.35 -0.74
CA ALA A 204 -0.46 18.21 -1.49
C ALA A 204 0.31 16.98 -1.02
N VAL A 205 -0.40 16.04 -0.41
CA VAL A 205 0.20 14.87 0.18
C VAL A 205 0.07 13.64 -0.73
N GLU A 206 1.18 12.90 -0.86
CA GLU A 206 1.24 11.67 -1.64
C GLU A 206 2.24 10.72 -0.99
N TRP A 207 2.20 9.43 -1.35
CA TRP A 207 3.20 8.48 -0.89
C TRP A 207 4.43 8.52 -1.77
N LEU A 208 5.48 7.78 -1.39
CA LEU A 208 6.66 7.66 -2.23
C LEU A 208 6.34 6.82 -3.46
N LYS A 209 7.21 6.91 -4.47
CA LYS A 209 7.03 6.19 -5.74
C LYS A 209 8.39 5.63 -6.16
N PRO A 210 8.41 4.55 -6.95
CA PRO A 210 9.64 3.92 -7.38
C PRO A 210 10.48 4.86 -8.23
N ASP A 211 9.82 5.70 -9.03
CA ASP A 211 10.51 6.69 -9.86
C ASP A 211 10.91 7.92 -9.06
N LEU A 212 10.10 8.28 -8.05
CA LEU A 212 10.35 9.42 -7.19
C LEU A 212 11.56 9.14 -6.31
N LYS A 213 11.62 7.92 -5.76
CA LYS A 213 12.61 7.56 -4.76
C LYS A 213 14.00 7.46 -5.36
N GLN A 214 14.11 6.97 -6.61
CA GLN A 214 15.41 6.87 -7.27
C GLN A 214 15.93 8.26 -7.64
N ARG A 215 15.04 9.19 -7.99
CA ARG A 215 15.44 10.55 -8.34
C ARG A 215 15.84 11.30 -7.08
N LEU A 216 15.09 11.10 -6.00
CA LEU A 216 15.36 11.70 -4.71
C LEU A 216 16.70 11.20 -4.18
N ARG A 217 17.01 9.92 -4.43
CA ARG A 217 18.26 9.31 -3.99
C ARG A 217 19.44 9.87 -4.77
N GLN A 218 19.28 10.08 -6.08
CA GLN A 218 20.38 10.55 -6.92
C GLN A 218 20.88 11.92 -6.48
N GLN A 219 20.02 12.75 -5.88
CA GLN A 219 20.42 14.05 -5.38
C GLN A 219 20.69 14.01 -3.86
N LEU A 220 20.11 13.05 -3.15
CA LEU A 220 20.35 12.86 -1.73
C LEU A 220 21.77 12.33 -1.51
N VAL A 221 22.28 11.51 -2.44
CA VAL A 221 23.62 10.97 -2.36
C VAL A 221 24.63 12.13 -2.42
N GLY A 222 24.21 13.27 -2.96
CA GLY A 222 25.11 14.39 -3.18
C GLY A 222 25.74 14.85 -1.86
N PRO A 223 24.95 15.45 -0.95
CA PRO A 223 25.41 15.88 0.36
C PRO A 223 26.01 14.74 1.17
N PHE A 224 25.62 13.49 0.87
CA PHE A 224 26.13 12.31 1.53
C PHE A 224 27.43 11.74 0.95
N LEU A 225 27.96 12.38 -0.09
CA LEU A 225 29.17 11.93 -0.76
C LEU A 225 30.19 13.08 -0.90
N ARG A 226 29.72 14.32 -0.86
CA ARG A 226 30.58 15.50 -0.99
C ARG A 226 29.92 16.71 -0.32
N SER A 227 30.68 17.80 -0.19
CA SER A 227 30.17 19.06 0.34
C SER A 227 29.17 19.68 -0.64
N GLY A 1 -30.77 -10.06 1.42
CA GLY A 1 -31.43 -10.60 0.21
C GLY A 1 -31.67 -12.10 0.33
N ALA A 2 -32.77 -12.58 -0.26
CA ALA A 2 -33.11 -14.00 -0.24
C ALA A 2 -32.14 -14.80 -1.10
N MET A 3 -32.07 -16.11 -0.85
CA MET A 3 -31.21 -17.00 -1.61
C MET A 3 -31.76 -17.24 -3.02
N GLU A 4 -32.96 -16.72 -3.30
CA GLU A 4 -33.59 -16.83 -4.62
C GLU A 4 -33.03 -15.81 -5.60
N ARG A 5 -31.94 -15.14 -5.21
CA ARG A 5 -31.30 -14.10 -6.00
C ARG A 5 -29.80 -14.36 -6.09
N VAL A 6 -29.18 -13.85 -7.16
CA VAL A 6 -27.74 -13.96 -7.45
C VAL A 6 -27.20 -15.35 -7.07
N ASN A 7 -25.93 -15.43 -6.69
CA ASN A 7 -25.28 -16.68 -6.35
C ASN A 7 -24.45 -16.51 -5.07
N PRO A 8 -25.11 -16.53 -3.89
CA PRO A 8 -24.44 -16.35 -2.61
C PRO A 8 -23.55 -17.55 -2.28
N GLU A 9 -23.74 -18.67 -3.00
CA GLU A 9 -22.90 -19.85 -2.82
C GLU A 9 -21.42 -19.50 -2.99
N ASN A 10 -21.11 -18.46 -3.77
CA ASN A 10 -19.73 -18.07 -4.02
C ASN A 10 -19.10 -17.48 -2.75
N LYS A 11 -19.71 -16.43 -2.18
CA LYS A 11 -19.21 -15.83 -0.94
C LYS A 11 -19.36 -16.80 0.22
N ALA A 12 -20.32 -17.72 0.14
CA ALA A 12 -20.48 -18.75 1.16
C ALA A 12 -19.38 -19.81 1.04
N ALA A 13 -18.85 -20.02 -0.17
CA ALA A 13 -17.83 -21.02 -0.38
C ALA A 13 -16.52 -20.63 0.31
N LEU A 14 -16.14 -19.34 0.24
CA LEU A 14 -14.93 -18.90 0.92
C LEU A 14 -15.15 -18.84 2.43
N GLU A 15 -16.39 -18.66 2.90
CA GLU A 15 -16.66 -18.66 4.33
C GLU A 15 -16.46 -20.07 4.89
N ALA A 16 -16.94 -21.08 4.17
CA ALA A 16 -16.69 -22.46 4.51
C ALA A 16 -15.21 -22.84 4.38
N TRP A 17 -14.43 -22.07 3.61
CA TRP A 17 -13.00 -22.33 3.51
C TRP A 17 -12.22 -21.73 4.66
N VAL A 18 -12.38 -20.42 4.91
CA VAL A 18 -11.64 -19.77 5.98
C VAL A 18 -11.88 -20.45 7.32
N ARG A 19 -13.04 -21.09 7.50
CA ARG A 19 -13.35 -21.77 8.76
C ARG A 19 -12.64 -23.11 8.86
N GLU A 20 -12.25 -23.71 7.73
CA GLU A 20 -11.58 -25.01 7.75
C GLU A 20 -10.07 -24.85 7.95
N THR A 21 -9.56 -23.64 7.73
CA THR A 21 -8.15 -23.32 7.98
C THR A 21 -8.06 -22.55 9.29
N GLY A 22 -9.16 -21.95 9.75
CA GLY A 22 -9.19 -21.20 10.99
C GLY A 22 -8.54 -19.83 10.82
N ILE A 23 -8.50 -19.31 9.59
CA ILE A 23 -7.83 -18.06 9.30
C ILE A 23 -8.71 -16.87 9.69
N ARG A 24 -10.02 -17.03 9.52
CA ARG A 24 -11.03 -16.02 9.86
C ARG A 24 -10.64 -14.62 9.35
N LEU A 25 -11.01 -14.33 8.09
CA LEU A 25 -10.71 -13.06 7.45
C LEU A 25 -11.09 -11.90 8.35
N VAL A 26 -10.17 -10.96 8.58
CA VAL A 26 -10.45 -9.81 9.42
C VAL A 26 -11.14 -8.71 8.62
N GLN A 27 -12.32 -8.30 9.07
CA GLN A 27 -13.06 -7.20 8.45
C GLN A 27 -12.43 -5.86 8.83
N VAL A 28 -12.47 -4.90 7.90
CA VAL A 28 -11.92 -3.58 8.11
C VAL A 28 -12.93 -2.54 7.65
N ASN A 29 -13.85 -2.16 8.55
CA ASN A 29 -14.94 -1.23 8.26
C ASN A 29 -15.84 -1.70 7.10
N GLY A 30 -15.54 -2.86 6.50
CA GLY A 30 -16.28 -3.39 5.37
C GLY A 30 -15.35 -4.03 4.35
N GLN A 31 -14.07 -3.65 4.37
CA GLN A 31 -13.04 -4.29 3.56
C GLN A 31 -12.66 -5.63 4.20
N ARG A 32 -11.78 -6.40 3.55
CA ARG A 32 -11.44 -7.74 4.03
C ARG A 32 -9.99 -8.08 3.73
N LYS A 33 -9.35 -8.82 4.63
CA LYS A 33 -7.99 -9.27 4.43
C LYS A 33 -7.78 -10.66 5.03
N TYR A 34 -6.92 -11.45 4.37
CA TYR A 34 -6.57 -12.79 4.81
C TYR A 34 -5.30 -12.87 5.66
N GLY A 35 -5.27 -13.80 6.63
CA GLY A 35 -4.15 -13.98 7.53
C GLY A 35 -3.03 -14.76 6.85
N GLY A 36 -2.52 -15.80 7.53
CA GLY A 36 -1.51 -16.67 6.95
C GLY A 36 -1.02 -17.70 7.96
N PRO A 37 -1.84 -18.72 8.25
CA PRO A 37 -1.45 -19.81 9.12
C PRO A 37 -0.20 -20.50 8.59
N PRO A 38 0.68 -20.98 9.48
CA PRO A 38 1.92 -21.63 9.11
C PRO A 38 1.64 -23.04 8.58
N PRO A 39 2.09 -23.36 7.36
CA PRO A 39 2.03 -24.71 6.80
C PRO A 39 3.13 -25.58 7.41
N GLY A 40 4.06 -24.95 8.13
CA GLY A 40 5.21 -25.62 8.73
C GLY A 40 6.38 -24.65 8.85
N TRP A 41 6.35 -23.58 8.05
CA TRP A 41 7.33 -22.51 8.12
C TRP A 41 7.06 -21.59 9.30
N VAL A 42 8.09 -20.88 9.75
CA VAL A 42 7.97 -19.92 10.85
C VAL A 42 8.97 -18.78 10.68
N GLY A 43 8.56 -17.56 11.05
CA GLY A 43 9.38 -16.38 10.94
C GLY A 43 8.54 -15.16 10.59
N SER A 44 9.19 -14.08 10.16
CA SER A 44 8.52 -12.87 9.73
C SER A 44 9.27 -12.24 8.56
N PRO A 45 8.57 -11.54 7.65
CA PRO A 45 9.18 -10.91 6.50
C PRO A 45 10.27 -9.91 6.90
N PRO A 46 11.43 -9.95 6.23
CA PRO A 46 12.51 -9.02 6.44
C PRO A 46 12.17 -7.68 5.78
N PRO A 47 12.97 -6.63 6.04
CA PRO A 47 12.88 -5.38 5.32
C PRO A 47 13.22 -5.61 3.85
N ALA A 48 12.19 -5.70 3.01
CA ALA A 48 12.34 -6.13 1.62
C ALA A 48 11.13 -5.68 0.81
N GLY A 49 11.26 -5.71 -0.52
CA GLY A 49 10.18 -5.36 -1.44
C GLY A 49 9.18 -6.50 -1.56
N SER A 50 8.83 -7.12 -0.43
CA SER A 50 7.98 -8.29 -0.39
C SER A 50 6.50 -7.99 -0.66
N GLU A 51 6.20 -6.85 -1.29
CA GLU A 51 4.81 -6.47 -1.53
C GLU A 51 4.44 -6.67 -2.99
N VAL A 52 3.18 -7.02 -3.24
CA VAL A 52 2.70 -7.32 -4.59
C VAL A 52 1.25 -6.85 -4.73
N PHE A 53 0.92 -6.33 -5.91
CA PHE A 53 -0.40 -5.77 -6.17
C PHE A 53 -1.00 -6.15 -7.52
N ILE A 54 -2.04 -6.99 -7.53
CA ILE A 54 -2.79 -7.26 -8.74
C ILE A 54 -3.85 -6.18 -8.97
N GLY A 55 -4.28 -6.04 -10.22
CA GLY A 55 -5.30 -5.07 -10.59
C GLY A 55 -6.04 -5.51 -11.85
N ARG A 56 -7.20 -4.88 -12.11
CA ARG A 56 -8.05 -5.21 -13.25
C ARG A 56 -8.45 -6.68 -13.27
N LEU A 57 -8.63 -7.26 -12.08
CA LEU A 57 -9.11 -8.64 -11.95
C LEU A 57 -10.53 -8.73 -12.49
N PRO A 58 -11.03 -9.94 -12.75
CA PRO A 58 -12.41 -10.14 -13.09
C PRO A 58 -13.29 -9.61 -11.96
N GLN A 59 -14.31 -8.82 -12.31
CA GLN A 59 -15.11 -8.13 -11.29
C GLN A 59 -16.09 -9.06 -10.59
N ASP A 60 -15.99 -10.37 -10.82
CA ASP A 60 -16.85 -11.34 -10.16
C ASP A 60 -16.05 -12.41 -9.40
N VAL A 61 -14.72 -12.35 -9.47
CA VAL A 61 -13.86 -13.33 -8.81
C VAL A 61 -13.69 -13.05 -7.31
N TYR A 62 -13.51 -14.11 -6.52
CA TYR A 62 -13.24 -13.98 -5.10
C TYR A 62 -11.81 -14.34 -4.67
N GLU A 63 -11.38 -13.73 -3.56
CA GLU A 63 -10.16 -14.10 -2.86
C GLU A 63 -9.91 -15.61 -2.81
N HIS A 64 -10.93 -16.47 -2.87
CA HIS A 64 -10.71 -17.91 -2.83
C HIS A 64 -10.02 -18.38 -4.13
N GLN A 65 -9.76 -17.45 -5.04
CA GLN A 65 -9.08 -17.73 -6.29
C GLN A 65 -7.76 -16.96 -6.33
N LEU A 66 -7.79 -15.69 -5.90
CA LEU A 66 -6.60 -14.85 -5.91
C LEU A 66 -5.62 -15.31 -4.83
N ILE A 67 -6.14 -15.82 -3.71
CA ILE A 67 -5.27 -16.15 -2.59
C ILE A 67 -4.40 -17.38 -2.88
N PRO A 68 -4.97 -18.51 -3.34
CA PRO A 68 -4.18 -19.69 -3.68
C PRO A 68 -3.26 -19.42 -4.87
N LEU A 69 -3.67 -18.50 -5.76
CA LEU A 69 -2.84 -18.05 -6.87
C LEU A 69 -1.58 -17.35 -6.32
N PHE A 70 -1.69 -16.80 -5.11
CA PHE A 70 -0.54 -16.25 -4.41
C PHE A 70 0.26 -17.27 -3.61
N GLN A 71 -0.42 -18.28 -3.04
CA GLN A 71 0.24 -19.26 -2.21
C GLN A 71 1.02 -20.27 -3.06
N ARG A 72 0.82 -20.24 -4.38
CA ARG A 72 1.52 -21.16 -5.27
C ARG A 72 2.84 -20.58 -5.75
N VAL A 73 2.92 -19.26 -5.93
CA VAL A 73 4.17 -18.62 -6.36
C VAL A 73 5.10 -18.35 -5.18
N GLY A 74 4.55 -18.28 -3.97
CA GLY A 74 5.36 -18.07 -2.78
C GLY A 74 4.55 -18.13 -1.49
N ARG A 75 5.27 -18.14 -0.36
CA ARG A 75 4.66 -18.12 0.97
C ARG A 75 3.95 -16.79 1.20
N LEU A 76 2.62 -16.84 1.39
CA LEU A 76 1.82 -15.67 1.66
C LEU A 76 1.91 -15.34 3.16
N TYR A 77 2.28 -14.10 3.51
CA TYR A 77 2.26 -13.67 4.89
C TYR A 77 0.93 -13.03 5.28
N GLU A 78 0.33 -12.28 4.35
CA GLU A 78 -1.04 -11.79 4.49
C GLU A 78 -1.52 -11.24 3.14
N PHE A 79 -2.74 -11.61 2.73
CA PHE A 79 -3.35 -11.09 1.52
C PHE A 79 -4.39 -10.05 1.93
N ARG A 80 -4.64 -9.06 1.06
CA ARG A 80 -5.59 -8.00 1.35
C ARG A 80 -6.41 -7.74 0.08
N LEU A 81 -7.71 -7.43 0.22
CA LEU A 81 -8.59 -7.29 -0.92
C LEU A 81 -9.67 -6.23 -0.69
N MET A 82 -9.77 -5.30 -1.64
CA MET A 82 -10.76 -4.24 -1.58
C MET A 82 -11.45 -4.03 -2.93
N MET A 83 -12.66 -3.49 -2.88
CA MET A 83 -13.48 -3.28 -4.05
C MET A 83 -14.59 -2.25 -3.76
N THR A 84 -14.80 -1.34 -4.71
CA THR A 84 -15.76 -0.27 -4.59
C THR A 84 -17.17 -0.65 -5.07
N PHE A 85 -18.17 0.18 -4.77
CA PHE A 85 -19.54 -0.12 -5.15
C PHE A 85 -20.25 1.17 -5.58
N SER A 86 -19.50 2.27 -5.68
CA SER A 86 -20.06 3.55 -6.12
C SER A 86 -20.16 3.59 -7.65
N GLY A 87 -19.65 2.57 -8.33
CA GLY A 87 -19.65 2.52 -9.79
C GLY A 87 -18.97 1.24 -10.27
N LEU A 88 -19.45 0.08 -9.79
CA LEU A 88 -18.84 -1.22 -10.00
C LEU A 88 -17.43 -1.30 -9.40
N ASN A 89 -17.04 -2.48 -8.92
CA ASN A 89 -15.81 -2.63 -8.17
C ASN A 89 -14.57 -2.24 -8.96
N ARG A 90 -13.54 -1.79 -8.25
CA ARG A 90 -12.27 -1.43 -8.86
C ARG A 90 -11.34 -2.64 -9.00
N GLY A 91 -11.85 -3.84 -8.69
CA GLY A 91 -11.07 -5.08 -8.73
C GLY A 91 -9.58 -4.86 -8.49
N PHE A 92 -9.18 -4.57 -7.24
CA PHE A 92 -7.76 -4.37 -6.95
C PHE A 92 -7.44 -4.99 -5.59
N ALA A 93 -6.23 -5.52 -5.45
CA ALA A 93 -5.80 -6.16 -4.23
C ALA A 93 -4.28 -6.21 -4.13
N TYR A 94 -3.77 -6.47 -2.92
CA TYR A 94 -2.34 -6.63 -2.70
C TYR A 94 -2.02 -7.62 -1.59
N ALA A 95 -0.76 -8.06 -1.50
CA ALA A 95 -0.37 -9.06 -0.54
C ALA A 95 1.13 -8.97 -0.23
N ARG A 96 1.52 -9.42 0.97
CA ARG A 96 2.92 -9.44 1.36
C ARG A 96 3.44 -10.87 1.43
N TYR A 97 4.59 -11.10 0.80
CA TYR A 97 5.27 -12.38 0.82
C TYR A 97 6.29 -12.50 1.96
N SER A 98 6.59 -13.73 2.39
CA SER A 98 7.64 -13.96 3.40
C SER A 98 8.98 -13.38 2.95
N SER A 99 9.17 -13.20 1.65
CA SER A 99 10.40 -12.64 1.10
C SER A 99 10.13 -11.97 -0.25
N ARG A 100 11.03 -11.08 -0.68
CA ARG A 100 10.84 -10.37 -1.94
C ARG A 100 11.03 -11.33 -3.10
N ARG A 101 11.74 -12.44 -2.91
CA ARG A 101 11.88 -13.45 -3.94
C ARG A 101 10.53 -14.08 -4.26
N GLY A 102 9.65 -14.15 -3.26
CA GLY A 102 8.29 -14.65 -3.45
C GLY A 102 7.45 -13.59 -4.17
N ALA A 103 7.71 -12.32 -3.85
CA ALA A 103 6.99 -11.21 -4.44
C ALA A 103 7.41 -11.00 -5.90
N GLN A 104 8.69 -11.26 -6.21
CA GLN A 104 9.21 -11.13 -7.56
C GLN A 104 8.70 -12.25 -8.45
N ALA A 105 8.59 -13.45 -7.89
CA ALA A 105 8.02 -14.58 -8.62
C ALA A 105 6.55 -14.34 -8.89
N ALA A 106 5.83 -13.77 -7.92
CA ALA A 106 4.40 -13.57 -8.04
C ALA A 106 4.08 -12.66 -9.23
N ILE A 107 4.69 -11.49 -9.30
CA ILE A 107 4.47 -10.59 -10.42
C ILE A 107 4.88 -11.27 -11.73
N ALA A 108 6.09 -11.84 -11.77
CA ALA A 108 6.60 -12.49 -12.97
C ALA A 108 5.76 -13.72 -13.38
N THR A 109 4.78 -14.10 -12.57
CA THR A 109 3.99 -15.32 -12.81
C THR A 109 2.51 -14.99 -12.96
N LEU A 110 2.03 -13.94 -12.29
CA LEU A 110 0.63 -13.56 -12.35
C LEU A 110 0.39 -12.51 -13.43
N HIS A 111 1.36 -11.61 -13.64
CA HIS A 111 1.27 -10.55 -14.63
C HIS A 111 1.29 -11.06 -16.06
N ASN A 112 1.19 -12.38 -16.26
CA ASN A 112 1.12 -12.98 -17.58
C ASN A 112 0.24 -14.24 -17.54
N HIS A 113 -0.45 -14.46 -16.41
CA HIS A 113 -1.29 -15.63 -16.22
C HIS A 113 -2.63 -15.43 -16.93
N PRO A 114 -2.99 -16.34 -17.86
CA PRO A 114 -4.26 -16.32 -18.57
C PRO A 114 -5.38 -16.83 -17.66
N LEU A 115 -5.70 -16.07 -16.61
CA LEU A 115 -6.74 -16.46 -15.66
C LEU A 115 -8.07 -16.63 -16.38
N ARG A 116 -8.29 -15.80 -17.41
CA ARG A 116 -9.43 -15.89 -18.31
C ARG A 116 -9.00 -15.43 -19.71
N PRO A 117 -9.69 -15.89 -20.76
CA PRO A 117 -9.37 -15.55 -22.14
C PRO A 117 -9.67 -14.09 -22.46
N SER A 118 -10.05 -13.30 -21.45
CA SER A 118 -10.37 -11.89 -21.62
C SER A 118 -9.96 -11.10 -20.37
N CYS A 119 -8.87 -11.50 -19.72
CA CYS A 119 -8.40 -10.86 -18.51
C CYS A 119 -6.87 -10.96 -18.41
N PRO A 120 -6.14 -10.02 -19.03
CA PRO A 120 -4.71 -9.86 -18.88
C PRO A 120 -4.39 -9.30 -17.49
N LEU A 121 -4.67 -10.11 -16.45
CA LEU A 121 -4.49 -9.71 -15.06
C LEU A 121 -3.16 -8.96 -14.85
N LEU A 122 -3.28 -7.67 -14.51
CA LEU A 122 -2.12 -6.79 -14.30
C LEU A 122 -1.59 -6.96 -12.89
N VAL A 123 -0.26 -6.93 -12.73
CA VAL A 123 0.38 -6.99 -11.41
C VAL A 123 1.55 -6.02 -11.28
N CYS A 124 1.96 -5.77 -10.04
CA CYS A 124 2.99 -4.79 -9.74
C CYS A 124 3.47 -5.02 -8.31
N ARG A 125 4.43 -4.21 -7.84
CA ARG A 125 4.81 -4.19 -6.44
C ARG A 125 4.12 -3.00 -5.77
N SER A 126 3.81 -3.10 -4.49
CA SER A 126 3.14 -2.02 -3.78
C SER A 126 4.07 -0.85 -3.61
N THR A 127 3.52 0.36 -3.48
CA THR A 127 4.32 1.55 -3.24
C THR A 127 4.99 1.52 -1.88
N GLU A 128 5.96 2.40 -1.63
CA GLU A 128 6.61 2.51 -0.34
C GLU A 128 5.66 3.10 0.70
N LYS A 129 4.74 2.26 1.19
CA LYS A 129 3.76 2.60 2.22
C LYS A 129 4.45 2.73 3.58
N CYS A 130 5.51 3.54 3.67
CA CYS A 130 6.28 3.65 4.90
C CYS A 130 6.77 5.09 5.11
N GLU A 131 6.40 6.00 4.19
CA GLU A 131 6.87 7.38 4.23
C GLU A 131 5.78 8.32 3.71
N LEU A 132 5.98 9.62 3.91
CA LEU A 132 5.02 10.64 3.47
C LEU A 132 5.77 11.71 2.70
N SER A 133 5.10 12.39 1.76
CA SER A 133 5.68 13.47 1.00
C SER A 133 4.73 14.67 0.97
N VAL A 134 5.28 15.87 1.05
CA VAL A 134 4.51 17.11 1.10
C VAL A 134 4.93 18.06 -0.03
N ASP A 135 4.06 19.02 -0.36
CA ASP A 135 4.31 19.95 -1.46
C ASP A 135 3.61 21.27 -1.14
N GLY A 136 4.06 22.36 -1.77
CA GLY A 136 3.53 23.70 -1.53
C GLY A 136 4.17 24.30 -0.29
N LEU A 137 3.81 23.77 0.88
CA LEU A 137 4.34 24.19 2.18
C LEU A 137 4.06 25.68 2.47
N PRO A 138 4.47 26.15 3.66
CA PRO A 138 4.46 27.56 4.04
C PRO A 138 5.43 28.38 3.18
N PRO A 139 5.36 29.71 3.28
CA PRO A 139 6.14 30.62 2.45
C PRO A 139 7.64 30.53 2.73
N ASN A 140 8.03 30.65 4.00
CA ASN A 140 9.42 30.75 4.39
C ASN A 140 9.68 30.05 5.72
N LEU A 141 8.64 29.42 6.27
CA LEU A 141 8.71 28.79 7.58
C LEU A 141 9.83 27.75 7.64
N THR A 142 10.49 27.63 8.79
CA THR A 142 11.58 26.69 8.97
C THR A 142 11.09 25.27 9.15
N ARG A 143 11.92 24.30 8.77
CA ARG A 143 11.58 22.88 8.87
C ARG A 143 11.16 22.49 10.27
N SER A 144 11.72 23.14 11.29
CA SER A 144 11.44 22.77 12.68
C SER A 144 9.96 22.97 13.00
N ALA A 145 9.35 24.01 12.43
CA ALA A 145 7.96 24.32 12.68
C ALA A 145 7.03 23.45 11.83
N LEU A 146 7.49 23.05 10.64
CA LEU A 146 6.74 22.14 9.78
C LEU A 146 6.43 20.85 10.54
N LEU A 147 7.43 20.24 11.19
CA LEU A 147 7.23 19.00 11.92
C LEU A 147 6.28 19.23 13.07
N LEU A 148 6.53 20.28 13.84
CA LEU A 148 5.72 20.64 15.00
C LEU A 148 4.25 20.83 14.60
N ALA A 149 4.02 21.41 13.42
CA ALA A 149 2.67 21.63 12.92
C ALA A 149 1.91 20.32 12.72
N LEU A 150 2.62 19.23 12.36
CA LEU A 150 1.97 17.94 12.14
C LEU A 150 2.32 16.92 13.22
N GLN A 151 3.07 17.33 14.26
CA GLN A 151 3.48 16.42 15.31
C GLN A 151 2.33 15.97 16.21
N PRO A 152 1.32 16.81 16.51
CA PRO A 152 0.22 16.43 17.38
C PRO A 152 -0.75 15.47 16.67
N LEU A 153 -0.76 15.47 15.33
CA LEU A 153 -1.65 14.61 14.56
C LEU A 153 -0.92 13.34 14.08
N GLY A 154 0.40 13.29 14.23
CA GLY A 154 1.16 12.09 13.93
C GLY A 154 2.44 12.03 14.76
N PRO A 155 2.31 11.74 16.07
CA PRO A 155 3.42 11.65 17.01
C PRO A 155 4.39 10.52 16.70
N GLY A 156 4.07 9.70 15.68
CA GLY A 156 4.88 8.54 15.34
C GLY A 156 6.07 8.90 14.47
N LEU A 157 6.23 10.18 14.11
CA LEU A 157 7.27 10.61 13.19
C LEU A 157 8.66 10.32 13.75
N GLN A 158 9.47 9.61 12.98
CA GLN A 158 10.84 9.27 13.36
C GLN A 158 11.83 10.33 12.89
N GLU A 159 11.70 10.75 11.63
CA GLU A 159 12.61 11.74 11.05
C GLU A 159 11.98 12.44 9.85
N ALA A 160 12.58 13.57 9.45
CA ALA A 160 12.09 14.35 8.33
C ALA A 160 13.23 15.12 7.67
N ARG A 161 13.10 15.34 6.36
CA ARG A 161 14.06 16.11 5.59
C ARG A 161 13.30 17.00 4.60
N LEU A 162 13.60 18.31 4.62
CA LEU A 162 12.85 19.28 3.83
C LEU A 162 13.83 20.14 3.04
N LEU A 163 13.95 19.86 1.74
CA LEU A 163 14.77 20.67 0.84
C LEU A 163 14.54 20.26 -0.62
N PRO A 164 14.98 19.06 -1.04
CA PRO A 164 15.01 18.69 -2.45
C PRO A 164 13.61 18.66 -3.03
N SER A 165 13.50 18.89 -4.34
CA SER A 165 12.23 18.99 -5.03
C SER A 165 12.38 18.54 -6.48
N PRO A 166 11.37 17.86 -7.04
CA PRO A 166 11.40 17.34 -8.40
C PRO A 166 11.32 18.48 -9.43
N GLY A 167 11.52 18.13 -10.71
CA GLY A 167 11.44 19.08 -11.81
C GLY A 167 10.00 19.41 -12.15
N PRO A 168 9.81 20.17 -13.22
CA PRO A 168 10.84 20.75 -14.07
C PRO A 168 11.57 21.88 -13.36
N ALA A 169 10.97 22.40 -12.28
CA ALA A 169 11.57 23.43 -11.46
C ALA A 169 11.25 23.16 -9.98
N PRO A 170 12.18 23.48 -9.08
CA PRO A 170 12.05 23.19 -7.66
C PRO A 170 11.03 24.11 -6.99
N GLY A 171 10.72 23.80 -5.74
CA GLY A 171 9.76 24.56 -4.94
C GLY A 171 9.81 24.09 -3.48
N GLN A 172 10.92 23.47 -3.07
CA GLN A 172 11.06 22.79 -1.79
C GLN A 172 10.05 21.65 -1.63
N ILE A 173 10.43 20.60 -0.91
CA ILE A 173 9.54 19.49 -0.63
C ILE A 173 9.84 18.92 0.76
N ALA A 174 8.85 18.29 1.40
CA ALA A 174 9.06 17.62 2.68
C ALA A 174 8.92 16.11 2.53
N LEU A 175 9.88 15.36 3.08
CA LEU A 175 9.75 13.92 3.20
C LEU A 175 9.79 13.50 4.67
N LEU A 176 8.85 12.62 5.02
CA LEU A 176 8.60 12.22 6.40
C LEU A 176 8.65 10.71 6.59
N LYS A 177 9.42 10.25 7.58
CA LYS A 177 9.39 8.85 8.01
C LYS A 177 8.58 8.73 9.29
N PHE A 178 7.64 7.77 9.32
CA PHE A 178 6.79 7.54 10.48
C PHE A 178 7.11 6.22 11.18
N SER A 179 6.43 5.96 12.31
CA SER A 179 6.64 4.74 13.09
C SER A 179 6.00 3.52 12.42
N SER A 180 4.99 3.75 11.58
CA SER A 180 4.28 2.66 10.90
C SER A 180 3.59 3.18 9.64
N HIS A 181 3.08 2.26 8.82
CA HIS A 181 2.35 2.62 7.62
C HIS A 181 1.15 3.48 8.00
N ARG A 182 0.24 2.94 8.81
CA ARG A 182 -0.96 3.65 9.22
C ARG A 182 -0.63 5.00 9.85
N ALA A 183 0.46 5.11 10.60
CA ALA A 183 0.81 6.37 11.23
C ALA A 183 1.03 7.46 10.16
N ALA A 184 1.59 7.09 9.01
CA ALA A 184 1.76 8.03 7.91
C ALA A 184 0.41 8.29 7.22
N ALA A 185 -0.47 7.28 7.16
CA ALA A 185 -1.80 7.47 6.60
C ALA A 185 -2.64 8.42 7.46
N MET A 186 -2.72 8.17 8.77
CA MET A 186 -3.54 8.99 9.65
C MET A 186 -3.12 10.45 9.58
N ALA A 187 -1.82 10.71 9.47
CA ALA A 187 -1.31 12.07 9.39
C ALA A 187 -1.71 12.71 8.07
N LYS A 188 -1.48 12.05 6.93
CA LYS A 188 -1.80 12.66 5.64
C LYS A 188 -3.32 12.76 5.51
N LYS A 189 -4.04 11.84 6.17
CA LYS A 189 -5.48 11.77 6.11
C LYS A 189 -6.09 13.01 6.76
N ALA A 190 -5.43 13.51 7.81
CA ALA A 190 -5.88 14.70 8.49
C ALA A 190 -5.62 15.94 7.62
N LEU A 191 -4.55 15.88 6.82
CA LEU A 191 -4.15 17.00 6.00
C LEU A 191 -5.00 17.11 4.75
N VAL A 192 -5.45 15.98 4.20
CA VAL A 192 -6.39 15.99 3.08
C VAL A 192 -7.78 16.35 3.61
N GLU A 193 -8.05 16.04 4.89
CA GLU A 193 -9.31 16.43 5.52
C GLU A 193 -9.41 17.95 5.66
N GLY A 194 -8.28 18.66 5.67
CA GLY A 194 -8.29 20.12 5.65
C GLY A 194 -7.41 20.74 6.72
N GLN A 195 -6.54 19.95 7.35
CA GLN A 195 -5.64 20.47 8.37
C GLN A 195 -4.30 20.87 7.75
N SER A 196 -4.24 20.92 6.42
CA SER A 196 -3.02 21.18 5.67
C SER A 196 -2.54 22.62 5.81
N HIS A 197 -3.46 23.56 6.09
CA HIS A 197 -3.08 24.97 6.20
C HIS A 197 -2.27 25.20 7.47
N LEU A 198 -1.07 25.75 7.32
CA LEU A 198 -0.18 26.05 8.45
C LEU A 198 -0.70 27.26 9.21
N CYS A 199 -0.98 28.36 8.50
CA CYS A 199 -1.52 29.58 9.10
C CYS A 199 -2.07 30.53 8.04
N GLY A 200 -1.49 30.52 6.83
CA GLY A 200 -1.92 31.41 5.77
C GLY A 200 -1.37 30.99 4.40
N GLU A 201 -0.97 29.72 4.26
CA GLU A 201 -0.37 29.20 3.04
C GLU A 201 -1.01 27.85 2.74
N GLN A 202 -0.34 26.98 1.98
CA GLN A 202 -0.99 25.77 1.48
C GLN A 202 -0.04 24.58 1.45
N VAL A 203 -0.62 23.39 1.42
CA VAL A 203 0.12 22.14 1.50
C VAL A 203 -0.66 21.10 0.70
N ALA A 204 0.06 20.06 0.24
CA ALA A 204 -0.57 18.94 -0.44
C ALA A 204 0.18 17.68 -0.06
N VAL A 205 -0.55 16.71 0.49
CA VAL A 205 0.03 15.49 1.00
C VAL A 205 -0.17 14.37 -0.02
N GLU A 206 0.92 13.68 -0.34
CA GLU A 206 0.89 12.53 -1.23
C GLU A 206 1.95 11.52 -0.78
N TRP A 207 1.79 10.25 -1.15
CA TRP A 207 2.79 9.23 -0.86
C TRP A 207 4.03 9.41 -1.74
N LEU A 208 5.11 8.72 -1.37
CA LEU A 208 6.32 8.69 -2.16
C LEU A 208 6.05 7.94 -3.47
N LYS A 209 6.86 8.19 -4.49
CA LYS A 209 6.70 7.56 -5.80
C LYS A 209 8.07 7.18 -6.34
N PRO A 210 8.15 6.13 -7.18
CA PRO A 210 9.41 5.65 -7.73
C PRO A 210 10.01 6.70 -8.67
N ASP A 211 9.15 7.46 -9.36
CA ASP A 211 9.59 8.52 -10.26
C ASP A 211 9.94 9.80 -9.51
N LEU A 212 9.26 10.03 -8.38
CA LEU A 212 9.51 11.20 -7.55
C LEU A 212 10.85 11.05 -6.85
N LYS A 213 11.12 9.85 -6.33
CA LYS A 213 12.29 9.59 -5.51
C LYS A 213 13.58 9.72 -6.32
N GLN A 214 13.58 9.29 -7.58
CA GLN A 214 14.75 9.44 -8.43
C GLN A 214 14.98 10.91 -8.79
N ARG A 215 13.91 11.70 -8.95
CA ARG A 215 14.03 13.11 -9.27
C ARG A 215 14.44 13.90 -8.02
N LEU A 216 13.96 13.47 -6.86
CA LEU A 216 14.33 14.06 -5.58
C LEU A 216 15.80 13.78 -5.29
N ARG A 217 16.30 12.64 -5.77
CA ARG A 217 17.67 12.21 -5.54
C ARG A 217 18.64 12.88 -6.51
N GLN A 218 18.23 13.09 -7.76
CA GLN A 218 19.05 13.80 -8.73
C GLN A 218 19.24 15.25 -8.29
N GLN A 219 18.30 15.77 -7.50
CA GLN A 219 18.40 17.10 -6.90
C GLN A 219 19.19 17.05 -5.60
N LEU A 220 19.00 15.99 -4.81
CA LEU A 220 19.63 15.84 -3.50
C LEU A 220 21.13 15.57 -3.66
N VAL A 221 21.52 14.84 -4.70
CA VAL A 221 22.93 14.52 -4.94
C VAL A 221 23.75 15.76 -5.33
N GLY A 222 23.07 16.88 -5.61
CA GLY A 222 23.74 18.13 -5.97
C GLY A 222 24.55 18.67 -4.80
N PRO A 223 23.88 19.14 -3.74
CA PRO A 223 24.52 19.65 -2.54
C PRO A 223 25.46 18.62 -1.91
N PHE A 224 25.25 17.33 -2.17
CA PHE A 224 26.11 16.28 -1.66
C PHE A 224 27.34 15.94 -2.52
N LEU A 225 27.39 16.46 -3.74
CA LEU A 225 28.52 16.24 -4.63
C LEU A 225 29.65 17.24 -4.33
N ARG A 226 29.29 18.43 -3.87
CA ARG A 226 30.27 19.46 -3.53
C ARG A 226 30.87 19.21 -2.15
N SER A 227 31.90 19.99 -1.81
CA SER A 227 32.53 19.93 -0.49
C SER A 227 31.62 20.55 0.56
N GLY A 1 -25.53 -23.76 -5.07
CA GLY A 1 -26.69 -22.86 -5.05
C GLY A 1 -27.46 -22.90 -6.35
N ALA A 2 -28.00 -21.76 -6.77
CA ALA A 2 -28.77 -21.66 -8.00
C ALA A 2 -28.73 -20.23 -8.55
N MET A 3 -29.06 -20.08 -9.84
CA MET A 3 -29.08 -18.78 -10.49
C MET A 3 -30.27 -17.94 -10.04
N GLU A 4 -31.18 -18.54 -9.26
CA GLU A 4 -32.34 -17.86 -8.72
C GLU A 4 -31.98 -17.04 -7.48
N ARG A 5 -30.67 -16.92 -7.22
CA ARG A 5 -30.13 -16.20 -6.06
C ARG A 5 -28.92 -15.36 -6.48
N VAL A 6 -28.41 -14.56 -5.55
CA VAL A 6 -27.24 -13.71 -5.76
C VAL A 6 -25.95 -14.52 -5.71
N ASN A 7 -26.05 -15.83 -5.92
CA ASN A 7 -24.93 -16.74 -5.89
C ASN A 7 -24.12 -16.60 -4.59
N PRO A 8 -24.77 -16.75 -3.42
CA PRO A 8 -24.11 -16.66 -2.13
C PRO A 8 -23.11 -17.81 -1.95
N GLU A 9 -23.23 -18.83 -2.80
CA GLU A 9 -22.29 -19.95 -2.83
C GLU A 9 -20.84 -19.46 -3.01
N ASN A 10 -20.64 -18.29 -3.61
CA ASN A 10 -19.31 -17.75 -3.79
C ASN A 10 -18.71 -17.31 -2.46
N LYS A 11 -19.37 -16.38 -1.76
CA LYS A 11 -18.90 -15.92 -0.46
C LYS A 11 -18.95 -17.05 0.57
N ALA A 12 -19.85 -18.01 0.40
CA ALA A 12 -19.94 -19.14 1.31
C ALA A 12 -18.80 -20.13 1.09
N ALA A 13 -18.26 -20.21 -0.13
CA ALA A 13 -17.18 -21.13 -0.44
C ALA A 13 -15.89 -20.70 0.25
N LEU A 14 -15.58 -19.39 0.21
CA LEU A 14 -14.39 -18.88 0.88
C LEU A 14 -14.58 -18.89 2.40
N GLU A 15 -15.83 -18.85 2.88
CA GLU A 15 -16.08 -18.92 4.32
C GLU A 15 -15.70 -20.31 4.85
N ALA A 16 -16.07 -21.35 4.10
CA ALA A 16 -15.64 -22.70 4.42
C ALA A 16 -14.13 -22.88 4.28
N TRP A 17 -13.45 -21.99 3.54
CA TRP A 17 -12.00 -22.03 3.44
C TRP A 17 -11.32 -21.32 4.60
N VAL A 18 -11.66 -20.06 4.86
CA VAL A 18 -11.03 -19.31 5.94
C VAL A 18 -11.13 -20.05 7.26
N ARG A 19 -12.18 -20.86 7.44
CA ARG A 19 -12.38 -21.60 8.69
C ARG A 19 -11.43 -22.81 8.78
N GLU A 20 -10.93 -23.29 7.63
CA GLU A 20 -10.05 -24.45 7.63
C GLU A 20 -8.59 -24.03 7.78
N THR A 21 -8.30 -22.73 7.64
CA THR A 21 -6.95 -22.20 7.86
C THR A 21 -6.95 -21.39 9.15
N GLY A 22 -8.12 -20.90 9.57
CA GLY A 22 -8.26 -20.17 10.83
C GLY A 22 -7.94 -18.69 10.66
N ILE A 23 -8.02 -18.17 9.43
CA ILE A 23 -7.67 -16.78 9.14
C ILE A 23 -8.85 -15.85 9.45
N ARG A 24 -10.08 -16.33 9.22
CA ARG A 24 -11.32 -15.56 9.44
C ARG A 24 -11.18 -14.12 8.94
N LEU A 25 -11.50 -13.91 7.66
CA LEU A 25 -11.34 -12.61 7.01
C LEU A 25 -11.92 -11.50 7.88
N VAL A 26 -11.11 -10.49 8.18
CA VAL A 26 -11.55 -9.38 9.00
C VAL A 26 -12.27 -8.36 8.14
N GLN A 27 -13.53 -8.08 8.50
CA GLN A 27 -14.33 -7.07 7.86
C GLN A 27 -13.91 -5.70 8.36
N VAL A 28 -13.97 -4.70 7.48
CA VAL A 28 -13.50 -3.37 7.80
C VAL A 28 -14.39 -2.35 7.10
N ASN A 29 -15.46 -1.98 7.82
CA ASN A 29 -16.51 -1.08 7.32
C ASN A 29 -17.25 -1.65 6.10
N GLY A 30 -16.87 -2.84 5.63
CA GLY A 30 -17.54 -3.49 4.51
C GLY A 30 -16.55 -4.17 3.57
N GLN A 31 -15.28 -3.75 3.63
CA GLN A 31 -14.22 -4.38 2.84
C GLN A 31 -13.75 -5.66 3.53
N ARG A 32 -12.71 -6.29 3.01
CA ARG A 32 -12.24 -7.59 3.53
C ARG A 32 -10.72 -7.70 3.43
N LYS A 33 -10.11 -8.25 4.48
CA LYS A 33 -8.66 -8.46 4.50
C LYS A 33 -8.29 -9.80 5.15
N TYR A 34 -7.26 -10.45 4.57
CA TYR A 34 -6.74 -11.73 5.07
C TYR A 34 -5.49 -11.59 5.92
N GLY A 35 -5.37 -12.37 7.00
CA GLY A 35 -4.19 -12.32 7.85
C GLY A 35 -4.19 -13.42 8.90
N GLY A 36 -3.02 -13.73 9.45
CA GLY A 36 -2.85 -14.84 10.37
C GLY A 36 -2.79 -16.15 9.59
N PRO A 37 -1.75 -16.32 8.75
CA PRO A 37 -1.61 -17.46 7.87
C PRO A 37 -1.43 -18.76 8.67
N PRO A 38 -1.67 -19.91 8.03
CA PRO A 38 -1.62 -21.21 8.66
C PRO A 38 -0.18 -21.59 9.03
N PRO A 39 -0.02 -22.63 9.86
CA PRO A 39 1.27 -23.13 10.31
C PRO A 39 2.16 -23.61 9.15
N GLY A 40 3.36 -24.07 9.49
CA GLY A 40 4.33 -24.55 8.51
C GLY A 40 5.48 -23.55 8.32
N TRP A 41 5.32 -22.35 8.87
CA TRP A 41 6.35 -21.32 8.82
C TRP A 41 6.13 -20.28 9.92
N VAL A 42 7.20 -19.60 10.33
CA VAL A 42 7.13 -18.53 11.32
C VAL A 42 8.26 -17.53 11.11
N GLY A 43 7.97 -16.25 11.33
CA GLY A 43 8.95 -15.18 11.16
C GLY A 43 8.25 -13.83 11.00
N SER A 44 8.97 -12.86 10.44
CA SER A 44 8.44 -11.53 10.21
C SER A 44 9.15 -10.92 8.99
N PRO A 45 8.41 -10.20 8.14
CA PRO A 45 8.95 -9.61 6.93
C PRO A 45 10.00 -8.55 7.25
N PRO A 46 11.21 -8.69 6.71
CA PRO A 46 12.32 -7.78 6.91
C PRO A 46 12.12 -6.46 6.15
N PRO A 47 13.02 -5.49 6.34
CA PRO A 47 13.05 -4.23 5.60
C PRO A 47 13.23 -4.42 4.09
N ALA A 48 13.17 -5.66 3.62
CA ALA A 48 13.29 -6.00 2.20
C ALA A 48 12.09 -5.48 1.39
N GLY A 49 11.16 -4.81 2.06
CA GLY A 49 9.94 -4.31 1.43
C GLY A 49 8.93 -5.44 1.32
N SER A 50 9.24 -6.42 0.45
CA SER A 50 8.49 -7.66 0.34
C SER A 50 6.99 -7.45 0.18
N GLU A 51 6.57 -6.37 -0.47
CA GLU A 51 5.15 -6.09 -0.67
C GLU A 51 4.83 -6.14 -2.16
N VAL A 52 3.59 -6.50 -2.51
CA VAL A 52 3.18 -6.73 -3.88
C VAL A 52 1.72 -6.32 -4.06
N PHE A 53 1.39 -5.77 -5.23
CA PHE A 53 0.04 -5.31 -5.53
C PHE A 53 -0.44 -5.63 -6.93
N ILE A 54 -1.53 -6.41 -7.05
CA ILE A 54 -2.18 -6.62 -8.32
C ILE A 54 -3.23 -5.52 -8.57
N GLY A 55 -3.58 -5.31 -9.85
CA GLY A 55 -4.58 -4.34 -10.23
C GLY A 55 -5.21 -4.71 -11.58
N ARG A 56 -6.18 -3.91 -12.01
CA ARG A 56 -6.90 -4.12 -13.27
C ARG A 56 -7.58 -5.49 -13.28
N LEU A 57 -7.95 -6.01 -12.11
CA LEU A 57 -8.56 -7.32 -11.97
C LEU A 57 -10.02 -7.27 -12.42
N PRO A 58 -10.63 -8.43 -12.68
CA PRO A 58 -12.06 -8.54 -12.93
C PRO A 58 -12.84 -7.96 -11.75
N GLN A 59 -13.95 -7.30 -12.03
CA GLN A 59 -14.72 -6.58 -11.02
C GLN A 59 -15.53 -7.51 -10.13
N ASP A 60 -15.38 -8.84 -10.28
CA ASP A 60 -16.14 -9.79 -9.50
C ASP A 60 -15.28 -10.86 -8.84
N VAL A 61 -13.95 -10.78 -8.99
CA VAL A 61 -13.05 -11.80 -8.46
C VAL A 61 -12.90 -11.73 -6.94
N TYR A 62 -12.90 -12.90 -6.29
CA TYR A 62 -12.88 -13.01 -4.83
C TYR A 62 -11.53 -13.44 -4.23
N GLU A 63 -11.57 -13.77 -2.92
CA GLU A 63 -10.38 -14.09 -2.15
C GLU A 63 -9.85 -15.45 -2.57
N HIS A 64 -10.77 -16.36 -2.92
CA HIS A 64 -10.45 -17.75 -3.23
C HIS A 64 -9.73 -17.87 -4.57
N GLN A 65 -9.43 -16.74 -5.21
CA GLN A 65 -8.72 -16.72 -6.47
C GLN A 65 -7.38 -16.01 -6.31
N LEU A 66 -7.41 -14.80 -5.75
CA LEU A 66 -6.21 -13.99 -5.66
C LEU A 66 -5.31 -14.48 -4.54
N ILE A 67 -5.88 -14.99 -3.45
CA ILE A 67 -5.04 -15.36 -2.32
C ILE A 67 -4.22 -16.63 -2.61
N PRO A 68 -4.85 -17.74 -3.07
CA PRO A 68 -4.12 -18.94 -3.43
C PRO A 68 -3.09 -18.67 -4.54
N LEU A 69 -3.39 -17.71 -5.41
CA LEU A 69 -2.49 -17.29 -6.46
C LEU A 69 -1.24 -16.62 -5.87
N PHE A 70 -1.38 -16.05 -4.67
CA PHE A 70 -0.26 -15.51 -3.93
C PHE A 70 0.49 -16.53 -3.08
N GLN A 71 -0.22 -17.54 -2.57
CA GLN A 71 0.37 -18.54 -1.70
C GLN A 71 1.16 -19.57 -2.50
N ARG A 72 1.00 -19.57 -3.83
CA ARG A 72 1.68 -20.55 -4.68
C ARG A 72 3.04 -20.03 -5.15
N VAL A 73 3.20 -18.71 -5.29
CA VAL A 73 4.48 -18.12 -5.69
C VAL A 73 5.38 -17.87 -4.49
N GLY A 74 4.80 -17.74 -3.30
CA GLY A 74 5.57 -17.50 -2.09
C GLY A 74 4.73 -17.47 -0.83
N ARG A 75 5.40 -17.42 0.32
CA ARG A 75 4.73 -17.34 1.62
C ARG A 75 4.01 -16.01 1.78
N LEU A 76 2.68 -16.08 1.90
CA LEU A 76 1.86 -14.91 2.13
C LEU A 76 1.84 -14.59 3.62
N TYR A 77 2.18 -13.36 4.01
CA TYR A 77 2.05 -12.92 5.38
C TYR A 77 0.72 -12.22 5.67
N GLU A 78 0.26 -11.38 4.74
CA GLU A 78 -1.04 -10.72 4.87
C GLU A 78 -1.50 -10.17 3.52
N PHE A 79 -2.71 -10.56 3.09
CA PHE A 79 -3.31 -10.09 1.84
C PHE A 79 -4.50 -9.18 2.19
N ARG A 80 -4.87 -8.27 1.29
CA ARG A 80 -6.06 -7.44 1.47
C ARG A 80 -6.76 -7.24 0.14
N LEU A 81 -8.10 -7.15 0.16
CA LEU A 81 -8.89 -7.06 -1.06
C LEU A 81 -10.04 -6.08 -0.91
N MET A 82 -10.10 -5.09 -1.81
CA MET A 82 -11.09 -4.03 -1.71
C MET A 82 -11.99 -3.95 -2.95
N MET A 83 -13.29 -3.97 -2.67
CA MET A 83 -14.38 -3.68 -3.60
C MET A 83 -14.67 -2.18 -3.57
N THR A 84 -15.50 -1.70 -4.49
CA THR A 84 -15.73 -0.27 -4.68
C THR A 84 -17.09 0.02 -5.30
N PHE A 85 -17.72 1.13 -4.92
CA PHE A 85 -19.09 1.41 -5.34
C PHE A 85 -19.21 2.86 -5.75
N SER A 86 -20.39 3.25 -6.25
CA SER A 86 -20.61 4.55 -6.88
C SER A 86 -19.65 4.76 -8.05
N GLY A 87 -19.09 3.67 -8.58
CA GLY A 87 -18.13 3.73 -9.68
C GLY A 87 -17.64 2.33 -10.07
N LEU A 88 -18.44 1.30 -9.80
CA LEU A 88 -18.05 -0.10 -10.00
C LEU A 88 -16.90 -0.49 -9.08
N ASN A 89 -16.79 -1.79 -8.80
CA ASN A 89 -15.72 -2.35 -8.00
C ASN A 89 -14.39 -1.97 -8.63
N ARG A 90 -13.50 -1.41 -7.80
CA ARG A 90 -12.23 -0.90 -8.31
C ARG A 90 -11.25 -2.05 -8.53
N GLY A 91 -11.72 -3.29 -8.36
CA GLY A 91 -10.94 -4.51 -8.55
C GLY A 91 -9.46 -4.34 -8.31
N PHE A 92 -9.03 -4.28 -7.04
CA PHE A 92 -7.60 -4.23 -6.75
C PHE A 92 -7.32 -4.83 -5.38
N ALA A 93 -6.09 -5.34 -5.20
CA ALA A 93 -5.68 -5.97 -3.97
C ALA A 93 -4.16 -5.95 -3.85
N TYR A 94 -3.64 -6.26 -2.65
CA TYR A 94 -2.20 -6.32 -2.44
C TYR A 94 -1.90 -7.31 -1.32
N ALA A 95 -0.60 -7.62 -1.15
CA ALA A 95 -0.15 -8.60 -0.20
C ALA A 95 1.28 -8.31 0.23
N ARG A 96 1.65 -8.77 1.43
CA ARG A 96 3.05 -8.73 1.85
C ARG A 96 3.59 -10.15 2.00
N TYR A 97 4.75 -10.40 1.41
CA TYR A 97 5.42 -11.69 1.46
C TYR A 97 6.41 -11.82 2.60
N SER A 98 6.74 -13.05 3.00
CA SER A 98 7.74 -13.30 4.03
C SER A 98 9.09 -12.67 3.68
N SER A 99 9.37 -12.55 2.37
CA SER A 99 10.61 -11.94 1.89
C SER A 99 10.42 -11.36 0.50
N ARG A 100 11.34 -10.51 0.05
CA ARG A 100 11.24 -9.87 -1.26
C ARG A 100 11.40 -10.91 -2.36
N ARG A 101 12.14 -12.00 -2.09
CA ARG A 101 12.28 -13.08 -3.05
C ARG A 101 10.91 -13.70 -3.37
N GLY A 102 9.99 -13.67 -2.39
CA GLY A 102 8.64 -14.13 -2.61
C GLY A 102 7.86 -13.09 -3.43
N ALA A 103 8.13 -11.81 -3.17
CA ALA A 103 7.48 -10.72 -3.87
C ALA A 103 7.91 -10.65 -5.34
N GLN A 104 9.18 -10.95 -5.60
CA GLN A 104 9.74 -10.85 -6.95
C GLN A 104 9.24 -12.00 -7.83
N ALA A 105 9.16 -13.20 -7.24
CA ALA A 105 8.61 -14.35 -7.94
C ALA A 105 7.13 -14.12 -8.25
N ALA A 106 6.41 -13.55 -7.29
CA ALA A 106 4.98 -13.31 -7.43
C ALA A 106 4.71 -12.45 -8.65
N ILE A 107 5.32 -11.27 -8.70
CA ILE A 107 5.07 -10.36 -9.81
C ILE A 107 5.50 -10.97 -11.14
N ALA A 108 6.70 -11.55 -11.18
CA ALA A 108 7.20 -12.22 -12.38
C ALA A 108 6.32 -13.41 -12.79
N THR A 109 5.31 -13.75 -11.98
CA THR A 109 4.44 -14.89 -12.24
C THR A 109 2.99 -14.46 -12.43
N LEU A 110 2.57 -13.40 -11.74
CA LEU A 110 1.18 -12.96 -11.77
C LEU A 110 0.96 -11.86 -12.79
N HIS A 111 1.93 -10.97 -12.98
CA HIS A 111 1.80 -9.90 -13.96
C HIS A 111 1.48 -10.44 -15.35
N ASN A 112 2.14 -11.55 -15.74
CA ASN A 112 1.91 -12.18 -17.02
C ASN A 112 0.86 -13.30 -16.96
N HIS A 113 0.18 -13.47 -15.82
CA HIS A 113 -0.80 -14.54 -15.65
C HIS A 113 -2.10 -14.22 -16.38
N PRO A 114 -2.52 -15.05 -17.34
CA PRO A 114 -3.75 -14.90 -18.08
C PRO A 114 -4.93 -15.42 -17.24
N LEU A 115 -5.23 -14.74 -16.14
CA LEU A 115 -6.30 -15.16 -15.24
C LEU A 115 -7.64 -15.20 -15.98
N ARG A 116 -7.84 -14.23 -16.88
CA ARG A 116 -9.02 -14.17 -17.74
C ARG A 116 -8.66 -13.45 -19.05
N PRO A 117 -9.40 -13.71 -20.13
CA PRO A 117 -9.18 -13.05 -21.40
C PRO A 117 -9.52 -11.56 -21.29
N SER A 118 -8.85 -10.74 -22.10
CA SER A 118 -9.03 -9.28 -22.10
C SER A 118 -8.82 -8.69 -20.71
N CYS A 119 -8.07 -9.38 -19.85
CA CYS A 119 -7.82 -8.96 -18.48
C CYS A 119 -6.36 -9.21 -18.10
N PRO A 120 -5.42 -8.41 -18.63
CA PRO A 120 -4.00 -8.51 -18.34
C PRO A 120 -3.74 -8.10 -16.89
N LEU A 121 -3.90 -9.06 -15.98
CA LEU A 121 -3.69 -8.87 -14.54
C LEU A 121 -2.37 -8.13 -14.26
N LEU A 122 -2.47 -6.85 -13.91
CA LEU A 122 -1.33 -5.99 -13.62
C LEU A 122 -0.76 -6.31 -12.24
N VAL A 123 0.57 -6.22 -12.06
CA VAL A 123 1.18 -6.30 -10.74
C VAL A 123 2.16 -5.15 -10.45
N CYS A 124 2.64 -5.09 -9.19
CA CYS A 124 3.71 -4.18 -8.80
C CYS A 124 4.27 -4.66 -7.46
N ARG A 125 5.42 -4.11 -7.04
CA ARG A 125 6.03 -4.44 -5.76
C ARG A 125 5.72 -3.36 -4.73
N SER A 126 4.48 -2.87 -4.76
CA SER A 126 3.98 -1.83 -3.86
C SER A 126 4.51 -0.45 -4.24
N THR A 127 3.73 0.58 -3.88
CA THR A 127 3.97 1.95 -4.26
C THR A 127 4.93 2.70 -3.34
N GLU A 128 5.81 1.96 -2.65
CA GLU A 128 6.69 2.55 -1.63
C GLU A 128 5.85 3.25 -0.55
N LYS A 129 4.71 2.64 -0.22
CA LYS A 129 3.71 3.21 0.68
C LYS A 129 4.27 3.49 2.07
N CYS A 130 5.27 2.71 2.50
CA CYS A 130 5.96 2.95 3.77
C CYS A 130 6.60 4.34 3.86
N GLU A 131 6.37 5.17 2.85
CA GLU A 131 6.88 6.53 2.83
C GLU A 131 5.78 7.47 2.34
N LEU A 132 5.79 8.71 2.81
CA LEU A 132 4.74 9.68 2.53
C LEU A 132 5.38 10.86 1.78
N SER A 133 4.57 11.62 1.03
CA SER A 133 5.05 12.78 0.31
C SER A 133 4.11 13.96 0.49
N VAL A 134 4.68 15.15 0.68
CA VAL A 134 3.92 16.36 0.87
C VAL A 134 4.29 17.38 -0.20
N ASP A 135 3.42 18.37 -0.45
CA ASP A 135 3.63 19.34 -1.51
C ASP A 135 2.97 20.67 -1.11
N GLY A 136 3.39 21.76 -1.75
CA GLY A 136 2.89 23.10 -1.45
C GLY A 136 3.59 23.67 -0.22
N LEU A 137 3.34 23.04 0.94
CA LEU A 137 3.95 23.39 2.22
C LEU A 137 3.62 24.83 2.66
N PRO A 138 4.04 25.20 3.89
CA PRO A 138 3.95 26.55 4.42
C PRO A 138 4.79 27.54 3.61
N PRO A 139 4.71 28.84 3.94
CA PRO A 139 5.33 29.91 3.18
C PRO A 139 6.85 29.92 3.37
N ASN A 140 7.30 29.91 4.62
CA ASN A 140 8.70 30.03 4.97
C ASN A 140 9.04 29.16 6.18
N LEU A 141 8.05 28.41 6.68
CA LEU A 141 8.23 27.61 7.88
C LEU A 141 9.39 26.63 7.72
N THR A 142 10.12 26.38 8.80
CA THR A 142 11.28 25.51 8.78
C THR A 142 10.91 24.03 8.81
N ARG A 143 11.78 23.19 8.26
CA ARG A 143 11.57 21.75 8.22
C ARG A 143 11.28 21.17 9.60
N SER A 144 11.84 21.76 10.65
CA SER A 144 11.68 21.25 12.00
C SER A 144 10.22 21.39 12.47
N ALA A 145 9.55 22.47 12.05
CA ALA A 145 8.18 22.71 12.45
C ALA A 145 7.20 21.95 11.55
N LEU A 146 7.60 21.66 10.30
CA LEU A 146 6.80 20.82 9.41
C LEU A 146 6.52 19.48 10.09
N LEU A 147 7.55 18.83 10.62
CA LEU A 147 7.38 17.53 11.26
C LEU A 147 6.52 17.67 12.51
N LEU A 148 6.85 18.67 13.33
CA LEU A 148 6.13 18.93 14.57
C LEU A 148 4.64 19.14 14.30
N ALA A 149 4.32 19.85 13.23
CA ALA A 149 2.95 20.09 12.84
C ALA A 149 2.17 18.80 12.58
N LEU A 150 2.86 17.74 12.12
CA LEU A 150 2.20 16.47 11.86
C LEU A 150 2.64 15.36 12.83
N GLN A 151 3.43 15.71 13.86
CA GLN A 151 3.95 14.72 14.79
C GLN A 151 2.88 14.18 15.75
N PRO A 152 1.91 15.00 16.22
CA PRO A 152 0.90 14.52 17.16
C PRO A 152 -0.12 13.63 16.46
N LEU A 153 -0.31 13.82 15.14
CA LEU A 153 -1.26 13.01 14.38
C LEU A 153 -0.57 11.79 13.76
N GLY A 154 0.76 11.69 13.88
CA GLY A 154 1.49 10.52 13.44
C GLY A 154 2.81 10.37 14.22
N PRO A 155 2.73 9.99 15.50
CA PRO A 155 3.87 9.83 16.38
C PRO A 155 4.82 8.73 15.94
N GLY A 156 4.47 7.98 14.89
CA GLY A 156 5.26 6.85 14.44
C GLY A 156 6.39 7.26 13.51
N LEU A 157 6.51 8.55 13.20
CA LEU A 157 7.48 9.04 12.24
C LEU A 157 8.90 8.74 12.70
N GLN A 158 9.69 8.08 11.82
CA GLN A 158 11.08 7.75 12.11
C GLN A 158 12.00 8.88 11.66
N GLU A 159 11.78 9.42 10.45
CA GLU A 159 12.63 10.45 9.90
C GLU A 159 11.93 11.20 8.75
N ALA A 160 12.50 12.33 8.35
CA ALA A 160 11.95 13.13 7.27
C ALA A 160 13.05 13.91 6.55
N ARG A 161 12.85 14.14 5.26
CA ARG A 161 13.78 14.89 4.42
C ARG A 161 13.01 15.82 3.50
N LEU A 162 13.42 17.09 3.43
CA LEU A 162 12.74 18.09 2.62
C LEU A 162 13.74 18.72 1.67
N LEU A 163 13.59 18.44 0.38
CA LEU A 163 14.41 19.05 -0.67
C LEU A 163 13.87 18.69 -2.06
N PRO A 164 14.14 17.47 -2.58
CA PRO A 164 13.85 17.11 -3.95
C PRO A 164 12.36 17.21 -4.24
N SER A 165 12.02 17.59 -5.48
CA SER A 165 10.65 17.78 -5.90
C SER A 165 10.50 17.42 -7.38
N PRO A 166 9.37 16.82 -7.78
CA PRO A 166 9.11 16.45 -9.16
C PRO A 166 9.21 17.65 -10.11
N GLY A 167 9.66 17.38 -11.34
CA GLY A 167 9.78 18.41 -12.37
C GLY A 167 8.49 18.59 -13.13
N PRO A 168 8.56 19.30 -14.27
CA PRO A 168 9.74 20.00 -14.76
C PRO A 168 9.96 21.32 -13.99
N ALA A 169 8.91 21.83 -13.36
CA ALA A 169 8.98 23.08 -12.62
C ALA A 169 9.76 22.89 -11.31
N PRO A 170 10.41 23.97 -10.82
CA PRO A 170 11.13 23.96 -9.56
C PRO A 170 10.16 23.94 -8.39
N GLY A 171 10.70 23.79 -7.18
CA GLY A 171 9.91 23.74 -5.95
C GLY A 171 10.58 22.86 -4.91
N GLN A 172 9.93 22.69 -3.76
CA GLN A 172 10.44 21.85 -2.69
C GLN A 172 9.36 20.87 -2.25
N ILE A 173 9.78 19.73 -1.69
CA ILE A 173 8.87 18.68 -1.29
C ILE A 173 9.31 18.07 0.04
N ALA A 174 8.38 17.47 0.79
CA ALA A 174 8.71 16.75 2.01
C ALA A 174 8.49 15.26 1.84
N LEU A 175 9.41 14.44 2.35
CA LEU A 175 9.23 13.01 2.42
C LEU A 175 9.34 12.52 3.86
N LEU A 176 8.42 11.61 4.20
CA LEU A 176 8.25 11.12 5.55
C LEU A 176 8.39 9.60 5.65
N LYS A 177 9.21 9.12 6.59
CA LYS A 177 9.27 7.70 6.94
C LYS A 177 8.52 7.46 8.23
N PHE A 178 7.60 6.49 8.23
CA PHE A 178 6.82 6.14 9.41
C PHE A 178 7.18 4.79 10.01
N SER A 179 6.63 4.48 11.19
CA SER A 179 6.91 3.21 11.87
C SER A 179 6.24 2.03 11.16
N SER A 180 5.19 2.30 10.39
CA SER A 180 4.50 1.27 9.62
C SER A 180 3.75 1.92 8.46
N HIS A 181 3.24 1.11 7.53
CA HIS A 181 2.49 1.62 6.40
C HIS A 181 1.27 2.38 6.90
N ARG A 182 0.43 1.74 7.72
CA ARG A 182 -0.76 2.38 8.26
C ARG A 182 -0.42 3.64 9.06
N ALA A 183 0.72 3.67 9.76
CA ALA A 183 1.10 4.87 10.50
C ALA A 183 1.22 6.08 9.56
N ALA A 184 1.66 5.86 8.33
CA ALA A 184 1.70 6.91 7.33
C ALA A 184 0.29 7.25 6.85
N ALA A 185 -0.62 6.26 6.79
CA ALA A 185 -1.99 6.49 6.37
C ALA A 185 -2.76 7.27 7.43
N MET A 186 -2.56 6.97 8.72
CA MET A 186 -3.25 7.68 9.78
C MET A 186 -2.87 9.16 9.75
N ALA A 187 -1.60 9.45 9.47
CA ALA A 187 -1.16 10.83 9.33
C ALA A 187 -1.70 11.41 8.03
N LYS A 188 -1.53 10.70 6.92
CA LYS A 188 -1.95 11.19 5.61
C LYS A 188 -3.45 11.47 5.60
N LYS A 189 -4.20 10.62 6.33
CA LYS A 189 -5.64 10.72 6.42
C LYS A 189 -6.05 11.95 7.20
N ALA A 190 -5.30 12.31 8.23
CA ALA A 190 -5.64 13.46 9.06
C ALA A 190 -5.38 14.77 8.31
N LEU A 191 -4.43 14.76 7.37
CA LEU A 191 -4.09 15.96 6.62
C LEU A 191 -5.17 16.21 5.57
N VAL A 192 -5.67 15.16 4.93
CA VAL A 192 -6.75 15.29 3.95
C VAL A 192 -8.07 15.53 4.67
N GLU A 193 -8.18 15.08 5.92
CA GLU A 193 -9.38 15.32 6.72
C GLU A 193 -9.52 16.79 7.13
N GLY A 194 -8.41 17.52 7.24
CA GLY A 194 -8.47 18.95 7.51
C GLY A 194 -7.32 19.50 8.36
N GLN A 195 -6.24 18.72 8.55
CA GLN A 195 -5.07 19.22 9.28
C GLN A 195 -4.12 19.93 8.33
N SER A 196 -4.55 20.09 7.07
CA SER A 196 -3.80 20.81 6.05
C SER A 196 -3.86 22.33 6.29
N HIS A 197 -3.44 23.13 5.30
CA HIS A 197 -3.44 24.58 5.37
C HIS A 197 -2.63 25.10 6.56
N LEU A 198 -1.49 24.46 6.85
CA LEU A 198 -0.60 24.91 7.91
C LEU A 198 -0.10 26.32 7.62
N CYS A 199 0.02 27.14 8.66
CA CYS A 199 0.47 28.52 8.57
C CYS A 199 -0.40 29.35 7.60
N GLY A 200 -1.62 28.86 7.31
CA GLY A 200 -2.56 29.56 6.45
C GLY A 200 -2.15 29.48 4.98
N GLU A 201 -1.21 28.60 4.66
CA GLU A 201 -0.72 28.42 3.30
C GLU A 201 -1.45 27.23 2.70
N GLN A 202 -0.74 26.37 1.97
CA GLN A 202 -1.37 25.25 1.31
C GLN A 202 -0.46 24.01 1.35
N VAL A 203 -1.09 22.85 1.50
CA VAL A 203 -0.34 21.60 1.58
C VAL A 203 -1.18 20.45 1.07
N ALA A 204 -0.54 19.45 0.45
CA ALA A 204 -1.24 18.31 -0.12
C ALA A 204 -0.52 17.02 0.28
N VAL A 205 -1.30 15.95 0.46
CA VAL A 205 -0.78 14.67 0.94
C VAL A 205 -0.95 13.59 -0.11
N GLU A 206 0.16 13.01 -0.56
CA GLU A 206 0.16 11.98 -1.60
C GLU A 206 1.22 10.92 -1.30
N TRP A 207 1.01 9.70 -1.81
CA TRP A 207 2.00 8.64 -1.68
C TRP A 207 3.10 8.78 -2.73
N LEU A 208 4.15 7.98 -2.61
CA LEU A 208 5.23 7.96 -3.58
C LEU A 208 4.82 7.13 -4.81
N LYS A 209 5.76 6.99 -5.73
CA LYS A 209 5.66 6.06 -6.85
C LYS A 209 6.98 5.28 -6.89
N PRO A 210 6.97 4.02 -7.34
CA PRO A 210 8.14 3.18 -7.31
C PRO A 210 9.24 3.71 -8.22
N ASP A 211 8.87 4.46 -9.27
CA ASP A 211 9.85 5.09 -10.15
C ASP A 211 10.28 6.46 -9.63
N LEU A 212 9.33 7.19 -9.02
CA LEU A 212 9.60 8.51 -8.47
C LEU A 212 10.59 8.40 -7.32
N LYS A 213 10.38 7.42 -6.45
CA LYS A 213 11.12 7.26 -5.21
C LYS A 213 12.59 6.93 -5.49
N GLN A 214 12.86 6.07 -6.47
CA GLN A 214 14.23 5.72 -6.83
C GLN A 214 14.93 6.90 -7.50
N ARG A 215 14.19 7.73 -8.26
CA ARG A 215 14.77 8.89 -8.94
C ARG A 215 14.97 10.04 -7.96
N LEU A 216 14.08 10.15 -6.98
CA LEU A 216 14.18 11.16 -5.93
C LEU A 216 15.41 10.86 -5.07
N ARG A 217 15.72 9.57 -4.91
CA ARG A 217 16.89 9.15 -4.15
C ARG A 217 18.18 9.45 -4.91
N GLN A 218 18.16 9.31 -6.24
CA GLN A 218 19.36 9.55 -7.05
C GLN A 218 19.79 11.02 -6.98
N GLN A 219 18.85 11.95 -6.84
CA GLN A 219 19.19 13.35 -6.71
C GLN A 219 19.42 13.73 -5.24
N LEU A 220 18.94 12.90 -4.30
CA LEU A 220 19.17 13.11 -2.88
C LEU A 220 20.58 12.67 -2.52
N VAL A 221 21.08 11.64 -3.21
CA VAL A 221 22.45 11.15 -3.00
C VAL A 221 23.43 12.25 -3.39
N GLY A 222 23.00 13.20 -4.22
CA GLY A 222 23.89 14.23 -4.74
C GLY A 222 24.49 15.07 -3.61
N PRO A 223 23.66 15.86 -2.91
CA PRO A 223 24.10 16.67 -1.78
C PRO A 223 24.76 15.84 -0.68
N PHE A 224 24.37 14.57 -0.56
CA PHE A 224 24.96 13.67 0.43
C PHE A 224 26.32 13.07 0.05
N LEU A 225 26.68 13.17 -1.23
CA LEU A 225 27.98 12.69 -1.70
C LEU A 225 29.07 13.70 -1.34
N ARG A 226 28.69 14.96 -1.16
CA ARG A 226 29.59 16.05 -0.78
C ARG A 226 30.81 16.11 -1.71
N SER A 227 30.59 15.83 -2.99
CA SER A 227 31.65 15.84 -4.00
C SER A 227 32.19 17.27 -4.18
N GLY A 1 -20.36 -5.30 6.20
CA GLY A 1 -20.29 -4.72 4.85
C GLY A 1 -20.18 -5.82 3.80
N ALA A 2 -20.92 -5.65 2.70
CA ALA A 2 -20.99 -6.63 1.62
C ALA A 2 -21.33 -8.04 2.14
N MET A 3 -20.98 -9.06 1.37
CA MET A 3 -21.32 -10.46 1.64
C MET A 3 -22.83 -10.69 1.63
N GLU A 4 -23.61 -9.61 1.54
CA GLU A 4 -25.05 -9.67 1.36
C GLU A 4 -25.37 -9.65 -0.15
N ARG A 5 -24.34 -9.83 -0.97
CA ARG A 5 -24.45 -9.81 -2.42
C ARG A 5 -25.17 -11.05 -2.92
N VAL A 6 -25.55 -11.04 -4.20
CA VAL A 6 -26.18 -12.19 -4.84
C VAL A 6 -25.23 -13.39 -4.85
N ASN A 7 -25.77 -14.58 -5.05
CA ASN A 7 -24.99 -15.82 -5.05
C ASN A 7 -24.10 -15.92 -3.80
N PRO A 8 -24.73 -15.89 -2.60
CA PRO A 8 -24.01 -15.91 -1.33
C PRO A 8 -23.25 -17.21 -1.15
N GLU A 9 -23.55 -18.23 -1.96
CA GLU A 9 -22.79 -19.47 -1.99
C GLU A 9 -21.31 -19.20 -2.27
N ASN A 10 -21.00 -18.07 -2.92
CA ASN A 10 -19.63 -17.70 -3.21
C ASN A 10 -18.89 -17.29 -1.93
N LYS A 11 -19.45 -16.35 -1.16
CA LYS A 11 -18.84 -15.93 0.10
C LYS A 11 -18.95 -17.04 1.15
N ALA A 12 -19.93 -17.94 0.97
CA ALA A 12 -20.06 -19.09 1.86
C ALA A 12 -18.97 -20.12 1.59
N ALA A 13 -18.50 -20.21 0.34
CA ALA A 13 -17.45 -21.16 -0.01
C ALA A 13 -16.13 -20.78 0.66
N LEU A 14 -15.74 -19.51 0.59
CA LEU A 14 -14.51 -19.04 1.24
C LEU A 14 -14.65 -19.08 2.76
N GLU A 15 -15.88 -18.99 3.29
CA GLU A 15 -16.09 -19.07 4.73
C GLU A 15 -15.78 -20.48 5.21
N ALA A 16 -16.19 -21.49 4.43
CA ALA A 16 -15.83 -22.87 4.72
C ALA A 16 -14.33 -23.11 4.53
N TRP A 17 -13.63 -22.23 3.82
CA TRP A 17 -12.19 -22.35 3.67
C TRP A 17 -11.42 -21.72 4.81
N VAL A 18 -11.68 -20.44 5.12
CA VAL A 18 -10.97 -19.76 6.19
C VAL A 18 -11.11 -20.53 7.51
N ARG A 19 -12.21 -21.25 7.69
CA ARG A 19 -12.45 -21.99 8.92
C ARG A 19 -11.59 -23.25 8.98
N GLU A 20 -11.15 -23.76 7.82
CA GLU A 20 -10.35 -24.98 7.77
C GLU A 20 -8.86 -24.66 7.92
N THR A 21 -8.48 -23.38 7.82
CA THR A 21 -7.09 -22.96 8.00
C THR A 21 -6.99 -22.19 9.32
N GLY A 22 -8.10 -21.60 9.79
CA GLY A 22 -8.13 -20.86 11.03
C GLY A 22 -7.64 -19.43 10.85
N ILE A 23 -7.68 -18.91 9.62
CA ILE A 23 -7.20 -17.57 9.30
C ILE A 23 -8.20 -16.52 9.74
N ARG A 24 -9.50 -16.84 9.64
CA ARG A 24 -10.61 -15.94 10.00
C ARG A 24 -10.38 -14.50 9.50
N LEU A 25 -10.79 -14.24 8.26
CA LEU A 25 -10.61 -12.95 7.62
C LEU A 25 -11.07 -11.83 8.53
N VAL A 26 -10.23 -10.82 8.75
CA VAL A 26 -10.60 -9.67 9.58
C VAL A 26 -11.33 -8.63 8.74
N GLN A 27 -12.54 -8.26 9.16
CA GLN A 27 -13.29 -7.22 8.50
C GLN A 27 -12.78 -5.83 8.93
N VAL A 28 -12.83 -4.88 7.99
CA VAL A 28 -12.41 -3.51 8.25
C VAL A 28 -13.44 -2.54 7.69
N ASN A 29 -14.44 -2.20 8.52
CA ASN A 29 -15.57 -1.36 8.12
C ASN A 29 -16.35 -1.92 6.92
N GLY A 30 -15.91 -3.04 6.34
CA GLY A 30 -16.53 -3.63 5.17
C GLY A 30 -15.47 -4.17 4.20
N GLN A 31 -14.23 -3.70 4.32
CA GLN A 31 -13.11 -4.28 3.58
C GLN A 31 -12.75 -5.63 4.20
N ARG A 32 -11.86 -6.39 3.56
CA ARG A 32 -11.50 -7.72 4.03
C ARG A 32 -10.01 -8.00 3.78
N LYS A 33 -9.35 -8.63 4.76
CA LYS A 33 -7.94 -8.98 4.63
C LYS A 33 -7.63 -10.38 5.16
N TYR A 34 -6.77 -11.10 4.43
CA TYR A 34 -6.31 -12.42 4.80
C TYR A 34 -4.95 -12.46 5.51
N GLY A 35 -4.75 -13.42 6.40
CA GLY A 35 -3.45 -13.64 7.03
C GLY A 35 -3.47 -14.86 7.94
N GLY A 36 -2.80 -15.93 7.51
CA GLY A 36 -2.65 -17.14 8.29
C GLY A 36 -1.89 -18.21 7.49
N PRO A 37 -0.61 -17.98 7.21
CA PRO A 37 0.22 -18.90 6.44
C PRO A 37 0.36 -20.26 7.14
N PRO A 38 0.79 -21.29 6.40
CA PRO A 38 1.01 -22.62 6.96
C PRO A 38 1.95 -22.56 8.16
N PRO A 39 1.62 -23.27 9.25
CA PRO A 39 2.36 -23.26 10.48
C PRO A 39 3.68 -24.02 10.34
N GLY A 40 4.56 -23.87 11.34
CA GLY A 40 5.82 -24.60 11.41
C GLY A 40 6.91 -23.92 10.58
N TRP A 41 6.58 -22.89 9.81
CA TRP A 41 7.57 -22.17 9.01
C TRP A 41 8.34 -21.15 9.86
N VAL A 42 9.62 -20.95 9.53
CA VAL A 42 10.49 -20.03 10.24
C VAL A 42 11.49 -19.40 9.28
N GLY A 43 11.85 -18.13 9.53
CA GLY A 43 12.85 -17.45 8.72
C GLY A 43 12.76 -15.93 8.88
N SER A 44 11.53 -15.44 9.13
CA SER A 44 11.19 -14.03 9.24
C SER A 44 11.51 -13.26 7.94
N PRO A 45 10.80 -12.16 7.68
CA PRO A 45 10.99 -11.37 6.48
C PRO A 45 12.31 -10.59 6.53
N PRO A 46 13.05 -10.53 5.41
CA PRO A 46 14.26 -9.74 5.27
C PRO A 46 13.90 -8.27 5.15
N PRO A 47 14.91 -7.36 5.18
CA PRO A 47 14.71 -5.93 5.05
C PRO A 47 13.99 -5.55 3.76
N ALA A 48 13.97 -6.45 2.78
CA ALA A 48 13.25 -6.26 1.53
C ALA A 48 11.74 -6.26 1.77
N GLY A 49 11.29 -7.13 2.67
CA GLY A 49 9.91 -7.44 2.82
C GLY A 49 9.49 -8.16 1.55
N SER A 50 8.71 -7.44 0.76
CA SER A 50 8.10 -7.94 -0.46
C SER A 50 7.31 -6.82 -1.15
N GLU A 51 5.99 -6.77 -0.89
CA GLU A 51 5.08 -5.74 -1.39
C GLU A 51 4.73 -5.96 -2.87
N VAL A 52 3.45 -6.30 -3.13
CA VAL A 52 2.96 -6.58 -4.48
C VAL A 52 1.48 -6.18 -4.59
N PHE A 53 1.09 -5.68 -5.77
CA PHE A 53 -0.28 -5.21 -6.00
C PHE A 53 -0.86 -5.57 -7.35
N ILE A 54 -1.94 -6.36 -7.35
CA ILE A 54 -2.69 -6.65 -8.58
C ILE A 54 -3.78 -5.60 -8.81
N GLY A 55 -4.29 -5.54 -10.04
CA GLY A 55 -5.35 -4.59 -10.40
C GLY A 55 -5.96 -4.96 -11.75
N ARG A 56 -7.02 -4.24 -12.15
CA ARG A 56 -7.74 -4.50 -13.41
C ARG A 56 -8.23 -5.95 -13.51
N LEU A 57 -8.56 -6.55 -12.36
CA LEU A 57 -9.07 -7.92 -12.31
C LEU A 57 -10.50 -7.96 -12.83
N PRO A 58 -10.98 -9.12 -13.29
CA PRO A 58 -12.38 -9.31 -13.61
C PRO A 58 -13.18 -9.17 -12.32
N GLN A 59 -14.19 -8.29 -12.34
CA GLN A 59 -14.95 -7.95 -11.13
C GLN A 59 -15.73 -9.14 -10.58
N ASP A 60 -15.78 -10.26 -11.31
CA ASP A 60 -16.46 -11.46 -10.85
C ASP A 60 -15.60 -12.32 -9.94
N VAL A 61 -14.28 -12.07 -9.90
CA VAL A 61 -13.37 -12.87 -9.08
C VAL A 61 -13.38 -12.47 -7.62
N TYR A 62 -13.31 -13.44 -6.71
CA TYR A 62 -13.28 -13.19 -5.27
C TYR A 62 -11.86 -13.46 -4.79
N GLU A 63 -11.72 -13.74 -3.49
CA GLU A 63 -10.42 -13.90 -2.86
C GLU A 63 -10.04 -15.38 -2.84
N HIS A 64 -11.03 -16.28 -2.99
CA HIS A 64 -10.76 -17.70 -3.03
C HIS A 64 -10.08 -18.11 -4.34
N GLN A 65 -9.78 -17.12 -5.19
CA GLN A 65 -9.05 -17.35 -6.43
C GLN A 65 -7.80 -16.48 -6.47
N LEU A 66 -7.89 -15.27 -5.95
CA LEU A 66 -6.75 -14.36 -5.90
C LEU A 66 -5.74 -14.84 -4.86
N ILE A 67 -6.23 -15.39 -3.74
CA ILE A 67 -5.32 -15.76 -2.66
C ILE A 67 -4.49 -17.00 -3.00
N PRO A 68 -5.09 -18.10 -3.52
CA PRO A 68 -4.33 -19.25 -3.96
C PRO A 68 -3.35 -18.89 -5.08
N LEU A 69 -3.74 -17.96 -5.95
CA LEU A 69 -2.89 -17.46 -7.01
C LEU A 69 -1.66 -16.78 -6.42
N PHE A 70 -1.78 -16.31 -5.17
CA PHE A 70 -0.66 -15.79 -4.41
C PHE A 70 0.11 -16.84 -3.64
N GLN A 71 -0.57 -17.90 -3.20
CA GLN A 71 0.08 -18.96 -2.43
C GLN A 71 0.87 -19.91 -3.32
N ARG A 72 0.71 -19.80 -4.64
CA ARG A 72 1.42 -20.66 -5.57
C ARG A 72 2.77 -20.05 -5.99
N VAL A 73 2.83 -18.72 -6.13
CA VAL A 73 4.07 -18.05 -6.55
C VAL A 73 5.05 -17.89 -5.40
N GLY A 74 4.58 -17.92 -4.16
CA GLY A 74 5.45 -17.82 -3.01
C GLY A 74 4.72 -17.96 -1.68
N ARG A 75 5.49 -17.98 -0.58
CA ARG A 75 4.95 -17.98 0.76
C ARG A 75 4.20 -16.68 0.99
N LEU A 76 2.87 -16.76 0.98
CA LEU A 76 2.01 -15.60 1.03
C LEU A 76 1.76 -15.20 2.50
N TYR A 77 2.48 -14.17 2.96
CA TYR A 77 2.42 -13.78 4.37
C TYR A 77 1.11 -13.07 4.76
N GLU A 78 0.59 -12.22 3.87
CA GLU A 78 -0.65 -11.50 4.13
C GLU A 78 -1.23 -10.96 2.82
N PHE A 79 -2.47 -11.31 2.50
CA PHE A 79 -3.18 -10.75 1.34
C PHE A 79 -4.25 -9.79 1.87
N ARG A 80 -4.64 -8.80 1.06
CA ARG A 80 -5.70 -7.86 1.43
C ARG A 80 -6.50 -7.50 0.18
N LEU A 81 -7.82 -7.34 0.33
CA LEU A 81 -8.69 -7.17 -0.83
C LEU A 81 -9.79 -6.14 -0.58
N MET A 82 -9.94 -5.21 -1.53
CA MET A 82 -10.96 -4.19 -1.44
C MET A 82 -11.79 -4.12 -2.73
N MET A 83 -13.04 -3.72 -2.57
CA MET A 83 -14.04 -3.75 -3.64
C MET A 83 -15.05 -2.63 -3.40
N THR A 84 -15.12 -1.66 -4.31
CA THR A 84 -15.99 -0.50 -4.15
C THR A 84 -17.42 -0.71 -4.61
N PHE A 85 -18.33 0.17 -4.17
CA PHE A 85 -19.75 0.06 -4.45
C PHE A 85 -20.27 1.48 -4.72
N SER A 86 -21.59 1.62 -4.87
CA SER A 86 -22.19 2.87 -5.33
C SER A 86 -21.59 3.25 -6.69
N GLY A 87 -21.16 2.22 -7.44
CA GLY A 87 -20.47 2.36 -8.71
C GLY A 87 -20.22 0.97 -9.28
N LEU A 88 -18.97 0.50 -9.21
CA LEU A 88 -18.61 -0.83 -9.67
C LEU A 88 -17.39 -1.34 -8.90
N ASN A 89 -17.36 -2.64 -8.61
CA ASN A 89 -16.25 -3.30 -7.94
C ASN A 89 -14.94 -2.88 -8.59
N ARG A 90 -14.04 -2.29 -7.80
CA ARG A 90 -12.83 -1.71 -8.34
C ARG A 90 -11.73 -2.76 -8.50
N GLY A 91 -12.05 -4.01 -8.17
CA GLY A 91 -11.13 -5.15 -8.33
C GLY A 91 -9.66 -4.77 -8.15
N PHE A 92 -9.21 -4.57 -6.91
CA PHE A 92 -7.79 -4.30 -6.68
C PHE A 92 -7.43 -4.87 -5.31
N ALA A 93 -6.18 -5.36 -5.20
CA ALA A 93 -5.70 -5.97 -3.98
C ALA A 93 -4.18 -5.98 -3.93
N TYR A 94 -3.63 -6.25 -2.76
CA TYR A 94 -2.19 -6.39 -2.57
C TYR A 94 -1.84 -7.43 -1.52
N ALA A 95 -0.56 -7.85 -1.49
CA ALA A 95 -0.12 -8.86 -0.55
C ALA A 95 1.37 -8.78 -0.30
N ARG A 96 1.79 -9.26 0.88
CA ARG A 96 3.19 -9.32 1.26
C ARG A 96 3.70 -10.75 1.24
N TYR A 97 4.85 -10.96 0.61
CA TYR A 97 5.55 -12.24 0.62
C TYR A 97 6.62 -12.35 1.70
N SER A 98 6.97 -13.57 2.09
CA SER A 98 8.04 -13.82 3.06
C SER A 98 9.35 -13.16 2.62
N SER A 99 9.51 -12.93 1.31
CA SER A 99 10.61 -12.15 0.79
C SER A 99 10.21 -11.52 -0.54
N ARG A 100 10.91 -10.46 -0.94
CA ARG A 100 10.69 -9.85 -2.25
C ARG A 100 10.97 -10.88 -3.33
N ARG A 101 11.71 -11.95 -3.00
CA ARG A 101 11.95 -13.02 -3.95
C ARG A 101 10.62 -13.64 -4.39
N GLY A 102 9.67 -13.73 -3.46
CA GLY A 102 8.33 -14.21 -3.74
C GLY A 102 7.53 -13.10 -4.43
N ALA A 103 7.82 -11.85 -4.07
CA ALA A 103 7.15 -10.69 -4.62
C ALA A 103 7.53 -10.50 -6.09
N GLN A 104 8.76 -10.84 -6.43
CA GLN A 104 9.28 -10.70 -7.79
C GLN A 104 8.76 -11.83 -8.67
N ALA A 105 8.57 -13.01 -8.08
CA ALA A 105 7.98 -14.14 -8.78
C ALA A 105 6.50 -13.85 -9.05
N ALA A 106 5.79 -13.30 -8.07
CA ALA A 106 4.37 -13.05 -8.18
C ALA A 106 4.07 -12.14 -9.37
N ILE A 107 4.70 -10.97 -9.43
CA ILE A 107 4.50 -10.05 -10.55
C ILE A 107 4.85 -10.73 -11.86
N ALA A 108 6.02 -11.38 -11.95
CA ALA A 108 6.46 -12.04 -13.17
C ALA A 108 5.55 -13.21 -13.57
N THR A 109 4.57 -13.53 -12.72
CA THR A 109 3.69 -14.68 -12.95
C THR A 109 2.23 -14.25 -13.11
N LEU A 110 1.82 -13.23 -12.38
CA LEU A 110 0.43 -12.78 -12.37
C LEU A 110 0.21 -11.67 -13.40
N HIS A 111 1.22 -10.82 -13.63
CA HIS A 111 1.14 -9.73 -14.59
C HIS A 111 1.05 -10.20 -16.04
N ASN A 112 0.85 -11.50 -16.27
CA ASN A 112 0.63 -12.03 -17.60
C ASN A 112 -0.39 -13.17 -17.54
N HIS A 113 -1.10 -13.29 -16.41
CA HIS A 113 -2.08 -14.36 -16.19
C HIS A 113 -3.46 -13.95 -16.71
N PRO A 114 -3.96 -14.63 -17.75
CA PRO A 114 -5.23 -14.33 -18.38
C PRO A 114 -6.40 -14.88 -17.57
N LEU A 115 -6.70 -14.25 -16.43
CA LEU A 115 -7.91 -14.60 -15.66
C LEU A 115 -9.14 -14.48 -16.56
N ARG A 116 -9.13 -13.50 -17.46
CA ARG A 116 -10.19 -13.30 -18.45
C ARG A 116 -9.61 -12.51 -19.62
N PRO A 117 -9.95 -12.85 -20.86
CA PRO A 117 -9.37 -12.23 -22.05
C PRO A 117 -9.70 -10.73 -22.15
N SER A 118 -10.69 -10.25 -21.39
CA SER A 118 -11.05 -8.84 -21.36
C SER A 118 -10.48 -8.16 -20.11
N CYS A 119 -9.60 -8.86 -19.40
CA CYS A 119 -9.01 -8.40 -18.15
C CYS A 119 -7.56 -8.86 -18.04
N PRO A 120 -6.63 -8.20 -18.74
CA PRO A 120 -5.21 -8.49 -18.67
C PRO A 120 -4.68 -8.11 -17.29
N LEU A 121 -4.76 -9.06 -16.35
CA LEU A 121 -4.35 -8.87 -14.96
C LEU A 121 -3.05 -8.07 -14.84
N LEU A 122 -3.20 -6.80 -14.44
CA LEU A 122 -2.07 -5.91 -14.19
C LEU A 122 -1.52 -6.14 -12.78
N VAL A 123 -0.19 -6.13 -12.62
CA VAL A 123 0.45 -6.24 -11.32
C VAL A 123 1.66 -5.31 -11.20
N CYS A 124 2.10 -5.08 -9.97
CA CYS A 124 3.22 -4.19 -9.68
C CYS A 124 3.69 -4.46 -8.26
N ARG A 125 4.74 -3.79 -7.81
CA ARG A 125 5.13 -3.80 -6.41
C ARG A 125 4.20 -2.85 -5.68
N SER A 126 3.75 -3.18 -4.47
CA SER A 126 2.92 -2.28 -3.69
C SER A 126 3.79 -1.10 -3.26
N THR A 127 3.23 0.11 -3.29
CA THR A 127 4.02 1.31 -3.04
C THR A 127 4.53 1.42 -1.61
N GLU A 128 5.36 2.44 -1.35
CA GLU A 128 5.98 2.65 -0.05
C GLU A 128 4.96 3.04 1.01
N LYS A 129 4.15 2.07 1.45
CA LYS A 129 3.19 2.23 2.54
C LYS A 129 3.91 2.21 3.89
N CYS A 130 4.99 2.98 4.00
CA CYS A 130 5.75 3.08 5.23
C CYS A 130 6.29 4.51 5.42
N GLU A 131 6.02 5.40 4.45
CA GLU A 131 6.58 6.74 4.44
C GLU A 131 5.55 7.70 3.83
N LEU A 132 5.71 8.99 4.12
CA LEU A 132 4.79 10.02 3.64
C LEU A 132 5.60 11.12 2.95
N SER A 133 5.00 11.80 1.97
CA SER A 133 5.68 12.87 1.25
C SER A 133 4.77 14.09 1.12
N VAL A 134 5.37 15.29 1.17
CA VAL A 134 4.65 16.55 1.10
C VAL A 134 5.16 17.42 -0.05
N ASP A 135 4.35 18.40 -0.49
CA ASP A 135 4.70 19.25 -1.62
C ASP A 135 4.05 20.62 -1.42
N GLY A 136 4.58 21.65 -2.07
CA GLY A 136 4.10 23.02 -1.95
C GLY A 136 4.63 23.68 -0.68
N LEU A 137 4.23 23.13 0.48
CA LEU A 137 4.68 23.57 1.79
C LEU A 137 4.24 25.02 2.11
N PRO A 138 4.47 25.46 3.35
CA PRO A 138 4.13 26.80 3.82
C PRO A 138 4.94 27.88 3.08
N PRO A 139 4.65 29.16 3.35
CA PRO A 139 5.21 30.28 2.62
C PRO A 139 6.68 30.51 2.97
N ASN A 140 6.97 30.60 4.27
CA ASN A 140 8.31 30.88 4.76
C ASN A 140 8.61 30.11 6.04
N LEU A 141 7.66 29.28 6.47
CA LEU A 141 7.77 28.53 7.71
C LEU A 141 8.98 27.60 7.67
N THR A 142 9.57 27.34 8.83
CA THR A 142 10.72 26.45 8.94
C THR A 142 10.29 25.01 9.17
N ARG A 143 11.15 24.07 8.78
CA ARG A 143 10.87 22.64 8.95
C ARG A 143 10.51 22.30 10.39
N SER A 144 11.19 22.93 11.35
CA SER A 144 11.00 22.59 12.77
C SER A 144 9.56 22.84 13.20
N ALA A 145 8.99 23.94 12.72
CA ALA A 145 7.63 24.32 13.07
C ALA A 145 6.65 23.56 12.22
N LEU A 146 7.08 23.17 11.02
CA LEU A 146 6.25 22.43 10.07
C LEU A 146 5.95 21.02 10.58
N LEU A 147 6.91 20.36 11.24
CA LEU A 147 6.64 19.08 11.90
C LEU A 147 5.63 19.33 13.01
N LEU A 148 5.93 20.31 13.87
CA LEU A 148 5.07 20.67 14.98
C LEU A 148 3.64 20.99 14.49
N ALA A 149 3.53 21.56 13.28
CA ALA A 149 2.23 21.86 12.70
C ALA A 149 1.42 20.60 12.42
N LEU A 150 2.07 19.51 12.01
CA LEU A 150 1.38 18.25 11.72
C LEU A 150 1.59 17.20 12.81
N GLN A 151 2.27 17.53 13.90
CA GLN A 151 2.57 16.57 14.96
C GLN A 151 1.33 16.17 15.77
N PRO A 152 0.36 17.08 16.02
CA PRO A 152 -0.80 16.74 16.83
C PRO A 152 -1.77 15.82 16.09
N LEU A 153 -1.56 15.63 14.78
CA LEU A 153 -2.39 14.72 14.00
C LEU A 153 -1.60 13.50 13.54
N GLY A 154 -0.28 13.51 13.73
CA GLY A 154 0.55 12.34 13.44
C GLY A 154 1.71 12.24 14.43
N PRO A 155 1.40 11.99 15.70
CA PRO A 155 2.39 11.92 16.77
C PRO A 155 3.25 10.65 16.67
N GLY A 156 2.94 9.78 15.71
CA GLY A 156 3.68 8.53 15.52
C GLY A 156 4.96 8.76 14.71
N LEU A 157 5.20 9.99 14.25
CA LEU A 157 6.32 10.27 13.36
C LEU A 157 7.66 9.99 14.06
N GLN A 158 8.48 9.14 13.44
CA GLN A 158 9.80 8.81 13.97
C GLN A 158 10.83 9.86 13.53
N GLU A 159 10.73 10.32 12.28
CA GLU A 159 11.68 11.28 11.73
C GLU A 159 11.10 11.98 10.51
N ALA A 160 11.70 13.13 10.16
CA ALA A 160 11.30 13.89 8.99
C ALA A 160 12.49 14.67 8.45
N ARG A 161 12.52 14.84 7.13
CA ARG A 161 13.60 15.58 6.46
C ARG A 161 12.99 16.36 5.30
N LEU A 162 13.39 17.63 5.17
CA LEU A 162 12.85 18.51 4.15
C LEU A 162 14.00 19.13 3.36
N LEU A 163 14.19 18.67 2.12
CA LEU A 163 15.20 19.24 1.24
C LEU A 163 14.98 18.79 -0.22
N PRO A 164 15.21 17.51 -0.57
CA PRO A 164 15.25 17.04 -1.95
C PRO A 164 13.93 17.30 -2.68
N SER A 165 13.93 17.12 -4.00
CA SER A 165 12.73 17.33 -4.80
C SER A 165 12.83 16.61 -6.15
N PRO A 166 11.73 16.07 -6.66
CA PRO A 166 11.64 15.48 -7.99
C PRO A 166 11.99 16.49 -9.09
N GLY A 167 12.19 15.97 -10.31
CA GLY A 167 12.43 16.81 -11.48
C GLY A 167 11.13 17.37 -12.03
N PRO A 168 11.22 18.06 -13.17
CA PRO A 168 12.45 18.40 -13.89
C PRO A 168 13.21 19.51 -13.16
N ALA A 169 12.55 20.20 -12.24
CA ALA A 169 13.16 21.25 -11.44
C ALA A 169 12.69 21.13 -9.99
N PRO A 170 13.56 21.48 -9.03
CA PRO A 170 13.30 21.32 -7.61
C PRO A 170 12.25 22.29 -7.10
N GLY A 171 11.83 22.07 -5.85
CA GLY A 171 10.83 22.90 -5.18
C GLY A 171 10.73 22.52 -3.70
N GLN A 172 11.77 21.87 -3.17
CA GLN A 172 11.77 21.26 -1.84
C GLN A 172 10.68 20.20 -1.67
N ILE A 173 10.96 19.19 -0.86
CA ILE A 173 9.97 18.17 -0.51
C ILE A 173 10.14 17.76 0.95
N ALA A 174 9.07 17.30 1.59
CA ALA A 174 9.17 16.74 2.93
C ALA A 174 8.99 15.23 2.88
N LEU A 175 9.93 14.48 3.44
CA LEU A 175 9.77 13.04 3.60
C LEU A 175 9.61 12.68 5.08
N LEU A 176 8.57 11.90 5.37
CA LEU A 176 8.15 11.61 6.72
C LEU A 176 8.10 10.11 7.00
N LYS A 177 8.76 9.66 8.08
CA LYS A 177 8.62 8.29 8.55
C LYS A 177 7.72 8.24 9.78
N PHE A 178 6.83 7.23 9.84
CA PHE A 178 5.92 7.07 10.97
C PHE A 178 6.12 5.78 11.74
N SER A 179 5.43 5.62 12.88
CA SER A 179 5.57 4.44 13.72
C SER A 179 4.90 3.22 13.10
N SER A 180 3.96 3.44 12.17
CA SER A 180 3.26 2.36 11.48
C SER A 180 2.70 2.87 10.16
N HIS A 181 2.23 1.94 9.31
CA HIS A 181 1.62 2.31 8.05
C HIS A 181 0.42 3.20 8.30
N ARG A 182 -0.56 2.71 9.07
CA ARG A 182 -1.75 3.48 9.37
C ARG A 182 -1.44 4.84 10.00
N ALA A 183 -0.39 4.93 10.84
CA ALA A 183 -0.03 6.20 11.44
C ALA A 183 0.27 7.26 10.38
N ALA A 184 0.86 6.85 9.25
CA ALA A 184 1.12 7.76 8.15
C ALA A 184 -0.18 8.09 7.42
N ALA A 185 -1.10 7.11 7.33
CA ALA A 185 -2.38 7.33 6.67
C ALA A 185 -3.28 8.25 7.49
N MET A 186 -3.31 8.09 8.82
CA MET A 186 -4.15 8.93 9.67
C MET A 186 -3.74 10.40 9.55
N ALA A 187 -2.42 10.65 9.54
CA ALA A 187 -1.91 12.00 9.37
C ALA A 187 -2.17 12.49 7.96
N LYS A 188 -1.88 11.66 6.95
CA LYS A 188 -2.08 12.04 5.55
C LYS A 188 -3.55 12.31 5.29
N LYS A 189 -4.42 11.53 5.92
CA LYS A 189 -5.85 11.61 5.73
C LYS A 189 -6.37 12.96 6.22
N ALA A 190 -5.82 13.47 7.31
CA ALA A 190 -6.23 14.75 7.85
C ALA A 190 -5.83 15.88 6.90
N LEU A 191 -4.71 15.71 6.21
CA LEU A 191 -4.15 16.75 5.37
C LEU A 191 -4.88 16.82 4.03
N VAL A 192 -5.40 15.69 3.55
CA VAL A 192 -6.27 15.69 2.38
C VAL A 192 -7.69 16.10 2.78
N GLU A 193 -8.05 15.87 4.04
CA GLU A 193 -9.38 16.24 4.55
C GLU A 193 -9.55 17.75 4.63
N GLY A 194 -8.46 18.51 4.76
CA GLY A 194 -8.53 19.97 4.73
C GLY A 194 -7.67 20.64 5.79
N GLN A 195 -6.77 19.89 6.46
CA GLN A 195 -5.85 20.48 7.42
C GLN A 195 -4.64 21.08 6.69
N SER A 196 -4.67 21.06 5.36
CA SER A 196 -3.69 21.69 4.50
C SER A 196 -3.80 23.23 4.56
N HIS A 197 -3.18 23.91 3.59
CA HIS A 197 -3.16 25.38 3.53
C HIS A 197 -2.54 25.98 4.80
N LEU A 198 -1.51 25.32 5.34
CA LEU A 198 -0.84 25.76 6.55
C LEU A 198 -0.17 27.12 6.30
N CYS A 199 -0.32 28.06 7.24
CA CYS A 199 0.19 29.42 7.12
C CYS A 199 -0.36 30.15 5.88
N GLY A 200 -1.46 29.67 5.31
CA GLY A 200 -2.16 30.35 4.23
C GLY A 200 -1.50 30.15 2.86
N GLU A 201 -0.55 29.21 2.76
CA GLU A 201 0.09 28.91 1.50
C GLU A 201 -0.58 27.67 0.93
N GLN A 202 0.20 26.70 0.44
CA GLN A 202 -0.36 25.53 -0.19
C GLN A 202 0.49 24.30 0.10
N VAL A 203 -0.17 23.20 0.43
CA VAL A 203 0.51 21.96 0.76
C VAL A 203 -0.30 20.77 0.28
N ALA A 204 0.39 19.70 -0.14
CA ALA A 204 -0.28 18.53 -0.68
C ALA A 204 0.44 17.27 -0.21
N VAL A 205 -0.34 16.27 0.19
CA VAL A 205 0.22 15.04 0.74
C VAL A 205 0.05 13.92 -0.29
N GLU A 206 1.15 13.21 -0.54
CA GLU A 206 1.16 12.04 -1.42
C GLU A 206 2.11 11.00 -0.86
N TRP A 207 1.90 9.73 -1.19
CA TRP A 207 2.78 8.66 -0.73
C TRP A 207 4.10 8.65 -1.50
N LEU A 208 5.09 7.95 -0.94
CA LEU A 208 6.35 7.68 -1.62
C LEU A 208 6.11 6.60 -2.68
N LYS A 209 7.07 6.44 -3.60
CA LYS A 209 7.03 5.39 -4.60
C LYS A 209 8.38 4.66 -4.58
N PRO A 210 8.42 3.38 -4.92
CA PRO A 210 9.63 2.59 -4.84
C PRO A 210 10.70 3.07 -5.82
N ASP A 211 10.28 3.73 -6.90
CA ASP A 211 11.22 4.28 -7.89
C ASP A 211 11.57 5.72 -7.53
N LEU A 212 10.59 6.47 -7.00
CA LEU A 212 10.81 7.86 -6.59
C LEU A 212 11.77 7.89 -5.41
N LYS A 213 11.54 7.01 -4.44
CA LYS A 213 12.22 7.02 -3.16
C LYS A 213 13.70 6.69 -3.32
N GLN A 214 14.03 5.77 -4.23
CA GLN A 214 15.42 5.41 -4.49
C GLN A 214 16.15 6.56 -5.19
N ARG A 215 15.45 7.33 -6.03
CA ARG A 215 16.05 8.47 -6.71
C ARG A 215 16.16 9.66 -5.76
N LEU A 216 15.19 9.81 -4.86
CA LEU A 216 15.23 10.83 -3.84
C LEU A 216 16.39 10.56 -2.89
N ARG A 217 16.70 9.29 -2.66
CA ARG A 217 17.80 8.89 -1.81
C ARG A 217 19.14 9.22 -2.46
N GLN A 218 19.22 9.12 -3.80
CA GLN A 218 20.45 9.43 -4.53
C GLN A 218 20.82 10.91 -4.43
N GLN A 219 19.83 11.79 -4.22
CA GLN A 219 20.11 13.20 -4.00
C GLN A 219 20.07 13.58 -2.51
N LEU A 220 19.46 12.72 -1.68
CA LEU A 220 19.42 12.94 -0.24
C LEU A 220 20.76 12.56 0.39
N VAL A 221 21.40 11.51 -0.12
CA VAL A 221 22.68 11.04 0.39
C VAL A 221 23.80 12.05 0.14
N GLY A 222 23.53 13.09 -0.65
CA GLY A 222 24.50 14.13 -0.95
C GLY A 222 24.98 14.82 0.32
N PRO A 223 24.13 15.64 0.95
CA PRO A 223 24.45 16.36 2.17
C PRO A 223 24.75 15.40 3.33
N PHE A 224 24.25 14.16 3.25
CA PHE A 224 24.50 13.16 4.27
C PHE A 224 25.82 12.41 4.14
N LEU A 225 26.62 12.77 3.13
CA LEU A 225 27.91 12.12 2.90
C LEU A 225 29.01 13.15 2.63
N ARG A 226 28.65 14.35 2.16
CA ARG A 226 29.62 15.39 1.86
C ARG A 226 28.98 16.77 2.01
N SER A 227 29.79 17.83 1.88
CA SER A 227 29.33 19.21 2.03
C SER A 227 28.36 19.59 0.91
N GLY A 1 -19.99 -4.71 -3.54
CA GLY A 1 -21.29 -5.39 -3.72
C GLY A 1 -21.83 -5.89 -2.39
N ALA A 2 -23.13 -5.71 -2.17
CA ALA A 2 -23.78 -6.14 -0.94
C ALA A 2 -23.78 -7.67 -0.85
N MET A 3 -23.98 -8.20 0.36
CA MET A 3 -23.99 -9.64 0.58
C MET A 3 -25.26 -10.29 0.03
N GLU A 4 -26.29 -9.48 -0.23
CA GLU A 4 -27.59 -9.99 -0.66
C GLU A 4 -27.68 -10.08 -2.18
N ARG A 5 -26.55 -9.89 -2.86
CA ARG A 5 -26.49 -9.96 -4.32
C ARG A 5 -26.54 -11.41 -4.79
N VAL A 6 -26.72 -11.59 -6.11
CA VAL A 6 -26.82 -12.91 -6.72
C VAL A 6 -25.53 -13.72 -6.54
N ASN A 7 -25.64 -15.04 -6.71
CA ASN A 7 -24.52 -15.95 -6.58
C ASN A 7 -23.75 -15.74 -5.26
N PRO A 8 -24.45 -15.73 -4.12
CA PRO A 8 -23.83 -15.53 -2.82
C PRO A 8 -22.95 -16.72 -2.44
N GLU A 9 -23.13 -17.85 -3.14
CA GLU A 9 -22.32 -19.04 -2.94
C GLU A 9 -20.83 -18.72 -3.13
N ASN A 10 -20.53 -17.69 -3.90
CA ASN A 10 -19.14 -17.30 -4.16
C ASN A 10 -18.49 -16.77 -2.88
N LYS A 11 -19.10 -15.76 -2.25
CA LYS A 11 -18.59 -15.21 -1.01
C LYS A 11 -18.79 -16.20 0.14
N ALA A 12 -19.76 -17.09 0.02
CA ALA A 12 -19.93 -18.15 0.99
C ALA A 12 -18.81 -19.19 0.86
N ALA A 13 -18.23 -19.35 -0.34
CA ALA A 13 -17.17 -20.31 -0.55
C ALA A 13 -15.88 -19.87 0.15
N LEU A 14 -15.55 -18.58 0.08
CA LEU A 14 -14.37 -18.08 0.78
C LEU A 14 -14.59 -18.06 2.29
N GLU A 15 -15.85 -17.96 2.74
CA GLU A 15 -16.13 -18.00 4.17
C GLU A 15 -15.86 -19.41 4.70
N ALA A 16 -16.31 -20.42 3.96
CA ALA A 16 -15.99 -21.81 4.29
C ALA A 16 -14.50 -22.10 4.19
N TRP A 17 -13.74 -21.26 3.47
CA TRP A 17 -12.29 -21.42 3.40
C TRP A 17 -11.58 -20.76 4.58
N VAL A 18 -11.83 -19.47 4.83
CA VAL A 18 -11.15 -18.78 5.93
C VAL A 18 -11.36 -19.52 7.25
N ARG A 19 -12.47 -20.25 7.40
CA ARG A 19 -12.74 -20.97 8.65
C ARG A 19 -11.89 -22.23 8.76
N GLU A 20 -11.42 -22.76 7.63
CA GLU A 20 -10.64 -24.00 7.63
C GLU A 20 -9.16 -23.70 7.83
N THR A 21 -8.76 -22.42 7.71
CA THR A 21 -7.38 -22.00 7.96
C THR A 21 -7.36 -21.20 9.26
N GLY A 22 -8.51 -20.67 9.69
CA GLY A 22 -8.61 -19.91 10.93
C GLY A 22 -8.11 -18.48 10.75
N ILE A 23 -8.13 -17.97 9.51
CA ILE A 23 -7.60 -16.65 9.22
C ILE A 23 -8.64 -15.57 9.53
N ARG A 24 -9.91 -15.89 9.30
CA ARG A 24 -11.04 -14.99 9.54
C ARG A 24 -10.76 -13.56 9.05
N LEU A 25 -11.10 -13.30 7.78
CA LEU A 25 -10.83 -12.02 7.14
C LEU A 25 -11.35 -10.88 8.00
N VAL A 26 -10.48 -9.91 8.32
CA VAL A 26 -10.87 -8.76 9.13
C VAL A 26 -11.51 -7.70 8.27
N GLN A 27 -12.74 -7.30 8.62
CA GLN A 27 -13.46 -6.26 7.91
C GLN A 27 -12.94 -4.88 8.31
N VAL A 28 -13.01 -3.94 7.35
CA VAL A 28 -12.60 -2.56 7.57
C VAL A 28 -13.61 -1.61 6.96
N ASN A 29 -14.66 -1.28 7.72
CA ASN A 29 -15.76 -0.44 7.26
C ASN A 29 -16.45 -1.01 6.01
N GLY A 30 -16.04 -2.19 5.55
CA GLY A 30 -16.59 -2.84 4.37
C GLY A 30 -15.51 -3.50 3.53
N GLN A 31 -14.26 -3.06 3.69
CA GLN A 31 -13.13 -3.68 3.00
C GLN A 31 -12.76 -4.99 3.71
N ARG A 32 -11.78 -5.72 3.18
CA ARG A 32 -11.37 -7.00 3.75
C ARG A 32 -9.86 -7.21 3.61
N LYS A 33 -9.25 -7.85 4.61
CA LYS A 33 -7.83 -8.17 4.55
C LYS A 33 -7.52 -9.55 5.13
N TYR A 34 -6.62 -10.27 4.47
CA TYR A 34 -6.19 -11.60 4.88
C TYR A 34 -4.89 -11.65 5.66
N GLY A 35 -4.80 -12.60 6.60
CA GLY A 35 -3.58 -12.85 7.35
C GLY A 35 -3.69 -14.12 8.17
N GLY A 36 -3.06 -15.20 7.69
CA GLY A 36 -3.09 -16.49 8.36
C GLY A 36 -2.40 -17.56 7.51
N PRO A 37 -1.12 -17.37 7.19
CA PRO A 37 -0.33 -18.30 6.38
C PRO A 37 -0.15 -19.63 7.13
N PRO A 38 0.32 -20.66 6.42
CA PRO A 38 0.54 -21.99 6.98
C PRO A 38 1.46 -21.96 8.21
N PRO A 39 1.40 -23.00 9.05
CA PRO A 39 2.22 -23.12 10.25
C PRO A 39 3.71 -23.03 9.93
N GLY A 40 4.50 -22.73 10.96
CA GLY A 40 5.95 -22.62 10.82
C GLY A 40 6.36 -21.28 10.21
N TRP A 41 5.39 -20.41 9.93
CA TRP A 41 5.65 -19.09 9.35
C TRP A 41 6.37 -18.15 10.33
N VAL A 42 6.95 -17.07 9.81
CA VAL A 42 7.80 -16.19 10.58
C VAL A 42 7.00 -15.09 11.27
N GLY A 43 7.57 -14.43 12.26
CA GLY A 43 6.87 -13.38 12.98
C GLY A 43 6.80 -12.09 12.17
N SER A 44 7.89 -11.76 11.48
CA SER A 44 7.95 -10.58 10.62
C SER A 44 9.09 -10.75 9.61
N PRO A 45 8.84 -10.43 8.33
CA PRO A 45 9.83 -10.55 7.28
C PRO A 45 10.91 -9.46 7.40
N PRO A 46 12.09 -9.70 6.83
CA PRO A 46 13.18 -8.74 6.78
C PRO A 46 12.84 -7.61 5.82
N PRO A 47 13.56 -6.48 5.92
CA PRO A 47 13.36 -5.33 5.05
C PRO A 47 13.77 -5.68 3.62
N ALA A 48 12.81 -5.58 2.70
CA ALA A 48 13.03 -5.91 1.29
C ALA A 48 12.03 -5.19 0.37
N GLY A 49 11.22 -4.28 0.93
CA GLY A 49 10.10 -3.68 0.23
C GLY A 49 8.96 -4.68 0.13
N SER A 50 9.20 -5.78 -0.61
CA SER A 50 8.32 -6.95 -0.64
C SER A 50 6.84 -6.59 -0.85
N GLU A 51 6.54 -5.49 -1.55
CA GLU A 51 5.18 -5.07 -1.82
C GLU A 51 4.79 -5.37 -3.25
N VAL A 52 3.53 -5.77 -3.47
CA VAL A 52 3.03 -6.09 -4.80
C VAL A 52 1.55 -5.69 -4.86
N PHE A 53 1.14 -5.07 -5.97
CA PHE A 53 -0.20 -4.55 -6.14
C PHE A 53 -0.87 -4.89 -7.47
N ILE A 54 -1.89 -5.76 -7.43
CA ILE A 54 -2.71 -6.07 -8.59
C ILE A 54 -3.78 -5.01 -8.80
N GLY A 55 -4.28 -4.89 -10.04
CA GLY A 55 -5.30 -3.91 -10.37
C GLY A 55 -5.98 -4.24 -11.71
N ARG A 56 -7.06 -3.51 -12.03
CA ARG A 56 -7.85 -3.73 -13.24
C ARG A 56 -8.38 -5.16 -13.32
N LEU A 57 -8.65 -5.78 -12.16
CA LEU A 57 -9.17 -7.13 -12.10
C LEU A 57 -10.69 -7.09 -12.31
N PRO A 58 -11.31 -8.23 -12.65
CA PRO A 58 -12.75 -8.36 -12.74
C PRO A 58 -13.39 -7.99 -11.41
N GLN A 59 -14.54 -7.31 -11.47
CA GLN A 59 -15.23 -6.87 -10.25
C GLN A 59 -15.89 -8.04 -9.53
N ASP A 60 -15.79 -9.25 -10.09
CA ASP A 60 -16.40 -10.43 -9.49
C ASP A 60 -15.40 -11.33 -8.75
N VAL A 61 -14.10 -11.08 -8.92
CA VAL A 61 -13.08 -11.96 -8.35
C VAL A 61 -12.90 -11.78 -6.84
N TYR A 62 -12.82 -12.89 -6.11
CA TYR A 62 -12.69 -12.88 -4.66
C TYR A 62 -11.28 -13.18 -4.10
N GLU A 63 -11.26 -13.46 -2.79
CA GLU A 63 -10.03 -13.74 -2.07
C GLU A 63 -9.53 -15.12 -2.46
N HIS A 64 -10.47 -16.03 -2.72
CA HIS A 64 -10.17 -17.44 -2.97
C HIS A 64 -9.50 -17.64 -4.33
N GLN A 65 -9.23 -16.55 -5.05
CA GLN A 65 -8.59 -16.60 -6.35
C GLN A 65 -7.26 -15.88 -6.30
N LEU A 66 -7.27 -14.65 -5.77
CA LEU A 66 -6.08 -13.82 -5.73
C LEU A 66 -5.10 -14.35 -4.69
N ILE A 67 -5.58 -14.91 -3.58
CA ILE A 67 -4.66 -15.32 -2.53
C ILE A 67 -3.84 -16.55 -2.91
N PRO A 68 -4.45 -17.64 -3.40
CA PRO A 68 -3.71 -18.81 -3.85
C PRO A 68 -2.75 -18.45 -4.99
N LEU A 69 -3.16 -17.50 -5.84
CA LEU A 69 -2.33 -16.98 -6.92
C LEU A 69 -1.09 -16.26 -6.36
N PHE A 70 -1.21 -15.74 -5.13
CA PHE A 70 -0.08 -15.17 -4.43
C PHE A 70 0.76 -16.17 -3.65
N GLN A 71 0.11 -17.19 -3.08
CA GLN A 71 0.80 -18.17 -2.26
C GLN A 71 1.51 -19.22 -3.11
N ARG A 72 1.33 -19.17 -4.44
CA ARG A 72 2.02 -20.09 -5.34
C ARG A 72 3.35 -19.48 -5.82
N VAL A 73 3.39 -18.16 -6.02
CA VAL A 73 4.61 -17.47 -6.43
C VAL A 73 5.53 -17.19 -5.24
N GLY A 74 4.98 -17.11 -4.04
CA GLY A 74 5.76 -16.85 -2.84
C GLY A 74 4.95 -17.01 -1.56
N ARG A 75 5.66 -17.05 -0.41
CA ARG A 75 5.05 -17.21 0.91
C ARG A 75 3.74 -16.45 1.05
N LEU A 76 3.78 -15.11 0.95
CA LEU A 76 2.63 -14.26 1.21
C LEU A 76 2.49 -14.03 2.72
N TYR A 77 3.05 -12.92 3.20
CA TYR A 77 2.99 -12.54 4.60
C TYR A 77 1.63 -12.00 5.04
N GLU A 78 1.01 -11.17 4.19
CA GLU A 78 -0.30 -10.60 4.46
C GLU A 78 -0.90 -10.04 3.17
N PHE A 79 -2.12 -10.49 2.82
CA PHE A 79 -2.81 -10.02 1.63
C PHE A 79 -3.92 -9.06 2.06
N ARG A 80 -4.29 -8.12 1.19
CA ARG A 80 -5.38 -7.19 1.44
C ARG A 80 -6.17 -6.98 0.16
N LEU A 81 -7.50 -6.86 0.26
CA LEU A 81 -8.35 -6.78 -0.92
C LEU A 81 -9.48 -5.76 -0.69
N MET A 82 -9.53 -4.74 -1.52
CA MET A 82 -10.53 -3.69 -1.38
C MET A 82 -11.76 -3.98 -2.24
N MET A 83 -12.92 -3.99 -1.58
CA MET A 83 -14.24 -4.27 -2.11
C MET A 83 -15.25 -3.33 -1.44
N THR A 84 -16.12 -2.69 -2.22
CA THR A 84 -17.02 -1.69 -1.66
C THR A 84 -18.25 -1.43 -2.54
N PHE A 85 -19.06 -0.44 -2.14
CA PHE A 85 -20.35 -0.13 -2.76
C PHE A 85 -21.33 -1.28 -2.62
N SER A 86 -22.62 -1.00 -2.83
CA SER A 86 -23.66 -2.03 -2.81
C SER A 86 -23.76 -2.71 -4.17
N GLY A 87 -23.33 -2.02 -5.22
CA GLY A 87 -23.41 -2.52 -6.60
C GLY A 87 -22.09 -3.14 -7.03
N LEU A 88 -21.22 -2.32 -7.65
CA LEU A 88 -19.93 -2.75 -8.16
C LEU A 88 -18.95 -3.02 -7.00
N ASN A 89 -17.64 -2.87 -7.26
CA ASN A 89 -16.60 -3.15 -6.29
C ASN A 89 -15.41 -2.23 -6.51
N ARG A 90 -14.53 -2.11 -5.52
CA ARG A 90 -13.39 -1.21 -5.60
C ARG A 90 -12.32 -1.77 -6.54
N GLY A 91 -12.34 -3.09 -6.76
CA GLY A 91 -11.55 -3.75 -7.80
C GLY A 91 -10.03 -3.52 -7.70
N PHE A 92 -9.42 -3.66 -6.51
CA PHE A 92 -7.96 -3.64 -6.46
C PHE A 92 -7.52 -4.31 -5.16
N ALA A 93 -6.28 -4.80 -5.16
CA ALA A 93 -5.72 -5.50 -4.02
C ALA A 93 -4.21 -5.44 -4.01
N TYR A 94 -3.59 -5.80 -2.88
CA TYR A 94 -2.15 -5.87 -2.77
C TYR A 94 -1.75 -6.84 -1.66
N ALA A 95 -0.46 -7.15 -1.58
CA ALA A 95 0.04 -8.08 -0.58
C ALA A 95 1.52 -7.85 -0.29
N ARG A 96 1.94 -8.23 0.91
CA ARG A 96 3.35 -8.19 1.30
C ARG A 96 3.92 -9.59 1.28
N TYR A 97 5.03 -9.78 0.59
CA TYR A 97 5.74 -11.05 0.56
C TYR A 97 6.78 -11.19 1.67
N SER A 98 7.12 -12.43 2.03
CA SER A 98 8.20 -12.68 2.98
C SER A 98 9.53 -12.12 2.49
N SER A 99 9.67 -11.91 1.18
CA SER A 99 10.87 -11.33 0.60
C SER A 99 10.58 -10.67 -0.74
N ARG A 100 11.56 -9.91 -1.24
CA ARG A 100 11.43 -9.25 -2.54
C ARG A 100 11.45 -10.29 -3.65
N ARG A 101 12.10 -11.44 -3.43
CA ARG A 101 12.17 -12.50 -4.43
C ARG A 101 10.77 -13.05 -4.71
N GLY A 102 9.90 -13.04 -3.69
CA GLY A 102 8.52 -13.48 -3.85
C GLY A 102 7.73 -12.41 -4.58
N ALA A 103 8.01 -11.14 -4.28
CA ALA A 103 7.34 -10.02 -4.90
C ALA A 103 7.73 -9.89 -6.38
N GLN A 104 8.98 -10.22 -6.71
CA GLN A 104 9.47 -10.13 -8.08
C GLN A 104 8.89 -11.25 -8.93
N ALA A 105 8.74 -12.43 -8.34
CA ALA A 105 8.14 -13.57 -9.03
C ALA A 105 6.65 -13.31 -9.25
N ALA A 106 5.96 -12.72 -8.27
CA ALA A 106 4.54 -12.50 -8.34
C ALA A 106 4.18 -11.64 -9.56
N ILE A 107 4.80 -10.45 -9.67
CA ILE A 107 4.58 -9.59 -10.83
C ILE A 107 4.96 -10.30 -12.12
N ALA A 108 6.14 -10.92 -12.17
CA ALA A 108 6.61 -11.59 -13.37
C ALA A 108 5.73 -12.80 -13.74
N THR A 109 4.75 -13.12 -12.90
CA THR A 109 3.89 -14.29 -13.11
C THR A 109 2.44 -13.88 -13.28
N LEU A 110 1.98 -12.90 -12.51
CA LEU A 110 0.59 -12.49 -12.48
C LEU A 110 0.32 -11.43 -13.54
N HIS A 111 1.30 -10.56 -13.80
CA HIS A 111 1.15 -9.48 -14.76
C HIS A 111 0.97 -10.00 -16.20
N ASN A 112 0.99 -11.33 -16.39
CA ASN A 112 0.74 -11.94 -17.69
C ASN A 112 -0.01 -13.27 -17.51
N HIS A 113 -0.62 -13.47 -16.35
CA HIS A 113 -1.28 -14.73 -16.02
C HIS A 113 -2.61 -14.84 -16.78
N PRO A 114 -2.82 -15.93 -17.51
CA PRO A 114 -4.00 -16.17 -18.32
C PRO A 114 -5.26 -16.39 -17.48
N LEU A 115 -5.69 -15.37 -16.72
CA LEU A 115 -7.00 -15.40 -16.07
C LEU A 115 -8.07 -15.41 -17.15
N ARG A 116 -7.75 -14.80 -18.29
CA ARG A 116 -8.65 -14.64 -19.43
C ARG A 116 -7.82 -14.68 -20.72
N PRO A 117 -8.47 -14.83 -21.89
CA PRO A 117 -7.81 -14.89 -23.18
C PRO A 117 -6.98 -13.65 -23.51
N SER A 118 -7.00 -12.63 -22.64
CA SER A 118 -6.25 -11.40 -22.85
C SER A 118 -5.47 -10.98 -21.61
N CYS A 119 -5.53 -11.82 -20.56
CA CYS A 119 -4.82 -11.64 -19.30
C CYS A 119 -4.59 -10.17 -18.93
N PRO A 120 -5.67 -9.41 -18.69
CA PRO A 120 -5.59 -7.99 -18.41
C PRO A 120 -4.96 -7.71 -17.04
N LEU A 121 -4.86 -8.73 -16.18
CA LEU A 121 -4.33 -8.60 -14.83
C LEU A 121 -3.04 -7.76 -14.78
N LEU A 122 -3.18 -6.50 -14.33
CA LEU A 122 -2.05 -5.62 -14.11
C LEU A 122 -1.47 -5.85 -12.71
N VAL A 123 -0.14 -5.80 -12.58
CA VAL A 123 0.52 -5.87 -11.27
C VAL A 123 1.61 -4.81 -11.14
N CYS A 124 2.13 -4.62 -9.93
CA CYS A 124 3.15 -3.60 -9.67
C CYS A 124 4.03 -4.01 -8.50
N ARG A 125 5.13 -3.26 -8.31
CA ARG A 125 6.15 -3.57 -7.33
C ARG A 125 6.50 -2.31 -6.52
N SER A 126 5.88 -1.18 -6.90
CA SER A 126 6.22 0.11 -6.33
C SER A 126 5.41 0.36 -5.06
N THR A 127 5.64 1.52 -4.42
CA THR A 127 4.94 1.91 -3.22
C THR A 127 5.02 0.88 -2.09
N GLU A 128 6.19 0.77 -1.46
CA GLU A 128 6.43 -0.16 -0.37
C GLU A 128 5.59 0.15 0.87
N LYS A 129 4.81 1.24 0.83
CA LYS A 129 3.85 1.58 1.89
C LYS A 129 4.45 1.47 3.28
N CYS A 130 5.54 2.22 3.51
CA CYS A 130 6.16 2.29 4.83
C CYS A 130 6.63 3.72 5.10
N GLU A 131 6.22 4.65 4.24
CA GLU A 131 6.62 6.05 4.33
C GLU A 131 5.49 6.93 3.81
N LEU A 132 5.59 8.22 4.07
CA LEU A 132 4.64 9.21 3.57
C LEU A 132 5.40 10.25 2.75
N SER A 133 4.70 10.98 1.88
CA SER A 133 5.32 12.05 1.09
C SER A 133 4.44 13.29 1.12
N VAL A 134 5.06 14.47 1.19
CA VAL A 134 4.35 15.74 1.20
C VAL A 134 4.87 16.64 0.08
N ASP A 135 4.09 17.64 -0.34
CA ASP A 135 4.47 18.49 -1.47
C ASP A 135 3.84 19.87 -1.29
N GLY A 136 4.42 20.88 -1.96
CA GLY A 136 3.98 22.26 -1.85
C GLY A 136 4.55 22.92 -0.60
N LEU A 137 4.15 22.40 0.56
CA LEU A 137 4.63 22.84 1.87
C LEU A 137 4.32 24.32 2.15
N PRO A 138 4.63 24.80 3.36
CA PRO A 138 4.53 26.20 3.77
C PRO A 138 5.45 27.10 2.94
N PRO A 139 5.38 28.43 3.15
CA PRO A 139 6.09 29.40 2.34
C PRO A 139 7.59 29.40 2.63
N ASN A 140 7.94 29.49 3.92
CA ASN A 140 9.31 29.59 4.36
C ASN A 140 9.52 28.82 5.66
N LEU A 141 8.48 28.14 6.14
CA LEU A 141 8.53 27.44 7.42
C LEU A 141 9.66 26.40 7.41
N THR A 142 10.28 26.19 8.58
CA THR A 142 11.40 25.28 8.69
C THR A 142 10.95 23.84 8.90
N ARG A 143 11.81 22.89 8.52
CA ARG A 143 11.53 21.47 8.65
C ARG A 143 11.13 21.09 10.07
N SER A 144 11.66 21.81 11.06
CA SER A 144 11.37 21.49 12.46
C SER A 144 9.89 21.68 12.76
N ALA A 145 9.30 22.74 12.20
CA ALA A 145 7.91 23.07 12.47
C ALA A 145 6.97 22.23 11.60
N LEU A 146 7.44 21.79 10.42
CA LEU A 146 6.67 20.87 9.59
C LEU A 146 6.28 19.63 10.39
N LEU A 147 7.24 19.03 11.10
CA LEU A 147 6.96 17.83 11.88
C LEU A 147 5.96 18.13 12.97
N LEU A 148 6.22 19.18 13.75
CA LEU A 148 5.33 19.57 14.85
C LEU A 148 3.93 19.85 14.33
N ALA A 149 3.84 20.41 13.13
CA ALA A 149 2.56 20.75 12.55
C ALA A 149 1.70 19.50 12.31
N LEU A 150 2.33 18.32 12.15
CA LEU A 150 1.61 17.08 11.95
C LEU A 150 1.89 16.04 13.04
N GLN A 151 2.58 16.45 14.12
CA GLN A 151 2.94 15.52 15.17
C GLN A 151 1.76 15.14 16.07
N PRO A 152 0.79 16.04 16.36
CA PRO A 152 -0.33 15.71 17.22
C PRO A 152 -1.32 14.79 16.52
N LEU A 153 -1.35 14.81 15.18
CA LEU A 153 -2.27 13.96 14.42
C LEU A 153 -1.61 12.62 14.06
N GLY A 154 -0.32 12.47 14.36
CA GLY A 154 0.37 11.20 14.14
C GLY A 154 1.63 11.12 15.02
N PRO A 155 1.45 10.90 16.33
CA PRO A 155 2.54 10.79 17.30
C PRO A 155 3.43 9.58 17.03
N GLY A 156 3.09 8.75 16.05
CA GLY A 156 3.82 7.53 15.74
C GLY A 156 5.05 7.81 14.88
N LEU A 157 5.25 9.07 14.48
CA LEU A 157 6.33 9.42 13.57
C LEU A 157 7.70 9.13 14.17
N GLN A 158 8.51 8.34 13.45
CA GLN A 158 9.85 7.96 13.91
C GLN A 158 10.90 8.97 13.44
N GLU A 159 10.82 9.37 12.17
CA GLU A 159 11.79 10.30 11.60
C GLU A 159 11.24 10.98 10.35
N ALA A 160 11.90 12.06 9.91
CA ALA A 160 11.49 12.80 8.73
C ALA A 160 12.68 13.49 8.08
N ARG A 161 12.61 13.63 6.75
CA ARG A 161 13.65 14.27 5.97
C ARG A 161 13.01 15.10 4.86
N LEU A 162 13.56 16.29 4.60
CA LEU A 162 13.05 17.17 3.55
C LEU A 162 14.20 17.55 2.62
N LEU A 163 14.08 17.21 1.33
CA LEU A 163 15.08 17.58 0.34
C LEU A 163 14.56 17.36 -1.09
N PRO A 164 14.55 16.11 -1.61
CA PRO A 164 14.31 15.79 -3.02
C PRO A 164 12.99 16.36 -3.55
N SER A 165 12.77 16.21 -4.86
CA SER A 165 11.52 16.62 -5.48
C SER A 165 11.38 15.96 -6.86
N PRO A 166 10.15 15.57 -7.24
CA PRO A 166 9.88 15.01 -8.55
C PRO A 166 10.08 16.08 -9.63
N GLY A 167 10.45 15.64 -10.84
CA GLY A 167 10.68 16.54 -11.96
C GLY A 167 9.38 16.86 -12.69
N PRO A 168 9.51 17.55 -13.82
CA PRO A 168 10.75 18.11 -14.35
C PRO A 168 11.13 19.39 -13.61
N ALA A 169 10.16 20.05 -12.97
CA ALA A 169 10.39 21.29 -12.28
C ALA A 169 11.08 21.05 -10.93
N PRO A 170 11.85 22.04 -10.44
CA PRO A 170 12.50 21.98 -9.15
C PRO A 170 11.49 22.14 -8.02
N GLY A 171 11.96 21.96 -6.78
CA GLY A 171 11.12 22.07 -5.60
C GLY A 171 11.71 21.29 -4.44
N GLN A 172 10.96 21.18 -3.33
CA GLN A 172 11.37 20.40 -2.18
C GLN A 172 10.24 19.46 -1.75
N ILE A 173 10.59 18.33 -1.14
CA ILE A 173 9.60 17.34 -0.73
C ILE A 173 9.88 16.89 0.71
N ALA A 174 8.85 16.44 1.43
CA ALA A 174 9.03 15.88 2.76
C ALA A 174 8.72 14.39 2.75
N LEU A 175 9.59 13.59 3.37
CA LEU A 175 9.33 12.18 3.58
C LEU A 175 9.26 11.85 5.07
N LEU A 176 8.23 11.09 5.40
CA LEU A 176 7.89 10.75 6.77
C LEU A 176 7.94 9.24 7.02
N LYS A 177 8.66 8.82 8.07
CA LYS A 177 8.60 7.44 8.54
C LYS A 177 7.73 7.37 9.79
N PHE A 178 6.78 6.43 9.80
CA PHE A 178 5.88 6.26 10.93
C PHE A 178 6.12 4.94 11.68
N SER A 179 5.48 4.78 12.84
CA SER A 179 5.61 3.56 13.64
C SER A 179 4.94 2.37 12.97
N SER A 180 3.96 2.63 12.10
CA SER A 180 3.24 1.57 11.39
C SER A 180 2.75 2.09 10.04
N HIS A 181 2.38 1.17 9.14
CA HIS A 181 1.89 1.55 7.83
C HIS A 181 0.64 2.41 7.97
N ARG A 182 -0.40 1.88 8.62
CA ARG A 182 -1.66 2.61 8.81
C ARG A 182 -1.43 3.93 9.55
N ALA A 183 -0.43 4.01 10.42
CA ALA A 183 -0.16 5.25 11.14
C ALA A 183 0.18 6.38 10.16
N ALA A 184 0.81 6.05 9.02
CA ALA A 184 1.09 7.04 7.99
C ALA A 184 -0.21 7.40 7.25
N ALA A 185 -1.13 6.43 7.10
CA ALA A 185 -2.40 6.68 6.45
C ALA A 185 -3.29 7.57 7.33
N MET A 186 -3.35 7.31 8.64
CA MET A 186 -4.15 8.11 9.55
C MET A 186 -3.67 9.55 9.56
N ALA A 187 -2.35 9.75 9.49
CA ALA A 187 -1.78 11.09 9.41
C ALA A 187 -2.12 11.70 8.07
N LYS A 188 -1.93 10.96 6.97
CA LYS A 188 -2.24 11.46 5.63
C LYS A 188 -3.71 11.81 5.52
N LYS A 189 -4.56 11.03 6.20
CA LYS A 189 -6.00 11.20 6.14
C LYS A 189 -6.39 12.52 6.81
N ALA A 190 -5.68 12.92 7.85
CA ALA A 190 -6.00 14.14 8.56
C ALA A 190 -5.61 15.36 7.73
N LEU A 191 -4.60 15.22 6.88
CA LEU A 191 -4.12 16.33 6.07
C LEU A 191 -5.09 16.60 4.93
N VAL A 192 -5.63 15.53 4.33
CA VAL A 192 -6.60 15.66 3.25
C VAL A 192 -7.95 16.04 3.83
N GLU A 193 -8.19 15.71 5.11
CA GLU A 193 -9.45 16.03 5.78
C GLU A 193 -9.59 17.52 6.04
N GLY A 194 -8.49 18.24 6.26
CA GLY A 194 -8.56 19.68 6.45
C GLY A 194 -7.39 20.28 7.24
N GLN A 195 -6.32 19.51 7.50
CA GLN A 195 -5.16 20.06 8.21
C GLN A 195 -4.16 20.64 7.23
N SER A 196 -4.50 20.61 5.93
CA SER A 196 -3.71 21.22 4.87
C SER A 196 -3.70 22.75 5.01
N HIS A 197 -3.10 23.45 4.02
CA HIS A 197 -2.99 24.90 4.00
C HIS A 197 -2.26 25.45 5.23
N LEU A 198 -1.22 24.76 5.68
CA LEU A 198 -0.40 25.21 6.79
C LEU A 198 0.25 26.56 6.43
N CYS A 199 0.31 27.47 7.41
CA CYS A 199 0.92 28.78 7.25
C CYS A 199 0.26 29.57 6.11
N GLY A 200 -0.97 29.18 5.73
CA GLY A 200 -1.72 29.89 4.71
C GLY A 200 -1.21 29.59 3.30
N GLU A 201 -0.33 28.60 3.16
CA GLU A 201 0.22 28.20 1.87
C GLU A 201 -0.55 26.98 1.41
N GLN A 202 0.13 25.97 0.85
CA GLN A 202 -0.53 24.81 0.31
C GLN A 202 0.32 23.56 0.52
N VAL A 203 -0.34 22.43 0.81
CA VAL A 203 0.36 21.20 1.06
C VAL A 203 -0.46 20.00 0.58
N ALA A 204 0.13 19.19 -0.30
CA ALA A 204 -0.53 18.02 -0.83
C ALA A 204 -0.07 16.78 -0.07
N VAL A 205 -0.89 15.72 -0.11
CA VAL A 205 -0.63 14.51 0.63
C VAL A 205 -0.69 13.26 -0.24
N GLU A 206 0.43 12.54 -0.39
CA GLU A 206 0.47 11.34 -1.20
C GLU A 206 1.61 10.41 -0.78
N TRP A 207 1.57 9.17 -1.25
CA TRP A 207 2.61 8.18 -0.98
C TRP A 207 3.81 8.40 -1.90
N LEU A 208 4.84 7.56 -1.76
CA LEU A 208 6.02 7.61 -2.61
C LEU A 208 5.66 7.26 -4.05
N LYS A 209 6.60 7.48 -4.98
CA LYS A 209 6.41 7.17 -6.39
C LYS A 209 7.66 6.46 -6.89
N PRO A 210 7.57 5.64 -7.94
CA PRO A 210 8.67 4.85 -8.43
C PRO A 210 9.79 5.73 -9.00
N ASP A 211 9.44 6.91 -9.51
CA ASP A 211 10.41 7.86 -10.04
C ASP A 211 10.95 8.76 -8.94
N LEU A 212 10.09 9.12 -7.98
CA LEU A 212 10.47 9.96 -6.85
C LEU A 212 11.46 9.20 -5.97
N LYS A 213 11.16 7.92 -5.71
CA LYS A 213 11.88 7.12 -4.74
C LYS A 213 13.30 6.82 -5.21
N GLN A 214 13.49 6.57 -6.50
CA GLN A 214 14.81 6.30 -7.04
C GLN A 214 15.68 7.56 -6.98
N ARG A 215 15.09 8.74 -7.17
CA ARG A 215 15.84 10.00 -7.07
C ARG A 215 16.06 10.36 -5.62
N LEU A 216 15.11 10.00 -4.76
CA LEU A 216 15.15 10.29 -3.34
C LEU A 216 16.31 9.56 -2.69
N ARG A 217 16.47 8.26 -2.99
CA ARG A 217 17.50 7.46 -2.34
C ARG A 217 18.88 7.79 -2.91
N GLN A 218 18.95 8.24 -4.18
CA GLN A 218 20.23 8.55 -4.81
C GLN A 218 20.87 9.80 -4.21
N GLN A 219 20.09 10.71 -3.64
CA GLN A 219 20.65 11.90 -3.01
C GLN A 219 20.54 11.84 -1.49
N LEU A 220 19.71 10.94 -0.95
CA LEU A 220 19.61 10.75 0.49
C LEU A 220 20.83 9.95 0.98
N VAL A 221 21.27 8.96 0.18
CA VAL A 221 22.43 8.14 0.53
C VAL A 221 23.73 8.94 0.56
N GLY A 222 23.68 10.20 0.10
CA GLY A 222 24.85 11.08 0.07
C GLY A 222 25.38 11.32 1.49
N PRO A 223 24.64 12.11 2.31
CA PRO A 223 25.03 12.40 3.68
C PRO A 223 25.04 11.14 4.55
N PHE A 224 24.24 10.13 4.19
CA PHE A 224 24.20 8.88 4.93
C PHE A 224 25.38 7.94 4.68
N LEU A 225 26.24 8.26 3.70
CA LEU A 225 27.43 7.49 3.43
C LEU A 225 28.55 7.84 4.42
N ARG A 226 28.39 8.96 5.14
CA ARG A 226 29.35 9.40 6.12
C ARG A 226 29.34 8.47 7.33
N SER A 227 30.41 8.55 8.13
CA SER A 227 30.57 7.74 9.34
C SER A 227 29.54 8.14 10.39
#